data_2JXU
#
_entry.id   2JXU
#
_entity_poly.entity_id   1
_entity_poly.type   'polypeptide(L)'
_entity_poly.pdbx_seq_one_letter_code
;MSFFDKVKGALTSGREELTRQVGRYKNKKFMQGTVAVCARIAVASDGVSSEEKQKMIGFLRSSEELKVFDTAEVIEFFNK
LVTSFDFDLEIGKGETMKYILALKDQPEAAQLALRVGIAVAKSDGNFDDDEKSAVREIARSLGFDPAEFGLLE
;
_entity_poly.pdbx_strand_id   A
#
# COMPACT_ATOMS: atom_id res chain seq x y z
N MET A 1 -20.16 9.34 -2.54
CA MET A 1 -19.40 10.14 -1.54
C MET A 1 -18.14 9.38 -1.13
N SER A 2 -17.35 8.96 -2.08
CA SER A 2 -16.10 8.21 -1.74
C SER A 2 -15.31 7.94 -3.03
N PHE A 3 -14.77 8.97 -3.62
CA PHE A 3 -13.98 8.77 -4.88
C PHE A 3 -12.76 9.70 -4.86
N PHE A 4 -12.28 10.08 -6.01
CA PHE A 4 -11.10 10.99 -6.06
C PHE A 4 -11.28 12.12 -5.04
N ASP A 5 -10.21 12.59 -4.47
CA ASP A 5 -10.33 13.69 -3.48
C ASP A 5 -9.11 14.60 -3.56
N LYS A 6 -8.61 14.82 -4.75
CA LYS A 6 -7.41 15.71 -4.90
C LYS A 6 -6.47 15.47 -3.72
N VAL A 7 -6.55 14.32 -3.12
CA VAL A 7 -5.67 14.01 -1.95
C VAL A 7 -4.21 14.25 -2.32
N LYS A 8 -3.69 13.51 -3.26
CA LYS A 8 -2.26 13.69 -3.63
C LYS A 8 -1.43 13.77 -2.35
N GLY A 9 -2.03 13.42 -1.25
CA GLY A 9 -1.31 13.48 0.05
C GLY A 9 -2.06 14.39 1.02
N ALA A 10 -3.17 13.94 1.56
CA ALA A 10 -3.96 14.78 2.50
C ALA A 10 -5.45 14.46 2.31
N LEU A 11 -6.10 13.95 3.31
CA LEU A 11 -7.55 13.62 3.16
C LEU A 11 -8.31 14.05 4.40
N THR A 12 -9.53 13.60 4.54
CA THR A 12 -10.33 13.99 5.73
C THR A 12 -9.61 13.51 7.00
N SER A 13 -10.00 14.02 8.14
CA SER A 13 -9.35 13.59 9.40
C SER A 13 -9.39 12.07 9.53
N GLY A 14 -9.79 11.39 8.49
CA GLY A 14 -9.88 9.91 8.54
C GLY A 14 -8.62 9.31 9.16
N ARG A 15 -7.49 9.95 8.99
CA ARG A 15 -6.23 9.41 9.56
C ARG A 15 -6.32 9.32 11.08
N GLU A 16 -6.51 10.42 11.76
CA GLU A 16 -6.57 10.38 13.25
C GLU A 16 -7.96 9.96 13.73
N GLU A 17 -8.99 10.32 13.02
CA GLU A 17 -10.37 9.97 13.48
C GLU A 17 -10.70 8.50 13.15
N LEU A 18 -10.48 8.07 11.95
CA LEU A 18 -10.83 6.66 11.60
C LEU A 18 -9.82 5.67 12.16
N THR A 19 -8.58 6.05 12.33
CA THR A 19 -7.60 5.07 12.86
C THR A 19 -7.75 4.97 14.39
N ARG A 20 -7.66 6.07 15.08
CA ARG A 20 -7.82 6.03 16.56
C ARG A 20 -9.14 5.33 16.91
N GLN A 21 -10.15 5.52 16.11
CA GLN A 21 -11.46 4.87 16.39
C GLN A 21 -11.37 3.40 15.99
N VAL A 22 -10.44 3.06 15.13
CA VAL A 22 -10.31 1.66 14.68
C VAL A 22 -10.37 0.71 15.88
N GLY A 23 -9.90 1.15 17.03
CA GLY A 23 -9.95 0.27 18.23
C GLY A 23 -11.36 -0.29 18.39
N ARG A 24 -12.29 0.13 17.57
CA ARG A 24 -13.68 -0.39 17.69
C ARG A 24 -14.23 -0.72 16.30
N TYR A 25 -13.40 -0.66 15.30
CA TYR A 25 -13.88 -0.98 13.92
C TYR A 25 -13.05 -2.12 13.34
N LYS A 26 -11.75 -2.09 13.55
CA LYS A 26 -10.91 -3.18 13.00
C LYS A 26 -11.05 -3.23 11.47
N ASN A 27 -12.11 -2.65 10.95
CA ASN A 27 -12.31 -2.66 9.47
C ASN A 27 -11.55 -1.47 8.86
N LYS A 28 -10.32 -1.67 8.49
CA LYS A 28 -9.53 -0.55 7.90
C LYS A 28 -9.94 -0.32 6.44
N LYS A 29 -10.34 -1.35 5.77
CA LYS A 29 -10.74 -1.22 4.34
C LYS A 29 -12.00 -0.36 4.20
N PHE A 30 -12.75 -0.22 5.25
CA PHE A 30 -14.01 0.58 5.18
C PHE A 30 -13.80 1.99 4.59
N MET A 31 -13.23 2.87 5.38
CA MET A 31 -12.96 4.26 4.91
C MET A 31 -11.68 4.30 4.09
N GLN A 32 -10.63 3.73 4.62
CA GLN A 32 -9.33 3.75 3.92
C GLN A 32 -9.37 2.83 2.70
N GLY A 33 -10.14 1.77 2.76
CA GLY A 33 -10.21 0.86 1.58
C GLY A 33 -10.98 1.56 0.47
N THR A 34 -12.14 2.07 0.76
CA THR A 34 -12.91 2.79 -0.28
C THR A 34 -12.01 3.89 -0.85
N VAL A 35 -11.04 4.30 -0.07
CA VAL A 35 -10.10 5.36 -0.54
C VAL A 35 -9.11 4.75 -1.54
N ALA A 36 -8.47 3.67 -1.18
CA ALA A 36 -7.50 3.04 -2.12
C ALA A 36 -8.15 2.95 -3.50
N VAL A 37 -9.32 2.38 -3.57
CA VAL A 37 -10.02 2.27 -4.89
C VAL A 37 -10.12 3.67 -5.51
N CYS A 38 -10.35 4.68 -4.72
CA CYS A 38 -10.44 6.04 -5.32
C CYS A 38 -9.16 6.27 -6.12
N ALA A 39 -8.06 5.73 -5.65
CA ALA A 39 -6.79 5.91 -6.39
C ALA A 39 -6.74 4.95 -7.60
N ARG A 40 -7.03 3.69 -7.39
CA ARG A 40 -6.97 2.70 -8.50
C ARG A 40 -7.53 3.30 -9.79
N ILE A 41 -8.60 4.04 -9.72
CA ILE A 41 -9.18 4.62 -10.97
C ILE A 41 -8.57 6.01 -11.26
N ALA A 42 -8.07 6.68 -10.26
CA ALA A 42 -7.49 8.03 -10.50
C ALA A 42 -6.00 7.93 -10.86
N VAL A 43 -5.46 6.75 -10.89
CA VAL A 43 -4.01 6.58 -11.23
C VAL A 43 -3.55 7.67 -12.21
N ALA A 44 -4.43 8.13 -13.05
CA ALA A 44 -4.03 9.20 -14.02
C ALA A 44 -2.86 8.71 -14.87
N SER A 45 -2.16 7.70 -14.41
CA SER A 45 -1.01 7.18 -15.21
C SER A 45 -1.52 6.57 -16.50
N ASP A 46 -0.93 5.49 -16.91
CA ASP A 46 -1.36 4.83 -18.17
C ASP A 46 -1.41 3.30 -17.94
N GLY A 47 -2.21 2.85 -17.02
CA GLY A 47 -2.28 1.39 -16.76
C GLY A 47 -3.49 1.06 -15.88
N VAL A 48 -3.61 1.70 -14.76
CA VAL A 48 -4.75 1.42 -13.86
C VAL A 48 -4.59 0.03 -13.24
N SER A 49 -5.28 -0.24 -12.18
CA SER A 49 -5.14 -1.57 -11.52
C SER A 49 -6.52 -2.16 -11.24
N SER A 50 -6.67 -2.81 -10.11
CA SER A 50 -7.98 -3.42 -9.76
C SER A 50 -7.73 -4.57 -8.80
N GLU A 51 -7.12 -5.63 -9.27
CA GLU A 51 -6.81 -6.77 -8.37
C GLU A 51 -5.70 -6.39 -7.41
N GLU A 52 -4.76 -5.58 -7.85
CA GLU A 52 -3.64 -5.18 -6.96
C GLU A 52 -4.16 -4.22 -5.89
N LYS A 53 -4.86 -3.18 -6.27
CA LYS A 53 -5.38 -2.23 -5.26
C LYS A 53 -6.28 -3.00 -4.30
N GLN A 54 -7.15 -3.82 -4.81
CA GLN A 54 -8.04 -4.61 -3.92
C GLN A 54 -7.19 -5.34 -2.89
N LYS A 55 -6.11 -5.94 -3.33
CA LYS A 55 -5.22 -6.65 -2.36
C LYS A 55 -4.81 -5.65 -1.28
N MET A 56 -4.39 -4.49 -1.68
CA MET A 56 -3.98 -3.46 -0.68
C MET A 56 -5.12 -3.26 0.33
N ILE A 57 -6.35 -3.20 -0.14
CA ILE A 57 -7.48 -3.01 0.82
C ILE A 57 -7.34 -4.05 1.95
N GLY A 58 -7.01 -5.27 1.60
CA GLY A 58 -6.83 -6.30 2.66
C GLY A 58 -5.72 -5.83 3.60
N PHE A 59 -4.67 -5.28 3.05
CA PHE A 59 -3.56 -4.78 3.91
C PHE A 59 -4.16 -3.79 4.91
N LEU A 60 -5.05 -2.96 4.46
CA LEU A 60 -5.70 -2.00 5.39
C LEU A 60 -6.19 -2.79 6.60
N ARG A 61 -6.91 -3.85 6.37
CA ARG A 61 -7.41 -4.65 7.52
C ARG A 61 -6.27 -4.89 8.48
N SER A 62 -5.07 -5.03 7.96
CA SER A 62 -3.90 -5.25 8.84
C SER A 62 -2.96 -4.03 8.79
N SER A 63 -3.37 -2.98 8.11
CA SER A 63 -2.49 -1.77 8.01
C SER A 63 -1.91 -1.42 9.37
N GLU A 64 -1.12 -0.38 9.44
CA GLU A 64 -0.52 0.03 10.73
C GLU A 64 -1.64 0.46 11.68
N GLU A 65 -2.79 0.76 11.15
CA GLU A 65 -3.93 1.19 12.02
C GLU A 65 -4.00 0.29 13.25
N LEU A 66 -3.30 -0.82 13.23
CA LEU A 66 -3.33 -1.74 14.40
C LEU A 66 -3.08 -0.91 15.67
N LYS A 67 -2.26 0.09 15.56
CA LYS A 67 -1.96 0.94 16.75
C LYS A 67 -3.20 1.75 17.13
N VAL A 68 -3.85 2.38 16.18
CA VAL A 68 -5.07 3.18 16.50
C VAL A 68 -4.63 4.57 16.94
N PHE A 69 -3.76 5.22 16.18
CA PHE A 69 -3.29 6.58 16.58
C PHE A 69 -2.43 7.25 15.50
N ASP A 70 -1.30 6.68 15.16
CA ASP A 70 -0.42 7.33 14.14
C ASP A 70 -1.23 7.76 12.91
N THR A 71 -1.81 8.92 12.98
CA THR A 71 -2.60 9.43 11.83
C THR A 71 -1.66 9.65 10.65
N ALA A 72 -0.44 10.06 10.91
CA ALA A 72 0.52 10.29 9.81
C ALA A 72 0.74 8.98 9.05
N GLU A 73 0.62 7.87 9.73
CA GLU A 73 0.82 6.56 9.05
C GLU A 73 -0.39 6.26 8.14
N VAL A 74 -1.55 6.66 8.55
CA VAL A 74 -2.75 6.41 7.72
C VAL A 74 -2.63 7.19 6.41
N ILE A 75 -2.59 8.49 6.49
CA ILE A 75 -2.43 9.30 5.25
C ILE A 75 -1.23 8.77 4.49
N GLU A 76 -0.32 8.16 5.18
CA GLU A 76 0.88 7.61 4.50
C GLU A 76 0.45 6.59 3.46
N PHE A 77 -0.54 5.78 3.76
CA PHE A 77 -0.99 4.79 2.77
C PHE A 77 -1.77 5.49 1.65
N PHE A 78 -2.85 6.18 1.96
CA PHE A 78 -3.59 6.86 0.85
C PHE A 78 -2.69 7.88 0.16
N ASN A 79 -2.00 8.69 0.91
CA ASN A 79 -1.12 9.72 0.30
C ASN A 79 -0.22 9.07 -0.75
N LYS A 80 0.38 7.96 -0.42
CA LYS A 80 1.27 7.29 -1.41
C LYS A 80 0.42 6.67 -2.53
N LEU A 81 -0.71 6.11 -2.19
CA LEU A 81 -1.57 5.50 -3.24
C LEU A 81 -2.05 6.59 -4.22
N VAL A 82 -2.39 7.75 -3.74
CA VAL A 82 -2.87 8.80 -4.67
C VAL A 82 -1.71 9.39 -5.48
N THR A 83 -0.65 9.80 -4.84
CA THR A 83 0.49 10.40 -5.59
C THR A 83 1.37 9.31 -6.25
N SER A 84 1.60 8.22 -5.56
CA SER A 84 2.48 7.15 -6.15
C SER A 84 1.75 6.32 -7.21
N PHE A 85 0.44 6.30 -7.18
CA PHE A 85 -0.28 5.45 -8.17
C PHE A 85 -0.24 6.05 -9.58
N ASP A 86 0.49 7.11 -9.81
CA ASP A 86 0.51 7.67 -11.19
C ASP A 86 1.58 6.95 -12.00
N PHE A 87 2.14 5.90 -11.47
CA PHE A 87 3.17 5.12 -12.21
C PHE A 87 2.77 3.64 -12.16
N ASP A 88 3.06 2.98 -11.07
CA ASP A 88 2.70 1.54 -10.97
C ASP A 88 1.33 1.42 -10.30
N LEU A 89 0.28 1.46 -11.07
CA LEU A 89 -1.07 1.35 -10.47
C LEU A 89 -1.17 0.02 -9.73
N GLU A 90 -0.83 -1.06 -10.36
CA GLU A 90 -0.91 -2.39 -9.69
C GLU A 90 0.29 -2.59 -8.75
N ILE A 91 1.48 -2.38 -9.24
CA ILE A 91 2.70 -2.61 -8.39
C ILE A 91 2.88 -1.49 -7.35
N GLY A 92 2.45 -0.30 -7.66
CA GLY A 92 2.63 0.83 -6.69
C GLY A 92 1.97 0.51 -5.35
N LYS A 93 0.71 0.16 -5.36
CA LYS A 93 0.01 -0.15 -4.07
C LYS A 93 0.40 -1.53 -3.56
N GLY A 94 0.95 -2.37 -4.39
CA GLY A 94 1.33 -3.73 -3.94
C GLY A 94 2.45 -3.69 -2.89
N GLU A 95 3.53 -3.00 -3.16
CA GLU A 95 4.65 -2.96 -2.16
C GLU A 95 4.41 -1.85 -1.13
N THR A 96 3.98 -0.70 -1.57
CA THR A 96 3.76 0.41 -0.60
C THR A 96 2.94 -0.09 0.59
N MET A 97 1.86 -0.78 0.33
CA MET A 97 1.02 -1.30 1.44
C MET A 97 1.91 -2.09 2.40
N LYS A 98 3.00 -2.60 1.91
CA LYS A 98 3.92 -3.40 2.76
C LYS A 98 4.68 -2.50 3.74
N TYR A 99 5.19 -1.38 3.30
CA TYR A 99 5.96 -0.53 4.24
C TYR A 99 5.04 0.02 5.34
N ILE A 100 3.77 0.21 5.08
CA ILE A 100 2.89 0.72 6.17
C ILE A 100 2.77 -0.37 7.23
N LEU A 101 2.40 -1.56 6.83
CA LEU A 101 2.28 -2.66 7.84
C LEU A 101 3.68 -3.04 8.33
N ALA A 102 4.56 -3.38 7.44
CA ALA A 102 5.93 -3.74 7.85
C ALA A 102 6.49 -2.61 8.71
N LEU A 103 7.06 -1.61 8.10
CA LEU A 103 7.62 -0.47 8.87
C LEU A 103 8.62 -1.00 9.90
N LYS A 104 8.54 -2.25 10.27
CA LYS A 104 9.49 -2.81 11.26
C LYS A 104 10.81 -2.04 11.14
N ASP A 105 11.21 -1.77 9.93
CA ASP A 105 12.47 -1.02 9.70
C ASP A 105 12.16 0.17 8.79
N GLN A 106 12.13 -0.05 7.49
CA GLN A 106 11.81 1.05 6.54
C GLN A 106 12.41 0.74 5.16
N PRO A 107 13.69 0.48 5.09
CA PRO A 107 14.38 0.18 3.81
C PRO A 107 13.99 -1.18 3.21
N GLU A 108 13.47 -2.08 4.01
CA GLU A 108 13.10 -3.41 3.44
C GLU A 108 11.84 -3.27 2.58
N ALA A 109 10.81 -2.71 3.12
CA ALA A 109 9.57 -2.53 2.32
C ALA A 109 9.88 -1.62 1.13
N ALA A 110 10.73 -0.66 1.35
CA ALA A 110 11.11 0.27 0.24
C ALA A 110 11.96 -0.50 -0.77
N GLN A 111 12.77 -1.43 -0.31
CA GLN A 111 13.59 -2.20 -1.27
C GLN A 111 12.66 -2.75 -2.36
N LEU A 112 11.57 -3.34 -1.96
CA LEU A 112 10.62 -3.84 -2.98
C LEU A 112 10.20 -2.65 -3.84
N ALA A 113 9.98 -1.52 -3.23
CA ALA A 113 9.60 -0.31 -4.00
C ALA A 113 10.68 -0.04 -5.05
N LEU A 114 11.90 -0.47 -4.80
CA LEU A 114 12.99 -0.23 -5.77
C LEU A 114 12.77 -1.10 -7.01
N ARG A 115 12.65 -2.39 -6.84
CA ARG A 115 12.41 -3.23 -8.03
C ARG A 115 11.17 -2.65 -8.70
N VAL A 116 10.16 -2.35 -7.94
CA VAL A 116 8.98 -1.71 -8.56
C VAL A 116 9.52 -0.58 -9.43
N GLY A 117 10.61 0.01 -9.02
CA GLY A 117 11.23 1.09 -9.83
C GLY A 117 11.37 0.56 -11.26
N ILE A 118 11.91 -0.62 -11.42
CA ILE A 118 12.04 -1.15 -12.80
C ILE A 118 10.68 -1.07 -13.45
N ALA A 119 9.62 -1.19 -12.68
CA ALA A 119 8.28 -1.09 -13.29
C ALA A 119 8.04 0.36 -13.69
N VAL A 120 8.66 1.30 -13.03
CA VAL A 120 8.46 2.71 -13.46
C VAL A 120 8.74 2.72 -14.94
N ALA A 121 9.74 2.00 -15.36
CA ALA A 121 10.01 1.88 -16.81
C ALA A 121 9.13 0.74 -17.34
N LYS A 122 8.64 -0.08 -16.44
CA LYS A 122 7.78 -1.24 -16.82
C LYS A 122 6.55 -1.29 -15.91
N SER A 123 5.84 -0.21 -15.76
CA SER A 123 4.65 -0.18 -14.85
C SER A 123 3.89 -1.50 -14.96
N ASP A 124 4.16 -2.27 -15.96
CA ASP A 124 3.45 -3.57 -16.11
C ASP A 124 4.31 -4.51 -16.95
N GLY A 125 5.53 -4.74 -16.55
CA GLY A 125 6.41 -5.65 -17.32
C GLY A 125 7.43 -6.31 -16.39
N ASN A 126 7.90 -5.61 -15.39
CA ASN A 126 8.90 -6.22 -14.46
C ASN A 126 8.33 -6.30 -13.05
N PHE A 127 9.13 -6.73 -12.11
CA PHE A 127 8.65 -6.87 -10.70
C PHE A 127 7.98 -8.24 -10.53
N ASP A 128 7.71 -8.63 -9.32
CA ASP A 128 7.05 -9.94 -9.09
C ASP A 128 8.08 -11.07 -9.26
N ASP A 129 9.32 -10.72 -9.44
CA ASP A 129 10.36 -11.78 -9.60
C ASP A 129 11.39 -11.67 -8.48
N ASP A 130 11.74 -10.48 -8.09
CA ASP A 130 12.72 -10.31 -6.99
C ASP A 130 11.98 -10.44 -5.67
N GLU A 131 10.68 -10.25 -5.71
CA GLU A 131 9.87 -10.35 -4.47
C GLU A 131 10.21 -11.65 -3.74
N LYS A 132 10.62 -12.67 -4.45
CA LYS A 132 10.96 -13.96 -3.79
C LYS A 132 12.22 -13.78 -2.93
N SER A 133 13.29 -13.31 -3.51
CA SER A 133 14.51 -13.10 -2.72
C SER A 133 14.27 -11.93 -1.76
N ALA A 134 13.37 -11.05 -2.14
CA ALA A 134 13.06 -9.89 -1.28
C ALA A 134 12.34 -10.37 -0.02
N VAL A 135 11.27 -11.12 -0.16
CA VAL A 135 10.56 -11.62 1.05
C VAL A 135 11.58 -12.31 1.95
N ARG A 136 12.57 -12.94 1.39
CA ARG A 136 13.60 -13.61 2.22
C ARG A 136 14.21 -12.58 3.18
N GLU A 137 14.67 -11.49 2.65
CA GLU A 137 15.28 -10.43 3.51
C GLU A 137 14.17 -9.64 4.24
N ILE A 138 13.01 -9.55 3.66
CA ILE A 138 11.90 -8.79 4.31
C ILE A 138 11.39 -9.59 5.52
N ALA A 139 11.00 -10.81 5.31
CA ALA A 139 10.49 -11.64 6.42
C ALA A 139 11.52 -11.67 7.55
N ARG A 140 12.77 -11.73 7.20
CA ARG A 140 13.83 -11.78 8.25
C ARG A 140 14.05 -10.38 8.83
N SER A 141 14.26 -9.39 7.98
CA SER A 141 14.48 -8.01 8.49
C SER A 141 13.29 -7.59 9.35
N LEU A 142 12.10 -7.84 8.90
CA LEU A 142 10.90 -7.46 9.69
C LEU A 142 10.56 -8.62 10.64
N GLY A 143 10.21 -9.76 10.11
CA GLY A 143 9.89 -10.91 11.00
C GLY A 143 8.79 -11.79 10.41
N PHE A 144 8.77 -12.00 9.12
CA PHE A 144 7.71 -12.86 8.52
C PHE A 144 8.32 -14.18 8.02
N ASP A 145 7.71 -14.78 7.04
CA ASP A 145 8.25 -16.07 6.49
C ASP A 145 9.48 -15.79 5.62
N PRO A 146 10.63 -16.24 6.05
CA PRO A 146 11.90 -16.04 5.28
C PRO A 146 11.79 -16.41 3.80
N ALA A 147 11.15 -15.58 3.01
CA ALA A 147 11.02 -15.89 1.56
C ALA A 147 9.96 -16.95 1.33
N GLU A 148 8.95 -16.64 0.56
CA GLU A 148 7.90 -17.64 0.28
C GLU A 148 6.71 -16.98 -0.40
N PHE A 149 6.92 -15.93 -1.16
CA PHE A 149 5.77 -15.27 -1.84
C PHE A 149 6.09 -15.07 -3.32
N GLY A 150 6.58 -13.92 -3.69
CA GLY A 150 6.89 -13.66 -5.13
C GLY A 150 5.61 -13.30 -5.87
N LEU A 151 4.77 -12.50 -5.27
CA LEU A 151 3.49 -12.10 -5.95
C LEU A 151 3.16 -13.08 -7.07
N LEU A 152 3.38 -12.68 -8.31
CA LEU A 152 3.10 -13.60 -9.45
C LEU A 152 1.88 -14.48 -9.12
N GLU A 153 0.77 -13.87 -8.79
CA GLU A 153 -0.44 -14.67 -8.46
C GLU A 153 -1.29 -14.85 -9.71
N MET A 1 -18.76 7.52 -4.31
CA MET A 1 -18.79 8.39 -3.11
C MET A 1 -18.21 9.77 -3.46
N SER A 2 -17.22 9.81 -4.30
CA SER A 2 -16.63 11.12 -4.69
C SER A 2 -15.42 10.88 -5.59
N PHE A 3 -15.26 9.68 -6.10
CA PHE A 3 -14.11 9.39 -6.98
C PHE A 3 -12.82 9.93 -6.34
N PHE A 4 -11.96 10.51 -7.12
CA PHE A 4 -10.69 11.05 -6.56
C PHE A 4 -11.02 12.20 -5.60
N ASP A 5 -10.06 12.61 -4.80
CA ASP A 5 -10.31 13.72 -3.84
C ASP A 5 -9.16 14.72 -3.91
N LYS A 6 -8.50 14.80 -5.03
CA LYS A 6 -7.35 15.76 -5.14
C LYS A 6 -6.62 15.81 -3.82
N VAL A 7 -6.16 14.68 -3.34
CA VAL A 7 -5.44 14.65 -2.05
C VAL A 7 -3.94 14.54 -2.26
N LYS A 8 -3.51 13.69 -3.17
CA LYS A 8 -2.06 13.53 -3.40
C LYS A 8 -1.38 13.31 -2.05
N GLY A 9 -2.16 13.19 -1.01
CA GLY A 9 -1.58 12.98 0.35
C GLY A 9 -2.21 13.97 1.33
N ALA A 10 -3.42 13.70 1.76
CA ALA A 10 -4.11 14.63 2.71
C ALA A 10 -5.61 14.53 2.49
N LEU A 11 -6.29 13.67 3.20
CA LEU A 11 -7.75 13.53 3.00
C LEU A 11 -8.49 13.87 4.30
N THR A 12 -9.78 13.68 4.32
CA THR A 12 -10.55 13.99 5.56
C THR A 12 -9.79 13.48 6.79
N SER A 13 -10.22 13.88 7.95
CA SER A 13 -9.54 13.43 9.21
C SER A 13 -9.55 11.89 9.27
N GLY A 14 -9.94 11.25 8.21
CA GLY A 14 -10.00 9.76 8.21
C GLY A 14 -8.72 9.19 8.82
N ARG A 15 -7.62 9.86 8.67
CA ARG A 15 -6.35 9.33 9.24
C ARG A 15 -6.45 9.17 10.76
N GLU A 16 -6.64 10.24 11.47
CA GLU A 16 -6.72 10.15 12.96
C GLU A 16 -8.13 9.75 13.40
N GLU A 17 -9.13 10.46 12.94
CA GLU A 17 -10.52 10.15 13.35
C GLU A 17 -10.84 8.68 13.13
N LEU A 18 -10.61 8.16 11.95
CA LEU A 18 -10.96 6.73 11.69
C LEU A 18 -9.91 5.77 12.29
N THR A 19 -8.65 6.12 12.31
CA THR A 19 -7.65 5.17 12.88
C THR A 19 -7.78 5.16 14.40
N ARG A 20 -7.70 6.32 15.02
CA ARG A 20 -7.84 6.37 16.50
C ARG A 20 -9.12 5.65 16.92
N GLN A 21 -10.15 5.74 16.11
CA GLN A 21 -11.42 5.06 16.45
C GLN A 21 -11.31 3.57 16.12
N VAL A 22 -10.37 3.22 15.27
CA VAL A 22 -10.21 1.79 14.90
C VAL A 22 -10.24 0.92 16.16
N GLY A 23 -9.76 1.44 17.26
CA GLY A 23 -9.78 0.66 18.51
C GLY A 23 -11.23 0.31 18.86
N ARG A 24 -12.16 0.96 18.20
CA ARG A 24 -13.59 0.69 18.47
C ARG A 24 -14.19 -0.06 17.27
N TYR A 25 -13.85 0.36 16.08
CA TYR A 25 -14.40 -0.33 14.88
C TYR A 25 -13.43 -1.42 14.44
N LYS A 26 -12.16 -1.25 14.71
CA LYS A 26 -11.17 -2.28 14.31
C LYS A 26 -11.21 -2.47 12.79
N ASN A 27 -12.02 -1.72 12.11
CA ASN A 27 -12.11 -1.87 10.63
C ASN A 27 -11.04 -0.99 9.98
N LYS A 28 -10.58 -1.36 8.82
CA LYS A 28 -9.53 -0.55 8.13
C LYS A 28 -9.94 -0.38 6.66
N LYS A 29 -10.38 -1.44 6.05
CA LYS A 29 -10.80 -1.39 4.62
C LYS A 29 -12.10 -0.58 4.50
N PHE A 30 -12.64 -0.16 5.61
CA PHE A 30 -13.92 0.60 5.57
C PHE A 30 -13.73 2.00 4.97
N MET A 31 -13.14 2.89 5.70
CA MET A 31 -12.88 4.26 5.20
C MET A 31 -11.63 4.24 4.32
N GLN A 32 -10.60 3.63 4.81
CA GLN A 32 -9.32 3.58 4.06
C GLN A 32 -9.46 2.61 2.88
N GLY A 33 -10.27 1.60 2.99
CA GLY A 33 -10.44 0.65 1.85
C GLY A 33 -11.17 1.38 0.73
N THR A 34 -12.28 1.99 1.03
CA THR A 34 -13.02 2.75 -0.02
C THR A 34 -12.09 3.83 -0.56
N VAL A 35 -11.11 4.20 0.21
CA VAL A 35 -10.15 5.24 -0.24
C VAL A 35 -9.19 4.63 -1.26
N ALA A 36 -8.47 3.60 -0.89
CA ALA A 36 -7.52 2.96 -1.85
C ALA A 36 -8.20 2.77 -3.20
N VAL A 37 -9.37 2.18 -3.21
CA VAL A 37 -10.08 1.96 -4.51
C VAL A 37 -10.22 3.30 -5.22
N CYS A 38 -10.52 4.36 -4.49
CA CYS A 38 -10.65 5.68 -5.16
C CYS A 38 -9.39 5.91 -5.99
N ALA A 39 -8.30 5.33 -5.55
CA ALA A 39 -7.03 5.49 -6.30
C ALA A 39 -7.02 4.53 -7.51
N ARG A 40 -7.29 3.28 -7.27
CA ARG A 40 -7.26 2.27 -8.37
C ARG A 40 -7.86 2.83 -9.66
N ILE A 41 -8.93 3.57 -9.59
CA ILE A 41 -9.52 4.09 -10.85
C ILE A 41 -8.97 5.48 -11.17
N ALA A 42 -8.47 6.20 -10.19
CA ALA A 42 -7.94 7.56 -10.48
C ALA A 42 -6.45 7.47 -10.85
N VAL A 43 -5.90 6.28 -10.82
CA VAL A 43 -4.46 6.11 -11.16
C VAL A 43 -4.01 7.15 -12.19
N ALA A 44 -4.78 7.38 -13.22
CA ALA A 44 -4.37 8.37 -14.25
C ALA A 44 -3.34 7.71 -15.18
N SER A 45 -2.39 7.00 -14.63
CA SER A 45 -1.37 6.33 -15.49
C SER A 45 -2.08 5.62 -16.63
N ASP A 46 -3.34 5.31 -16.44
CA ASP A 46 -4.13 4.62 -17.50
C ASP A 46 -3.94 3.10 -17.43
N GLY A 47 -3.02 2.62 -16.62
CA GLY A 47 -2.83 1.15 -16.52
C GLY A 47 -3.86 0.57 -15.54
N VAL A 48 -4.30 1.36 -14.61
CA VAL A 48 -5.31 0.89 -13.61
C VAL A 48 -4.95 -0.50 -13.08
N SER A 49 -5.68 -0.96 -12.09
CA SER A 49 -5.39 -2.30 -11.50
C SER A 49 -6.71 -3.02 -11.23
N SER A 50 -6.90 -3.52 -10.04
CA SER A 50 -8.15 -4.23 -9.70
C SER A 50 -7.88 -5.21 -8.55
N GLU A 51 -7.25 -6.32 -8.86
CA GLU A 51 -6.94 -7.32 -7.81
C GLU A 51 -5.83 -6.79 -6.90
N GLU A 52 -4.96 -5.97 -7.42
CA GLU A 52 -3.85 -5.44 -6.58
C GLU A 52 -4.40 -4.44 -5.56
N LYS A 53 -5.14 -3.46 -6.00
CA LYS A 53 -5.70 -2.48 -5.01
C LYS A 53 -6.51 -3.26 -4.00
N GLN A 54 -7.35 -4.14 -4.47
CA GLN A 54 -8.19 -4.96 -3.56
C GLN A 54 -7.27 -5.64 -2.54
N LYS A 55 -6.11 -6.06 -2.96
CA LYS A 55 -5.16 -6.71 -2.02
C LYS A 55 -4.76 -5.70 -0.95
N MET A 56 -4.39 -4.52 -1.35
CA MET A 56 -4.00 -3.48 -0.36
C MET A 56 -5.10 -3.34 0.69
N ILE A 57 -6.34 -3.27 0.27
CA ILE A 57 -7.44 -3.14 1.27
C ILE A 57 -7.26 -4.23 2.32
N GLY A 58 -6.93 -5.43 1.91
CA GLY A 58 -6.69 -6.50 2.92
C GLY A 58 -5.62 -6.01 3.88
N PHE A 59 -4.57 -5.44 3.35
CA PHE A 59 -3.49 -4.92 4.21
C PHE A 59 -4.12 -3.93 5.19
N LEU A 60 -5.06 -3.15 4.73
CA LEU A 60 -5.73 -2.20 5.65
C LEU A 60 -6.25 -2.99 6.84
N ARG A 61 -6.85 -4.12 6.60
CA ARG A 61 -7.34 -4.94 7.75
C ARG A 61 -6.20 -5.08 8.74
N SER A 62 -5.00 -5.18 8.26
CA SER A 62 -3.83 -5.31 9.17
C SER A 62 -2.93 -4.07 9.09
N SER A 63 -3.37 -3.05 8.37
CA SER A 63 -2.53 -1.82 8.23
C SER A 63 -1.95 -1.41 9.59
N GLU A 64 -1.18 -0.35 9.61
CA GLU A 64 -0.58 0.13 10.89
C GLU A 64 -1.69 0.57 11.83
N GLU A 65 -2.89 0.77 11.31
CA GLU A 65 -4.02 1.20 12.18
C GLU A 65 -3.98 0.38 13.48
N LEU A 66 -3.24 -0.69 13.48
CA LEU A 66 -3.16 -1.52 14.71
C LEU A 66 -2.86 -0.62 15.90
N LYS A 67 -2.19 0.48 15.66
CA LYS A 67 -1.84 1.43 16.74
C LYS A 67 -3.09 2.21 17.17
N VAL A 68 -3.77 2.84 16.24
CA VAL A 68 -4.98 3.63 16.58
C VAL A 68 -4.57 5.07 16.92
N PHE A 69 -3.74 5.68 16.10
CA PHE A 69 -3.32 7.08 16.42
C PHE A 69 -2.48 7.71 15.29
N ASP A 70 -1.33 7.17 14.99
CA ASP A 70 -0.46 7.80 13.95
C ASP A 70 -1.28 8.14 12.71
N THR A 71 -1.87 9.29 12.71
CA THR A 71 -2.68 9.74 11.54
C THR A 71 -1.76 9.91 10.33
N ALA A 72 -0.55 10.33 10.56
CA ALA A 72 0.40 10.51 9.43
C ALA A 72 0.66 9.16 8.77
N GLU A 73 0.54 8.09 9.52
CA GLU A 73 0.78 6.74 8.93
C GLU A 73 -0.41 6.37 8.04
N VAL A 74 -1.60 6.72 8.44
CA VAL A 74 -2.79 6.37 7.62
C VAL A 74 -2.71 7.13 6.28
N ILE A 75 -2.71 8.43 6.34
CA ILE A 75 -2.59 9.21 5.07
C ILE A 75 -1.38 8.70 4.32
N GLU A 76 -0.46 8.11 5.03
CA GLU A 76 0.76 7.57 4.36
C GLU A 76 0.34 6.52 3.34
N PHE A 77 -0.58 5.66 3.68
CA PHE A 77 -0.99 4.63 2.69
C PHE A 77 -1.76 5.30 1.56
N PHE A 78 -2.85 5.97 1.83
CA PHE A 78 -3.59 6.62 0.71
C PHE A 78 -2.68 7.64 0.02
N ASN A 79 -1.97 8.42 0.78
CA ASN A 79 -1.09 9.45 0.15
C ASN A 79 -0.19 8.77 -0.88
N LYS A 80 0.41 7.67 -0.54
CA LYS A 80 1.28 6.98 -1.52
C LYS A 80 0.42 6.39 -2.63
N LEU A 81 -0.75 5.93 -2.31
CA LEU A 81 -1.63 5.34 -3.36
C LEU A 81 -2.11 6.43 -4.32
N VAL A 82 -2.71 7.47 -3.82
CA VAL A 82 -3.21 8.55 -4.73
C VAL A 82 -2.04 9.18 -5.51
N THR A 83 -0.95 9.50 -4.87
CA THR A 83 0.17 10.14 -5.61
C THR A 83 1.01 9.09 -6.36
N SER A 84 1.36 8.00 -5.73
CA SER A 84 2.21 6.97 -6.41
C SER A 84 1.40 6.12 -7.40
N PHE A 85 0.12 6.04 -7.24
CA PHE A 85 -0.69 5.18 -8.16
C PHE A 85 -0.72 5.76 -9.59
N ASP A 86 0.01 6.81 -9.86
CA ASP A 86 -0.02 7.36 -11.24
C ASP A 86 1.04 6.67 -12.10
N PHE A 87 1.59 5.59 -11.60
CA PHE A 87 2.61 4.83 -12.37
C PHE A 87 2.30 3.34 -12.20
N ASP A 88 2.65 2.79 -11.07
CA ASP A 88 2.37 1.35 -10.83
C ASP A 88 1.03 1.22 -10.10
N LEU A 89 -0.04 1.14 -10.83
CA LEU A 89 -1.36 1.01 -10.19
C LEU A 89 -1.42 -0.30 -9.40
N GLU A 90 -1.14 -1.39 -10.05
CA GLU A 90 -1.18 -2.70 -9.34
C GLU A 90 0.06 -2.88 -8.45
N ILE A 91 1.22 -2.56 -8.96
CA ILE A 91 2.47 -2.76 -8.16
C ILE A 91 2.65 -1.62 -7.15
N GLY A 92 2.22 -0.44 -7.47
CA GLY A 92 2.42 0.70 -6.51
C GLY A 92 1.77 0.37 -5.17
N LYS A 93 0.52 0.01 -5.17
CA LYS A 93 -0.17 -0.32 -3.89
C LYS A 93 0.26 -1.69 -3.36
N GLY A 94 0.84 -2.51 -4.19
CA GLY A 94 1.25 -3.88 -3.73
C GLY A 94 2.39 -3.79 -2.69
N GLU A 95 3.46 -3.12 -3.00
CA GLU A 95 4.60 -3.05 -2.03
C GLU A 95 4.34 -1.95 -0.99
N THR A 96 3.84 -0.83 -1.42
CA THR A 96 3.59 0.28 -0.46
C THR A 96 2.82 -0.24 0.75
N MET A 97 1.76 -0.96 0.53
CA MET A 97 0.96 -1.51 1.67
C MET A 97 1.90 -2.25 2.63
N LYS A 98 3.00 -2.71 2.13
CA LYS A 98 3.96 -3.46 2.98
C LYS A 98 4.73 -2.52 3.90
N TYR A 99 5.18 -1.41 3.42
CA TYR A 99 5.96 -0.51 4.31
C TYR A 99 5.07 0.03 5.43
N ILE A 100 3.79 0.18 5.20
CA ILE A 100 2.92 0.69 6.30
C ILE A 100 2.82 -0.39 7.38
N LEU A 101 2.44 -1.59 7.01
CA LEU A 101 2.34 -2.68 8.03
C LEU A 101 3.74 -3.06 8.47
N ALA A 102 4.58 -3.43 7.54
CA ALA A 102 5.97 -3.80 7.92
C ALA A 102 6.55 -2.70 8.79
N LEU A 103 7.07 -1.67 8.19
CA LEU A 103 7.65 -0.53 8.98
C LEU A 103 8.71 -1.07 9.94
N LYS A 104 8.66 -2.33 10.28
CA LYS A 104 9.68 -2.91 11.21
C LYS A 104 10.97 -2.11 11.05
N ASP A 105 11.34 -1.82 9.85
CA ASP A 105 12.58 -1.02 9.60
C ASP A 105 12.21 0.21 8.79
N GLN A 106 12.17 0.09 7.49
CA GLN A 106 11.79 1.25 6.62
C GLN A 106 12.33 1.02 5.20
N PRO A 107 13.62 1.01 5.04
CA PRO A 107 14.27 0.80 3.71
C PRO A 107 14.00 -0.59 3.12
N GLU A 108 13.53 -1.52 3.91
CA GLU A 108 13.27 -2.88 3.37
C GLU A 108 12.00 -2.84 2.51
N ALA A 109 10.91 -2.37 3.05
CA ALA A 109 9.67 -2.29 2.26
C ALA A 109 9.90 -1.37 1.07
N ALA A 110 10.68 -0.34 1.28
CA ALA A 110 10.97 0.60 0.16
C ALA A 110 11.86 -0.11 -0.87
N GLN A 111 12.73 -0.98 -0.42
CA GLN A 111 13.59 -1.71 -1.38
C GLN A 111 12.70 -2.33 -2.45
N LEU A 112 11.69 -3.04 -2.04
CA LEU A 112 10.76 -3.63 -3.04
C LEU A 112 10.27 -2.47 -3.92
N ALA A 113 9.90 -1.39 -3.31
CA ALA A 113 9.43 -0.22 -4.11
C ALA A 113 10.46 0.04 -5.21
N LEU A 114 11.70 -0.33 -4.97
CA LEU A 114 12.76 -0.12 -6.00
C LEU A 114 12.49 -1.04 -7.19
N ARG A 115 12.38 -2.31 -6.95
CA ARG A 115 12.08 -3.20 -8.10
C ARG A 115 10.84 -2.63 -8.76
N VAL A 116 9.86 -2.25 -7.98
CA VAL A 116 8.68 -1.62 -8.59
C VAL A 116 9.20 -0.56 -9.55
N GLY A 117 10.31 0.04 -9.20
CA GLY A 117 10.91 1.05 -10.11
C GLY A 117 10.99 0.45 -11.51
N ILE A 118 11.51 -0.76 -11.61
CA ILE A 118 11.59 -1.37 -12.95
C ILE A 118 10.19 -1.32 -13.57
N ALA A 119 9.18 -1.38 -12.74
CA ALA A 119 7.80 -1.31 -13.29
C ALA A 119 7.55 0.11 -13.79
N VAL A 120 8.18 1.10 -13.19
CA VAL A 120 7.95 2.47 -13.71
C VAL A 120 8.18 2.38 -15.21
N ALA A 121 9.16 1.62 -15.60
CA ALA A 121 9.40 1.41 -17.04
C ALA A 121 8.50 0.24 -17.48
N LYS A 122 8.06 -0.53 -16.51
CA LYS A 122 7.18 -1.70 -16.79
C LYS A 122 5.98 -1.71 -15.83
N SER A 123 5.29 -0.60 -15.70
CA SER A 123 4.14 -0.54 -14.75
C SER A 123 3.33 -1.83 -14.80
N ASP A 124 3.55 -2.63 -15.79
CA ASP A 124 2.78 -3.90 -15.87
C ASP A 124 3.59 -4.95 -16.64
N GLY A 125 4.80 -5.23 -16.19
CA GLY A 125 5.62 -6.24 -16.90
C GLY A 125 6.70 -6.79 -15.98
N ASN A 126 7.28 -5.98 -15.14
CA ASN A 126 8.35 -6.48 -14.24
C ASN A 126 7.87 -6.45 -12.78
N PHE A 127 8.71 -6.87 -11.87
CA PHE A 127 8.34 -6.90 -10.42
C PHE A 127 7.79 -8.28 -10.07
N ASP A 128 7.64 -8.55 -8.80
CA ASP A 128 7.11 -9.87 -8.38
C ASP A 128 8.15 -10.95 -8.67
N ASP A 129 9.21 -10.60 -9.34
CA ASP A 129 10.27 -11.62 -9.64
C ASP A 129 11.30 -11.58 -8.52
N ASP A 130 11.65 -10.42 -8.06
CA ASP A 130 12.64 -10.31 -6.96
C ASP A 130 11.91 -10.48 -5.62
N GLU A 131 10.62 -10.29 -5.62
CA GLU A 131 9.85 -10.42 -4.35
C GLU A 131 10.24 -11.73 -3.67
N LYS A 132 10.62 -12.72 -4.42
CA LYS A 132 11.01 -14.02 -3.79
C LYS A 132 12.34 -13.82 -3.08
N SER A 133 13.32 -13.26 -3.74
CA SER A 133 14.62 -13.02 -3.07
C SER A 133 14.50 -11.77 -2.21
N ALA A 134 13.76 -10.80 -2.68
CA ALA A 134 13.57 -9.56 -1.87
C ALA A 134 12.86 -9.96 -0.59
N VAL A 135 11.86 -10.78 -0.70
CA VAL A 135 11.15 -11.23 0.52
C VAL A 135 12.17 -11.90 1.45
N ARG A 136 13.16 -12.55 0.89
CA ARG A 136 14.19 -13.19 1.74
C ARG A 136 14.72 -12.15 2.73
N GLU A 137 15.14 -11.01 2.22
CA GLU A 137 15.67 -9.94 3.11
C GLU A 137 14.52 -9.24 3.85
N ILE A 138 13.35 -9.21 3.26
CA ILE A 138 12.21 -8.53 3.93
C ILE A 138 11.71 -9.38 5.11
N ALA A 139 11.36 -10.61 4.85
CA ALA A 139 10.89 -11.49 5.96
C ALA A 139 11.92 -11.51 7.08
N ARG A 140 13.17 -11.59 6.73
CA ARG A 140 14.23 -11.62 7.77
C ARG A 140 14.40 -10.23 8.37
N SER A 141 14.57 -9.23 7.54
CA SER A 141 14.74 -7.85 8.06
C SER A 141 13.59 -7.52 9.02
N LEU A 142 12.38 -7.84 8.64
CA LEU A 142 11.23 -7.56 9.53
C LEU A 142 11.00 -8.77 10.44
N GLY A 143 10.57 -9.88 9.90
CA GLY A 143 10.36 -11.08 10.76
C GLY A 143 9.29 -12.00 10.17
N PHE A 144 9.27 -12.19 8.87
CA PHE A 144 8.23 -13.09 8.27
C PHE A 144 8.89 -14.40 7.81
N ASP A 145 8.61 -14.81 6.60
CA ASP A 145 9.21 -16.08 6.09
C ASP A 145 10.22 -15.77 4.98
N PRO A 146 11.46 -16.14 5.17
CA PRO A 146 12.55 -15.90 4.18
C PRO A 146 12.15 -16.29 2.75
N ALA A 147 11.94 -15.33 1.89
CA ALA A 147 11.57 -15.64 0.49
C ALA A 147 10.51 -16.73 0.44
N GLU A 148 9.29 -16.36 0.23
CA GLU A 148 8.22 -17.39 0.16
C GLU A 148 6.90 -16.75 -0.29
N PHE A 149 6.95 -15.59 -0.91
CA PHE A 149 5.69 -14.94 -1.36
C PHE A 149 5.74 -14.73 -2.87
N GLY A 150 6.77 -14.09 -3.36
CA GLY A 150 6.86 -13.85 -4.82
C GLY A 150 5.46 -13.72 -5.42
N LEU A 151 4.83 -12.60 -5.22
CA LEU A 151 3.45 -12.40 -5.76
C LEU A 151 3.29 -13.22 -7.04
N LEU A 152 3.78 -12.72 -8.14
CA LEU A 152 3.68 -13.46 -9.43
C LEU A 152 2.41 -14.31 -9.44
N GLU A 153 2.49 -15.52 -8.96
CA GLU A 153 1.29 -16.40 -8.93
C GLU A 153 0.43 -16.06 -7.71
N MET A 1 -17.10 14.14 -3.46
CA MET A 1 -17.57 13.30 -2.32
C MET A 1 -16.81 11.97 -2.31
N SER A 2 -16.35 11.53 -3.45
CA SER A 2 -15.60 10.24 -3.50
C SER A 2 -14.58 10.29 -4.65
N PHE A 3 -14.35 9.18 -5.29
CA PHE A 3 -13.37 9.15 -6.41
C PHE A 3 -12.17 10.01 -6.05
N PHE A 4 -11.51 10.59 -7.02
CA PHE A 4 -10.33 11.44 -6.74
C PHE A 4 -10.71 12.53 -5.73
N ASP A 5 -9.81 12.89 -4.86
CA ASP A 5 -10.13 13.96 -3.87
C ASP A 5 -8.96 14.94 -3.79
N LYS A 6 -8.20 15.07 -4.85
CA LYS A 6 -7.06 16.02 -4.82
C LYS A 6 -6.43 15.99 -3.43
N VAL A 7 -5.98 14.84 -3.00
CA VAL A 7 -5.39 14.73 -1.64
C VAL A 7 -3.86 14.61 -1.75
N LYS A 8 -3.39 13.76 -2.61
CA LYS A 8 -1.91 13.59 -2.71
C LYS A 8 -1.38 13.18 -1.35
N GLY A 9 -2.26 13.11 -0.37
CA GLY A 9 -1.83 12.72 1.01
C GLY A 9 -2.41 13.71 2.01
N ALA A 10 -3.62 13.49 2.46
CA ALA A 10 -4.24 14.42 3.45
C ALA A 10 -5.76 14.35 3.32
N LEU A 11 -6.27 13.18 3.04
CA LEU A 11 -7.74 13.03 2.89
C LEU A 11 -8.44 13.48 4.18
N THR A 12 -9.73 13.31 4.24
CA THR A 12 -10.48 13.72 5.47
C THR A 12 -9.69 13.28 6.72
N SER A 13 -10.11 13.74 7.87
CA SER A 13 -9.41 13.37 9.13
C SER A 13 -9.45 11.84 9.31
N GLY A 14 -9.88 11.13 8.29
CA GLY A 14 -9.95 9.64 8.40
C GLY A 14 -8.66 9.09 9.01
N ARG A 15 -7.55 9.73 8.80
CA ARG A 15 -6.27 9.20 9.36
C ARG A 15 -6.33 9.14 10.89
N GLU A 16 -6.51 10.26 11.55
CA GLU A 16 -6.54 10.26 13.03
C GLU A 16 -7.94 9.89 13.54
N GLU A 17 -8.96 10.28 12.84
CA GLU A 17 -10.35 9.98 13.30
C GLU A 17 -10.70 8.51 13.09
N LEU A 18 -10.51 7.99 11.90
CA LEU A 18 -10.89 6.58 11.65
C LEU A 18 -9.86 5.60 12.22
N THR A 19 -8.59 5.94 12.25
CA THR A 19 -7.60 4.96 12.81
C THR A 19 -7.79 4.90 14.32
N ARG A 20 -7.73 6.01 14.98
CA ARG A 20 -7.91 6.03 16.46
C ARG A 20 -9.23 5.32 16.81
N GLN A 21 -10.19 5.39 15.95
CA GLN A 21 -11.51 4.76 16.23
C GLN A 21 -11.46 3.24 16.01
N VAL A 22 -10.51 2.75 15.26
CA VAL A 22 -10.47 1.28 15.03
C VAL A 22 -10.64 0.55 16.36
N GLY A 23 -10.18 1.13 17.43
CA GLY A 23 -10.35 0.47 18.76
C GLY A 23 -11.83 0.20 18.98
N ARG A 24 -12.66 0.82 18.18
CA ARG A 24 -14.14 0.61 18.31
C ARG A 24 -14.64 -0.12 17.06
N TYR A 25 -14.18 0.27 15.90
CA TYR A 25 -14.63 -0.40 14.65
C TYR A 25 -13.62 -1.48 14.27
N LYS A 26 -12.38 -1.30 14.59
CA LYS A 26 -11.35 -2.33 14.23
C LYS A 26 -11.33 -2.48 12.72
N ASN A 27 -12.18 -1.78 12.02
CA ASN A 27 -12.22 -1.88 10.54
C ASN A 27 -11.14 -0.98 9.94
N LYS A 28 -10.60 -1.36 8.81
CA LYS A 28 -9.54 -0.53 8.17
C LYS A 28 -9.88 -0.32 6.70
N LYS A 29 -10.34 -1.37 6.07
CA LYS A 29 -10.71 -1.28 4.63
C LYS A 29 -12.00 -0.48 4.48
N PHE A 30 -12.53 -0.04 5.57
CA PHE A 30 -13.82 0.74 5.52
C PHE A 30 -13.62 2.11 4.86
N MET A 31 -13.00 3.01 5.57
CA MET A 31 -12.71 4.36 5.04
C MET A 31 -11.47 4.28 4.16
N GLN A 32 -10.44 3.66 4.66
CA GLN A 32 -9.18 3.57 3.91
C GLN A 32 -9.32 2.55 2.77
N GLY A 33 -10.15 1.56 2.92
CA GLY A 33 -10.32 0.57 1.82
C GLY A 33 -11.06 1.25 0.67
N THR A 34 -12.08 2.00 0.98
CA THR A 34 -12.83 2.70 -0.10
C THR A 34 -11.98 3.84 -0.65
N VAL A 35 -11.08 4.36 0.14
CA VAL A 35 -10.22 5.48 -0.35
C VAL A 35 -9.16 4.91 -1.30
N ALA A 36 -8.45 3.89 -0.88
CA ALA A 36 -7.42 3.27 -1.78
C ALA A 36 -8.07 3.04 -3.14
N VAL A 37 -9.24 2.45 -3.15
CA VAL A 37 -9.93 2.20 -4.43
C VAL A 37 -10.10 3.53 -5.17
N CYS A 38 -10.47 4.56 -4.46
CA CYS A 38 -10.62 5.89 -5.12
C CYS A 38 -9.35 6.16 -5.91
N ALA A 39 -8.24 5.65 -5.43
CA ALA A 39 -6.97 5.86 -6.15
C ALA A 39 -6.89 4.90 -7.34
N ARG A 40 -7.21 3.66 -7.12
CA ARG A 40 -7.14 2.63 -8.20
C ARG A 40 -7.64 3.20 -9.53
N ILE A 41 -8.73 3.90 -9.54
CA ILE A 41 -9.23 4.46 -10.82
C ILE A 41 -8.71 5.88 -11.06
N ALA A 42 -8.24 6.54 -10.04
CA ALA A 42 -7.74 7.93 -10.23
C ALA A 42 -6.26 7.89 -10.60
N VAL A 43 -5.68 6.72 -10.66
CA VAL A 43 -4.22 6.62 -11.01
C VAL A 43 -3.81 7.74 -11.96
N ALA A 44 -4.71 8.21 -12.78
CA ALA A 44 -4.35 9.30 -13.73
C ALA A 44 -3.19 8.86 -14.61
N SER A 45 -2.50 7.81 -14.23
CA SER A 45 -1.36 7.32 -15.04
C SER A 45 -1.88 6.69 -16.33
N ASP A 46 -1.26 5.63 -16.75
CA ASP A 46 -1.71 4.95 -18.00
C ASP A 46 -1.73 3.43 -17.77
N GLY A 47 -2.56 2.96 -16.88
CA GLY A 47 -2.62 1.50 -16.62
C GLY A 47 -3.85 1.16 -15.76
N VAL A 48 -3.93 1.71 -14.58
CA VAL A 48 -5.09 1.43 -13.70
C VAL A 48 -4.99 0.01 -13.16
N SER A 49 -5.55 -0.24 -11.99
CA SER A 49 -5.49 -1.60 -11.40
C SER A 49 -6.91 -2.09 -11.10
N SER A 50 -7.11 -2.67 -9.95
CA SER A 50 -8.46 -3.18 -9.58
C SER A 50 -8.29 -4.30 -8.56
N GLU A 51 -7.92 -5.47 -9.01
CA GLU A 51 -7.72 -6.59 -8.06
C GLU A 51 -6.45 -6.34 -7.24
N GLU A 52 -5.52 -5.60 -7.78
CA GLU A 52 -4.26 -5.33 -7.02
C GLU A 52 -4.56 -4.37 -5.86
N LYS A 53 -5.18 -3.26 -6.13
CA LYS A 53 -5.49 -2.30 -5.05
C LYS A 53 -6.41 -2.99 -4.04
N GLN A 54 -7.31 -3.80 -4.52
CA GLN A 54 -8.24 -4.52 -3.59
C GLN A 54 -7.40 -5.31 -2.59
N LYS A 55 -6.41 -6.04 -3.06
CA LYS A 55 -5.57 -6.82 -2.11
C LYS A 55 -5.05 -5.87 -1.03
N MET A 56 -4.49 -4.75 -1.42
CA MET A 56 -4.00 -3.78 -0.41
C MET A 56 -5.10 -3.48 0.60
N ILE A 57 -6.32 -3.33 0.14
CA ILE A 57 -7.43 -3.05 1.10
C ILE A 57 -7.34 -4.07 2.23
N GLY A 58 -6.98 -5.29 1.89
CA GLY A 58 -6.84 -6.33 2.96
C GLY A 58 -5.71 -5.90 3.89
N PHE A 59 -4.63 -5.41 3.33
CA PHE A 59 -3.50 -4.94 4.17
C PHE A 59 -4.06 -3.90 5.14
N LEU A 60 -4.96 -3.08 4.67
CA LEU A 60 -5.58 -2.07 5.57
C LEU A 60 -6.12 -2.78 6.80
N ARG A 61 -6.82 -3.87 6.59
CA ARG A 61 -7.37 -4.62 7.75
C ARG A 61 -6.25 -4.84 8.76
N SER A 62 -5.05 -5.06 8.28
CA SER A 62 -3.91 -5.27 9.22
C SER A 62 -2.93 -4.09 9.12
N SER A 63 -3.26 -3.07 8.38
CA SER A 63 -2.35 -1.90 8.24
C SER A 63 -1.81 -1.48 9.60
N GLU A 64 -0.99 -0.47 9.63
CA GLU A 64 -0.42 0.00 10.93
C GLU A 64 -1.57 0.44 11.83
N GLU A 65 -2.73 0.65 11.28
CA GLU A 65 -3.89 1.08 12.11
C GLU A 65 -3.90 0.26 13.39
N LEU A 66 -3.20 -0.84 13.43
CA LEU A 66 -3.17 -1.67 14.66
C LEU A 66 -2.89 -0.78 15.86
N LYS A 67 -2.16 0.29 15.63
CA LYS A 67 -1.82 1.22 16.73
C LYS A 67 -3.07 2.02 17.14
N VAL A 68 -3.78 2.58 16.18
CA VAL A 68 -5.01 3.36 16.52
C VAL A 68 -4.61 4.79 16.90
N PHE A 69 -3.74 5.44 16.15
CA PHE A 69 -3.35 6.83 16.52
C PHE A 69 -2.47 7.49 15.44
N ASP A 70 -1.30 6.97 15.17
CA ASP A 70 -0.41 7.63 14.16
C ASP A 70 -1.19 7.98 12.90
N THR A 71 -1.82 9.13 12.90
CA THR A 71 -2.58 9.57 11.71
C THR A 71 -1.61 9.76 10.55
N ALA A 72 -0.43 10.23 10.84
CA ALA A 72 0.57 10.44 9.75
C ALA A 72 0.85 9.11 9.06
N GLU A 73 0.68 8.02 9.76
CA GLU A 73 0.94 6.69 9.15
C GLU A 73 -0.24 6.32 8.23
N VAL A 74 -1.44 6.66 8.61
CA VAL A 74 -2.61 6.33 7.75
C VAL A 74 -2.50 7.11 6.44
N ILE A 75 -2.53 8.42 6.51
CA ILE A 75 -2.40 9.21 5.27
C ILE A 75 -1.14 8.74 4.54
N GLU A 76 -0.22 8.16 5.26
CA GLU A 76 1.03 7.67 4.60
C GLU A 76 0.66 6.66 3.52
N PHE A 77 -0.22 5.73 3.83
CA PHE A 77 -0.57 4.72 2.79
C PHE A 77 -1.40 5.39 1.69
N PHE A 78 -2.54 5.97 2.00
CA PHE A 78 -3.31 6.62 0.92
C PHE A 78 -2.45 7.68 0.24
N ASN A 79 -1.73 8.46 1.00
CA ASN A 79 -0.86 9.51 0.39
C ASN A 79 0.03 8.86 -0.67
N LYS A 80 0.62 7.75 -0.33
CA LYS A 80 1.50 7.07 -1.32
C LYS A 80 0.63 6.50 -2.44
N LEU A 81 -0.58 6.13 -2.13
CA LEU A 81 -1.48 5.57 -3.18
C LEU A 81 -1.89 6.68 -4.15
N VAL A 82 -2.43 7.76 -3.68
CA VAL A 82 -2.86 8.86 -4.60
C VAL A 82 -1.66 9.43 -5.35
N THR A 83 -0.58 9.71 -4.67
CA THR A 83 0.60 10.31 -5.38
C THR A 83 1.40 9.23 -6.13
N SER A 84 1.67 8.11 -5.51
CA SER A 84 2.49 7.05 -6.20
C SER A 84 1.66 6.28 -7.23
N PHE A 85 0.37 6.26 -7.11
CA PHE A 85 -0.45 5.47 -8.08
C PHE A 85 -0.46 6.12 -9.47
N ASP A 86 0.30 7.15 -9.69
CA ASP A 86 0.29 7.75 -11.06
C ASP A 86 1.33 7.07 -11.93
N PHE A 87 1.88 5.99 -11.44
CA PHE A 87 2.89 5.22 -12.22
C PHE A 87 2.56 3.73 -12.10
N ASP A 88 2.88 3.15 -10.98
CA ASP A 88 2.58 1.71 -10.78
C ASP A 88 1.22 1.57 -10.12
N LEU A 89 0.17 1.59 -10.89
CA LEU A 89 -1.19 1.48 -10.31
C LEU A 89 -1.30 0.16 -9.53
N GLU A 90 -1.01 -0.93 -10.17
CA GLU A 90 -1.11 -2.24 -9.47
C GLU A 90 0.12 -2.51 -8.59
N ILE A 91 1.30 -2.31 -9.11
CA ILE A 91 2.54 -2.62 -8.32
C ILE A 91 2.79 -1.55 -7.23
N GLY A 92 2.45 -0.32 -7.48
CA GLY A 92 2.72 0.74 -6.48
C GLY A 92 2.01 0.43 -5.16
N LYS A 93 0.77 0.02 -5.22
CA LYS A 93 0.02 -0.29 -3.97
C LYS A 93 0.44 -1.65 -3.42
N GLY A 94 0.92 -2.52 -4.26
CA GLY A 94 1.31 -3.88 -3.78
C GLY A 94 2.46 -3.81 -2.75
N GLU A 95 3.52 -3.12 -3.03
CA GLU A 95 4.66 -3.07 -2.06
C GLU A 95 4.44 -1.98 -1.01
N THR A 96 3.99 -0.83 -1.42
CA THR A 96 3.78 0.26 -0.44
C THR A 96 2.99 -0.25 0.76
N MET A 97 1.92 -0.96 0.51
CA MET A 97 1.10 -1.51 1.63
C MET A 97 1.98 -2.31 2.60
N LYS A 98 3.06 -2.83 2.12
CA LYS A 98 3.95 -3.65 2.99
C LYS A 98 4.75 -2.75 3.93
N TYR A 99 5.26 -1.64 3.46
CA TYR A 99 6.06 -0.79 4.37
C TYR A 99 5.17 -0.23 5.49
N ILE A 100 3.89 -0.04 5.25
CA ILE A 100 3.02 0.49 6.35
C ILE A 100 2.88 -0.60 7.41
N LEU A 101 2.43 -1.77 7.03
CA LEU A 101 2.28 -2.87 8.01
C LEU A 101 3.67 -3.31 8.46
N ALA A 102 4.50 -3.70 7.53
CA ALA A 102 5.86 -4.14 7.90
C ALA A 102 6.49 -3.07 8.79
N LEU A 103 7.07 -2.05 8.21
CA LEU A 103 7.69 -0.97 9.03
C LEU A 103 8.71 -1.57 9.99
N LYS A 104 8.60 -2.85 10.29
CA LYS A 104 9.58 -3.48 11.22
C LYS A 104 10.91 -2.75 11.10
N ASP A 105 11.31 -2.45 9.89
CA ASP A 105 12.58 -1.71 9.68
C ASP A 105 12.28 -0.44 8.89
N GLN A 106 12.25 -0.53 7.59
CA GLN A 106 11.93 0.67 6.75
C GLN A 106 12.46 0.47 5.34
N PRO A 107 13.76 0.40 5.18
CA PRO A 107 14.41 0.21 3.86
C PRO A 107 14.09 -1.15 3.22
N GLU A 108 13.58 -2.08 3.98
CA GLU A 108 13.26 -3.42 3.39
C GLU A 108 12.00 -3.30 2.52
N ALA A 109 10.93 -2.81 3.08
CA ALA A 109 9.69 -2.67 2.29
C ALA A 109 9.96 -1.71 1.12
N ALA A 110 10.78 -0.72 1.36
CA ALA A 110 11.12 0.25 0.28
C ALA A 110 11.98 -0.47 -0.76
N GLN A 111 12.82 -1.37 -0.34
CA GLN A 111 13.66 -2.10 -1.32
C GLN A 111 12.75 -2.66 -2.41
N LEU A 112 11.70 -3.33 -2.03
CA LEU A 112 10.77 -3.85 -3.06
C LEU A 112 10.32 -2.65 -3.90
N ALA A 113 9.97 -1.58 -3.25
CA ALA A 113 9.55 -0.38 -4.02
C ALA A 113 10.61 -0.12 -5.10
N LEU A 114 11.83 -0.52 -4.84
CA LEU A 114 12.91 -0.32 -5.83
C LEU A 114 12.60 -1.16 -7.07
N ARG A 115 12.41 -2.44 -6.90
CA ARG A 115 12.08 -3.27 -8.09
C ARG A 115 10.90 -2.59 -8.79
N VAL A 116 9.91 -2.20 -8.03
CA VAL A 116 8.77 -1.48 -8.65
C VAL A 116 9.33 -0.34 -9.49
N GLY A 117 10.42 0.23 -9.06
CA GLY A 117 11.01 1.34 -9.87
C GLY A 117 11.14 0.84 -11.30
N ILE A 118 11.67 -0.35 -11.45
CA ILE A 118 11.78 -0.89 -12.82
C ILE A 118 10.39 -0.81 -13.45
N ALA A 119 9.35 -1.08 -12.69
CA ALA A 119 8.00 -0.99 -13.25
C ALA A 119 7.78 0.44 -13.74
N VAL A 120 8.40 1.42 -13.12
CA VAL A 120 8.20 2.80 -13.65
C VAL A 120 8.49 2.70 -15.13
N ALA A 121 9.48 1.92 -15.46
CA ALA A 121 9.77 1.70 -16.89
C ALA A 121 8.87 0.53 -17.35
N LYS A 122 8.38 -0.22 -16.40
CA LYS A 122 7.50 -1.40 -16.71
C LYS A 122 6.27 -1.39 -15.79
N SER A 123 5.59 -0.27 -15.69
CA SER A 123 4.40 -0.19 -14.77
C SER A 123 3.59 -1.48 -14.85
N ASP A 124 3.81 -2.29 -15.81
CA ASP A 124 3.04 -3.56 -15.91
C ASP A 124 3.84 -4.60 -16.70
N GLY A 125 5.05 -4.87 -16.28
CA GLY A 125 5.87 -5.88 -17.01
C GLY A 125 6.88 -6.53 -16.07
N ASN A 126 7.35 -5.80 -15.10
CA ASN A 126 8.36 -6.38 -14.16
C ASN A 126 7.81 -6.40 -12.73
N PHE A 127 8.63 -6.81 -11.80
CA PHE A 127 8.19 -6.87 -10.37
C PHE A 127 7.53 -8.22 -10.10
N ASP A 128 7.36 -8.54 -8.84
CA ASP A 128 6.72 -9.83 -8.48
C ASP A 128 7.69 -10.97 -8.73
N ASP A 129 8.82 -10.69 -9.32
CA ASP A 129 9.82 -11.78 -9.57
C ASP A 129 10.91 -11.68 -8.51
N ASP A 130 11.36 -10.49 -8.22
CA ASP A 130 12.40 -10.34 -7.17
C ASP A 130 11.72 -10.55 -5.82
N GLU A 131 10.42 -10.41 -5.77
CA GLU A 131 9.69 -10.61 -4.50
C GLU A 131 10.10 -11.95 -3.87
N LYS A 132 10.44 -12.91 -4.68
CA LYS A 132 10.84 -14.22 -4.11
C LYS A 132 12.17 -14.07 -3.37
N SER A 133 13.15 -13.49 -3.99
CA SER A 133 14.46 -13.28 -3.30
C SER A 133 14.34 -12.07 -2.37
N ALA A 134 13.61 -11.07 -2.81
CA ALA A 134 13.41 -9.87 -1.96
C ALA A 134 12.68 -10.31 -0.70
N VAL A 135 11.66 -11.11 -0.86
CA VAL A 135 10.92 -11.59 0.33
C VAL A 135 11.92 -12.30 1.25
N ARG A 136 12.90 -12.96 0.68
CA ARG A 136 13.91 -13.66 1.53
C ARG A 136 14.46 -12.65 2.55
N GLU A 137 14.90 -11.53 2.08
CA GLU A 137 15.45 -10.49 3.01
C GLU A 137 14.31 -9.78 3.75
N ILE A 138 13.15 -9.70 3.16
CA ILE A 138 12.02 -9.01 3.83
C ILE A 138 11.48 -9.88 4.98
N ALA A 139 11.11 -11.09 4.69
CA ALA A 139 10.59 -11.99 5.75
C ALA A 139 11.61 -12.09 6.88
N ARG A 140 12.86 -12.18 6.55
CA ARG A 140 13.91 -12.27 7.61
C ARG A 140 14.11 -10.89 8.24
N SER A 141 14.31 -9.88 7.44
CA SER A 141 14.52 -8.52 8.01
C SER A 141 13.37 -8.18 8.96
N LEU A 142 12.15 -8.46 8.56
CA LEU A 142 10.99 -8.16 9.44
C LEU A 142 10.72 -9.38 10.33
N GLY A 143 10.24 -10.47 9.76
CA GLY A 143 9.99 -11.68 10.58
C GLY A 143 8.90 -12.56 9.94
N PHE A 144 8.91 -12.72 8.65
CA PHE A 144 7.87 -13.58 8.00
C PHE A 144 8.51 -14.88 7.51
N ASP A 145 8.24 -15.26 6.29
CA ASP A 145 8.82 -16.53 5.75
C ASP A 145 9.86 -16.21 4.66
N PRO A 146 11.09 -16.62 4.85
CA PRO A 146 12.18 -16.37 3.86
C PRO A 146 11.77 -16.73 2.43
N ALA A 147 11.60 -15.73 1.59
CA ALA A 147 11.22 -15.99 0.17
C ALA A 147 10.15 -17.06 0.10
N GLU A 148 8.93 -16.67 -0.11
CA GLU A 148 7.84 -17.66 -0.21
C GLU A 148 6.54 -16.99 -0.63
N PHE A 149 6.62 -15.82 -1.25
CA PHE A 149 5.37 -15.13 -1.68
C PHE A 149 5.45 -14.89 -3.19
N GLY A 150 6.45 -14.18 -3.62
CA GLY A 150 6.58 -13.91 -5.07
C GLY A 150 5.18 -13.72 -5.68
N LEU A 151 4.59 -12.57 -5.47
CA LEU A 151 3.23 -12.31 -6.01
C LEU A 151 3.19 -12.57 -7.53
N LEU A 152 3.40 -13.79 -7.95
CA LEU A 152 3.36 -14.10 -9.40
C LEU A 152 2.39 -15.26 -9.65
N GLU A 153 1.15 -15.08 -9.30
CA GLU A 153 0.16 -16.17 -9.51
C GLU A 153 -1.25 -15.56 -9.60
N MET A 1 -17.30 12.91 -2.94
CA MET A 1 -18.60 12.30 -3.34
C MET A 1 -18.49 11.73 -4.76
N SER A 2 -17.68 12.32 -5.58
CA SER A 2 -17.52 11.81 -6.98
C SER A 2 -16.78 10.48 -6.95
N PHE A 3 -15.50 10.50 -6.69
CA PHE A 3 -14.73 9.23 -6.66
C PHE A 3 -13.38 9.48 -5.97
N PHE A 4 -12.60 10.40 -6.46
CA PHE A 4 -11.28 10.68 -5.84
C PHE A 4 -11.40 11.90 -4.93
N ASP A 5 -10.31 12.43 -4.48
CA ASP A 5 -10.35 13.62 -3.58
C ASP A 5 -9.04 14.39 -3.68
N LYS A 6 -8.40 14.36 -4.83
CA LYS A 6 -7.10 15.08 -4.99
C LYS A 6 -6.37 15.08 -3.64
N VAL A 7 -6.53 14.03 -2.90
CA VAL A 7 -5.88 13.94 -1.56
C VAL A 7 -4.35 14.02 -1.71
N LYS A 8 -3.79 13.31 -2.66
CA LYS A 8 -2.32 13.34 -2.84
C LYS A 8 -1.66 12.97 -1.50
N GLY A 9 -2.46 12.72 -0.50
CA GLY A 9 -1.90 12.36 0.83
C GLY A 9 -2.38 13.36 1.88
N ALA A 10 -3.60 13.23 2.32
CA ALA A 10 -4.13 14.18 3.33
C ALA A 10 -5.66 14.15 3.30
N LEU A 11 -6.23 13.00 3.05
CA LEU A 11 -7.71 12.89 3.00
C LEU A 11 -8.31 13.51 4.26
N THR A 12 -9.58 13.32 4.49
CA THR A 12 -10.21 13.89 5.71
C THR A 12 -9.42 13.43 6.93
N SER A 13 -9.82 13.87 8.10
CA SER A 13 -9.10 13.46 9.34
C SER A 13 -9.17 11.93 9.50
N GLY A 14 -9.66 11.24 8.50
CA GLY A 14 -9.78 9.76 8.60
C GLY A 14 -8.50 9.15 9.16
N ARG A 15 -7.37 9.74 8.91
CA ARG A 15 -6.09 9.18 9.42
C ARG A 15 -6.13 9.08 10.95
N GLU A 16 -6.27 10.19 11.63
CA GLU A 16 -6.29 10.16 13.12
C GLU A 16 -7.68 9.79 13.64
N GLU A 17 -8.71 10.21 12.97
CA GLU A 17 -10.09 9.91 13.45
C GLU A 17 -10.46 8.44 13.18
N LEU A 18 -10.31 7.99 11.96
CA LEU A 18 -10.70 6.59 11.64
C LEU A 18 -9.71 5.58 12.23
N THR A 19 -8.43 5.85 12.18
CA THR A 19 -7.48 4.86 12.74
C THR A 19 -7.66 4.77 14.25
N ARG A 20 -7.59 5.88 14.94
CA ARG A 20 -7.77 5.85 16.41
C ARG A 20 -9.10 5.17 16.75
N GLN A 21 -10.10 5.35 15.93
CA GLN A 21 -11.41 4.70 16.20
C GLN A 21 -11.27 3.20 16.01
N VAL A 22 -10.24 2.77 15.33
CA VAL A 22 -10.06 1.31 15.09
C VAL A 22 -10.30 0.56 16.41
N GLY A 23 -9.98 1.17 17.52
CA GLY A 23 -10.21 0.50 18.82
C GLY A 23 -11.72 0.35 19.03
N ARG A 24 -12.49 0.69 18.05
CA ARG A 24 -13.97 0.57 18.18
C ARG A 24 -14.54 -0.20 16.98
N TYR A 25 -14.09 0.13 15.79
CA TYR A 25 -14.60 -0.59 14.59
C TYR A 25 -13.69 -1.76 14.26
N LYS A 26 -12.46 -1.71 14.68
CA LYS A 26 -11.52 -2.82 14.39
C LYS A 26 -11.46 -3.05 12.88
N ASN A 27 -11.97 -2.12 12.10
CA ASN A 27 -11.94 -2.29 10.63
C ASN A 27 -10.87 -1.38 10.03
N LYS A 28 -10.47 -1.64 8.82
CA LYS A 28 -9.42 -0.81 8.16
C LYS A 28 -9.78 -0.62 6.69
N LYS A 29 -10.16 -1.68 6.05
CA LYS A 29 -10.54 -1.62 4.61
C LYS A 29 -11.87 -0.87 4.46
N PHE A 30 -12.49 -0.57 5.56
CA PHE A 30 -13.81 0.13 5.51
C PHE A 30 -13.69 1.54 4.93
N MET A 31 -13.16 2.45 5.68
CA MET A 31 -12.97 3.85 5.20
C MET A 31 -11.71 3.93 4.34
N GLN A 32 -10.63 3.39 4.86
CA GLN A 32 -9.35 3.46 4.11
C GLN A 32 -9.39 2.51 2.91
N GLY A 33 -10.11 1.43 2.99
CA GLY A 33 -10.16 0.49 1.84
C GLY A 33 -10.98 1.16 0.73
N THR A 34 -12.15 1.63 1.05
CA THR A 34 -12.96 2.32 0.01
C THR A 34 -12.13 3.45 -0.58
N VAL A 35 -11.16 3.91 0.16
CA VAL A 35 -10.27 4.99 -0.33
C VAL A 35 -9.31 4.43 -1.38
N ALA A 36 -8.60 3.39 -1.03
CA ALA A 36 -7.65 2.78 -2.00
C ALA A 36 -8.35 2.66 -3.35
N VAL A 37 -9.54 2.11 -3.35
CA VAL A 37 -10.29 1.97 -4.62
C VAL A 37 -10.42 3.35 -5.27
N CYS A 38 -10.68 4.36 -4.50
CA CYS A 38 -10.78 5.71 -5.11
C CYS A 38 -9.52 5.94 -5.93
N ALA A 39 -8.41 5.42 -5.47
CA ALA A 39 -7.15 5.60 -6.23
C ALA A 39 -7.10 4.64 -7.42
N ARG A 40 -7.34 3.37 -7.19
CA ARG A 40 -7.26 2.37 -8.31
C ARG A 40 -7.86 2.94 -9.59
N ILE A 41 -8.95 3.65 -9.50
CA ILE A 41 -9.57 4.21 -10.75
C ILE A 41 -9.01 5.61 -11.06
N ALA A 42 -8.51 6.30 -10.08
CA ALA A 42 -7.98 7.68 -10.34
C ALA A 42 -6.50 7.63 -10.74
N VAL A 43 -5.91 6.45 -10.76
CA VAL A 43 -4.46 6.35 -11.12
C VAL A 43 -4.07 7.45 -12.10
N ALA A 44 -4.99 7.87 -12.93
CA ALA A 44 -4.65 8.96 -13.91
C ALA A 44 -3.47 8.52 -14.78
N SER A 45 -2.74 7.53 -14.34
CA SER A 45 -1.58 7.06 -15.15
C SER A 45 -2.09 6.42 -16.43
N ASP A 46 -1.55 5.28 -16.76
CA ASP A 46 -1.98 4.58 -18.00
C ASP A 46 -1.92 3.06 -17.77
N GLY A 47 -2.69 2.56 -16.84
CA GLY A 47 -2.66 1.09 -16.58
C GLY A 47 -3.75 0.71 -15.58
N VAL A 48 -4.10 1.60 -14.69
CA VAL A 48 -5.14 1.28 -13.68
C VAL A 48 -4.92 -0.12 -13.12
N SER A 49 -5.75 -0.53 -12.20
CA SER A 49 -5.58 -1.89 -11.61
C SER A 49 -6.94 -2.45 -11.20
N SER A 50 -7.01 -3.06 -10.04
CA SER A 50 -8.31 -3.64 -9.57
C SER A 50 -7.99 -4.78 -8.61
N GLU A 51 -7.35 -5.82 -9.11
CA GLU A 51 -7.00 -6.96 -8.23
C GLU A 51 -5.87 -6.56 -7.28
N GLU A 52 -4.94 -5.75 -7.74
CA GLU A 52 -3.82 -5.34 -6.84
C GLU A 52 -4.33 -4.36 -5.79
N LYS A 53 -5.03 -3.34 -6.18
CA LYS A 53 -5.56 -2.38 -5.17
C LYS A 53 -6.38 -3.17 -4.16
N GLN A 54 -7.17 -4.10 -4.63
CA GLN A 54 -7.99 -4.92 -3.71
C GLN A 54 -7.06 -5.60 -2.70
N LYS A 55 -5.96 -6.14 -3.15
CA LYS A 55 -5.01 -6.79 -2.21
C LYS A 55 -4.64 -5.78 -1.14
N MET A 56 -4.27 -4.60 -1.53
CA MET A 56 -3.89 -3.56 -0.52
C MET A 56 -5.02 -3.42 0.50
N ILE A 57 -6.26 -3.52 0.08
CA ILE A 57 -7.37 -3.41 1.07
C ILE A 57 -7.16 -4.45 2.16
N GLY A 58 -6.78 -5.65 1.79
CA GLY A 58 -6.52 -6.68 2.82
C GLY A 58 -5.43 -6.17 3.75
N PHE A 59 -4.43 -5.54 3.22
CA PHE A 59 -3.34 -4.99 4.07
C PHE A 59 -3.98 -4.05 5.10
N LEU A 60 -4.92 -3.25 4.68
CA LEU A 60 -5.61 -2.35 5.64
C LEU A 60 -6.07 -3.18 6.84
N ARG A 61 -6.65 -4.32 6.58
CA ARG A 61 -7.11 -5.18 7.71
C ARG A 61 -5.97 -5.40 8.69
N SER A 62 -4.78 -5.61 8.19
CA SER A 62 -3.63 -5.83 9.10
C SER A 62 -2.65 -4.65 9.00
N SER A 63 -3.01 -3.62 8.28
CA SER A 63 -2.12 -2.44 8.13
C SER A 63 -1.72 -1.88 9.50
N GLU A 64 -0.95 -0.84 9.50
CA GLU A 64 -0.53 -0.23 10.80
C GLU A 64 -1.78 0.15 11.59
N GLU A 65 -2.87 0.37 10.91
CA GLU A 65 -4.13 0.73 11.64
C GLU A 65 -4.23 -0.15 12.88
N LEU A 66 -3.49 -1.23 12.90
CA LEU A 66 -3.53 -2.14 14.09
C LEU A 66 -3.08 -1.36 15.32
N LYS A 67 -2.50 -0.20 15.12
CA LYS A 67 -2.04 0.63 16.26
C LYS A 67 -3.21 1.48 16.78
N VAL A 68 -3.89 2.19 15.89
CA VAL A 68 -5.05 3.02 16.33
C VAL A 68 -4.56 4.40 16.75
N PHE A 69 -3.70 5.03 15.96
CA PHE A 69 -3.20 6.39 16.37
C PHE A 69 -2.31 7.03 15.28
N ASP A 70 -1.19 6.43 14.96
CA ASP A 70 -0.28 7.06 13.96
C ASP A 70 -1.06 7.51 12.71
N THR A 71 -1.58 8.71 12.77
CA THR A 71 -2.35 9.24 11.61
C THR A 71 -1.40 9.44 10.43
N ALA A 72 -0.17 9.79 10.70
CA ALA A 72 0.80 10.00 9.59
C ALA A 72 0.98 8.69 8.82
N GLU A 73 0.83 7.57 9.49
CA GLU A 73 0.99 6.26 8.81
C GLU A 73 -0.24 6.00 7.93
N VAL A 74 -1.39 6.43 8.36
CA VAL A 74 -2.62 6.20 7.56
C VAL A 74 -2.54 7.01 6.25
N ILE A 75 -2.47 8.31 6.35
CA ILE A 75 -2.36 9.12 5.12
C ILE A 75 -1.19 8.58 4.30
N GLU A 76 -0.27 7.93 4.95
CA GLU A 76 0.89 7.37 4.22
C GLU A 76 0.39 6.35 3.20
N PHE A 77 -0.56 5.52 3.55
CA PHE A 77 -1.05 4.53 2.57
C PHE A 77 -1.86 5.25 1.48
N PHE A 78 -2.93 5.91 1.84
CA PHE A 78 -3.71 6.62 0.77
C PHE A 78 -2.78 7.59 0.03
N ASN A 79 -1.95 8.29 0.74
CA ASN A 79 -1.02 9.26 0.08
C ASN A 79 -0.26 8.56 -1.06
N LYS A 80 0.40 7.49 -0.76
CA LYS A 80 1.17 6.78 -1.82
C LYS A 80 0.19 6.27 -2.87
N LEU A 81 -0.94 5.79 -2.46
CA LEU A 81 -1.93 5.27 -3.43
C LEU A 81 -2.41 6.39 -4.35
N VAL A 82 -2.91 7.46 -3.82
CA VAL A 82 -3.40 8.56 -4.68
C VAL A 82 -2.25 9.24 -5.43
N THR A 83 -1.18 9.57 -4.76
CA THR A 83 -0.05 10.27 -5.48
C THR A 83 0.82 9.27 -6.27
N SER A 84 1.18 8.16 -5.69
CA SER A 84 2.07 7.20 -6.42
C SER A 84 1.30 6.40 -7.47
N PHE A 85 0.08 6.03 -7.18
CA PHE A 85 -0.70 5.23 -8.16
C PHE A 85 -0.70 5.87 -9.56
N ASP A 86 0.03 6.93 -9.77
CA ASP A 86 0.01 7.53 -11.13
C ASP A 86 1.10 6.88 -11.99
N PHE A 87 1.67 5.82 -11.50
CA PHE A 87 2.70 5.08 -12.29
C PHE A 87 2.39 3.59 -12.21
N ASP A 88 2.71 2.96 -11.10
CA ASP A 88 2.40 1.52 -10.96
C ASP A 88 1.06 1.36 -10.26
N LEU A 89 -0.01 1.35 -11.01
CA LEU A 89 -1.34 1.22 -10.39
C LEU A 89 -1.41 -0.11 -9.63
N GLU A 90 -1.05 -1.19 -10.27
CA GLU A 90 -1.10 -2.51 -9.57
C GLU A 90 0.11 -2.70 -8.66
N ILE A 91 1.29 -2.46 -9.16
CA ILE A 91 2.53 -2.67 -8.33
C ILE A 91 2.72 -1.54 -7.32
N GLY A 92 2.28 -0.35 -7.64
CA GLY A 92 2.47 0.78 -6.69
C GLY A 92 1.86 0.46 -5.33
N LYS A 93 0.62 0.08 -5.28
CA LYS A 93 -0.03 -0.24 -3.99
C LYS A 93 0.42 -1.61 -3.47
N GLY A 94 0.97 -2.43 -4.32
CA GLY A 94 1.40 -3.79 -3.87
C GLY A 94 2.54 -3.70 -2.84
N GLU A 95 3.57 -2.93 -3.12
CA GLU A 95 4.71 -2.85 -2.14
C GLU A 95 4.45 -1.76 -1.10
N THR A 96 3.95 -0.63 -1.52
CA THR A 96 3.72 0.46 -0.54
C THR A 96 2.94 -0.07 0.67
N MET A 97 1.88 -0.80 0.43
CA MET A 97 1.09 -1.36 1.57
C MET A 97 2.00 -2.13 2.52
N LYS A 98 3.10 -2.63 2.01
CA LYS A 98 4.03 -3.43 2.87
C LYS A 98 4.79 -2.51 3.82
N TYR A 99 5.25 -1.38 3.36
CA TYR A 99 6.03 -0.50 4.28
C TYR A 99 5.12 0.01 5.41
N ILE A 100 3.84 0.18 5.17
CA ILE A 100 2.97 0.67 6.28
C ILE A 100 2.90 -0.42 7.36
N LEU A 101 2.53 -1.61 6.98
CA LEU A 101 2.45 -2.70 7.99
C LEU A 101 3.87 -3.09 8.40
N ALA A 102 4.70 -3.45 7.47
CA ALA A 102 6.08 -3.82 7.82
C ALA A 102 6.66 -2.73 8.72
N LEU A 103 7.20 -1.69 8.14
CA LEU A 103 7.77 -0.58 8.95
C LEU A 103 8.84 -1.14 9.90
N LYS A 104 8.78 -2.40 10.24
CA LYS A 104 9.80 -2.99 11.16
C LYS A 104 11.10 -2.19 11.01
N ASP A 105 11.47 -1.89 9.80
CA ASP A 105 12.71 -1.09 9.56
C ASP A 105 12.34 0.16 8.76
N GLN A 106 12.31 0.05 7.46
CA GLN A 106 11.94 1.22 6.61
C GLN A 106 12.48 1.01 5.19
N PRO A 107 13.78 0.99 5.03
CA PRO A 107 14.43 0.80 3.71
C PRO A 107 14.13 -0.57 3.09
N GLU A 108 13.65 -1.50 3.88
CA GLU A 108 13.36 -2.85 3.31
C GLU A 108 12.10 -2.78 2.46
N ALA A 109 11.03 -2.30 3.01
CA ALA A 109 9.76 -2.19 2.23
C ALA A 109 10.02 -1.28 1.04
N ALA A 110 10.80 -0.25 1.23
CA ALA A 110 11.12 0.68 0.12
C ALA A 110 11.96 -0.07 -0.93
N GLN A 111 12.82 -0.94 -0.49
CA GLN A 111 13.66 -1.70 -1.46
C GLN A 111 12.71 -2.31 -2.50
N LEU A 112 11.71 -3.01 -2.06
CA LEU A 112 10.75 -3.58 -3.03
C LEU A 112 10.29 -2.45 -3.94
N ALA A 113 9.98 -1.33 -3.36
CA ALA A 113 9.56 -0.16 -4.17
C ALA A 113 10.61 0.07 -5.25
N LEU A 114 11.83 -0.31 -4.99
CA LEU A 114 12.92 -0.12 -6.00
C LEU A 114 12.64 -0.99 -7.21
N ARG A 115 12.50 -2.28 -7.02
CA ARG A 115 12.20 -3.14 -8.20
C ARG A 115 10.97 -2.52 -8.87
N VAL A 116 9.98 -2.18 -8.10
CA VAL A 116 8.79 -1.52 -8.70
C VAL A 116 9.30 -0.37 -9.57
N GLY A 117 10.38 0.25 -9.17
CA GLY A 117 10.94 1.36 -9.99
C GLY A 117 11.05 0.84 -11.41
N ILE A 118 11.60 -0.33 -11.57
CA ILE A 118 11.71 -0.90 -12.94
C ILE A 118 10.31 -0.84 -13.56
N ALA A 119 9.29 -1.11 -12.79
CA ALA A 119 7.93 -1.03 -13.34
C ALA A 119 7.67 0.40 -13.80
N VAL A 120 8.27 1.38 -13.19
CA VAL A 120 8.05 2.76 -13.68
C VAL A 120 8.31 2.69 -15.17
N ALA A 121 9.32 1.96 -15.54
CA ALA A 121 9.59 1.77 -16.98
C ALA A 121 8.73 0.58 -17.44
N LYS A 122 8.27 -0.19 -16.49
CA LYS A 122 7.42 -1.38 -16.81
C LYS A 122 6.19 -1.40 -15.89
N SER A 123 5.46 -0.32 -15.79
CA SER A 123 4.28 -0.28 -14.87
C SER A 123 3.53 -1.60 -14.92
N ASP A 124 3.82 -2.41 -15.89
CA ASP A 124 3.13 -3.73 -15.98
C ASP A 124 3.99 -4.69 -16.79
N GLY A 125 5.24 -4.82 -16.45
CA GLY A 125 6.12 -5.75 -17.22
C GLY A 125 7.25 -6.26 -16.32
N ASN A 126 7.16 -6.03 -15.03
CA ASN A 126 8.24 -6.50 -14.12
C ASN A 126 7.71 -6.68 -12.70
N PHE A 127 8.60 -6.82 -11.76
CA PHE A 127 8.17 -7.00 -10.34
C PHE A 127 7.64 -8.42 -10.15
N ASP A 128 7.23 -8.75 -8.95
CA ASP A 128 6.71 -10.12 -8.69
C ASP A 128 7.83 -11.13 -8.91
N ASP A 129 8.96 -10.69 -9.40
CA ASP A 129 10.09 -11.62 -9.63
C ASP A 129 11.14 -11.42 -8.53
N ASP A 130 11.39 -10.18 -8.18
CA ASP A 130 12.39 -9.91 -7.11
C ASP A 130 11.73 -10.14 -5.76
N GLU A 131 10.43 -10.06 -5.70
CA GLU A 131 9.72 -10.27 -4.41
C GLU A 131 10.21 -11.58 -3.77
N LYS A 132 10.61 -12.53 -4.55
CA LYS A 132 11.08 -13.81 -3.95
C LYS A 132 12.43 -13.57 -3.28
N SER A 133 13.39 -13.05 -3.98
CA SER A 133 14.71 -12.78 -3.37
C SER A 133 14.57 -11.57 -2.44
N ALA A 134 13.76 -10.61 -2.84
CA ALA A 134 13.56 -9.42 -1.98
C ALA A 134 12.88 -9.88 -0.70
N VAL A 135 11.86 -10.68 -0.81
CA VAL A 135 11.19 -11.18 0.40
C VAL A 135 12.23 -11.88 1.28
N ARG A 136 13.20 -12.50 0.67
CA ARG A 136 14.26 -13.17 1.48
C ARG A 136 14.82 -12.16 2.48
N GLU A 137 15.23 -11.02 2.00
CA GLU A 137 15.78 -9.97 2.91
C GLU A 137 14.64 -9.29 3.68
N ILE A 138 13.48 -9.23 3.11
CA ILE A 138 12.34 -8.57 3.82
C ILE A 138 11.86 -9.43 4.98
N ALA A 139 11.51 -10.66 4.71
CA ALA A 139 11.04 -11.56 5.80
C ALA A 139 12.09 -11.61 6.90
N ARG A 140 13.34 -11.68 6.54
CA ARG A 140 14.42 -11.74 7.56
C ARG A 140 14.63 -10.35 8.16
N SER A 141 14.63 -9.33 7.36
CA SER A 141 14.83 -7.95 7.89
C SER A 141 13.71 -7.63 8.88
N LEU A 142 12.49 -7.91 8.51
CA LEU A 142 11.35 -7.63 9.42
C LEU A 142 11.13 -8.85 10.33
N GLY A 143 10.70 -9.95 9.78
CA GLY A 143 10.49 -11.16 10.64
C GLY A 143 9.44 -12.09 10.03
N PHE A 144 9.43 -12.26 8.73
CA PHE A 144 8.41 -13.18 8.12
C PHE A 144 9.09 -14.46 7.64
N ASP A 145 8.81 -14.88 6.43
CA ASP A 145 9.42 -16.13 5.90
C ASP A 145 10.40 -15.79 4.77
N PRO A 146 11.65 -16.16 4.92
CA PRO A 146 12.69 -15.90 3.88
C PRO A 146 12.24 -16.27 2.46
N ALA A 147 12.01 -15.29 1.63
CA ALA A 147 11.59 -15.57 0.22
C ALA A 147 10.54 -16.68 0.20
N GLU A 148 9.31 -16.32 0.11
CA GLU A 148 8.24 -17.36 0.05
C GLU A 148 6.92 -16.72 -0.38
N PHE A 149 6.96 -15.55 -0.98
CA PHE A 149 5.69 -14.90 -1.42
C PHE A 149 5.72 -14.69 -2.93
N GLY A 150 6.72 -14.01 -3.42
CA GLY A 150 6.81 -13.77 -4.89
C GLY A 150 5.40 -13.64 -5.47
N LEU A 151 4.76 -12.52 -5.24
CA LEU A 151 3.38 -12.33 -5.77
C LEU A 151 3.34 -12.65 -7.27
N LEU A 152 3.42 -13.91 -7.63
CA LEU A 152 3.40 -14.28 -9.07
C LEU A 152 2.23 -15.25 -9.32
N GLU A 153 1.04 -14.87 -8.96
CA GLU A 153 -0.13 -15.76 -9.18
C GLU A 153 -0.53 -15.71 -10.65
N MET A 1 -11.82 11.62 -12.59
CA MET A 1 -13.28 11.89 -12.73
C MET A 1 -14.06 10.81 -11.99
N SER A 2 -14.24 10.98 -10.69
CA SER A 2 -15.00 9.97 -9.91
C SER A 2 -15.32 10.52 -8.53
N PHE A 3 -15.10 9.74 -7.50
CA PHE A 3 -15.39 10.24 -6.12
C PHE A 3 -14.09 10.48 -5.38
N PHE A 4 -12.98 10.46 -6.08
CA PHE A 4 -11.67 10.69 -5.41
C PHE A 4 -11.60 12.14 -4.91
N ASP A 5 -10.54 12.48 -4.23
CA ASP A 5 -10.41 13.87 -3.72
C ASP A 5 -8.96 14.35 -3.90
N LYS A 6 -8.78 15.62 -4.18
CA LYS A 6 -7.40 16.14 -4.36
C LYS A 6 -6.66 16.00 -3.04
N VAL A 7 -6.48 14.79 -2.58
CA VAL A 7 -5.79 14.57 -1.27
C VAL A 7 -4.28 14.50 -1.48
N LYS A 8 -3.84 13.74 -2.44
CA LYS A 8 -2.36 13.61 -2.65
C LYS A 8 -1.71 13.32 -1.30
N GLY A 9 -2.51 13.10 -0.30
CA GLY A 9 -1.96 12.80 1.06
C GLY A 9 -2.55 13.78 2.07
N ALA A 10 -3.78 13.56 2.48
CA ALA A 10 -4.41 14.48 3.46
C ALA A 10 -5.92 14.38 3.36
N LEU A 11 -6.43 13.21 3.09
CA LEU A 11 -7.90 13.04 2.97
C LEU A 11 -8.58 13.43 4.28
N THR A 12 -9.85 13.14 4.41
CA THR A 12 -10.57 13.50 5.67
C THR A 12 -9.75 13.05 6.88
N SER A 13 -10.13 13.49 8.06
CA SER A 13 -9.40 13.10 9.30
C SER A 13 -9.45 11.58 9.47
N GLY A 14 -9.89 10.87 8.46
CA GLY A 14 -9.98 9.39 8.57
C GLY A 14 -8.70 8.81 9.17
N ARG A 15 -7.58 9.46 8.95
CA ARG A 15 -6.31 8.93 9.50
C ARG A 15 -6.41 8.74 11.03
N GLU A 16 -6.63 9.80 11.76
CA GLU A 16 -6.70 9.68 13.24
C GLU A 16 -8.10 9.23 13.68
N GLU A 17 -9.11 9.94 13.27
CA GLU A 17 -10.50 9.59 13.69
C GLU A 17 -10.80 8.11 13.40
N LEU A 18 -10.56 7.66 12.20
CA LEU A 18 -10.88 6.23 11.89
C LEU A 18 -9.84 5.26 12.45
N THR A 19 -8.59 5.65 12.55
CA THR A 19 -7.58 4.69 13.10
C THR A 19 -7.71 4.65 14.62
N ARG A 20 -7.62 5.78 15.27
CA ARG A 20 -7.75 5.80 16.74
C ARG A 20 -9.03 5.05 17.14
N GLN A 21 -10.04 5.16 16.34
CA GLN A 21 -11.32 4.46 16.66
C GLN A 21 -11.19 2.98 16.28
N VAL A 22 -10.25 2.65 15.43
CA VAL A 22 -10.08 1.23 15.03
C VAL A 22 -10.11 0.35 16.28
N GLY A 23 -9.64 0.85 17.38
CA GLY A 23 -9.66 0.03 18.63
C GLY A 23 -11.11 -0.33 18.95
N ARG A 24 -12.03 0.34 18.32
CA ARG A 24 -13.48 0.05 18.57
C ARG A 24 -14.07 -0.67 17.36
N TYR A 25 -13.72 -0.23 16.18
CA TYR A 25 -14.26 -0.91 14.95
C TYR A 25 -13.28 -1.99 14.51
N LYS A 26 -12.01 -1.82 14.79
CA LYS A 26 -11.01 -2.84 14.38
C LYS A 26 -11.04 -3.01 12.86
N ASN A 27 -11.85 -2.24 12.18
CA ASN A 27 -11.91 -2.36 10.70
C ASN A 27 -10.87 -1.42 10.08
N LYS A 28 -10.38 -1.78 8.92
CA LYS A 28 -9.35 -0.93 8.25
C LYS A 28 -9.75 -0.76 6.78
N LYS A 29 -10.15 -1.82 6.16
CA LYS A 29 -10.56 -1.76 4.72
C LYS A 29 -11.89 -1.00 4.61
N PHE A 30 -12.46 -0.62 5.70
CA PHE A 30 -13.76 0.11 5.68
C PHE A 30 -13.61 1.51 5.07
N MET A 31 -13.06 2.42 5.82
CA MET A 31 -12.84 3.80 5.33
C MET A 31 -11.58 3.84 4.46
N GLN A 32 -10.53 3.25 4.96
CA GLN A 32 -9.24 3.25 4.21
C GLN A 32 -9.33 2.30 3.01
N GLY A 33 -10.12 1.25 3.10
CA GLY A 33 -10.23 0.34 1.94
C GLY A 33 -10.99 1.05 0.82
N THR A 34 -12.13 1.60 1.14
CA THR A 34 -12.90 2.34 0.11
C THR A 34 -12.03 3.48 -0.40
N VAL A 35 -11.05 3.86 0.37
CA VAL A 35 -10.13 4.96 -0.03
C VAL A 35 -9.16 4.42 -1.10
N ALA A 36 -8.44 3.38 -0.80
CA ALA A 36 -7.48 2.82 -1.79
C ALA A 36 -8.17 2.69 -3.16
N VAL A 37 -9.31 2.04 -3.19
CA VAL A 37 -10.04 1.89 -4.48
C VAL A 37 -10.24 3.25 -5.13
N CYS A 38 -10.54 4.25 -4.34
CA CYS A 38 -10.73 5.60 -4.94
C CYS A 38 -9.48 5.91 -5.76
N ALA A 39 -8.37 5.40 -5.34
CA ALA A 39 -7.12 5.64 -6.10
C ALA A 39 -7.07 4.74 -7.35
N ARG A 40 -7.31 3.47 -7.17
CA ARG A 40 -7.25 2.52 -8.32
C ARG A 40 -7.87 3.15 -9.56
N ILE A 41 -8.96 3.84 -9.43
CA ILE A 41 -9.60 4.47 -10.62
C ILE A 41 -9.07 5.89 -10.85
N ALA A 42 -8.52 6.51 -9.84
CA ALA A 42 -8.01 7.91 -10.01
C ALA A 42 -6.55 7.89 -10.47
N VAL A 43 -5.96 6.74 -10.62
CA VAL A 43 -4.53 6.65 -11.03
C VAL A 43 -4.15 7.86 -11.88
N ALA A 44 -4.87 8.14 -12.92
CA ALA A 44 -4.51 9.30 -13.79
C ALA A 44 -3.35 8.87 -14.69
N SER A 45 -2.52 7.98 -14.20
CA SER A 45 -1.38 7.49 -15.01
C SER A 45 -1.89 6.82 -16.27
N ASP A 46 -1.54 5.59 -16.47
CA ASP A 46 -2.00 4.85 -17.68
C ASP A 46 -1.78 3.35 -17.47
N GLY A 47 -2.42 2.78 -16.50
CA GLY A 47 -2.24 1.32 -16.25
C GLY A 47 -3.41 0.78 -15.42
N VAL A 48 -3.88 1.55 -14.47
CA VAL A 48 -5.01 1.08 -13.62
C VAL A 48 -4.65 -0.29 -13.01
N SER A 49 -5.39 -0.71 -12.02
CA SER A 49 -5.08 -2.02 -11.38
C SER A 49 -6.38 -2.80 -11.17
N SER A 50 -6.58 -3.34 -10.00
CA SER A 50 -7.81 -4.12 -9.73
C SER A 50 -7.54 -5.10 -8.58
N GLU A 51 -6.97 -6.24 -8.89
CA GLU A 51 -6.66 -7.23 -7.81
C GLU A 51 -5.50 -6.71 -6.96
N GLU A 52 -4.66 -5.88 -7.50
CA GLU A 52 -3.51 -5.36 -6.71
C GLU A 52 -4.02 -4.37 -5.66
N LYS A 53 -4.79 -3.39 -6.06
CA LYS A 53 -5.31 -2.42 -5.06
C LYS A 53 -6.22 -3.18 -4.10
N GLN A 54 -7.12 -3.97 -4.62
CA GLN A 54 -8.02 -4.75 -3.72
C GLN A 54 -7.17 -5.50 -2.71
N LYS A 55 -6.09 -6.10 -3.16
CA LYS A 55 -5.20 -6.83 -2.21
C LYS A 55 -4.76 -5.85 -1.13
N MET A 56 -4.37 -4.66 -1.52
CA MET A 56 -3.94 -3.66 -0.52
C MET A 56 -5.04 -3.51 0.54
N ILE A 57 -6.28 -3.52 0.14
CA ILE A 57 -7.38 -3.41 1.14
C ILE A 57 -7.17 -4.47 2.21
N GLY A 58 -6.79 -5.66 1.80
CA GLY A 58 -6.54 -6.73 2.80
C GLY A 58 -5.44 -6.25 3.74
N PHE A 59 -4.41 -5.65 3.20
CA PHE A 59 -3.32 -5.14 4.07
C PHE A 59 -3.94 -4.18 5.09
N LEU A 60 -4.91 -3.42 4.67
CA LEU A 60 -5.58 -2.50 5.62
C LEU A 60 -6.08 -3.31 6.81
N ARG A 61 -6.68 -4.44 6.55
CA ARG A 61 -7.17 -5.29 7.67
C ARG A 61 -6.01 -5.45 8.65
N SER A 62 -4.80 -5.52 8.15
CA SER A 62 -3.62 -5.66 9.05
C SER A 62 -2.76 -4.40 8.99
N SER A 63 -3.21 -3.36 8.32
CA SER A 63 -2.40 -2.10 8.23
C SER A 63 -1.81 -1.75 9.59
N GLU A 64 -1.07 -0.68 9.64
CA GLU A 64 -0.46 -0.26 10.94
C GLU A 64 -1.56 0.17 11.91
N GLU A 65 -2.75 0.39 11.41
CA GLU A 65 -3.87 0.80 12.31
C GLU A 65 -3.81 -0.06 13.58
N LEU A 66 -3.07 -1.13 13.53
CA LEU A 66 -2.96 -2.01 14.73
C LEU A 66 -2.66 -1.14 15.95
N LYS A 67 -2.03 -0.02 15.73
CA LYS A 67 -1.69 0.89 16.86
C LYS A 67 -2.95 1.64 17.31
N VAL A 68 -3.63 2.30 16.40
CA VAL A 68 -4.85 3.07 16.77
C VAL A 68 -4.46 4.50 17.13
N PHE A 69 -3.64 5.15 16.33
CA PHE A 69 -3.23 6.54 16.68
C PHE A 69 -2.41 7.21 15.56
N ASP A 70 -1.26 6.68 15.23
CA ASP A 70 -0.41 7.34 14.18
C ASP A 70 -1.26 7.69 12.96
N THR A 71 -1.92 8.82 13.00
CA THR A 71 -2.76 9.26 11.86
C THR A 71 -1.87 9.36 10.62
N ALA A 72 -0.66 9.80 10.79
CA ALA A 72 0.27 9.92 9.63
C ALA A 72 0.39 8.56 8.95
N GLU A 73 0.68 7.54 9.71
CA GLU A 73 0.81 6.18 9.11
C GLU A 73 -0.41 5.87 8.25
N VAL A 74 -1.57 6.31 8.66
CA VAL A 74 -2.80 6.03 7.86
C VAL A 74 -2.73 6.82 6.55
N ILE A 75 -2.77 8.12 6.62
CA ILE A 75 -2.68 8.92 5.38
C ILE A 75 -1.42 8.47 4.65
N GLU A 76 -0.49 7.90 5.36
CA GLU A 76 0.75 7.43 4.70
C GLU A 76 0.37 6.40 3.63
N PHE A 77 -0.56 5.52 3.92
CA PHE A 77 -0.95 4.52 2.89
C PHE A 77 -1.72 5.22 1.78
N PHE A 78 -2.84 5.84 2.08
CA PHE A 78 -3.59 6.51 0.98
C PHE A 78 -2.72 7.60 0.34
N ASN A 79 -2.02 8.36 1.13
CA ASN A 79 -1.15 9.43 0.55
C ASN A 79 -0.27 8.84 -0.54
N LYS A 80 0.34 7.73 -0.27
CA LYS A 80 1.22 7.11 -1.29
C LYS A 80 0.35 6.56 -2.42
N LEU A 81 -0.77 5.96 -2.10
CA LEU A 81 -1.66 5.42 -3.16
C LEU A 81 -2.15 6.56 -4.06
N VAL A 82 -2.77 7.56 -3.51
CA VAL A 82 -3.28 8.67 -4.34
C VAL A 82 -2.13 9.38 -5.06
N THR A 83 -1.07 9.70 -4.38
CA THR A 83 0.06 10.41 -5.07
C THR A 83 0.93 9.41 -5.86
N SER A 84 1.24 8.28 -5.30
CA SER A 84 2.11 7.30 -6.02
C SER A 84 1.34 6.54 -7.10
N PHE A 85 0.11 6.18 -6.82
CA PHE A 85 -0.67 5.40 -7.84
C PHE A 85 -0.65 6.07 -9.21
N ASP A 86 0.08 7.13 -9.40
CA ASP A 86 0.08 7.74 -10.76
C ASP A 86 1.20 7.12 -11.60
N PHE A 87 1.55 5.91 -11.30
CA PHE A 87 2.60 5.18 -12.07
C PHE A 87 2.28 3.70 -12.02
N ASP A 88 2.63 3.04 -10.95
CA ASP A 88 2.32 1.59 -10.83
C ASP A 88 0.98 1.42 -10.12
N LEU A 89 -0.09 1.44 -10.85
CA LEU A 89 -1.42 1.30 -10.20
C LEU A 89 -1.47 -0.04 -9.46
N GLU A 90 -1.08 -1.10 -10.11
CA GLU A 90 -1.11 -2.43 -9.45
C GLU A 90 0.11 -2.62 -8.54
N ILE A 91 1.29 -2.35 -9.05
CA ILE A 91 2.53 -2.56 -8.24
C ILE A 91 2.71 -1.44 -7.20
N GLY A 92 2.23 -0.26 -7.47
CA GLY A 92 2.41 0.85 -6.50
C GLY A 92 1.80 0.49 -5.14
N LYS A 93 0.55 0.11 -5.13
CA LYS A 93 -0.11 -0.24 -3.84
C LYS A 93 0.31 -1.64 -3.36
N GLY A 94 0.88 -2.44 -4.23
CA GLY A 94 1.29 -3.81 -3.81
C GLY A 94 2.44 -3.77 -2.80
N GLU A 95 3.49 -3.03 -3.07
CA GLU A 95 4.64 -2.99 -2.11
C GLU A 95 4.40 -1.92 -1.04
N THR A 96 3.94 -0.77 -1.44
CA THR A 96 3.70 0.31 -0.46
C THR A 96 2.92 -0.22 0.73
N MET A 97 1.85 -0.93 0.48
CA MET A 97 1.04 -1.47 1.60
C MET A 97 1.94 -2.26 2.54
N LYS A 98 3.04 -2.76 2.03
CA LYS A 98 3.97 -3.56 2.86
C LYS A 98 4.74 -2.66 3.84
N TYR A 99 5.26 -1.55 3.38
CA TYR A 99 6.05 -0.70 4.32
C TYR A 99 5.15 -0.18 5.44
N ILE A 100 3.87 -0.01 5.21
CA ILE A 100 3.00 0.47 6.33
C ILE A 100 2.92 -0.64 7.38
N LEU A 101 2.56 -1.82 7.00
CA LEU A 101 2.47 -2.93 7.99
C LEU A 101 3.88 -3.28 8.45
N ALA A 102 4.75 -3.60 7.54
CA ALA A 102 6.14 -3.94 7.92
C ALA A 102 6.70 -2.80 8.76
N LEU A 103 7.25 -1.79 8.13
CA LEU A 103 7.82 -0.64 8.87
C LEU A 103 8.85 -1.15 9.87
N LYS A 104 8.79 -2.40 10.25
CA LYS A 104 9.79 -2.95 11.22
C LYS A 104 11.08 -2.16 11.06
N ASP A 105 11.45 -1.87 9.85
CA ASP A 105 12.69 -1.08 9.61
C ASP A 105 12.33 0.13 8.73
N GLN A 106 12.23 -0.07 7.45
CA GLN A 106 11.86 1.04 6.53
C GLN A 106 12.43 0.79 5.14
N PRO A 107 13.71 0.57 5.03
CA PRO A 107 14.37 0.33 3.72
C PRO A 107 14.02 -1.03 3.09
N GLU A 108 13.59 -2.00 3.87
CA GLU A 108 13.26 -3.32 3.27
C GLU A 108 11.98 -3.20 2.43
N ALA A 109 10.92 -2.73 3.02
CA ALA A 109 9.67 -2.56 2.25
C ALA A 109 9.93 -1.61 1.09
N ALA A 110 10.73 -0.61 1.33
CA ALA A 110 11.06 0.38 0.28
C ALA A 110 12.01 -0.26 -0.74
N GLN A 111 12.78 -1.24 -0.33
CA GLN A 111 13.70 -1.89 -1.30
C GLN A 111 12.85 -2.43 -2.43
N LEU A 112 11.71 -2.97 -2.09
CA LEU A 112 10.81 -3.48 -3.15
C LEU A 112 10.29 -2.28 -3.93
N ALA A 113 9.93 -1.23 -3.25
CA ALA A 113 9.46 -0.02 -3.97
C ALA A 113 10.49 0.29 -5.07
N LEU A 114 11.72 -0.12 -4.85
CA LEU A 114 12.80 0.11 -5.85
C LEU A 114 12.54 -0.77 -7.07
N ARG A 115 12.44 -2.06 -6.88
CA ARG A 115 12.17 -2.92 -8.04
C ARG A 115 10.92 -2.34 -8.71
N VAL A 116 9.93 -2.02 -7.94
CA VAL A 116 8.74 -1.40 -8.54
C VAL A 116 9.25 -0.27 -9.42
N GLY A 117 10.35 0.34 -9.04
CA GLY A 117 10.92 1.42 -9.87
C GLY A 117 11.03 0.89 -11.30
N ILE A 118 11.59 -0.28 -11.47
CA ILE A 118 11.69 -0.83 -12.85
C ILE A 118 10.30 -0.78 -13.46
N ALA A 119 9.28 -0.91 -12.66
CA ALA A 119 7.91 -0.85 -13.22
C ALA A 119 7.63 0.59 -13.64
N VAL A 120 8.22 1.56 -13.00
CA VAL A 120 7.98 2.95 -13.44
C VAL A 120 8.23 2.95 -14.94
N ALA A 121 9.24 2.24 -15.35
CA ALA A 121 9.48 2.11 -16.81
C ALA A 121 8.63 0.93 -17.30
N LYS A 122 8.19 0.12 -16.38
CA LYS A 122 7.36 -1.08 -16.72
C LYS A 122 6.14 -1.15 -15.79
N SER A 123 5.40 -0.07 -15.64
CA SER A 123 4.22 -0.08 -14.73
C SER A 123 3.49 -1.40 -14.82
N ASP A 124 3.77 -2.18 -15.82
CA ASP A 124 3.09 -3.49 -15.96
C ASP A 124 3.96 -4.42 -16.81
N GLY A 125 5.20 -4.59 -16.43
CA GLY A 125 6.09 -5.48 -17.23
C GLY A 125 7.16 -6.10 -16.30
N ASN A 126 7.59 -5.40 -15.30
CA ASN A 126 8.63 -5.96 -14.39
C ASN A 126 8.08 -6.05 -12.96
N PHE A 127 8.91 -6.45 -12.02
CA PHE A 127 8.44 -6.58 -10.61
C PHE A 127 7.77 -7.95 -10.44
N ASP A 128 7.49 -8.34 -9.23
CA ASP A 128 6.83 -9.65 -9.01
C ASP A 128 7.84 -10.78 -9.22
N ASP A 129 9.07 -10.44 -9.47
CA ASP A 129 10.10 -11.51 -9.68
C ASP A 129 11.23 -11.33 -8.67
N ASP A 130 11.61 -10.10 -8.40
CA ASP A 130 12.68 -9.88 -7.41
C ASP A 130 12.07 -10.02 -6.02
N GLU A 131 10.77 -9.92 -5.95
CA GLU A 131 10.08 -10.05 -4.65
C GLU A 131 10.53 -11.34 -3.95
N LYS A 132 10.58 -12.44 -4.65
CA LYS A 132 11.01 -13.70 -3.99
C LYS A 132 12.32 -13.45 -3.24
N SER A 133 13.24 -12.77 -3.85
CA SER A 133 14.52 -12.48 -3.14
C SER A 133 14.26 -11.37 -2.12
N ALA A 134 13.33 -10.50 -2.42
CA ALA A 134 13.00 -9.40 -1.48
C ALA A 134 12.38 -9.98 -0.21
N VAL A 135 11.33 -10.76 -0.35
CA VAL A 135 10.71 -11.36 0.86
C VAL A 135 11.79 -12.07 1.67
N ARG A 136 12.78 -12.63 1.03
CA ARG A 136 13.86 -13.32 1.79
C ARG A 136 14.47 -12.32 2.79
N GLU A 137 14.90 -11.19 2.30
CA GLU A 137 15.50 -10.16 3.20
C GLU A 137 14.40 -9.44 3.99
N ILE A 138 13.23 -9.34 3.43
CA ILE A 138 12.11 -8.64 4.13
C ILE A 138 11.64 -9.49 5.31
N ALA A 139 11.29 -10.72 5.07
CA ALA A 139 10.82 -11.60 6.17
C ALA A 139 11.89 -11.67 7.26
N ARG A 140 13.13 -11.73 6.87
CA ARG A 140 14.23 -11.80 7.89
C ARG A 140 14.45 -10.42 8.51
N SER A 141 14.63 -9.41 7.70
CA SER A 141 14.85 -8.04 8.26
C SER A 141 13.68 -7.65 9.16
N LEU A 142 12.48 -7.88 8.71
CA LEU A 142 11.30 -7.54 9.54
C LEU A 142 11.01 -8.70 10.51
N GLY A 143 10.66 -9.86 9.99
CA GLY A 143 10.40 -11.01 10.89
C GLY A 143 9.28 -11.89 10.34
N PHE A 144 9.26 -12.15 9.06
CA PHE A 144 8.18 -13.02 8.50
C PHE A 144 8.79 -14.35 8.00
N ASP A 145 8.40 -14.79 6.83
CA ASP A 145 8.95 -16.07 6.30
C ASP A 145 9.97 -15.79 5.19
N PRO A 146 11.20 -16.19 5.38
CA PRO A 146 12.29 -15.98 4.39
C PRO A 146 11.88 -16.37 2.95
N ALA A 147 11.54 -15.40 2.15
CA ALA A 147 11.15 -15.69 0.74
C ALA A 147 10.02 -16.72 0.72
N GLU A 148 8.87 -16.33 0.27
CA GLU A 148 7.75 -17.28 0.20
C GLU A 148 6.52 -16.59 -0.40
N PHE A 149 6.72 -15.57 -1.20
CA PHE A 149 5.54 -14.87 -1.79
C PHE A 149 5.77 -14.63 -3.28
N GLY A 150 6.47 -13.59 -3.64
CA GLY A 150 6.70 -13.31 -5.08
C GLY A 150 5.38 -12.93 -5.75
N LEU A 151 4.61 -12.07 -5.11
CA LEU A 151 3.30 -11.64 -5.68
C LEU A 151 3.29 -11.84 -7.20
N LEU A 152 2.95 -13.02 -7.65
CA LEU A 152 2.91 -13.27 -9.12
C LEU A 152 1.61 -13.96 -9.49
N GLU A 153 0.50 -13.41 -9.08
CA GLU A 153 -0.81 -14.03 -9.40
C GLU A 153 -0.98 -14.11 -10.93
N MET A 1 -21.06 7.68 -3.77
CA MET A 1 -19.83 7.20 -4.48
C MET A 1 -18.68 8.19 -4.25
N SER A 2 -17.60 7.72 -3.69
CA SER A 2 -16.44 8.64 -3.44
C SER A 2 -15.40 8.45 -4.55
N PHE A 3 -14.79 9.52 -4.98
CA PHE A 3 -13.76 9.41 -6.06
C PHE A 3 -12.55 10.28 -5.69
N PHE A 4 -11.82 10.73 -6.68
CA PHE A 4 -10.63 11.57 -6.39
C PHE A 4 -11.01 12.65 -5.35
N ASP A 5 -10.05 13.06 -4.55
CA ASP A 5 -10.37 14.10 -3.52
C ASP A 5 -9.17 15.05 -3.40
N LYS A 6 -8.55 15.42 -4.49
CA LYS A 6 -7.39 16.34 -4.41
C LYS A 6 -6.56 15.99 -3.18
N VAL A 7 -6.61 14.75 -2.77
CA VAL A 7 -5.85 14.32 -1.56
C VAL A 7 -4.35 14.43 -1.82
N LYS A 8 -3.84 13.67 -2.75
CA LYS A 8 -2.38 13.71 -3.04
C LYS A 8 -1.60 13.61 -1.72
N GLY A 9 -2.29 13.41 -0.64
CA GLY A 9 -1.61 13.29 0.68
C GLY A 9 -2.34 14.15 1.71
N ALA A 10 -3.52 13.74 2.10
CA ALA A 10 -4.31 14.52 3.10
C ALA A 10 -5.79 14.33 2.81
N LEU A 11 -6.50 13.65 3.66
CA LEU A 11 -7.95 13.43 3.41
C LEU A 11 -8.76 13.68 4.68
N THR A 12 -10.03 13.40 4.65
CA THR A 12 -10.87 13.63 5.86
C THR A 12 -10.14 13.15 7.12
N SER A 13 -10.68 13.44 8.26
CA SER A 13 -10.05 13.01 9.54
C SER A 13 -9.92 11.47 9.57
N GLY A 14 -10.16 10.84 8.46
CA GLY A 14 -10.07 9.34 8.42
C GLY A 14 -8.81 8.87 9.12
N ARG A 15 -7.76 9.66 9.11
CA ARG A 15 -6.50 9.21 9.76
C ARG A 15 -6.66 9.10 11.28
N GLU A 16 -6.95 10.18 11.95
CA GLU A 16 -7.07 10.12 13.44
C GLU A 16 -8.46 9.67 13.85
N GLU A 17 -9.46 10.02 13.09
CA GLU A 17 -10.85 9.64 13.45
C GLU A 17 -11.10 8.14 13.19
N LEU A 18 -10.84 7.67 12.01
CA LEU A 18 -11.11 6.24 11.72
C LEU A 18 -10.06 5.29 12.33
N THR A 19 -8.83 5.71 12.45
CA THR A 19 -7.82 4.77 13.03
C THR A 19 -8.00 4.71 14.55
N ARG A 20 -7.98 5.82 15.23
CA ARG A 20 -8.16 5.80 16.71
C ARG A 20 -9.46 5.04 17.04
N GLN A 21 -10.49 5.26 16.27
CA GLN A 21 -11.78 4.57 16.52
C GLN A 21 -11.67 3.10 16.12
N VAL A 22 -10.70 2.76 15.33
CA VAL A 22 -10.54 1.35 14.89
C VAL A 22 -10.69 0.43 16.10
N GLY A 23 -10.31 0.87 17.26
CA GLY A 23 -10.45 0.01 18.47
C GLY A 23 -11.89 -0.53 18.53
N ARG A 24 -12.77 0.04 17.75
CA ARG A 24 -14.18 -0.42 17.75
C ARG A 24 -14.53 -0.95 16.36
N TYR A 25 -13.77 -0.59 15.37
CA TYR A 25 -14.06 -1.07 13.98
C TYR A 25 -13.03 -2.14 13.60
N LYS A 26 -11.79 -1.95 13.96
CA LYS A 26 -10.74 -2.96 13.63
C LYS A 26 -10.50 -3.02 12.12
N ASN A 27 -11.54 -2.99 11.32
CA ASN A 27 -11.35 -3.06 9.85
C ASN A 27 -10.88 -1.70 9.32
N LYS A 28 -9.72 -1.65 8.71
CA LYS A 28 -9.23 -0.35 8.18
C LYS A 28 -9.64 -0.21 6.71
N LYS A 29 -10.00 -1.30 6.10
CA LYS A 29 -10.43 -1.27 4.67
C LYS A 29 -11.75 -0.55 4.52
N PHE A 30 -12.38 -0.22 5.61
CA PHE A 30 -13.70 0.46 5.55
C PHE A 30 -13.59 1.87 4.95
N MET A 31 -13.07 2.80 5.70
CA MET A 31 -12.89 4.19 5.20
C MET A 31 -11.63 4.28 4.37
N GLN A 32 -10.54 3.74 4.85
CA GLN A 32 -9.26 3.82 4.11
C GLN A 32 -9.32 2.88 2.89
N GLY A 33 -10.07 1.80 2.97
CA GLY A 33 -10.16 0.89 1.79
C GLY A 33 -10.92 1.62 0.68
N THR A 34 -12.06 2.15 1.00
CA THR A 34 -12.83 2.89 -0.03
C THR A 34 -11.94 4.03 -0.55
N VAL A 35 -10.98 4.41 0.23
CA VAL A 35 -10.05 5.50 -0.17
C VAL A 35 -9.07 4.94 -1.22
N ALA A 36 -8.36 3.90 -0.88
CA ALA A 36 -7.39 3.31 -1.86
C ALA A 36 -8.07 3.17 -3.22
N VAL A 37 -9.23 2.56 -3.26
CA VAL A 37 -9.92 2.39 -4.58
C VAL A 37 -10.07 3.76 -5.24
N CYS A 38 -10.35 4.79 -4.47
CA CYS A 38 -10.45 6.13 -5.09
C CYS A 38 -9.18 6.38 -5.89
N ALA A 39 -8.10 5.80 -5.45
CA ALA A 39 -6.82 5.97 -6.18
C ALA A 39 -6.78 5.04 -7.39
N ARG A 40 -7.09 3.79 -7.19
CA ARG A 40 -7.04 2.79 -8.29
C ARG A 40 -7.58 3.40 -9.60
N ILE A 41 -8.65 4.12 -9.56
CA ILE A 41 -9.17 4.71 -10.84
C ILE A 41 -8.60 6.11 -11.05
N ALA A 42 -8.12 6.76 -10.03
CA ALA A 42 -7.58 8.13 -10.21
C ALA A 42 -6.09 8.06 -10.57
N VAL A 43 -5.55 6.87 -10.64
CA VAL A 43 -4.09 6.72 -10.98
C VAL A 43 -3.64 7.84 -11.92
N ALA A 44 -4.53 8.34 -12.73
CA ALA A 44 -4.14 9.44 -13.67
C ALA A 44 -2.95 9.00 -14.52
N SER A 45 -2.34 7.89 -14.18
CA SER A 45 -1.17 7.41 -14.97
C SER A 45 -1.67 6.78 -16.27
N ASP A 46 -1.04 5.74 -16.69
CA ASP A 46 -1.45 5.05 -17.94
C ASP A 46 -1.47 3.54 -17.72
N GLY A 47 -2.33 3.07 -16.85
CA GLY A 47 -2.39 1.61 -16.60
C GLY A 47 -3.62 1.27 -15.76
N VAL A 48 -3.74 1.85 -14.60
CA VAL A 48 -4.91 1.55 -13.72
C VAL A 48 -4.79 0.13 -13.19
N SER A 49 -5.38 -0.14 -12.05
CA SER A 49 -5.30 -1.50 -11.46
C SER A 49 -6.69 -2.03 -11.15
N SER A 50 -6.86 -2.65 -10.01
CA SER A 50 -8.18 -3.20 -9.62
C SER A 50 -7.96 -4.36 -8.66
N GLU A 51 -7.38 -5.43 -9.14
CA GLU A 51 -7.09 -6.58 -8.25
C GLU A 51 -5.96 -6.22 -7.30
N GLU A 52 -5.01 -5.44 -7.74
CA GLU A 52 -3.88 -5.07 -6.84
C GLU A 52 -4.39 -4.10 -5.77
N LYS A 53 -5.05 -3.05 -6.15
CA LYS A 53 -5.57 -2.10 -5.13
C LYS A 53 -6.39 -2.89 -4.12
N GLN A 54 -7.24 -3.75 -4.62
CA GLN A 54 -8.09 -4.57 -3.73
C GLN A 54 -7.19 -5.29 -2.72
N LYS A 55 -6.09 -5.84 -3.17
CA LYS A 55 -5.17 -6.53 -2.23
C LYS A 55 -4.72 -5.53 -1.17
N MET A 56 -4.32 -4.36 -1.60
CA MET A 56 -3.87 -3.33 -0.63
C MET A 56 -4.98 -3.11 0.41
N ILE A 57 -6.22 -3.20 0.02
CA ILE A 57 -7.31 -3.01 1.02
C ILE A 57 -7.15 -4.05 2.12
N GLY A 58 -6.81 -5.26 1.76
CA GLY A 58 -6.61 -6.31 2.80
C GLY A 58 -5.53 -5.82 3.77
N PHE A 59 -4.49 -5.24 3.23
CA PHE A 59 -3.40 -4.70 4.09
C PHE A 59 -4.02 -3.75 5.10
N LEU A 60 -4.96 -2.94 4.67
CA LEU A 60 -5.62 -2.00 5.60
C LEU A 60 -6.13 -2.80 6.80
N ARG A 61 -6.76 -3.91 6.56
CA ARG A 61 -7.26 -4.74 7.68
C ARG A 61 -6.11 -4.94 8.68
N SER A 62 -4.92 -5.10 8.18
CA SER A 62 -3.76 -5.29 9.11
C SER A 62 -2.81 -4.08 9.04
N SER A 63 -3.19 -3.04 8.34
CA SER A 63 -2.30 -1.85 8.22
C SER A 63 -1.70 -1.49 9.58
N GLU A 64 -0.89 -0.46 9.61
CA GLU A 64 -0.26 -0.04 10.90
C GLU A 64 -1.36 0.37 11.89
N GLU A 65 -2.53 0.67 11.39
CA GLU A 65 -3.64 1.06 12.29
C GLU A 65 -3.67 0.14 13.52
N LEU A 66 -2.95 -0.95 13.47
CA LEU A 66 -2.94 -1.87 14.64
C LEU A 66 -2.72 -1.05 15.90
N LYS A 67 -2.23 0.14 15.75
CA LYS A 67 -1.97 1.01 16.94
C LYS A 67 -3.25 1.75 17.34
N VAL A 68 -3.92 2.37 16.40
CA VAL A 68 -5.19 3.11 16.74
C VAL A 68 -4.82 4.55 17.13
N PHE A 69 -4.02 5.23 16.34
CA PHE A 69 -3.64 6.62 16.72
C PHE A 69 -2.78 7.29 15.62
N ASP A 70 -1.63 6.75 15.32
CA ASP A 70 -0.73 7.40 14.31
C ASP A 70 -1.53 7.79 13.07
N THR A 71 -2.15 8.93 13.10
CA THR A 71 -2.93 9.41 11.93
C THR A 71 -1.97 9.68 10.77
N ALA A 72 -0.77 10.13 11.08
CA ALA A 72 0.21 10.41 10.01
C ALA A 72 0.53 9.11 9.26
N GLU A 73 0.42 8.00 9.93
CA GLU A 73 0.71 6.69 9.27
C GLU A 73 -0.45 6.35 8.33
N VAL A 74 -1.65 6.70 8.72
CA VAL A 74 -2.83 6.39 7.84
C VAL A 74 -2.70 7.17 6.54
N ILE A 75 -2.72 8.48 6.61
CA ILE A 75 -2.57 9.28 5.37
C ILE A 75 -1.33 8.81 4.64
N GLU A 76 -0.41 8.22 5.35
CA GLU A 76 0.83 7.73 4.71
C GLU A 76 0.48 6.69 3.66
N PHE A 77 -0.46 5.81 3.95
CA PHE A 77 -0.83 4.79 2.94
C PHE A 77 -1.59 5.45 1.81
N PHE A 78 -2.72 6.07 2.08
CA PHE A 78 -3.46 6.71 0.96
C PHE A 78 -2.58 7.77 0.28
N ASN A 79 -1.93 8.58 1.05
CA ASN A 79 -1.05 9.63 0.44
C ASN A 79 -0.12 8.97 -0.58
N LYS A 80 0.61 7.98 -0.18
CA LYS A 80 1.52 7.31 -1.13
C LYS A 80 0.68 6.71 -2.27
N LEU A 81 -0.51 6.26 -1.97
CA LEU A 81 -1.37 5.67 -3.04
C LEU A 81 -1.76 6.76 -4.05
N VAL A 82 -2.33 7.84 -3.61
CA VAL A 82 -2.75 8.91 -4.57
C VAL A 82 -1.54 9.51 -5.29
N THR A 83 -0.51 9.87 -4.59
CA THR A 83 0.66 10.50 -5.27
C THR A 83 1.47 9.44 -6.06
N SER A 84 1.70 8.30 -5.47
CA SER A 84 2.50 7.26 -6.18
C SER A 84 1.68 6.52 -7.25
N PHE A 85 0.45 6.22 -6.98
CA PHE A 85 -0.37 5.46 -7.98
C PHE A 85 -0.35 6.12 -9.35
N ASP A 86 0.43 7.14 -9.56
CA ASP A 86 0.44 7.77 -10.91
C ASP A 86 1.50 7.08 -11.78
N PHE A 87 1.95 5.94 -11.35
CA PHE A 87 2.97 5.18 -12.15
C PHE A 87 2.61 3.70 -12.05
N ASP A 88 2.95 3.09 -10.94
CA ASP A 88 2.63 1.65 -10.77
C ASP A 88 1.26 1.50 -10.12
N LEU A 89 0.22 1.59 -10.89
CA LEU A 89 -1.14 1.48 -10.31
C LEU A 89 -1.26 0.14 -9.57
N GLU A 90 -0.95 -0.94 -10.23
CA GLU A 90 -1.06 -2.27 -9.56
C GLU A 90 0.15 -2.52 -8.64
N ILE A 91 1.34 -2.29 -9.13
CA ILE A 91 2.57 -2.55 -8.31
C ILE A 91 2.78 -1.44 -7.28
N GLY A 92 2.34 -0.25 -7.56
CA GLY A 92 2.56 0.87 -6.58
C GLY A 92 1.92 0.54 -5.23
N LYS A 93 0.67 0.18 -5.22
CA LYS A 93 0.00 -0.14 -3.92
C LYS A 93 0.41 -1.53 -3.44
N GLY A 94 0.92 -2.35 -4.31
CA GLY A 94 1.31 -3.74 -3.89
C GLY A 94 2.44 -3.70 -2.86
N GLU A 95 3.51 -2.98 -3.11
CA GLU A 95 4.64 -2.96 -2.13
C GLU A 95 4.42 -1.86 -1.08
N THR A 96 4.00 -0.70 -1.49
CA THR A 96 3.81 0.40 -0.50
C THR A 96 2.98 -0.10 0.69
N MET A 97 1.86 -0.72 0.44
CA MET A 97 1.02 -1.22 1.55
C MET A 97 1.89 -2.09 2.47
N LYS A 98 2.96 -2.60 1.95
CA LYS A 98 3.85 -3.47 2.76
C LYS A 98 4.69 -2.64 3.74
N TYR A 99 5.23 -1.53 3.33
CA TYR A 99 6.06 -0.74 4.28
C TYR A 99 5.19 -0.19 5.41
N ILE A 100 3.93 0.08 5.17
CA ILE A 100 3.09 0.59 6.29
C ILE A 100 2.94 -0.51 7.33
N LEU A 101 2.56 -1.70 6.90
CA LEU A 101 2.42 -2.81 7.88
C LEU A 101 3.80 -3.25 8.34
N ALA A 102 4.65 -3.61 7.42
CA ALA A 102 6.02 -4.03 7.80
C ALA A 102 6.64 -2.94 8.68
N LEU A 103 7.25 -1.96 8.06
CA LEU A 103 7.87 -0.86 8.86
C LEU A 103 8.88 -1.45 9.85
N LYS A 104 8.73 -2.70 10.19
CA LYS A 104 9.68 -3.33 11.16
C LYS A 104 11.03 -2.62 11.05
N ASP A 105 11.45 -2.35 9.84
CA ASP A 105 12.74 -1.65 9.63
C ASP A 105 12.49 -0.40 8.78
N GLN A 106 12.42 -0.55 7.49
CA GLN A 106 12.15 0.62 6.60
C GLN A 106 12.65 0.33 5.18
N PRO A 107 13.94 0.15 5.02
CA PRO A 107 14.56 -0.14 3.69
C PRO A 107 14.11 -1.47 3.08
N GLU A 108 13.62 -2.38 3.89
CA GLU A 108 13.21 -3.69 3.31
C GLU A 108 11.94 -3.51 2.48
N ALA A 109 10.92 -2.94 3.05
CA ALA A 109 9.67 -2.71 2.27
C ALA A 109 9.98 -1.80 1.10
N ALA A 110 10.83 -0.83 1.31
CA ALA A 110 11.20 0.09 0.21
C ALA A 110 12.02 -0.66 -0.83
N GLN A 111 12.81 -1.62 -0.41
CA GLN A 111 13.62 -2.39 -1.40
C GLN A 111 12.68 -2.89 -2.47
N LEU A 112 11.60 -3.53 -2.08
CA LEU A 112 10.63 -4.00 -3.09
C LEU A 112 10.20 -2.80 -3.92
N ALA A 113 9.96 -1.69 -3.27
CA ALA A 113 9.57 -0.46 -4.01
C ALA A 113 10.63 -0.16 -5.08
N LEU A 114 11.85 -0.59 -4.85
CA LEU A 114 12.92 -0.32 -5.85
C LEU A 114 12.66 -1.16 -7.11
N ARG A 115 12.54 -2.45 -6.96
CA ARG A 115 12.24 -3.26 -8.16
C ARG A 115 11.00 -2.65 -8.79
N VAL A 116 10.01 -2.35 -8.01
CA VAL A 116 8.83 -1.69 -8.59
C VAL A 116 9.36 -0.55 -9.46
N GLY A 117 10.46 0.02 -9.06
CA GLY A 117 11.06 1.11 -9.88
C GLY A 117 11.17 0.60 -11.31
N ILE A 118 11.71 -0.59 -11.49
CA ILE A 118 11.82 -1.11 -12.88
C ILE A 118 10.44 -1.02 -13.51
N ALA A 119 9.40 -1.13 -12.73
CA ALA A 119 8.04 -1.02 -13.31
C ALA A 119 7.83 0.42 -13.73
N VAL A 120 8.46 1.37 -13.09
CA VAL A 120 8.27 2.77 -13.55
C VAL A 120 8.54 2.75 -15.04
N ALA A 121 9.53 1.99 -15.43
CA ALA A 121 9.78 1.84 -16.88
C ALA A 121 8.89 0.71 -17.38
N LYS A 122 8.40 -0.10 -16.47
CA LYS A 122 7.52 -1.24 -16.83
C LYS A 122 6.29 -1.27 -15.90
N SER A 123 5.61 -0.18 -15.75
CA SER A 123 4.42 -0.13 -14.83
C SER A 123 3.64 -1.44 -14.93
N ASP A 124 3.89 -2.21 -15.93
CA ASP A 124 3.16 -3.51 -16.07
C ASP A 124 4.00 -4.46 -16.92
N GLY A 125 5.23 -4.69 -16.54
CA GLY A 125 6.09 -5.62 -17.33
C GLY A 125 7.14 -6.26 -16.42
N ASN A 126 7.60 -5.55 -15.42
CA ASN A 126 8.63 -6.15 -14.52
C ASN A 126 8.10 -6.24 -13.08
N PHE A 127 8.92 -6.66 -12.16
CA PHE A 127 8.47 -6.80 -10.74
C PHE A 127 7.89 -8.19 -10.54
N ASP A 128 7.80 -8.64 -9.32
CA ASP A 128 7.23 -9.98 -9.05
C ASP A 128 8.30 -11.04 -9.31
N ASP A 129 9.45 -10.65 -9.78
CA ASP A 129 10.53 -11.64 -10.03
C ASP A 129 11.54 -11.61 -8.88
N ASP A 130 11.88 -10.45 -8.40
CA ASP A 130 12.85 -10.37 -7.27
C ASP A 130 12.08 -10.52 -5.97
N GLU A 131 10.79 -10.31 -6.00
CA GLU A 131 9.97 -10.44 -4.77
C GLU A 131 10.28 -11.78 -4.09
N LYS A 132 10.68 -12.76 -4.84
CA LYS A 132 11.00 -14.09 -4.20
C LYS A 132 12.28 -13.96 -3.39
N SER A 133 13.29 -13.35 -3.96
CA SER A 133 14.56 -13.17 -3.20
C SER A 133 14.37 -12.00 -2.26
N ALA A 134 13.55 -11.06 -2.65
CA ALA A 134 13.29 -9.87 -1.79
C ALA A 134 12.50 -10.31 -0.56
N VAL A 135 11.39 -10.97 -0.74
CA VAL A 135 10.61 -11.43 0.43
C VAL A 135 11.53 -12.26 1.32
N ARG A 136 12.44 -12.99 0.73
CA ARG A 136 13.38 -13.80 1.53
C ARG A 136 14.03 -12.90 2.58
N GLU A 137 14.60 -11.81 2.15
CA GLU A 137 15.25 -10.87 3.11
C GLU A 137 14.19 -10.08 3.87
N ILE A 138 13.04 -9.85 3.27
CA ILE A 138 11.98 -9.07 3.97
C ILE A 138 11.43 -9.90 5.15
N ALA A 139 10.97 -11.08 4.88
CA ALA A 139 10.42 -11.93 5.96
C ALA A 139 11.47 -12.09 7.07
N ARG A 140 12.70 -12.27 6.71
CA ARG A 140 13.76 -12.44 7.74
C ARG A 140 14.07 -11.08 8.39
N SER A 141 14.17 -10.04 7.61
CA SER A 141 14.48 -8.71 8.21
C SER A 141 13.32 -8.26 9.11
N LEU A 142 12.12 -8.40 8.64
CA LEU A 142 10.94 -7.99 9.46
C LEU A 142 10.57 -9.15 10.41
N GLY A 143 10.18 -10.27 9.87
CA GLY A 143 9.83 -11.41 10.76
C GLY A 143 8.71 -12.27 10.13
N PHE A 144 8.68 -12.41 8.84
CA PHE A 144 7.60 -13.24 8.22
C PHE A 144 8.20 -14.55 7.69
N ASP A 145 7.50 -15.22 6.82
CA ASP A 145 8.03 -16.51 6.26
C ASP A 145 9.28 -16.21 5.43
N PRO A 146 10.42 -16.65 5.89
CA PRO A 146 11.71 -16.41 5.16
C PRO A 146 11.65 -16.80 3.68
N ALA A 147 11.07 -15.95 2.87
CA ALA A 147 11.01 -16.25 1.40
C ALA A 147 9.86 -17.20 1.10
N GLU A 148 8.96 -16.80 0.24
CA GLU A 148 7.83 -17.69 -0.12
C GLU A 148 6.66 -16.87 -0.67
N PHE A 149 6.94 -15.79 -1.38
CA PHE A 149 5.80 -14.97 -1.91
C PHE A 149 5.90 -14.88 -3.43
N GLY A 150 6.88 -14.18 -3.92
CA GLY A 150 7.01 -14.04 -5.39
C GLY A 150 5.62 -13.90 -6.02
N LEU A 151 4.95 -12.82 -5.74
CA LEU A 151 3.58 -12.62 -6.32
C LEU A 151 3.44 -13.44 -7.60
N LEU A 152 3.87 -12.91 -8.71
CA LEU A 152 3.76 -13.66 -10.00
C LEU A 152 2.51 -14.55 -9.98
N GLU A 153 1.44 -14.05 -9.41
CA GLU A 153 0.19 -14.86 -9.37
C GLU A 153 -0.92 -14.14 -10.15
N MET A 1 -20.05 9.63 -3.63
CA MET A 1 -19.81 10.87 -4.40
C MET A 1 -18.34 11.29 -4.27
N SER A 2 -17.85 12.05 -5.21
CA SER A 2 -16.43 12.49 -5.14
C SER A 2 -15.52 11.26 -5.00
N PHE A 3 -15.47 10.44 -6.01
CA PHE A 3 -14.62 9.22 -5.94
C PHE A 3 -13.23 9.62 -5.45
N PHE A 4 -12.43 10.22 -6.28
CA PHE A 4 -11.07 10.64 -5.87
C PHE A 4 -11.12 12.05 -5.27
N ASP A 5 -10.14 12.40 -4.48
CA ASP A 5 -10.14 13.76 -3.87
C ASP A 5 -8.77 14.40 -4.07
N LYS A 6 -8.72 15.66 -4.41
CA LYS A 6 -7.40 16.33 -4.60
C LYS A 6 -6.62 16.22 -3.30
N VAL A 7 -6.15 15.04 -2.98
CA VAL A 7 -5.39 14.85 -1.71
C VAL A 7 -3.90 14.74 -2.00
N LYS A 8 -3.51 13.92 -2.93
CA LYS A 8 -2.06 13.77 -3.22
C LYS A 8 -1.33 13.58 -1.88
N GLY A 9 -2.07 13.40 -0.83
CA GLY A 9 -1.44 13.21 0.51
C GLY A 9 -2.14 14.11 1.53
N ALA A 10 -3.34 13.77 1.90
CA ALA A 10 -4.10 14.60 2.89
C ALA A 10 -5.60 14.46 2.61
N LEU A 11 -6.31 13.74 3.44
CA LEU A 11 -7.77 13.57 3.20
C LEU A 11 -8.55 13.85 4.48
N THR A 12 -9.84 13.62 4.45
CA THR A 12 -10.68 13.88 5.65
C THR A 12 -9.96 13.37 6.91
N SER A 13 -10.50 13.67 8.06
CA SER A 13 -9.88 13.21 9.34
C SER A 13 -9.80 11.68 9.35
N GLY A 14 -10.07 11.05 8.24
CA GLY A 14 -10.03 9.56 8.18
C GLY A 14 -8.75 9.02 8.83
N ARG A 15 -7.67 9.74 8.78
CA ARG A 15 -6.40 9.22 9.38
C ARG A 15 -6.48 9.19 10.91
N GLU A 16 -6.74 10.30 11.54
CA GLU A 16 -6.79 10.31 13.03
C GLU A 16 -8.17 9.85 13.53
N GLU A 17 -9.21 10.25 12.87
CA GLU A 17 -10.58 9.88 13.34
C GLU A 17 -10.86 8.39 13.09
N LEU A 18 -10.63 7.91 11.90
CA LEU A 18 -10.93 6.47 11.62
C LEU A 18 -9.86 5.53 12.18
N THR A 19 -8.60 5.86 12.10
CA THR A 19 -7.60 4.90 12.65
C THR A 19 -7.80 4.79 14.16
N ARG A 20 -7.80 5.89 14.85
CA ARG A 20 -8.02 5.85 16.32
C ARG A 20 -9.31 5.07 16.59
N GLN A 21 -10.27 5.20 15.72
CA GLN A 21 -11.56 4.48 15.91
C GLN A 21 -11.31 2.98 15.80
N VAL A 22 -10.21 2.59 15.21
CA VAL A 22 -9.92 1.14 15.05
C VAL A 22 -10.20 0.40 16.37
N GLY A 23 -10.03 1.06 17.47
CA GLY A 23 -10.30 0.38 18.78
C GLY A 23 -11.76 -0.08 18.83
N ARG A 24 -12.50 0.08 17.76
CA ARG A 24 -13.93 -0.34 17.76
C ARG A 24 -14.35 -0.76 16.36
N TYR A 25 -13.42 -0.90 15.46
CA TYR A 25 -13.76 -1.30 14.07
C TYR A 25 -12.92 -2.51 13.66
N LYS A 26 -11.66 -2.50 14.00
CA LYS A 26 -10.79 -3.66 13.62
C LYS A 26 -10.66 -3.74 12.10
N ASN A 27 -11.66 -3.32 11.38
CA ASN A 27 -11.59 -3.36 9.90
C ASN A 27 -11.11 -2.01 9.39
N LYS A 28 -9.93 -1.95 8.84
CA LYS A 28 -9.41 -0.64 8.33
C LYS A 28 -9.74 -0.49 6.85
N LYS A 29 -10.14 -1.57 6.21
CA LYS A 29 -10.50 -1.51 4.77
C LYS A 29 -11.81 -0.75 4.60
N PHE A 30 -12.40 -0.37 5.70
CA PHE A 30 -13.71 0.34 5.64
C PHE A 30 -13.57 1.74 5.00
N MET A 31 -13.04 2.68 5.74
CA MET A 31 -12.83 4.05 5.21
C MET A 31 -11.55 4.07 4.38
N GLN A 32 -10.49 3.50 4.91
CA GLN A 32 -9.20 3.50 4.18
C GLN A 32 -9.27 2.53 3.00
N GLY A 33 -10.05 1.48 3.11
CA GLY A 33 -10.13 0.53 1.96
C GLY A 33 -10.86 1.21 0.82
N THR A 34 -12.01 1.77 1.09
CA THR A 34 -12.75 2.48 0.01
C THR A 34 -11.88 3.62 -0.50
N VAL A 35 -10.93 4.05 0.29
CA VAL A 35 -10.02 5.14 -0.11
C VAL A 35 -9.03 4.62 -1.15
N ALA A 36 -8.34 3.55 -0.84
CA ALA A 36 -7.37 2.98 -1.81
C ALA A 36 -8.06 2.84 -3.16
N VAL A 37 -9.22 2.26 -3.18
CA VAL A 37 -9.97 2.09 -4.45
C VAL A 37 -10.11 3.46 -5.12
N CYS A 38 -10.36 4.49 -4.37
CA CYS A 38 -10.48 5.83 -4.98
C CYS A 38 -9.23 6.07 -5.81
N ALA A 39 -8.13 5.49 -5.40
CA ALA A 39 -6.88 5.66 -6.15
C ALA A 39 -6.88 4.72 -7.37
N ARG A 40 -7.15 3.47 -7.16
CA ARG A 40 -7.14 2.48 -8.29
C ARG A 40 -7.77 3.08 -9.54
N ILE A 41 -8.81 3.85 -9.41
CA ILE A 41 -9.46 4.42 -10.62
C ILE A 41 -8.85 5.79 -10.96
N ALA A 42 -8.31 6.50 -10.00
CA ALA A 42 -7.73 7.84 -10.29
C ALA A 42 -6.25 7.72 -10.68
N VAL A 43 -5.71 6.52 -10.66
CA VAL A 43 -4.26 6.34 -11.01
C VAL A 43 -3.81 7.38 -12.04
N ALA A 44 -4.65 7.74 -12.97
CA ALA A 44 -4.24 8.74 -13.99
C ALA A 44 -3.22 8.10 -14.93
N SER A 45 -2.26 7.38 -14.39
CA SER A 45 -1.23 6.72 -15.24
C SER A 45 -1.93 6.07 -16.44
N ASP A 46 -3.19 5.76 -16.28
CA ASP A 46 -3.97 5.13 -17.40
C ASP A 46 -3.82 3.60 -17.36
N GLY A 47 -2.94 3.08 -16.55
CA GLY A 47 -2.77 1.60 -16.50
C GLY A 47 -3.87 1.00 -15.61
N VAL A 48 -4.12 1.60 -14.48
CA VAL A 48 -5.18 1.09 -13.56
C VAL A 48 -4.82 -0.31 -13.06
N SER A 49 -5.51 -0.77 -12.05
CA SER A 49 -5.21 -2.12 -11.49
C SER A 49 -6.52 -2.86 -11.20
N SER A 50 -6.66 -3.40 -10.02
CA SER A 50 -7.90 -4.14 -9.67
C SER A 50 -7.57 -5.14 -8.57
N GLU A 51 -6.85 -6.18 -8.89
CA GLU A 51 -6.50 -7.19 -7.86
C GLU A 51 -5.45 -6.62 -6.90
N GLU A 52 -4.57 -5.78 -7.39
CA GLU A 52 -3.52 -5.20 -6.49
C GLU A 52 -4.15 -4.19 -5.52
N LYS A 53 -4.90 -3.24 -6.01
CA LYS A 53 -5.53 -2.26 -5.07
C LYS A 53 -6.33 -3.05 -4.05
N GLN A 54 -7.15 -3.95 -4.51
CA GLN A 54 -7.95 -4.78 -3.58
C GLN A 54 -7.01 -5.45 -2.57
N LYS A 55 -5.89 -5.94 -3.03
CA LYS A 55 -4.92 -6.58 -2.10
C LYS A 55 -4.55 -5.56 -1.02
N MET A 56 -4.22 -4.35 -1.43
CA MET A 56 -3.87 -3.31 -0.45
C MET A 56 -4.97 -3.20 0.60
N ILE A 57 -6.21 -3.30 0.20
CA ILE A 57 -7.31 -3.21 1.20
C ILE A 57 -7.07 -4.25 2.29
N GLY A 58 -6.75 -5.47 1.92
CA GLY A 58 -6.48 -6.50 2.96
C GLY A 58 -5.38 -5.99 3.88
N PHE A 59 -4.35 -5.41 3.31
CA PHE A 59 -3.24 -4.87 4.14
C PHE A 59 -3.84 -3.89 5.14
N LEU A 60 -4.82 -3.13 4.73
CA LEU A 60 -5.47 -2.18 5.66
C LEU A 60 -5.93 -2.95 6.90
N ARG A 61 -6.61 -4.04 6.69
CA ARG A 61 -7.09 -4.83 7.86
C ARG A 61 -5.91 -5.03 8.80
N SER A 62 -4.73 -5.17 8.27
CA SER A 62 -3.53 -5.35 9.15
C SER A 62 -2.62 -4.13 9.05
N SER A 63 -3.04 -3.10 8.35
CA SER A 63 -2.20 -1.87 8.21
C SER A 63 -1.59 -1.49 9.55
N GLU A 64 -0.82 -0.44 9.59
CA GLU A 64 -0.21 0.00 10.87
C GLU A 64 -1.31 0.48 11.80
N GLU A 65 -2.47 0.74 11.26
CA GLU A 65 -3.61 1.22 12.10
C GLU A 65 -3.70 0.34 13.35
N LEU A 66 -2.95 -0.73 13.38
CA LEU A 66 -2.97 -1.63 14.57
C LEU A 66 -2.84 -0.80 15.84
N LYS A 67 -2.08 0.26 15.79
CA LYS A 67 -1.89 1.11 17.00
C LYS A 67 -3.18 1.87 17.29
N VAL A 68 -3.82 2.45 16.28
CA VAL A 68 -5.08 3.20 16.53
C VAL A 68 -4.76 4.65 16.90
N PHE A 69 -3.88 5.30 16.15
CA PHE A 69 -3.52 6.71 16.50
C PHE A 69 -2.65 7.36 15.42
N ASP A 70 -1.50 6.78 15.15
CA ASP A 70 -0.58 7.41 14.14
C ASP A 70 -1.36 7.80 12.88
N THR A 71 -1.93 8.97 12.88
CA THR A 71 -2.70 9.43 11.69
C THR A 71 -1.72 9.65 10.54
N ALA A 72 -0.52 10.07 10.84
CA ALA A 72 0.48 10.30 9.76
C ALA A 72 0.74 8.98 9.05
N GLU A 73 0.58 7.88 9.74
CA GLU A 73 0.81 6.56 9.09
C GLU A 73 -0.36 6.24 8.16
N VAL A 74 -1.56 6.57 8.56
CA VAL A 74 -2.74 6.30 7.70
C VAL A 74 -2.61 7.10 6.40
N ILE A 75 -2.60 8.40 6.50
CA ILE A 75 -2.45 9.23 5.27
C ILE A 75 -1.23 8.72 4.51
N GLU A 76 -0.32 8.10 5.20
CA GLU A 76 0.90 7.58 4.53
C GLU A 76 0.49 6.55 3.48
N PHE A 77 -0.47 5.72 3.78
CA PHE A 77 -0.88 4.71 2.78
C PHE A 77 -1.65 5.40 1.66
N PHE A 78 -2.76 6.05 1.95
CA PHE A 78 -3.50 6.73 0.86
C PHE A 78 -2.61 7.78 0.19
N ASN A 79 -1.91 8.55 0.96
CA ASN A 79 -1.03 9.60 0.35
C ASN A 79 -0.14 8.97 -0.71
N LYS A 80 0.39 7.81 -0.44
CA LYS A 80 1.27 7.16 -1.44
C LYS A 80 0.41 6.56 -2.56
N LEU A 81 -0.75 6.06 -2.22
CA LEU A 81 -1.62 5.45 -3.26
C LEU A 81 -2.16 6.56 -4.19
N VAL A 82 -2.55 7.67 -3.67
CA VAL A 82 -3.08 8.75 -4.55
C VAL A 82 -1.95 9.43 -5.33
N THR A 83 -0.87 9.78 -4.69
CA THR A 83 0.24 10.45 -5.43
C THR A 83 1.09 9.44 -6.21
N SER A 84 1.43 8.32 -5.62
CA SER A 84 2.29 7.33 -6.34
C SER A 84 1.50 6.53 -7.38
N PHE A 85 0.30 6.16 -7.07
CA PHE A 85 -0.51 5.34 -8.03
C PHE A 85 -0.51 5.95 -9.45
N ASP A 86 0.21 7.00 -9.68
CA ASP A 86 0.21 7.59 -11.06
C ASP A 86 1.28 6.91 -11.90
N PHE A 87 1.85 5.86 -11.40
CA PHE A 87 2.88 5.11 -12.16
C PHE A 87 2.55 3.63 -12.08
N ASP A 88 2.87 3.00 -10.99
CA ASP A 88 2.55 1.55 -10.84
C ASP A 88 1.21 1.41 -10.11
N LEU A 89 0.14 1.39 -10.83
CA LEU A 89 -1.19 1.25 -10.17
C LEU A 89 -1.22 -0.08 -9.42
N GLU A 90 -0.97 -1.15 -10.09
CA GLU A 90 -1.00 -2.48 -9.40
C GLU A 90 0.25 -2.66 -8.52
N ILE A 91 1.41 -2.33 -9.03
CA ILE A 91 2.65 -2.53 -8.23
C ILE A 91 2.85 -1.41 -7.20
N GLY A 92 2.43 -0.21 -7.51
CA GLY A 92 2.64 0.91 -6.55
C GLY A 92 1.99 0.57 -5.19
N LYS A 93 0.74 0.21 -5.20
CA LYS A 93 0.04 -0.12 -3.93
C LYS A 93 0.46 -1.52 -3.42
N GLY A 94 0.99 -2.34 -4.28
CA GLY A 94 1.38 -3.71 -3.85
C GLY A 94 2.50 -3.68 -2.79
N GLU A 95 3.58 -2.99 -3.04
CA GLU A 95 4.69 -2.97 -2.04
C GLU A 95 4.46 -1.86 -1.01
N THR A 96 4.00 -0.72 -1.44
CA THR A 96 3.78 0.40 -0.47
C THR A 96 3.00 -0.11 0.74
N MET A 97 1.94 -0.84 0.51
CA MET A 97 1.14 -1.37 1.65
C MET A 97 2.07 -2.14 2.60
N LYS A 98 3.18 -2.59 2.08
CA LYS A 98 4.13 -3.37 2.91
C LYS A 98 4.91 -2.44 3.86
N TYR A 99 5.36 -1.32 3.39
CA TYR A 99 6.15 -0.43 4.29
C TYR A 99 5.26 0.10 5.42
N ILE A 100 3.98 0.27 5.20
CA ILE A 100 3.13 0.77 6.31
C ILE A 100 3.04 -0.33 7.38
N LEU A 101 2.62 -1.51 7.00
CA LEU A 101 2.55 -2.61 8.00
C LEU A 101 3.97 -2.99 8.42
N ALA A 102 4.80 -3.33 7.48
CA ALA A 102 6.19 -3.69 7.82
C ALA A 102 6.79 -2.60 8.70
N LEU A 103 7.35 -1.59 8.09
CA LEU A 103 7.96 -0.48 8.88
C LEU A 103 8.98 -1.06 9.87
N LYS A 104 8.89 -2.33 10.18
CA LYS A 104 9.87 -2.94 11.13
C LYS A 104 11.19 -2.20 11.01
N ASP A 105 11.59 -1.90 9.79
CA ASP A 105 12.85 -1.15 9.58
C ASP A 105 12.56 0.08 8.73
N GLN A 106 12.47 -0.08 7.44
CA GLN A 106 12.15 1.07 6.55
C GLN A 106 12.65 0.78 5.13
N PRO A 107 13.94 0.68 4.96
CA PRO A 107 14.56 0.41 3.63
C PRO A 107 14.16 -0.95 3.03
N GLU A 108 13.73 -1.88 3.85
CA GLU A 108 13.34 -3.21 3.30
C GLU A 108 12.07 -3.06 2.45
N ALA A 109 11.04 -2.52 3.02
CA ALA A 109 9.78 -2.33 2.26
C ALA A 109 10.06 -1.44 1.05
N ALA A 110 10.88 -0.44 1.24
CA ALA A 110 11.22 0.47 0.12
C ALA A 110 12.09 -0.27 -0.90
N GLN A 111 12.92 -1.18 -0.44
CA GLN A 111 13.78 -1.93 -1.39
C GLN A 111 12.88 -2.52 -2.48
N LEU A 112 11.86 -3.22 -2.09
CA LEU A 112 10.94 -3.77 -3.11
C LEU A 112 10.45 -2.61 -3.96
N ALA A 113 10.08 -1.54 -3.33
CA ALA A 113 9.62 -0.35 -4.10
C ALA A 113 10.67 -0.05 -5.17
N LEU A 114 11.90 -0.40 -4.92
CA LEU A 114 12.98 -0.14 -5.93
C LEU A 114 12.72 -1.01 -7.15
N ARG A 115 12.61 -2.30 -6.99
CA ARG A 115 12.32 -3.14 -8.17
C ARG A 115 11.08 -2.55 -8.81
N VAL A 116 10.11 -2.23 -8.03
CA VAL A 116 8.90 -1.58 -8.62
C VAL A 116 9.44 -0.46 -9.51
N GLY A 117 10.54 0.12 -9.12
CA GLY A 117 11.14 1.20 -9.97
C GLY A 117 11.23 0.66 -11.39
N ILE A 118 11.75 -0.54 -11.56
CA ILE A 118 11.82 -1.08 -12.94
C ILE A 118 10.44 -0.99 -13.54
N ALA A 119 9.42 -1.10 -12.73
CA ALA A 119 8.04 -1.00 -13.29
C ALA A 119 7.81 0.45 -13.70
N VAL A 120 8.43 1.40 -13.06
CA VAL A 120 8.22 2.80 -13.52
C VAL A 120 8.46 2.78 -15.01
N ALA A 121 9.41 2.00 -15.43
CA ALA A 121 9.66 1.86 -16.88
C ALA A 121 8.73 0.76 -17.39
N LYS A 122 8.27 -0.08 -16.50
CA LYS A 122 7.34 -1.20 -16.88
C LYS A 122 6.16 -1.25 -15.89
N SER A 123 5.50 -0.13 -15.67
CA SER A 123 4.36 -0.12 -14.69
C SER A 123 3.54 -1.40 -14.81
N ASP A 124 3.74 -2.13 -15.85
CA ASP A 124 2.98 -3.40 -16.02
C ASP A 124 3.82 -4.39 -16.85
N GLY A 125 5.03 -4.65 -16.43
CA GLY A 125 5.89 -5.60 -17.20
C GLY A 125 6.93 -6.24 -16.30
N ASN A 126 7.54 -5.48 -15.42
CA ASN A 126 8.58 -6.06 -14.52
C ASN A 126 8.06 -6.13 -13.08
N PHE A 127 8.88 -6.59 -12.17
CA PHE A 127 8.46 -6.72 -10.74
C PHE A 127 7.77 -8.07 -10.54
N ASP A 128 7.58 -8.47 -9.32
CA ASP A 128 6.91 -9.77 -9.06
C ASP A 128 7.92 -10.91 -9.23
N ASP A 129 9.17 -10.59 -9.45
CA ASP A 129 10.19 -11.67 -9.62
C ASP A 129 11.24 -11.57 -8.52
N ASP A 130 11.81 -10.42 -8.30
CA ASP A 130 12.84 -10.31 -7.24
C ASP A 130 12.16 -10.45 -5.88
N GLU A 131 10.88 -10.22 -5.81
CA GLU A 131 10.18 -10.35 -4.51
C GLU A 131 10.51 -11.70 -3.89
N LYS A 132 10.80 -12.69 -4.68
CA LYS A 132 11.14 -14.01 -4.10
C LYS A 132 12.44 -13.87 -3.31
N SER A 133 13.46 -13.34 -3.92
CA SER A 133 14.75 -13.14 -3.20
C SER A 133 14.63 -11.88 -2.34
N ALA A 134 13.98 -10.87 -2.84
CA ALA A 134 13.81 -9.62 -2.05
C ALA A 134 13.06 -9.97 -0.78
N VAL A 135 11.94 -10.64 -0.92
CA VAL A 135 11.17 -11.04 0.29
C VAL A 135 12.12 -11.78 1.22
N ARG A 136 13.04 -12.53 0.67
CA ARG A 136 14.02 -13.27 1.54
C ARG A 136 14.57 -12.29 2.58
N GLU A 137 15.06 -11.18 2.12
CA GLU A 137 15.63 -10.17 3.06
C GLU A 137 14.51 -9.43 3.80
N ILE A 138 13.35 -9.32 3.20
CA ILE A 138 12.23 -8.60 3.88
C ILE A 138 11.71 -9.45 5.05
N ALA A 139 11.31 -10.66 4.78
CA ALA A 139 10.79 -11.54 5.86
C ALA A 139 11.81 -11.62 6.99
N ARG A 140 13.06 -11.73 6.64
CA ARG A 140 14.12 -11.83 7.69
C ARG A 140 14.36 -10.45 8.32
N SER A 141 14.56 -9.45 7.52
CA SER A 141 14.79 -8.08 8.07
C SER A 141 13.63 -7.70 8.98
N LEU A 142 12.43 -7.92 8.54
CA LEU A 142 11.25 -7.57 9.38
C LEU A 142 10.92 -8.76 10.30
N GLY A 143 10.55 -9.87 9.75
CA GLY A 143 10.25 -11.05 10.61
C GLY A 143 9.12 -11.91 10.00
N PHE A 144 9.10 -12.08 8.70
CA PHE A 144 8.02 -12.91 8.09
C PHE A 144 8.62 -14.21 7.57
N ASP A 145 8.00 -14.80 6.58
CA ASP A 145 8.52 -16.07 6.01
C ASP A 145 9.73 -15.78 5.11
N PRO A 146 10.90 -16.25 5.49
CA PRO A 146 12.14 -16.02 4.71
C PRO A 146 11.96 -16.24 3.20
N ALA A 147 11.46 -15.25 2.51
CA ALA A 147 11.28 -15.39 1.03
C ALA A 147 10.27 -16.48 0.72
N GLU A 148 9.19 -16.12 0.09
CA GLU A 148 8.15 -17.13 -0.27
C GLU A 148 6.89 -16.43 -0.77
N PHE A 149 7.00 -15.25 -1.33
CA PHE A 149 5.79 -14.54 -1.84
C PHE A 149 5.90 -14.37 -3.35
N GLY A 150 6.92 -13.70 -3.81
CA GLY A 150 7.05 -13.51 -5.28
C GLY A 150 5.68 -13.16 -5.87
N LEU A 151 4.94 -12.32 -5.21
CA LEU A 151 3.59 -11.94 -5.71
C LEU A 151 3.52 -12.10 -7.23
N LEU A 152 3.20 -13.27 -7.69
CA LEU A 152 3.13 -13.49 -9.16
C LEU A 152 1.82 -14.22 -9.50
N GLU A 153 0.71 -13.70 -9.04
CA GLU A 153 -0.59 -14.35 -9.33
C GLU A 153 -1.05 -13.98 -10.75
N MET A 1 -17.52 8.76 -1.45
CA MET A 1 -18.51 9.87 -1.34
C MET A 1 -18.59 10.61 -2.68
N SER A 2 -17.48 11.10 -3.17
CA SER A 2 -17.50 11.83 -4.47
C SER A 2 -16.39 11.27 -5.37
N PHE A 3 -16.38 9.98 -5.58
CA PHE A 3 -15.33 9.38 -6.46
C PHE A 3 -13.95 9.84 -5.99
N PHE A 4 -13.06 10.09 -6.91
CA PHE A 4 -11.69 10.54 -6.52
C PHE A 4 -11.79 11.75 -5.59
N ASP A 5 -10.72 12.10 -4.94
CA ASP A 5 -10.76 13.27 -4.02
C ASP A 5 -9.46 14.07 -4.15
N LYS A 6 -9.53 15.36 -4.05
CA LYS A 6 -8.27 16.18 -4.15
C LYS A 6 -7.35 15.76 -3.01
N VAL A 7 -6.81 14.58 -3.08
CA VAL A 7 -5.92 14.09 -2.00
C VAL A 7 -4.45 14.22 -2.41
N LYS A 8 -3.96 13.28 -3.17
CA LYS A 8 -2.53 13.34 -3.56
C LYS A 8 -1.69 13.17 -2.29
N GLY A 9 -2.30 13.31 -1.15
CA GLY A 9 -1.58 13.17 0.13
C GLY A 9 -2.34 13.91 1.24
N ALA A 10 -3.50 13.42 1.59
CA ALA A 10 -4.32 14.09 2.66
C ALA A 10 -5.79 13.87 2.34
N LEU A 11 -6.53 13.32 3.26
CA LEU A 11 -7.98 13.09 2.99
C LEU A 11 -8.81 13.40 4.23
N THR A 12 -10.08 13.12 4.20
CA THR A 12 -10.95 13.41 5.37
C THR A 12 -10.24 12.98 6.65
N SER A 13 -10.80 13.31 7.79
CA SER A 13 -10.17 12.91 9.08
C SER A 13 -10.03 11.39 9.15
N GLY A 14 -10.27 10.72 8.06
CA GLY A 14 -10.17 9.23 8.05
C GLY A 14 -8.88 8.76 8.73
N ARG A 15 -7.82 9.54 8.66
CA ARG A 15 -6.55 9.09 9.29
C ARG A 15 -6.63 9.11 10.82
N GLU A 16 -6.89 10.24 11.40
CA GLU A 16 -6.95 10.31 12.90
C GLU A 16 -8.33 9.87 13.41
N GLU A 17 -9.37 10.21 12.71
CA GLU A 17 -10.72 9.84 13.18
C GLU A 17 -10.99 8.34 13.02
N LEU A 18 -10.78 7.81 11.84
CA LEU A 18 -11.07 6.36 11.63
C LEU A 18 -9.99 5.47 12.22
N THR A 19 -8.74 5.88 12.24
CA THR A 19 -7.70 4.97 12.80
C THR A 19 -7.88 4.90 14.32
N ARG A 20 -7.87 6.02 14.98
CA ARG A 20 -8.05 6.03 16.45
C ARG A 20 -9.34 5.28 16.82
N GLN A 21 -10.31 5.31 15.95
CA GLN A 21 -11.60 4.63 16.25
C GLN A 21 -11.49 3.12 16.03
N VAL A 22 -10.52 2.65 15.29
CA VAL A 22 -10.42 1.18 15.07
C VAL A 22 -10.59 0.46 16.41
N GLY A 23 -10.14 1.07 17.47
CA GLY A 23 -10.30 0.41 18.81
C GLY A 23 -11.77 0.07 19.01
N ARG A 24 -12.63 0.62 18.19
CA ARG A 24 -14.08 0.35 18.30
C ARG A 24 -14.55 -0.39 17.06
N TYR A 25 -14.11 0.04 15.91
CA TYR A 25 -14.53 -0.65 14.65
C TYR A 25 -13.48 -1.70 14.26
N LYS A 26 -12.24 -1.47 14.64
CA LYS A 26 -11.18 -2.45 14.29
C LYS A 26 -11.14 -2.63 12.77
N ASN A 27 -11.96 -1.90 12.06
CA ASN A 27 -11.97 -2.03 10.57
C ASN A 27 -10.93 -1.09 9.97
N LYS A 28 -10.43 -1.43 8.81
CA LYS A 28 -9.41 -0.57 8.16
C LYS A 28 -9.78 -0.40 6.68
N LYS A 29 -10.17 -1.47 6.05
CA LYS A 29 -10.56 -1.40 4.61
C LYS A 29 -11.88 -0.64 4.48
N PHE A 30 -12.46 -0.24 5.57
CA PHE A 30 -13.76 0.47 5.51
C PHE A 30 -13.60 1.89 4.91
N MET A 31 -13.06 2.80 5.68
CA MET A 31 -12.84 4.18 5.18
C MET A 31 -11.58 4.21 4.34
N GLN A 32 -10.52 3.62 4.85
CA GLN A 32 -9.24 3.61 4.12
C GLN A 32 -9.33 2.65 2.93
N GLY A 33 -10.12 1.61 3.03
CA GLY A 33 -10.23 0.68 1.87
C GLY A 33 -10.98 1.41 0.77
N THR A 34 -11.88 2.28 1.13
CA THR A 34 -12.65 3.04 0.11
C THR A 34 -11.70 4.01 -0.62
N VAL A 35 -10.78 4.63 0.08
CA VAL A 35 -9.85 5.56 -0.60
C VAL A 35 -8.92 4.76 -1.52
N ALA A 36 -8.35 3.69 -1.03
CA ALA A 36 -7.45 2.88 -1.89
C ALA A 36 -8.11 2.68 -3.25
N VAL A 37 -9.29 2.14 -3.26
CA VAL A 37 -10.00 1.94 -4.56
C VAL A 37 -10.14 3.28 -5.27
N CYS A 38 -10.47 4.32 -4.54
CA CYS A 38 -10.59 5.64 -5.20
C CYS A 38 -9.30 5.90 -5.98
N ALA A 39 -8.22 5.35 -5.50
CA ALA A 39 -6.93 5.53 -6.21
C ALA A 39 -6.84 4.58 -7.42
N ARG A 40 -7.11 3.31 -7.20
CA ARG A 40 -7.01 2.31 -8.30
C ARG A 40 -7.56 2.87 -9.61
N ILE A 41 -8.67 3.56 -9.58
CA ILE A 41 -9.21 4.10 -10.87
C ILE A 41 -8.70 5.52 -11.13
N ALA A 42 -8.25 6.22 -10.11
CA ALA A 42 -7.75 7.60 -10.34
C ALA A 42 -6.27 7.58 -10.69
N VAL A 43 -5.68 6.41 -10.72
CA VAL A 43 -4.22 6.31 -11.04
C VAL A 43 -3.81 7.43 -12.00
N ALA A 44 -4.69 7.86 -12.85
CA ALA A 44 -4.33 8.95 -13.81
C ALA A 44 -3.19 8.47 -14.71
N SER A 45 -2.40 7.54 -14.24
CA SER A 45 -1.27 7.03 -15.07
C SER A 45 -1.82 6.43 -16.37
N ASP A 46 -1.27 5.34 -16.78
CA ASP A 46 -1.75 4.69 -18.03
C ASP A 46 -1.74 3.17 -17.84
N GLY A 47 -2.42 2.68 -16.85
CA GLY A 47 -2.43 1.21 -16.62
C GLY A 47 -3.64 0.82 -15.78
N VAL A 48 -3.80 1.41 -14.63
CA VAL A 48 -4.96 1.07 -13.76
C VAL A 48 -4.83 -0.37 -13.28
N SER A 49 -5.35 -0.67 -12.12
CA SER A 49 -5.24 -2.05 -11.58
C SER A 49 -6.63 -2.57 -11.21
N SER A 50 -6.75 -3.15 -10.04
CA SER A 50 -8.06 -3.69 -9.59
C SER A 50 -7.80 -4.83 -8.61
N GLU A 51 -7.19 -5.88 -9.06
CA GLU A 51 -6.88 -7.02 -8.16
C GLU A 51 -5.76 -6.61 -7.21
N GLU A 52 -4.84 -5.79 -7.66
CA GLU A 52 -3.72 -5.36 -6.78
C GLU A 52 -4.25 -4.40 -5.71
N LYS A 53 -4.96 -3.37 -6.10
CA LYS A 53 -5.50 -2.43 -5.07
C LYS A 53 -6.31 -3.25 -4.07
N GLN A 54 -7.07 -4.18 -4.56
CA GLN A 54 -7.89 -5.03 -3.67
C GLN A 54 -6.98 -5.64 -2.60
N LYS A 55 -5.80 -6.07 -2.98
CA LYS A 55 -4.87 -6.65 -1.98
C LYS A 55 -4.47 -5.54 -1.01
N MET A 56 -4.18 -4.38 -1.52
CA MET A 56 -3.78 -3.25 -0.63
C MET A 56 -4.86 -3.07 0.45
N ILE A 57 -6.10 -3.30 0.14
CA ILE A 57 -7.16 -3.15 1.18
C ILE A 57 -6.93 -4.21 2.25
N GLY A 58 -6.61 -5.42 1.86
CA GLY A 58 -6.35 -6.46 2.88
C GLY A 58 -5.28 -5.91 3.84
N PHE A 59 -4.28 -5.28 3.30
CA PHE A 59 -3.22 -4.69 4.15
C PHE A 59 -3.89 -3.75 5.16
N LEU A 60 -4.85 -3.01 4.72
CA LEU A 60 -5.58 -2.09 5.64
C LEU A 60 -6.06 -2.90 6.84
N ARG A 61 -6.64 -4.04 6.60
CA ARG A 61 -7.12 -4.88 7.72
C ARG A 61 -5.99 -5.00 8.73
N SER A 62 -4.78 -5.11 8.27
CA SER A 62 -3.62 -5.21 9.21
C SER A 62 -2.73 -3.96 9.12
N SER A 63 -3.16 -2.95 8.39
CA SER A 63 -2.34 -1.72 8.23
C SER A 63 -1.74 -1.30 9.58
N GLU A 64 -0.99 -0.23 9.58
CA GLU A 64 -0.38 0.25 10.86
C GLU A 64 -1.48 0.67 11.81
N GLU A 65 -2.68 0.87 11.32
CA GLU A 65 -3.80 1.28 12.21
C GLU A 65 -3.75 0.41 13.47
N LEU A 66 -2.95 -0.62 13.45
CA LEU A 66 -2.84 -1.51 14.63
C LEU A 66 -2.64 -0.65 15.88
N LYS A 67 -2.05 0.50 15.71
CA LYS A 67 -1.80 1.40 16.88
C LYS A 67 -3.09 2.15 17.23
N VAL A 68 -3.79 2.69 16.26
CA VAL A 68 -5.04 3.44 16.57
C VAL A 68 -4.70 4.89 16.92
N PHE A 69 -3.87 5.54 16.14
CA PHE A 69 -3.52 6.97 16.47
C PHE A 69 -2.66 7.61 15.37
N ASP A 70 -1.48 7.11 15.14
CA ASP A 70 -0.59 7.75 14.12
C ASP A 70 -1.38 8.01 12.83
N THR A 71 -2.04 9.14 12.77
CA THR A 71 -2.82 9.49 11.56
C THR A 71 -1.84 9.72 10.41
N ALA A 72 -0.68 10.26 10.71
CA ALA A 72 0.33 10.49 9.63
C ALA A 72 0.66 9.17 8.97
N GLU A 73 0.54 8.08 9.69
CA GLU A 73 0.84 6.75 9.09
C GLU A 73 -0.29 6.36 8.14
N VAL A 74 -1.51 6.54 8.57
CA VAL A 74 -2.67 6.18 7.70
C VAL A 74 -2.57 6.96 6.39
N ILE A 75 -2.64 8.26 6.46
CA ILE A 75 -2.54 9.06 5.21
C ILE A 75 -1.27 8.63 4.46
N GLU A 76 -0.33 8.07 5.17
CA GLU A 76 0.92 7.63 4.51
C GLU A 76 0.59 6.59 3.44
N PHE A 77 -0.29 5.67 3.75
CA PHE A 77 -0.62 4.64 2.73
C PHE A 77 -1.49 5.27 1.63
N PHE A 78 -2.64 5.81 1.96
CA PHE A 78 -3.46 6.42 0.87
C PHE A 78 -2.66 7.50 0.17
N ASN A 79 -1.99 8.34 0.92
CA ASN A 79 -1.18 9.42 0.28
C ASN A 79 -0.27 8.79 -0.78
N LYS A 80 0.50 7.83 -0.39
CA LYS A 80 1.40 7.17 -1.38
C LYS A 80 0.55 6.58 -2.50
N LEU A 81 -0.61 6.09 -2.17
CA LEU A 81 -1.49 5.50 -3.22
C LEU A 81 -1.91 6.59 -4.22
N VAL A 82 -2.48 7.66 -3.76
CA VAL A 82 -2.91 8.73 -4.72
C VAL A 82 -1.71 9.30 -5.48
N THR A 83 -0.69 9.70 -4.78
CA THR A 83 0.49 10.29 -5.49
C THR A 83 1.32 9.19 -6.19
N SER A 84 1.58 8.09 -5.53
CA SER A 84 2.42 7.03 -6.16
C SER A 84 1.63 6.19 -7.18
N PHE A 85 0.33 6.15 -7.08
CA PHE A 85 -0.45 5.30 -8.03
C PHE A 85 -0.45 5.90 -9.45
N ASP A 86 0.29 6.94 -9.70
CA ASP A 86 0.27 7.50 -11.07
C ASP A 86 1.34 6.80 -11.92
N PHE A 87 1.92 5.76 -11.40
CA PHE A 87 2.95 4.99 -12.17
C PHE A 87 2.60 3.51 -12.07
N ASP A 88 2.94 2.89 -10.97
CA ASP A 88 2.62 1.44 -10.81
C ASP A 88 1.26 1.31 -10.13
N LEU A 89 0.21 1.29 -10.89
CA LEU A 89 -1.14 1.17 -10.29
C LEU A 89 -1.23 -0.14 -9.50
N GLU A 90 -0.90 -1.23 -10.12
CA GLU A 90 -0.97 -2.55 -9.41
C GLU A 90 0.25 -2.74 -8.50
N ILE A 91 1.43 -2.51 -9.02
CA ILE A 91 2.66 -2.72 -8.20
C ILE A 91 2.85 -1.59 -7.18
N GLY A 92 2.39 -0.41 -7.49
CA GLY A 92 2.58 0.73 -6.54
C GLY A 92 1.94 0.43 -5.18
N LYS A 93 0.69 0.06 -5.17
CA LYS A 93 0.01 -0.24 -3.87
C LYS A 93 0.44 -1.63 -3.37
N GLY A 94 1.00 -2.44 -4.21
CA GLY A 94 1.41 -3.81 -3.77
C GLY A 94 2.53 -3.74 -2.72
N GLU A 95 3.61 -3.05 -3.00
CA GLU A 95 4.72 -2.99 -2.00
C GLU A 95 4.48 -1.87 -0.98
N THR A 96 4.04 -0.74 -1.43
CA THR A 96 3.83 0.39 -0.47
C THR A 96 3.00 -0.10 0.73
N MET A 97 1.91 -0.75 0.48
CA MET A 97 1.07 -1.26 1.61
C MET A 97 1.96 -2.06 2.56
N LYS A 98 3.06 -2.57 2.06
CA LYS A 98 3.97 -3.38 2.90
C LYS A 98 4.78 -2.50 3.86
N TYR A 99 5.33 -1.40 3.39
CA TYR A 99 6.15 -0.56 4.31
C TYR A 99 5.27 -0.01 5.44
N ILE A 100 4.00 0.22 5.20
CA ILE A 100 3.14 0.74 6.31
C ILE A 100 3.00 -0.35 7.37
N LEU A 101 2.58 -1.53 6.98
CA LEU A 101 2.44 -2.63 7.98
C LEU A 101 3.83 -3.04 8.46
N ALA A 102 4.69 -3.40 7.54
CA ALA A 102 6.06 -3.80 7.94
C ALA A 102 6.66 -2.70 8.80
N LEU A 103 7.27 -1.72 8.18
CA LEU A 103 7.88 -0.60 8.96
C LEU A 103 8.88 -1.17 9.97
N LYS A 104 8.73 -2.39 10.38
CA LYS A 104 9.69 -2.98 11.36
C LYS A 104 11.06 -2.36 11.13
N ASP A 105 11.39 -2.13 9.88
CA ASP A 105 12.71 -1.50 9.56
C ASP A 105 12.43 -0.22 8.77
N GLN A 106 12.39 -0.31 7.47
CA GLN A 106 12.11 0.90 6.64
C GLN A 106 12.65 0.69 5.22
N PRO A 107 13.95 0.56 5.08
CA PRO A 107 14.60 0.35 3.75
C PRO A 107 14.23 -1.00 3.13
N GLU A 108 13.73 -1.92 3.90
CA GLU A 108 13.38 -3.26 3.32
C GLU A 108 12.12 -3.12 2.47
N ALA A 109 11.07 -2.59 3.05
CA ALA A 109 9.82 -2.43 2.27
C ALA A 109 10.10 -1.50 1.09
N ALA A 110 10.93 -0.52 1.30
CA ALA A 110 11.27 0.43 0.20
C ALA A 110 12.13 -0.30 -0.83
N GLN A 111 12.97 -1.21 -0.40
CA GLN A 111 13.82 -1.94 -1.38
C GLN A 111 12.90 -2.51 -2.45
N LEU A 112 11.89 -3.22 -2.05
CA LEU A 112 10.94 -3.77 -3.05
C LEU A 112 10.48 -2.60 -3.92
N ALA A 113 10.12 -1.51 -3.29
CA ALA A 113 9.69 -0.32 -4.06
C ALA A 113 10.73 -0.04 -5.16
N LEU A 114 11.96 -0.43 -4.92
CA LEU A 114 13.03 -0.20 -5.93
C LEU A 114 12.76 -1.10 -7.15
N ARG A 115 12.65 -2.38 -6.95
CA ARG A 115 12.36 -3.24 -8.12
C ARG A 115 11.12 -2.65 -8.77
N VAL A 116 10.13 -2.30 -7.99
CA VAL A 116 8.94 -1.67 -8.58
C VAL A 116 9.46 -0.56 -9.49
N GLY A 117 10.57 0.02 -9.13
CA GLY A 117 11.16 1.07 -9.99
C GLY A 117 11.24 0.52 -11.41
N ILE A 118 11.78 -0.67 -11.55
CA ILE A 118 11.84 -1.24 -12.92
C ILE A 118 10.45 -1.17 -13.53
N ALA A 119 9.43 -1.28 -12.72
CA ALA A 119 8.06 -1.19 -13.26
C ALA A 119 7.82 0.25 -13.71
N VAL A 120 8.45 1.21 -13.09
CA VAL A 120 8.25 2.60 -13.56
C VAL A 120 8.48 2.56 -15.06
N ALA A 121 9.45 1.82 -15.47
CA ALA A 121 9.69 1.67 -16.92
C ALA A 121 8.80 0.52 -17.39
N LYS A 122 8.34 -0.29 -16.46
CA LYS A 122 7.47 -1.45 -16.79
C LYS A 122 6.27 -1.49 -15.84
N SER A 123 5.56 -0.40 -15.68
CA SER A 123 4.40 -0.37 -14.75
C SER A 123 3.63 -1.68 -14.82
N ASP A 124 3.89 -2.46 -15.83
CA ASP A 124 3.17 -3.75 -15.96
C ASP A 124 4.02 -4.71 -16.80
N GLY A 125 5.25 -4.92 -16.41
CA GLY A 125 6.12 -5.84 -17.19
C GLY A 125 7.19 -6.46 -16.28
N ASN A 126 7.64 -5.75 -15.27
CA ASN A 126 8.68 -6.34 -14.37
C ASN A 126 8.16 -6.38 -12.93
N PHE A 127 9.00 -6.80 -12.01
CA PHE A 127 8.60 -6.91 -10.58
C PHE A 127 8.01 -8.28 -10.32
N ASP A 128 7.75 -8.61 -9.09
CA ASP A 128 7.16 -9.95 -8.77
C ASP A 128 8.20 -11.03 -9.05
N ASP A 129 9.36 -10.66 -9.48
CA ASP A 129 10.41 -11.70 -9.76
C ASP A 129 11.45 -11.65 -8.66
N ASP A 130 11.83 -10.48 -8.22
CA ASP A 130 12.84 -10.38 -7.13
C ASP A 130 12.13 -10.49 -5.79
N GLU A 131 10.84 -10.25 -5.76
CA GLU A 131 10.11 -10.33 -4.48
C GLU A 131 10.42 -11.65 -3.79
N LYS A 132 10.73 -12.67 -4.54
CA LYS A 132 11.05 -13.98 -3.91
C LYS A 132 12.35 -13.84 -3.11
N SER A 133 13.38 -13.33 -3.72
CA SER A 133 14.66 -13.13 -2.98
C SER A 133 14.54 -11.87 -2.13
N ALA A 134 13.89 -10.87 -2.65
CA ALA A 134 13.70 -9.62 -1.87
C ALA A 134 12.93 -9.99 -0.62
N VAL A 135 11.93 -10.81 -0.75
CA VAL A 135 11.15 -11.23 0.44
C VAL A 135 12.10 -11.92 1.40
N ARG A 136 13.08 -12.61 0.89
CA ARG A 136 14.06 -13.28 1.79
C ARG A 136 14.57 -12.25 2.81
N GLU A 137 15.01 -11.12 2.33
CA GLU A 137 15.51 -10.06 3.25
C GLU A 137 14.34 -9.35 3.95
N ILE A 138 13.20 -9.29 3.32
CA ILE A 138 12.04 -8.59 3.95
C ILE A 138 11.49 -9.46 5.08
N ALA A 139 11.14 -10.68 4.79
CA ALA A 139 10.59 -11.57 5.85
C ALA A 139 11.57 -11.65 7.02
N ARG A 140 12.84 -11.72 6.74
CA ARG A 140 13.84 -11.80 7.82
C ARG A 140 14.03 -10.42 8.48
N SER A 141 14.27 -9.40 7.68
CA SER A 141 14.46 -8.05 8.27
C SER A 141 13.24 -7.68 9.12
N LEU A 142 12.06 -7.90 8.60
CA LEU A 142 10.84 -7.60 9.37
C LEU A 142 10.52 -8.78 10.29
N GLY A 143 9.99 -9.84 9.76
CA GLY A 143 9.69 -11.02 10.63
C GLY A 143 8.65 -11.93 9.96
N PHE A 144 8.78 -12.20 8.68
CA PHE A 144 7.79 -13.10 8.02
C PHE A 144 8.48 -14.40 7.59
N ASP A 145 8.23 -14.84 6.37
CA ASP A 145 8.86 -16.10 5.89
C ASP A 145 9.91 -15.79 4.82
N PRO A 146 11.13 -16.19 5.04
CA PRO A 146 12.25 -15.95 4.09
C PRO A 146 11.89 -16.34 2.64
N ALA A 147 11.78 -15.37 1.77
CA ALA A 147 11.44 -15.66 0.35
C ALA A 147 10.36 -16.73 0.27
N GLU A 148 9.14 -16.32 0.07
CA GLU A 148 8.05 -17.32 -0.04
C GLU A 148 6.76 -16.64 -0.51
N PHE A 149 6.86 -15.47 -1.11
CA PHE A 149 5.62 -14.78 -1.57
C PHE A 149 5.70 -14.56 -3.08
N GLY A 150 6.75 -13.96 -3.56
CA GLY A 150 6.89 -13.72 -5.01
C GLY A 150 5.50 -13.54 -5.63
N LEU A 151 4.88 -12.41 -5.44
CA LEU A 151 3.53 -12.19 -5.99
C LEU A 151 3.52 -12.47 -7.50
N LEU A 152 3.60 -13.73 -7.87
CA LEU A 152 3.60 -14.07 -9.32
C LEU A 152 2.42 -15.00 -9.62
N GLU A 153 1.22 -14.58 -9.32
CA GLU A 153 0.03 -15.44 -9.58
C GLU A 153 -0.99 -14.66 -10.39
N MET A 1 -20.90 9.71 -3.42
CA MET A 1 -19.86 9.37 -4.43
C MET A 1 -18.94 10.58 -4.63
N SER A 2 -17.78 10.56 -4.04
CA SER A 2 -16.83 11.70 -4.19
C SER A 2 -15.75 11.34 -5.20
N PHE A 3 -15.50 10.07 -5.40
CA PHE A 3 -14.46 9.66 -6.38
C PHE A 3 -13.11 10.22 -5.94
N PHE A 4 -12.41 10.88 -6.83
CA PHE A 4 -11.08 11.45 -6.46
C PHE A 4 -11.28 12.68 -5.58
N ASP A 5 -10.29 13.05 -4.82
CA ASP A 5 -10.43 14.24 -3.93
C ASP A 5 -9.12 15.05 -3.97
N LYS A 6 -8.46 15.08 -5.10
CA LYS A 6 -7.19 15.84 -5.21
C LYS A 6 -6.38 15.63 -3.94
N VAL A 7 -6.70 14.58 -3.22
CA VAL A 7 -5.98 14.28 -1.96
C VAL A 7 -4.48 14.36 -2.16
N LYS A 8 -3.91 13.43 -2.87
CA LYS A 8 -2.44 13.46 -3.07
C LYS A 8 -1.79 13.34 -1.69
N GLY A 9 -2.58 13.29 -0.65
CA GLY A 9 -2.04 13.17 0.72
C GLY A 9 -2.71 14.19 1.64
N ALA A 10 -3.86 13.86 2.16
CA ALA A 10 -4.57 14.81 3.07
C ALA A 10 -6.07 14.56 2.99
N LEU A 11 -6.47 13.32 2.83
CA LEU A 11 -7.92 13.01 2.73
C LEU A 11 -8.63 13.42 4.03
N THR A 12 -9.90 13.15 4.12
CA THR A 12 -10.65 13.54 5.35
C THR A 12 -9.87 13.12 6.59
N SER A 13 -10.20 13.66 7.73
CA SER A 13 -9.49 13.30 8.99
C SER A 13 -9.54 11.78 9.19
N GLY A 14 -9.98 11.05 8.21
CA GLY A 14 -10.07 9.58 8.34
C GLY A 14 -8.79 9.01 8.97
N ARG A 15 -7.67 9.64 8.74
CA ARG A 15 -6.40 9.12 9.31
C ARG A 15 -6.48 9.09 10.84
N GLU A 16 -6.65 10.22 11.48
CA GLU A 16 -6.70 10.25 12.96
C GLU A 16 -8.09 9.88 13.48
N GLU A 17 -9.12 10.28 12.77
CA GLU A 17 -10.50 9.99 13.25
C GLU A 17 -10.86 8.51 13.04
N LEU A 18 -10.67 7.99 11.87
CA LEU A 18 -11.06 6.58 11.62
C LEU A 18 -10.04 5.60 12.21
N THR A 19 -8.77 5.92 12.23
CA THR A 19 -7.79 4.94 12.79
C THR A 19 -7.99 4.89 14.30
N ARG A 20 -7.93 6.01 14.96
CA ARG A 20 -8.13 6.04 16.43
C ARG A 20 -9.43 5.33 16.79
N GLN A 21 -10.41 5.39 15.92
CA GLN A 21 -11.72 4.74 16.22
C GLN A 21 -11.66 3.22 16.00
N VAL A 22 -10.70 2.74 15.25
CA VAL A 22 -10.65 1.27 15.03
C VAL A 22 -10.82 0.55 16.37
N GLY A 23 -10.36 1.13 17.43
CA GLY A 23 -10.53 0.47 18.76
C GLY A 23 -12.01 0.17 18.98
N ARG A 24 -12.84 0.75 18.15
CA ARG A 24 -14.31 0.50 18.28
C ARG A 24 -14.81 -0.22 17.03
N TYR A 25 -14.36 0.20 15.88
CA TYR A 25 -14.80 -0.47 14.62
C TYR A 25 -13.78 -1.54 14.22
N LYS A 26 -12.53 -1.33 14.56
CA LYS A 26 -11.50 -2.34 14.20
C LYS A 26 -11.48 -2.51 12.68
N ASN A 27 -12.35 -1.85 11.98
CA ASN A 27 -12.38 -1.96 10.49
C ASN A 27 -11.26 -1.11 9.89
N LYS A 28 -10.76 -1.50 8.75
CA LYS A 28 -9.66 -0.71 8.12
C LYS A 28 -10.00 -0.49 6.64
N LYS A 29 -10.44 -1.52 5.98
CA LYS A 29 -10.79 -1.42 4.54
C LYS A 29 -12.07 -0.59 4.39
N PHE A 30 -12.64 -0.17 5.49
CA PHE A 30 -13.90 0.62 5.42
C PHE A 30 -13.67 2.01 4.83
N MET A 31 -13.06 2.88 5.58
CA MET A 31 -12.77 4.26 5.09
C MET A 31 -11.50 4.22 4.25
N GLN A 32 -10.49 3.57 4.75
CA GLN A 32 -9.20 3.49 4.02
C GLN A 32 -9.33 2.53 2.83
N GLY A 33 -10.20 1.56 2.91
CA GLY A 33 -10.33 0.62 1.78
C GLY A 33 -11.10 1.29 0.65
N THR A 34 -12.13 2.03 0.99
CA THR A 34 -12.92 2.73 -0.06
C THR A 34 -12.09 3.89 -0.62
N VAL A 35 -11.19 4.43 0.14
CA VAL A 35 -10.36 5.54 -0.37
C VAL A 35 -9.30 4.98 -1.33
N ALA A 36 -8.57 3.98 -0.90
CA ALA A 36 -7.55 3.37 -1.81
C ALA A 36 -8.21 3.15 -3.17
N VAL A 37 -9.38 2.58 -3.17
CA VAL A 37 -10.10 2.35 -4.44
C VAL A 37 -10.21 3.69 -5.19
N CYS A 38 -10.52 4.74 -4.49
CA CYS A 38 -10.61 6.05 -5.16
C CYS A 38 -9.31 6.27 -5.91
N ALA A 39 -8.25 5.68 -5.43
CA ALA A 39 -6.94 5.83 -6.12
C ALA A 39 -6.89 4.88 -7.32
N ARG A 40 -7.18 3.62 -7.09
CA ARG A 40 -7.11 2.61 -8.20
C ARG A 40 -7.63 3.18 -9.51
N ILE A 41 -8.71 3.92 -9.49
CA ILE A 41 -9.23 4.46 -10.78
C ILE A 41 -8.65 5.86 -11.07
N ALA A 42 -8.21 6.57 -10.07
CA ALA A 42 -7.66 7.93 -10.31
C ALA A 42 -6.17 7.84 -10.63
N VAL A 43 -5.62 6.64 -10.59
CA VAL A 43 -4.17 6.47 -10.88
C VAL A 43 -3.67 7.54 -11.87
N ALA A 44 -4.47 7.91 -12.82
CA ALA A 44 -4.01 8.92 -13.80
C ALA A 44 -2.95 8.30 -14.72
N SER A 45 -2.02 7.58 -14.16
CA SER A 45 -0.97 6.94 -15.00
C SER A 45 -1.60 6.35 -16.25
N ASP A 46 -2.89 6.11 -16.20
CA ASP A 46 -3.60 5.55 -17.39
C ASP A 46 -3.47 4.03 -17.39
N GLY A 47 -2.80 3.46 -16.43
CA GLY A 47 -2.64 1.97 -16.39
C GLY A 47 -3.80 1.38 -15.59
N VAL A 48 -4.04 1.90 -14.42
CA VAL A 48 -5.16 1.36 -13.58
C VAL A 48 -4.85 -0.06 -13.13
N SER A 49 -5.37 -0.45 -11.99
CA SER A 49 -5.13 -1.82 -11.49
C SER A 49 -6.47 -2.52 -11.25
N SER A 50 -6.67 -3.05 -10.07
CA SER A 50 -7.95 -3.75 -9.76
C SER A 50 -7.71 -4.79 -8.67
N GLU A 51 -7.08 -5.88 -9.02
CA GLU A 51 -6.80 -6.92 -8.00
C GLU A 51 -5.70 -6.44 -7.04
N GLU A 52 -4.83 -5.58 -7.50
CA GLU A 52 -3.74 -5.09 -6.60
C GLU A 52 -4.33 -4.15 -5.55
N LYS A 53 -5.06 -3.15 -5.97
CA LYS A 53 -5.66 -2.23 -4.94
C LYS A 53 -6.48 -3.09 -3.99
N GLN A 54 -7.27 -3.96 -4.53
CA GLN A 54 -8.10 -4.86 -3.68
C GLN A 54 -7.20 -5.57 -2.66
N LYS A 55 -6.05 -6.01 -3.08
CA LYS A 55 -5.13 -6.69 -2.13
C LYS A 55 -4.69 -5.67 -1.07
N MET A 56 -4.29 -4.50 -1.49
CA MET A 56 -3.86 -3.48 -0.53
C MET A 56 -4.95 -3.27 0.53
N ILE A 57 -6.20 -3.32 0.14
CA ILE A 57 -7.29 -3.15 1.15
C ILE A 57 -7.11 -4.23 2.23
N GLY A 58 -6.84 -5.44 1.82
CA GLY A 58 -6.62 -6.52 2.83
C GLY A 58 -5.54 -6.03 3.80
N PHE A 59 -4.49 -5.46 3.28
CA PHE A 59 -3.41 -4.93 4.16
C PHE A 59 -4.06 -3.97 5.15
N LEU A 60 -4.97 -3.17 4.67
CA LEU A 60 -5.68 -2.21 5.57
C LEU A 60 -6.21 -2.99 6.77
N ARG A 61 -6.85 -4.10 6.51
CA ARG A 61 -7.38 -4.90 7.65
C ARG A 61 -6.28 -5.06 8.67
N SER A 62 -5.06 -5.20 8.21
CA SER A 62 -3.91 -5.35 9.17
C SER A 62 -2.99 -4.13 9.09
N SER A 63 -3.38 -3.10 8.37
CA SER A 63 -2.52 -1.89 8.25
C SER A 63 -1.96 -1.50 9.62
N GLU A 64 -1.18 -0.46 9.67
CA GLU A 64 -0.59 -0.01 10.96
C GLU A 64 -1.72 0.44 11.88
N GLU A 65 -2.89 0.66 11.34
CA GLU A 65 -4.03 1.10 12.20
C GLU A 65 -4.05 0.26 13.47
N LEU A 66 -3.31 -0.83 13.49
CA LEU A 66 -3.27 -1.69 14.71
C LEU A 66 -3.02 -0.80 15.92
N LYS A 67 -2.34 0.29 15.71
CA LYS A 67 -2.03 1.22 16.84
C LYS A 67 -3.29 2.02 17.21
N VAL A 68 -3.97 2.59 16.25
CA VAL A 68 -5.21 3.37 16.55
C VAL A 68 -4.83 4.80 16.93
N PHE A 69 -3.95 5.44 16.18
CA PHE A 69 -3.56 6.84 16.53
C PHE A 69 -2.68 7.50 15.46
N ASP A 70 -1.51 6.97 15.22
CA ASP A 70 -0.61 7.62 14.22
C ASP A 70 -1.37 7.94 12.93
N THR A 71 -2.01 9.08 12.91
CA THR A 71 -2.76 9.49 11.70
C THR A 71 -1.79 9.61 10.53
N ALA A 72 -0.60 10.09 10.79
CA ALA A 72 0.40 10.23 9.69
C ALA A 72 0.59 8.87 9.03
N GLU A 73 0.60 7.82 9.81
CA GLU A 73 0.79 6.46 9.22
C GLU A 73 -0.39 6.14 8.29
N VAL A 74 -1.58 6.51 8.68
CA VAL A 74 -2.76 6.23 7.82
C VAL A 74 -2.60 6.98 6.49
N ILE A 75 -2.61 8.28 6.52
CA ILE A 75 -2.42 9.04 5.27
C ILE A 75 -1.16 8.53 4.58
N GLU A 76 -0.26 7.96 5.34
CA GLU A 76 0.99 7.44 4.74
C GLU A 76 0.63 6.43 3.66
N PHE A 77 -0.36 5.61 3.89
CA PHE A 77 -0.74 4.63 2.84
C PHE A 77 -1.55 5.34 1.75
N PHE A 78 -2.67 5.93 2.07
CA PHE A 78 -3.45 6.62 1.00
C PHE A 78 -2.60 7.71 0.35
N ASN A 79 -2.04 8.60 1.13
CA ASN A 79 -1.21 9.69 0.53
C ASN A 79 -0.20 9.07 -0.43
N LYS A 80 0.30 7.90 -0.12
CA LYS A 80 1.27 7.25 -1.03
C LYS A 80 0.50 6.67 -2.20
N LEU A 81 -0.71 6.23 -1.95
CA LEU A 81 -1.53 5.65 -3.06
C LEU A 81 -1.91 6.77 -4.04
N VAL A 82 -2.53 7.82 -3.56
CA VAL A 82 -2.93 8.92 -4.48
C VAL A 82 -1.71 9.51 -5.20
N THR A 83 -0.71 9.88 -4.47
CA THR A 83 0.50 10.49 -5.13
C THR A 83 1.29 9.44 -5.91
N SER A 84 1.56 8.30 -5.33
CA SER A 84 2.37 7.26 -6.04
C SER A 84 1.54 6.51 -7.09
N PHE A 85 0.32 6.19 -6.81
CA PHE A 85 -0.51 5.41 -7.78
C PHE A 85 -0.48 6.04 -9.18
N ASP A 86 0.30 7.07 -9.40
CA ASP A 86 0.31 7.68 -10.76
C ASP A 86 1.38 7.01 -11.62
N PHE A 87 2.02 5.99 -11.10
CA PHE A 87 3.05 5.26 -11.88
C PHE A 87 2.70 3.78 -11.84
N ASP A 88 3.01 3.12 -10.76
CA ASP A 88 2.70 1.67 -10.65
C ASP A 88 1.36 1.52 -9.93
N LEU A 89 0.29 1.57 -10.65
CA LEU A 89 -1.03 1.43 -10.00
C LEU A 89 -1.05 0.10 -9.25
N GLU A 90 -0.97 -0.98 -9.97
CA GLU A 90 -1.00 -2.31 -9.31
C GLU A 90 0.24 -2.52 -8.43
N ILE A 91 1.39 -2.20 -8.93
CA ILE A 91 2.63 -2.43 -8.13
C ILE A 91 2.81 -1.32 -7.08
N GLY A 92 2.32 -0.14 -7.36
CA GLY A 92 2.49 0.99 -6.39
C GLY A 92 1.86 0.62 -5.05
N LYS A 93 0.62 0.26 -5.04
CA LYS A 93 -0.06 -0.09 -3.76
C LYS A 93 0.35 -1.48 -3.29
N GLY A 94 0.90 -2.28 -4.17
CA GLY A 94 1.31 -3.67 -3.78
C GLY A 94 2.42 -3.63 -2.72
N GLU A 95 3.49 -2.92 -2.97
CA GLU A 95 4.61 -2.90 -1.97
C GLU A 95 4.37 -1.82 -0.91
N THR A 96 3.93 -0.66 -1.31
CA THR A 96 3.71 0.42 -0.32
C THR A 96 2.88 -0.10 0.86
N MET A 97 1.79 -0.76 0.59
CA MET A 97 0.94 -1.29 1.70
C MET A 97 1.82 -2.12 2.64
N LYS A 98 2.90 -2.64 2.14
CA LYS A 98 3.80 -3.49 2.96
C LYS A 98 4.62 -2.63 3.94
N TYR A 99 5.18 -1.53 3.50
CA TYR A 99 6.00 -0.72 4.44
C TYR A 99 5.12 -0.19 5.58
N ILE A 100 3.86 0.04 5.35
CA ILE A 100 3.00 0.54 6.47
C ILE A 100 2.89 -0.57 7.51
N LEU A 101 2.47 -1.74 7.10
CA LEU A 101 2.35 -2.86 8.09
C LEU A 101 3.74 -3.31 8.52
N ALA A 102 4.57 -3.67 7.58
CA ALA A 102 5.94 -4.09 7.93
C ALA A 102 6.57 -3.02 8.80
N LEU A 103 7.16 -2.02 8.21
CA LEU A 103 7.80 -0.93 9.01
C LEU A 103 8.80 -1.53 9.99
N LYS A 104 8.68 -2.80 10.28
CA LYS A 104 9.64 -3.45 11.23
C LYS A 104 10.98 -2.73 11.13
N ASP A 105 11.40 -2.43 9.93
CA ASP A 105 12.69 -1.71 9.74
C ASP A 105 12.42 -0.44 8.93
N GLN A 106 12.34 -0.56 7.62
CA GLN A 106 12.06 0.63 6.77
C GLN A 106 12.56 0.38 5.35
N PRO A 107 13.84 0.25 5.18
CA PRO A 107 14.46 0.01 3.84
C PRO A 107 14.05 -1.32 3.21
N GLU A 108 13.58 -2.27 3.99
CA GLU A 108 13.17 -3.57 3.40
C GLU A 108 11.91 -3.38 2.57
N ALA A 109 10.89 -2.83 3.14
CA ALA A 109 9.64 -2.61 2.37
C ALA A 109 9.95 -1.68 1.19
N ALA A 110 10.76 -0.69 1.43
CA ALA A 110 11.13 0.25 0.34
C ALA A 110 11.95 -0.50 -0.72
N GLN A 111 12.75 -1.44 -0.30
CA GLN A 111 13.55 -2.21 -1.29
C GLN A 111 12.61 -2.73 -2.37
N LEU A 112 11.56 -3.39 -1.98
CA LEU A 112 10.59 -3.88 -3.00
C LEU A 112 10.17 -2.67 -3.83
N ALA A 113 10.00 -1.55 -3.20
CA ALA A 113 9.61 -0.33 -3.96
C ALA A 113 10.68 -0.05 -5.02
N LEU A 114 11.88 -0.50 -4.79
CA LEU A 114 12.99 -0.26 -5.78
C LEU A 114 12.74 -1.11 -7.02
N ARG A 115 12.61 -2.40 -6.87
CA ARG A 115 12.33 -3.23 -8.06
C ARG A 115 11.10 -2.60 -8.71
N VAL A 116 10.12 -2.27 -7.93
CA VAL A 116 8.94 -1.59 -8.50
C VAL A 116 9.49 -0.47 -9.38
N GLY A 117 10.60 0.09 -8.98
CA GLY A 117 11.22 1.16 -9.80
C GLY A 117 11.31 0.66 -11.24
N ILE A 118 11.81 -0.54 -11.42
CA ILE A 118 11.88 -1.06 -12.81
C ILE A 118 10.48 -0.93 -13.42
N ALA A 119 9.46 -1.06 -12.61
CA ALA A 119 8.09 -0.92 -13.15
C ALA A 119 7.88 0.54 -13.55
N VAL A 120 8.52 1.48 -12.89
CA VAL A 120 8.33 2.89 -13.32
C VAL A 120 8.58 2.89 -14.81
N ALA A 121 9.51 2.11 -15.24
CA ALA A 121 9.76 1.98 -16.70
C ALA A 121 8.79 0.91 -17.24
N LYS A 122 8.32 0.07 -16.35
CA LYS A 122 7.38 -1.02 -16.75
C LYS A 122 6.19 -1.07 -15.77
N SER A 123 5.55 0.05 -15.52
CA SER A 123 4.42 0.06 -14.54
C SER A 123 3.58 -1.21 -14.69
N ASP A 124 3.77 -1.91 -15.75
CA ASP A 124 2.98 -3.16 -15.95
C ASP A 124 3.78 -4.14 -16.80
N GLY A 125 5.00 -4.42 -16.41
CA GLY A 125 5.83 -5.37 -17.21
C GLY A 125 6.87 -6.06 -16.31
N ASN A 126 7.52 -5.32 -15.45
CA ASN A 126 8.55 -5.95 -14.57
C ASN A 126 8.05 -6.02 -13.12
N PHE A 127 8.86 -6.52 -12.23
CA PHE A 127 8.45 -6.65 -10.79
C PHE A 127 7.85 -8.03 -10.56
N ASP A 128 7.72 -8.41 -9.32
CA ASP A 128 7.13 -9.74 -9.00
C ASP A 128 8.22 -10.80 -9.14
N ASP A 129 9.31 -10.47 -9.79
CA ASP A 129 10.42 -11.46 -9.95
C ASP A 129 11.48 -11.22 -8.88
N ASP A 130 11.69 -9.99 -8.48
CA ASP A 130 12.69 -9.71 -7.43
C ASP A 130 12.07 -10.04 -6.09
N GLU A 131 10.76 -10.02 -6.03
CA GLU A 131 10.05 -10.32 -4.77
C GLU A 131 10.56 -11.64 -4.19
N LYS A 132 11.03 -12.54 -5.01
CA LYS A 132 11.53 -13.85 -4.47
C LYS A 132 12.76 -13.61 -3.61
N SER A 133 13.76 -12.95 -4.15
CA SER A 133 14.98 -12.69 -3.34
C SER A 133 14.67 -11.57 -2.36
N ALA A 134 13.78 -10.69 -2.72
CA ALA A 134 13.42 -9.57 -1.81
C ALA A 134 12.67 -10.12 -0.59
N VAL A 135 11.61 -10.86 -0.80
CA VAL A 135 10.87 -11.42 0.36
C VAL A 135 11.86 -12.19 1.23
N ARG A 136 12.83 -12.81 0.62
CA ARG A 136 13.85 -13.57 1.42
C ARG A 136 14.42 -12.63 2.49
N GLU A 137 14.90 -11.49 2.08
CA GLU A 137 15.48 -10.52 3.05
C GLU A 137 14.35 -9.82 3.83
N ILE A 138 13.20 -9.68 3.22
CA ILE A 138 12.08 -8.99 3.94
C ILE A 138 11.58 -9.87 5.08
N ALA A 139 11.21 -11.08 4.78
CA ALA A 139 10.71 -11.99 5.84
C ALA A 139 11.74 -12.08 6.96
N ARG A 140 12.98 -12.18 6.60
CA ARG A 140 14.04 -12.28 7.64
C ARG A 140 14.25 -10.92 8.32
N SER A 141 14.36 -9.87 7.56
CA SER A 141 14.56 -8.53 8.16
C SER A 141 13.39 -8.17 9.06
N LEU A 142 12.19 -8.37 8.59
CA LEU A 142 11.00 -8.04 9.43
C LEU A 142 10.68 -9.24 10.32
N GLY A 143 10.31 -10.36 9.75
CA GLY A 143 10.00 -11.55 10.59
C GLY A 143 8.93 -12.43 9.95
N PHE A 144 8.98 -12.61 8.65
CA PHE A 144 7.95 -13.47 7.99
C PHE A 144 8.63 -14.73 7.43
N ASP A 145 7.97 -15.42 6.54
CA ASP A 145 8.56 -16.66 5.96
C ASP A 145 9.83 -16.28 5.17
N PRO A 146 10.98 -16.66 5.66
CA PRO A 146 12.28 -16.35 4.99
C PRO A 146 12.30 -16.73 3.50
N ALA A 147 11.74 -15.91 2.66
CA ALA A 147 11.75 -16.22 1.21
C ALA A 147 10.68 -17.24 0.85
N GLU A 148 9.78 -16.90 -0.03
CA GLU A 148 8.72 -17.86 -0.43
C GLU A 148 7.55 -17.13 -1.09
N PHE A 149 7.80 -16.05 -1.78
CA PHE A 149 6.68 -15.32 -2.43
C PHE A 149 6.95 -15.16 -3.93
N GLY A 150 7.27 -13.96 -4.36
CA GLY A 150 7.55 -13.75 -5.81
C GLY A 150 6.24 -13.39 -6.54
N LEU A 151 5.21 -13.10 -5.81
CA LEU A 151 3.91 -12.76 -6.45
C LEU A 151 3.75 -13.51 -7.78
N LEU A 152 4.21 -12.94 -8.86
CA LEU A 152 4.11 -13.62 -10.18
C LEU A 152 3.00 -14.67 -10.15
N GLU A 153 3.36 -15.91 -10.11
CA GLU A 153 2.33 -16.99 -10.07
C GLU A 153 1.39 -16.84 -11.27
N MET A 1 -17.96 6.44 -2.39
CA MET A 1 -18.54 7.82 -2.44
C MET A 1 -17.42 8.84 -2.62
N SER A 2 -17.73 10.00 -3.10
CA SER A 2 -16.68 11.04 -3.30
C SER A 2 -15.55 10.47 -4.15
N PHE A 3 -15.59 10.68 -5.43
CA PHE A 3 -14.52 10.15 -6.32
C PHE A 3 -13.16 10.64 -5.82
N PHE A 4 -12.16 10.58 -6.65
CA PHE A 4 -10.80 11.03 -6.22
C PHE A 4 -10.93 12.33 -5.40
N ASP A 5 -9.93 12.66 -4.64
CA ASP A 5 -10.00 13.91 -3.82
C ASP A 5 -8.72 14.70 -4.00
N LYS A 6 -8.17 14.71 -5.18
CA LYS A 6 -6.91 15.47 -5.44
C LYS A 6 -6.15 15.65 -4.12
N VAL A 7 -5.98 14.57 -3.39
CA VAL A 7 -5.28 14.67 -2.08
C VAL A 7 -3.76 14.58 -2.29
N LYS A 8 -3.31 13.74 -3.19
CA LYS A 8 -1.85 13.61 -3.40
C LYS A 8 -1.18 13.40 -2.05
N GLY A 9 -1.96 13.30 -1.01
CA GLY A 9 -1.39 13.11 0.35
C GLY A 9 -2.07 14.05 1.34
N ALA A 10 -3.27 13.72 1.75
CA ALA A 10 -4.00 14.59 2.72
C ALA A 10 -5.51 14.46 2.47
N LEU A 11 -6.20 13.75 3.31
CA LEU A 11 -7.67 13.58 3.09
C LEU A 11 -8.42 13.89 4.39
N THR A 12 -9.70 13.68 4.39
CA THR A 12 -10.49 13.97 5.63
C THR A 12 -9.72 13.49 6.86
N SER A 13 -10.16 13.87 8.02
CA SER A 13 -9.46 13.43 9.28
C SER A 13 -9.45 11.91 9.35
N GLY A 14 -9.82 11.25 8.28
CA GLY A 14 -9.84 9.76 8.28
C GLY A 14 -8.56 9.21 8.91
N ARG A 15 -7.47 9.90 8.78
CA ARG A 15 -6.19 9.39 9.35
C ARG A 15 -6.31 9.22 10.87
N GLU A 16 -6.52 10.29 11.59
CA GLU A 16 -6.63 10.17 13.08
C GLU A 16 -8.04 9.75 13.48
N GLU A 17 -9.03 10.47 13.04
CA GLU A 17 -10.43 10.15 13.45
C GLU A 17 -10.76 8.67 13.19
N LEU A 18 -10.52 8.18 12.01
CA LEU A 18 -10.87 6.76 11.72
C LEU A 18 -9.83 5.78 12.30
N THR A 19 -8.56 6.07 12.21
CA THR A 19 -7.57 5.10 12.76
C THR A 19 -7.75 5.01 14.27
N ARG A 20 -7.71 6.12 14.95
CA ARG A 20 -7.89 6.09 16.42
C ARG A 20 -9.19 5.35 16.77
N GLN A 21 -10.22 5.54 15.99
CA GLN A 21 -11.50 4.86 16.25
C GLN A 21 -11.31 3.34 16.06
N VAL A 22 -10.27 2.96 15.39
CA VAL A 22 -10.04 1.51 15.16
C VAL A 22 -10.29 0.75 16.46
N GLY A 23 -10.00 1.36 17.57
CA GLY A 23 -10.25 0.66 18.86
C GLY A 23 -11.75 0.49 19.05
N ARG A 24 -12.51 0.78 18.02
CA ARG A 24 -13.99 0.63 18.12
C ARG A 24 -14.52 -0.11 16.89
N TYR A 25 -14.05 0.24 15.72
CA TYR A 25 -14.53 -0.45 14.49
C TYR A 25 -13.59 -1.60 14.13
N LYS A 26 -12.34 -1.51 14.51
CA LYS A 26 -11.40 -2.60 14.17
C LYS A 26 -11.36 -2.78 12.65
N ASN A 27 -12.11 -1.97 11.93
CA ASN A 27 -12.11 -2.09 10.45
C ASN A 27 -11.10 -1.09 9.86
N LYS A 28 -10.54 -1.41 8.72
CA LYS A 28 -9.54 -0.49 8.10
C LYS A 28 -9.92 -0.28 6.63
N LYS A 29 -10.38 -1.30 5.97
CA LYS A 29 -10.77 -1.18 4.54
C LYS A 29 -12.04 -0.33 4.44
N PHE A 30 -12.57 0.09 5.54
CA PHE A 30 -13.83 0.88 5.53
C PHE A 30 -13.61 2.30 4.96
N MET A 31 -13.01 3.16 5.73
CA MET A 31 -12.71 4.54 5.26
C MET A 31 -11.45 4.51 4.40
N GLN A 32 -10.45 3.83 4.87
CA GLN A 32 -9.18 3.76 4.12
C GLN A 32 -9.34 2.84 2.90
N GLY A 33 -10.21 1.87 2.98
CA GLY A 33 -10.39 0.96 1.81
C GLY A 33 -11.14 1.70 0.71
N THR A 34 -12.01 2.62 1.07
CA THR A 34 -12.76 3.38 0.03
C THR A 34 -11.82 4.41 -0.63
N VAL A 35 -10.86 4.92 0.09
CA VAL A 35 -9.94 5.91 -0.54
C VAL A 35 -8.96 5.15 -1.45
N ALA A 36 -8.38 4.10 -0.94
CA ALA A 36 -7.42 3.32 -1.78
C ALA A 36 -8.08 3.02 -3.13
N VAL A 37 -9.23 2.41 -3.13
CA VAL A 37 -9.92 2.12 -4.42
C VAL A 37 -10.09 3.43 -5.17
N CYS A 38 -10.42 4.48 -4.48
CA CYS A 38 -10.58 5.79 -5.17
C CYS A 38 -9.31 6.04 -5.98
N ALA A 39 -8.21 5.52 -5.51
CA ALA A 39 -6.95 5.70 -6.26
C ALA A 39 -6.88 4.71 -7.43
N ARG A 40 -7.20 3.48 -7.18
CA ARG A 40 -7.13 2.44 -8.24
C ARG A 40 -7.67 2.99 -9.57
N ILE A 41 -8.76 3.68 -9.56
CA ILE A 41 -9.29 4.22 -10.86
C ILE A 41 -8.74 5.62 -11.13
N ALA A 42 -8.26 6.31 -10.13
CA ALA A 42 -7.74 7.68 -10.37
C ALA A 42 -6.25 7.62 -10.74
N VAL A 43 -5.69 6.43 -10.77
CA VAL A 43 -4.24 6.30 -11.12
C VAL A 43 -3.82 7.40 -12.09
N ALA A 44 -4.69 7.85 -12.93
CA ALA A 44 -4.33 8.92 -13.90
C ALA A 44 -3.16 8.44 -14.77
N SER A 45 -2.46 7.44 -14.34
CA SER A 45 -1.32 6.92 -15.14
C SER A 45 -1.84 6.30 -16.43
N ASP A 46 -1.21 5.27 -16.88
CA ASP A 46 -1.65 4.58 -18.13
C ASP A 46 -1.70 3.08 -17.90
N GLY A 47 -2.47 2.63 -16.95
CA GLY A 47 -2.55 1.17 -16.68
C GLY A 47 -3.75 0.87 -15.78
N VAL A 48 -3.84 1.50 -14.65
CA VAL A 48 -4.98 1.24 -13.73
C VAL A 48 -4.83 -0.14 -13.09
N SER A 49 -5.50 -0.36 -11.99
CA SER A 49 -5.40 -1.68 -11.32
C SER A 49 -6.79 -2.23 -11.01
N SER A 50 -6.94 -2.86 -9.88
CA SER A 50 -8.26 -3.44 -9.50
C SER A 50 -8.03 -4.59 -8.54
N GLU A 51 -7.50 -5.68 -9.02
CA GLU A 51 -7.23 -6.83 -8.12
C GLU A 51 -6.05 -6.50 -7.20
N GLU A 52 -5.11 -5.72 -7.68
CA GLU A 52 -3.94 -5.37 -6.83
C GLU A 52 -4.38 -4.42 -5.71
N LYS A 53 -5.06 -3.36 -6.04
CA LYS A 53 -5.50 -2.42 -4.97
C LYS A 53 -6.40 -3.19 -4.00
N GLN A 54 -7.24 -4.03 -4.52
CA GLN A 54 -8.13 -4.83 -3.64
C GLN A 54 -7.27 -5.51 -2.58
N LYS A 55 -6.10 -5.96 -2.98
CA LYS A 55 -5.19 -6.63 -2.01
C LYS A 55 -4.76 -5.59 -0.97
N MET A 56 -4.37 -4.43 -1.41
CA MET A 56 -3.96 -3.37 -0.45
C MET A 56 -5.05 -3.19 0.60
N ILE A 57 -6.29 -3.10 0.19
CA ILE A 57 -7.38 -2.93 1.20
C ILE A 57 -7.20 -4.01 2.26
N GLY A 58 -6.88 -5.21 1.85
CA GLY A 58 -6.66 -6.29 2.85
C GLY A 58 -5.57 -5.82 3.81
N PHE A 59 -4.53 -5.24 3.27
CA PHE A 59 -3.43 -4.72 4.12
C PHE A 59 -4.06 -3.74 5.12
N LEU A 60 -4.97 -2.94 4.66
CA LEU A 60 -5.65 -1.98 5.58
C LEU A 60 -6.14 -2.77 6.80
N ARG A 61 -6.71 -3.92 6.56
CA ARG A 61 -7.20 -4.76 7.69
C ARG A 61 -6.06 -4.95 8.68
N SER A 62 -4.85 -5.11 8.19
CA SER A 62 -3.70 -5.30 9.13
C SER A 62 -2.76 -4.09 9.05
N SER A 63 -3.13 -3.08 8.29
CA SER A 63 -2.25 -1.87 8.15
C SER A 63 -1.71 -1.41 9.51
N GLU A 64 -0.95 -0.35 9.51
CA GLU A 64 -0.38 0.16 10.79
C GLU A 64 -1.51 0.57 11.73
N GLU A 65 -2.68 0.80 11.21
CA GLU A 65 -3.82 1.19 12.09
C GLU A 65 -3.80 0.30 13.34
N LEU A 66 -3.03 -0.74 13.30
CA LEU A 66 -2.93 -1.67 14.46
C LEU A 66 -2.73 -0.83 15.72
N LYS A 67 -2.10 0.31 15.57
CA LYS A 67 -1.85 1.20 16.73
C LYS A 67 -3.13 1.94 17.11
N VAL A 68 -3.77 2.58 16.16
CA VAL A 68 -5.02 3.34 16.46
C VAL A 68 -4.64 4.76 16.86
N PHE A 69 -3.79 5.41 16.09
CA PHE A 69 -3.39 6.82 16.46
C PHE A 69 -2.53 7.48 15.36
N ASP A 70 -1.38 6.93 15.06
CA ASP A 70 -0.49 7.58 14.05
C ASP A 70 -1.29 7.98 12.80
N THR A 71 -1.84 9.16 12.83
CA THR A 71 -2.63 9.66 11.67
C THR A 71 -1.69 9.86 10.49
N ALA A 72 -0.48 10.25 10.75
CA ALA A 72 0.50 10.47 9.65
C ALA A 72 0.75 9.15 8.91
N GLU A 73 0.70 8.05 9.62
CA GLU A 73 0.92 6.73 8.96
C GLU A 73 -0.29 6.38 8.09
N VAL A 74 -1.46 6.78 8.50
CA VAL A 74 -2.67 6.47 7.68
C VAL A 74 -2.59 7.22 6.35
N ILE A 75 -2.61 8.52 6.39
CA ILE A 75 -2.52 9.29 5.13
C ILE A 75 -1.28 8.81 4.39
N GLU A 76 -0.34 8.25 5.09
CA GLU A 76 0.90 7.76 4.43
C GLU A 76 0.51 6.70 3.39
N PHE A 77 -0.40 5.81 3.71
CA PHE A 77 -0.78 4.79 2.71
C PHE A 77 -1.62 5.44 1.62
N PHE A 78 -2.75 6.02 1.94
CA PHE A 78 -3.56 6.64 0.85
C PHE A 78 -2.72 7.71 0.14
N ASN A 79 -1.87 8.38 0.85
CA ASN A 79 -1.02 9.43 0.21
C ASN A 79 -0.11 8.79 -0.83
N LYS A 80 0.59 7.76 -0.46
CA LYS A 80 1.48 7.09 -1.44
C LYS A 80 0.62 6.50 -2.55
N LEU A 81 -0.58 6.07 -2.22
CA LEU A 81 -1.46 5.48 -3.26
C LEU A 81 -1.93 6.56 -4.23
N VAL A 82 -2.51 7.62 -3.76
CA VAL A 82 -2.98 8.68 -4.70
C VAL A 82 -1.81 9.29 -5.47
N THR A 83 -0.72 9.60 -4.83
CA THR A 83 0.43 10.22 -5.57
C THR A 83 1.26 9.15 -6.31
N SER A 84 1.57 8.06 -5.65
CA SER A 84 2.43 7.01 -6.31
C SER A 84 1.63 6.18 -7.32
N PHE A 85 0.34 6.10 -7.19
CA PHE A 85 -0.45 5.26 -8.13
C PHE A 85 -0.45 5.85 -9.55
N ASP A 86 0.29 6.89 -9.79
CA ASP A 86 0.29 7.44 -11.18
C ASP A 86 1.36 6.72 -12.01
N PHE A 87 1.92 5.68 -11.47
CA PHE A 87 2.95 4.90 -12.22
C PHE A 87 2.57 3.42 -12.14
N ASP A 88 2.88 2.78 -11.05
CA ASP A 88 2.54 1.34 -10.91
C ASP A 88 1.18 1.22 -10.22
N LEU A 89 0.13 1.22 -10.98
CA LEU A 89 -1.22 1.12 -10.36
C LEU A 89 -1.32 -0.19 -9.58
N GLU A 90 -1.03 -1.29 -10.21
CA GLU A 90 -1.11 -2.59 -9.50
C GLU A 90 0.13 -2.81 -8.60
N ILE A 91 1.30 -2.57 -9.10
CA ILE A 91 2.54 -2.81 -8.29
C ILE A 91 2.77 -1.68 -7.28
N GLY A 92 2.35 -0.47 -7.58
CA GLY A 92 2.58 0.65 -6.63
C GLY A 92 1.94 0.35 -5.27
N LYS A 93 0.69 0.02 -5.25
CA LYS A 93 0.01 -0.26 -3.95
C LYS A 93 0.39 -1.65 -3.43
N GLY A 94 0.91 -2.50 -4.27
CA GLY A 94 1.27 -3.88 -3.82
C GLY A 94 2.41 -3.84 -2.79
N GLU A 95 3.49 -3.16 -3.09
CA GLU A 95 4.63 -3.12 -2.11
C GLU A 95 4.43 -2.01 -1.08
N THR A 96 4.00 -0.86 -1.52
CA THR A 96 3.82 0.26 -0.56
C THR A 96 3.02 -0.21 0.65
N MET A 97 1.93 -0.91 0.42
CA MET A 97 1.11 -1.41 1.56
C MET A 97 2.01 -2.20 2.50
N LYS A 98 3.11 -2.69 2.00
CA LYS A 98 4.04 -3.48 2.84
C LYS A 98 4.82 -2.58 3.79
N TYR A 99 5.31 -1.46 3.33
CA TYR A 99 6.09 -0.59 4.24
C TYR A 99 5.21 -0.01 5.34
N ILE A 100 3.93 0.19 5.09
CA ILE A 100 3.07 0.73 6.19
C ILE A 100 2.94 -0.35 7.27
N LEU A 101 2.51 -1.52 6.90
CA LEU A 101 2.38 -2.61 7.92
C LEU A 101 3.78 -3.01 8.37
N ALA A 102 4.63 -3.37 7.46
CA ALA A 102 6.01 -3.76 7.84
C ALA A 102 6.61 -2.66 8.70
N LEU A 103 7.21 -1.68 8.08
CA LEU A 103 7.83 -0.58 8.86
C LEU A 103 8.84 -1.14 9.86
N LYS A 104 8.70 -2.41 10.21
CA LYS A 104 9.66 -3.03 11.18
C LYS A 104 11.01 -2.33 11.04
N ASP A 105 11.41 -2.08 9.82
CA ASP A 105 12.71 -1.39 9.58
C ASP A 105 12.45 -0.17 8.70
N GLN A 106 12.39 -0.36 7.40
CA GLN A 106 12.12 0.78 6.49
C GLN A 106 12.63 0.45 5.07
N PRO A 107 13.91 0.29 4.92
CA PRO A 107 14.55 -0.03 3.61
C PRO A 107 14.12 -1.40 3.04
N GLU A 108 13.58 -2.26 3.86
CA GLU A 108 13.16 -3.59 3.33
C GLU A 108 11.89 -3.44 2.48
N ALA A 109 10.87 -2.85 3.03
CA ALA A 109 9.62 -2.66 2.26
C ALA A 109 9.93 -1.77 1.05
N ALA A 110 10.81 -0.83 1.23
CA ALA A 110 11.20 0.06 0.11
C ALA A 110 12.00 -0.73 -0.91
N GLN A 111 12.79 -1.67 -0.46
CA GLN A 111 13.59 -2.48 -1.42
C GLN A 111 12.63 -3.01 -2.48
N LEU A 112 11.55 -3.61 -2.07
CA LEU A 112 10.57 -4.10 -3.07
C LEU A 112 10.14 -2.91 -3.92
N ALA A 113 9.94 -1.78 -3.30
CA ALA A 113 9.55 -0.56 -4.08
C ALA A 113 10.61 -0.30 -5.15
N LEU A 114 11.83 -0.74 -4.91
CA LEU A 114 12.91 -0.51 -5.92
C LEU A 114 12.64 -1.38 -7.15
N ARG A 115 12.51 -2.66 -6.97
CA ARG A 115 12.22 -3.51 -8.15
C ARG A 115 10.98 -2.90 -8.80
N VAL A 116 9.99 -2.56 -8.02
CA VAL A 116 8.81 -1.92 -8.62
C VAL A 116 9.36 -0.80 -9.51
N GLY A 117 10.46 -0.23 -9.12
CA GLY A 117 11.07 0.84 -9.96
C GLY A 117 11.17 0.30 -11.39
N ILE A 118 11.69 -0.90 -11.54
CA ILE A 118 11.77 -1.44 -12.93
C ILE A 118 10.39 -1.35 -13.54
N ALA A 119 9.35 -1.46 -12.74
CA ALA A 119 7.99 -1.34 -13.30
C ALA A 119 7.78 0.11 -13.73
N VAL A 120 8.41 1.05 -13.10
CA VAL A 120 8.23 2.46 -13.55
C VAL A 120 8.47 2.44 -15.04
N ALA A 121 9.45 1.70 -15.46
CA ALA A 121 9.71 1.57 -16.91
C ALA A 121 8.80 0.44 -17.42
N LYS A 122 8.33 -0.38 -16.51
CA LYS A 122 7.45 -1.53 -16.87
C LYS A 122 6.24 -1.57 -15.92
N SER A 123 5.56 -0.48 -15.75
CA SER A 123 4.39 -0.44 -14.80
C SER A 123 3.58 -1.74 -14.91
N ASP A 124 3.82 -2.51 -15.92
CA ASP A 124 3.07 -3.78 -16.06
C ASP A 124 3.89 -4.76 -16.89
N GLY A 125 5.10 -5.04 -16.48
CA GLY A 125 5.94 -5.99 -17.27
C GLY A 125 7.00 -6.62 -16.36
N ASN A 126 7.50 -5.89 -15.39
CA ASN A 126 8.54 -6.47 -14.50
C ASN A 126 8.02 -6.54 -13.06
N PHE A 127 8.85 -6.97 -12.14
CA PHE A 127 8.42 -7.09 -10.72
C PHE A 127 7.81 -8.48 -10.50
N ASP A 128 7.59 -8.86 -9.27
CA ASP A 128 7.00 -10.19 -9.01
C ASP A 128 8.07 -11.27 -9.24
N ASP A 129 9.26 -10.87 -9.60
CA ASP A 129 10.34 -11.88 -9.83
C ASP A 129 11.35 -11.83 -8.69
N ASP A 130 11.72 -10.65 -8.25
CA ASP A 130 12.70 -10.55 -7.14
C ASP A 130 11.93 -10.63 -5.83
N GLU A 131 10.64 -10.39 -5.88
CA GLU A 131 9.82 -10.44 -4.66
C GLU A 131 10.08 -11.76 -3.93
N LYS A 132 10.45 -12.79 -4.63
CA LYS A 132 10.73 -14.09 -3.96
C LYS A 132 12.02 -13.99 -3.16
N SER A 133 13.05 -13.46 -3.75
CA SER A 133 14.33 -13.30 -3.00
C SER A 133 14.19 -12.09 -2.09
N ALA A 134 13.40 -11.13 -2.52
CA ALA A 134 13.19 -9.92 -1.68
C ALA A 134 12.40 -10.29 -0.43
N VAL A 135 11.27 -10.93 -0.59
CA VAL A 135 10.50 -11.33 0.61
C VAL A 135 11.39 -12.18 1.50
N ARG A 136 12.27 -12.94 0.92
CA ARG A 136 13.20 -13.77 1.74
C ARG A 136 13.87 -12.87 2.77
N GLU A 137 14.45 -11.81 2.33
CA GLU A 137 15.13 -10.87 3.27
C GLU A 137 14.09 -10.04 4.02
N ILE A 138 12.95 -9.80 3.42
CA ILE A 138 11.91 -8.98 4.12
C ILE A 138 11.35 -9.77 5.30
N ALA A 139 10.87 -10.95 5.08
CA ALA A 139 10.32 -11.78 6.18
C ALA A 139 11.37 -11.92 7.28
N ARG A 140 12.60 -12.13 6.91
CA ARG A 140 13.67 -12.29 7.93
C ARG A 140 14.02 -10.92 8.55
N SER A 141 14.06 -9.89 7.75
CA SER A 141 14.39 -8.54 8.30
C SER A 141 13.26 -8.06 9.21
N LEU A 142 12.04 -8.20 8.77
CA LEU A 142 10.89 -7.75 9.59
C LEU A 142 10.51 -8.87 10.57
N GLY A 143 10.11 -10.01 10.07
CA GLY A 143 9.76 -11.13 10.98
C GLY A 143 8.62 -11.98 10.39
N PHE A 144 8.59 -12.18 9.10
CA PHE A 144 7.50 -13.02 8.51
C PHE A 144 8.09 -14.34 8.02
N ASP A 145 7.38 -15.03 7.16
CA ASP A 145 7.89 -16.33 6.62
C ASP A 145 9.12 -16.05 5.76
N PRO A 146 10.27 -16.50 6.20
CA PRO A 146 11.55 -16.29 5.46
C PRO A 146 11.45 -16.68 3.98
N ALA A 147 10.87 -15.84 3.16
CA ALA A 147 10.78 -16.16 1.71
C ALA A 147 9.60 -17.10 1.43
N GLU A 148 8.70 -16.69 0.58
CA GLU A 148 7.55 -17.56 0.23
C GLU A 148 6.39 -16.70 -0.29
N PHE A 149 6.67 -15.65 -1.02
CA PHE A 149 5.56 -14.80 -1.53
C PHE A 149 5.62 -14.71 -3.06
N GLY A 150 6.61 -14.04 -3.58
CA GLY A 150 6.71 -13.93 -5.05
C GLY A 150 5.32 -13.66 -5.64
N LEU A 151 4.75 -12.52 -5.33
CA LEU A 151 3.39 -12.21 -5.88
C LEU A 151 3.36 -12.49 -7.38
N LEU A 152 3.23 -13.73 -7.75
CA LEU A 152 3.20 -14.07 -9.20
C LEU A 152 1.95 -14.90 -9.50
N GLU A 153 0.80 -14.38 -9.18
CA GLU A 153 -0.45 -15.14 -9.45
C GLU A 153 -0.49 -15.58 -10.90
N MET A 1 -21.55 7.83 -1.89
CA MET A 1 -20.54 7.66 -2.97
C MET A 1 -19.25 8.38 -2.57
N SER A 2 -18.14 8.04 -3.17
CA SER A 2 -16.86 8.71 -2.81
C SER A 2 -15.79 8.32 -3.84
N PHE A 3 -15.70 9.05 -4.92
CA PHE A 3 -14.67 8.72 -5.95
C PHE A 3 -13.36 9.42 -5.60
N PHE A 4 -12.63 9.86 -6.58
CA PHE A 4 -11.34 10.54 -6.30
C PHE A 4 -11.59 11.79 -5.46
N ASP A 5 -10.62 12.21 -4.70
CA ASP A 5 -10.82 13.43 -3.85
C ASP A 5 -9.60 14.35 -3.99
N LYS A 6 -8.88 14.25 -5.08
CA LYS A 6 -7.69 15.11 -5.26
C LYS A 6 -6.99 15.29 -3.91
N VAL A 7 -6.77 14.21 -3.20
CA VAL A 7 -6.12 14.32 -1.87
C VAL A 7 -4.60 14.32 -2.04
N LYS A 8 -4.08 13.47 -2.88
CA LYS A 8 -2.60 13.42 -3.05
C LYS A 8 -1.96 13.18 -1.68
N GLY A 9 -2.76 13.19 -0.64
CA GLY A 9 -2.21 12.96 0.72
C GLY A 9 -2.82 13.97 1.69
N ALA A 10 -4.01 13.72 2.18
CA ALA A 10 -4.65 14.68 3.14
C ALA A 10 -6.16 14.53 3.05
N LEU A 11 -6.64 13.33 2.89
CA LEU A 11 -8.11 13.11 2.79
C LEU A 11 -8.79 13.50 4.11
N THR A 12 -10.03 13.14 4.27
CA THR A 12 -10.75 13.48 5.53
C THR A 12 -9.91 13.07 6.74
N SER A 13 -10.32 13.49 7.91
CA SER A 13 -9.57 13.14 9.16
C SER A 13 -9.56 11.62 9.33
N GLY A 14 -9.97 10.89 8.34
CA GLY A 14 -10.00 9.40 8.47
C GLY A 14 -8.70 8.90 9.09
N ARG A 15 -7.62 9.58 8.87
CA ARG A 15 -6.32 9.11 9.44
C ARG A 15 -6.38 9.11 10.98
N GLU A 16 -6.60 10.24 11.58
CA GLU A 16 -6.64 10.30 13.08
C GLU A 16 -8.01 9.87 13.61
N GLU A 17 -9.06 10.25 12.95
CA GLU A 17 -10.43 9.89 13.45
C GLU A 17 -10.73 8.40 13.24
N LEU A 18 -10.54 7.90 12.06
CA LEU A 18 -10.88 6.46 11.82
C LEU A 18 -9.82 5.52 12.40
N THR A 19 -8.56 5.87 12.38
CA THR A 19 -7.55 4.93 12.94
C THR A 19 -7.71 4.86 14.46
N ARG A 20 -7.65 5.97 15.12
CA ARG A 20 -7.81 5.98 16.59
C ARG A 20 -9.11 5.27 16.99
N GLN A 21 -10.09 5.31 16.13
CA GLN A 21 -11.40 4.67 16.45
C GLN A 21 -11.32 3.15 16.23
N VAL A 22 -10.38 2.68 15.46
CA VAL A 22 -10.32 1.20 15.24
C VAL A 22 -10.47 0.47 16.57
N GLY A 23 -10.01 1.06 17.64
CA GLY A 23 -10.15 0.40 18.97
C GLY A 23 -11.63 0.07 19.18
N ARG A 24 -12.48 0.66 18.40
CA ARG A 24 -13.94 0.40 18.53
C ARG A 24 -14.44 -0.32 17.29
N TYR A 25 -14.01 0.11 16.13
CA TYR A 25 -14.46 -0.55 14.87
C TYR A 25 -13.43 -1.61 14.47
N LYS A 26 -12.19 -1.41 14.81
CA LYS A 26 -11.15 -2.40 14.43
C LYS A 26 -11.17 -2.61 12.92
N ASN A 27 -12.00 -1.88 12.22
CA ASN A 27 -12.06 -2.04 10.74
C ASN A 27 -11.05 -1.10 10.08
N LYS A 28 -10.56 -1.47 8.94
CA LYS A 28 -9.57 -0.61 8.23
C LYS A 28 -10.00 -0.48 6.77
N LYS A 29 -10.40 -1.57 6.19
CA LYS A 29 -10.84 -1.56 4.76
C LYS A 29 -12.16 -0.80 4.63
N PHE A 30 -12.74 -0.44 5.73
CA PHE A 30 -14.06 0.27 5.68
C PHE A 30 -13.93 1.66 5.04
N MET A 31 -13.39 2.60 5.77
CA MET A 31 -13.20 3.97 5.24
C MET A 31 -11.94 4.02 4.38
N GLN A 32 -10.87 3.48 4.89
CA GLN A 32 -9.60 3.51 4.14
C GLN A 32 -9.67 2.51 2.98
N GLY A 33 -10.43 1.45 3.10
CA GLY A 33 -10.52 0.48 1.98
C GLY A 33 -11.24 1.17 0.82
N THR A 34 -12.38 1.76 1.09
CA THR A 34 -13.10 2.47 -0.01
C THR A 34 -12.19 3.58 -0.53
N VAL A 35 -11.24 3.98 0.27
CA VAL A 35 -10.30 5.05 -0.16
C VAL A 35 -9.33 4.50 -1.22
N ALA A 36 -8.57 3.50 -0.87
CA ALA A 36 -7.60 2.92 -1.84
C ALA A 36 -8.28 2.72 -3.20
N VAL A 37 -9.40 2.06 -3.21
CA VAL A 37 -10.10 1.84 -4.52
C VAL A 37 -10.30 3.18 -5.21
N CYS A 38 -10.63 4.20 -4.48
CA CYS A 38 -10.80 5.53 -5.13
C CYS A 38 -9.54 5.80 -5.94
N ALA A 39 -8.43 5.31 -5.48
CA ALA A 39 -7.16 5.51 -6.21
C ALA A 39 -7.06 4.54 -7.39
N ARG A 40 -7.30 3.28 -7.15
CA ARG A 40 -7.18 2.26 -8.24
C ARG A 40 -7.75 2.80 -9.55
N ILE A 41 -8.87 3.46 -9.53
CA ILE A 41 -9.43 3.98 -10.82
C ILE A 41 -8.95 5.42 -11.09
N ALA A 42 -8.51 6.12 -10.09
CA ALA A 42 -8.05 7.52 -10.31
C ALA A 42 -6.56 7.53 -10.68
N VAL A 43 -5.95 6.38 -10.71
CA VAL A 43 -4.49 6.31 -11.04
C VAL A 43 -4.11 7.44 -12.00
N ALA A 44 -5.01 7.86 -12.84
CA ALA A 44 -4.69 8.96 -13.80
C ALA A 44 -3.54 8.51 -14.71
N SER A 45 -2.75 7.57 -14.27
CA SER A 45 -1.60 7.10 -15.11
C SER A 45 -2.14 6.50 -16.40
N ASP A 46 -1.53 5.45 -16.84
CA ASP A 46 -1.99 4.78 -18.10
C ASP A 46 -1.95 3.27 -17.92
N GLY A 47 -2.54 2.77 -16.86
CA GLY A 47 -2.52 1.30 -16.62
C GLY A 47 -3.71 0.90 -15.75
N VAL A 48 -3.89 1.57 -14.65
CA VAL A 48 -5.02 1.22 -13.75
C VAL A 48 -4.80 -0.17 -13.16
N SER A 49 -5.38 -0.44 -12.02
CA SER A 49 -5.20 -1.77 -11.38
C SER A 49 -6.58 -2.39 -11.10
N SER A 50 -6.71 -3.02 -9.96
CA SER A 50 -8.01 -3.66 -9.60
C SER A 50 -7.73 -4.80 -8.62
N GLU A 51 -7.12 -5.85 -9.08
CA GLU A 51 -6.81 -6.99 -8.19
C GLU A 51 -5.68 -6.59 -7.23
N GLU A 52 -4.76 -5.79 -7.69
CA GLU A 52 -3.63 -5.37 -6.79
C GLU A 52 -4.15 -4.40 -5.73
N LYS A 53 -4.84 -3.36 -6.12
CA LYS A 53 -5.36 -2.41 -5.10
C LYS A 53 -6.23 -3.20 -4.12
N GLN A 54 -6.93 -4.19 -4.61
CA GLN A 54 -7.78 -5.02 -3.72
C GLN A 54 -6.90 -5.55 -2.58
N LYS A 55 -5.70 -5.98 -2.89
CA LYS A 55 -4.80 -6.48 -1.83
C LYS A 55 -4.56 -5.36 -0.83
N MET A 56 -4.43 -4.15 -1.31
CA MET A 56 -4.21 -3.00 -0.41
C MET A 56 -5.30 -3.00 0.68
N ILE A 57 -6.54 -3.15 0.30
CA ILE A 57 -7.62 -3.16 1.33
C ILE A 57 -7.29 -4.23 2.37
N GLY A 58 -6.97 -5.43 1.94
CA GLY A 58 -6.62 -6.48 2.93
C GLY A 58 -5.54 -5.94 3.84
N PHE A 59 -4.54 -5.33 3.27
CA PHE A 59 -3.45 -4.76 4.11
C PHE A 59 -4.08 -3.81 5.12
N LEU A 60 -5.07 -3.06 4.71
CA LEU A 60 -5.75 -2.14 5.65
C LEU A 60 -6.22 -2.95 6.86
N ARG A 61 -6.79 -4.10 6.61
CA ARG A 61 -7.26 -4.95 7.74
C ARG A 61 -6.12 -5.08 8.76
N SER A 62 -4.92 -5.21 8.29
CA SER A 62 -3.76 -5.34 9.24
C SER A 62 -2.86 -4.10 9.13
N SER A 63 -3.26 -3.10 8.39
CA SER A 63 -2.42 -1.88 8.25
C SER A 63 -1.85 -1.46 9.60
N GLU A 64 -1.04 -0.42 9.61
CA GLU A 64 -0.44 0.04 10.88
C GLU A 64 -1.57 0.45 11.84
N GLU A 65 -2.75 0.66 11.33
CA GLU A 65 -3.88 1.04 12.22
C GLU A 65 -3.82 0.19 13.49
N LEU A 66 -3.10 -0.89 13.45
CA LEU A 66 -2.98 -1.75 14.66
C LEU A 66 -2.64 -0.87 15.85
N LYS A 67 -2.06 0.27 15.59
CA LYS A 67 -1.69 1.19 16.70
C LYS A 67 -2.92 1.98 17.15
N VAL A 68 -3.66 2.54 16.21
CA VAL A 68 -4.87 3.33 16.59
C VAL A 68 -4.48 4.76 16.95
N PHE A 69 -3.64 5.40 16.16
CA PHE A 69 -3.22 6.80 16.50
C PHE A 69 -2.40 7.44 15.38
N ASP A 70 -1.24 6.91 15.06
CA ASP A 70 -0.38 7.56 14.02
C ASP A 70 -1.20 7.90 12.79
N THR A 71 -1.84 9.03 12.80
CA THR A 71 -2.65 9.47 11.64
C THR A 71 -1.73 9.66 10.43
N ALA A 72 -0.54 10.12 10.67
CA ALA A 72 0.41 10.34 9.54
C ALA A 72 0.64 9.03 8.80
N GLU A 73 0.68 7.93 9.51
CA GLU A 73 0.89 6.62 8.86
C GLU A 73 -0.34 6.24 8.02
N VAL A 74 -1.51 6.61 8.48
CA VAL A 74 -2.74 6.27 7.71
C VAL A 74 -2.73 7.04 6.39
N ILE A 75 -2.80 8.35 6.46
CA ILE A 75 -2.77 9.14 5.21
C ILE A 75 -1.55 8.69 4.40
N GLU A 76 -0.58 8.14 5.07
CA GLU A 76 0.63 7.67 4.35
C GLU A 76 0.23 6.62 3.32
N PHE A 77 -0.64 5.71 3.67
CA PHE A 77 -1.04 4.68 2.68
C PHE A 77 -1.86 5.34 1.59
N PHE A 78 -2.98 5.94 1.91
CA PHE A 78 -3.77 6.59 0.82
C PHE A 78 -2.90 7.63 0.12
N ASN A 79 -2.23 8.46 0.88
CA ASN A 79 -1.37 9.50 0.25
C ASN A 79 -0.46 8.86 -0.80
N LYS A 80 0.29 7.87 -0.41
CA LYS A 80 1.18 7.21 -1.39
C LYS A 80 0.33 6.63 -2.51
N LEU A 81 -0.86 6.20 -2.20
CA LEU A 81 -1.74 5.62 -3.26
C LEU A 81 -2.17 6.72 -4.25
N VAL A 82 -2.73 7.80 -3.79
CA VAL A 82 -3.16 8.86 -4.75
C VAL A 82 -1.96 9.44 -5.51
N THR A 83 -0.89 9.75 -4.84
CA THR A 83 0.28 10.33 -5.56
C THR A 83 1.10 9.25 -6.27
N SER A 84 1.38 8.16 -5.61
CA SER A 84 2.21 7.09 -6.25
C SER A 84 1.40 6.26 -7.25
N PHE A 85 0.11 6.22 -7.13
CA PHE A 85 -0.70 5.39 -8.07
C PHE A 85 -0.73 5.99 -9.47
N ASP A 86 0.01 7.04 -9.74
CA ASP A 86 -0.02 7.59 -11.12
C ASP A 86 1.05 6.92 -11.97
N PHE A 87 1.66 5.88 -11.45
CA PHE A 87 2.69 5.13 -12.22
C PHE A 87 2.39 3.64 -12.08
N ASP A 88 2.74 3.07 -10.95
CA ASP A 88 2.48 1.63 -10.74
C ASP A 88 1.12 1.46 -10.09
N LEU A 89 0.08 1.43 -10.87
CA LEU A 89 -1.27 1.28 -10.29
C LEU A 89 -1.34 -0.03 -9.51
N GLU A 90 -1.01 -1.12 -10.14
CA GLU A 90 -1.06 -2.44 -9.45
C GLU A 90 0.16 -2.61 -8.52
N ILE A 91 1.33 -2.37 -9.03
CA ILE A 91 2.57 -2.55 -8.21
C ILE A 91 2.72 -1.45 -7.17
N GLY A 92 2.22 -0.27 -7.44
CA GLY A 92 2.37 0.85 -6.47
C GLY A 92 1.71 0.52 -5.13
N LYS A 93 0.47 0.13 -5.15
CA LYS A 93 -0.23 -0.18 -3.87
C LYS A 93 0.20 -1.55 -3.34
N GLY A 94 0.78 -2.38 -4.16
CA GLY A 94 1.19 -3.74 -3.68
C GLY A 94 2.36 -3.65 -2.68
N GLU A 95 3.44 -2.98 -3.02
CA GLU A 95 4.59 -2.90 -2.07
C GLU A 95 4.34 -1.82 -1.01
N THR A 96 3.81 -0.71 -1.40
CA THR A 96 3.56 0.37 -0.42
C THR A 96 2.82 -0.21 0.78
N MET A 97 1.78 -0.97 0.55
CA MET A 97 1.02 -1.58 1.68
C MET A 97 1.97 -2.33 2.61
N LYS A 98 3.10 -2.74 2.11
CA LYS A 98 4.06 -3.49 2.95
C LYS A 98 4.81 -2.57 3.90
N TYR A 99 5.24 -1.43 3.44
CA TYR A 99 6.00 -0.53 4.36
C TYR A 99 5.08 0.01 5.47
N ILE A 100 3.80 0.17 5.23
CA ILE A 100 2.92 0.67 6.33
C ILE A 100 2.79 -0.44 7.38
N LEU A 101 2.36 -1.61 6.97
CA LEU A 101 2.23 -2.73 7.95
C LEU A 101 3.62 -3.14 8.42
N ALA A 102 4.48 -3.48 7.49
CA ALA A 102 5.84 -3.89 7.88
C ALA A 102 6.42 -2.83 8.82
N LEU A 103 6.98 -1.78 8.27
CA LEU A 103 7.55 -0.70 9.12
C LEU A 103 8.60 -1.30 10.07
N LYS A 104 8.50 -2.57 10.38
CA LYS A 104 9.51 -3.18 11.29
C LYS A 104 10.84 -2.45 11.12
N ASP A 105 11.18 -2.13 9.89
CA ASP A 105 12.43 -1.38 9.62
C ASP A 105 12.07 -0.08 8.89
N GLN A 106 11.98 -0.13 7.59
CA GLN A 106 11.60 1.10 6.82
C GLN A 106 12.14 0.97 5.37
N PRO A 107 13.44 0.97 5.21
CA PRO A 107 14.07 0.86 3.87
C PRO A 107 13.86 -0.52 3.24
N GLU A 108 13.46 -1.49 4.01
CA GLU A 108 13.25 -2.85 3.43
C GLU A 108 11.97 -2.85 2.58
N ALA A 109 10.87 -2.43 3.13
CA ALA A 109 9.62 -2.38 2.33
C ALA A 109 9.82 -1.41 1.18
N ALA A 110 10.51 -0.33 1.43
CA ALA A 110 10.77 0.67 0.37
C ALA A 110 11.65 0.01 -0.70
N GLN A 111 12.56 -0.83 -0.31
CA GLN A 111 13.41 -1.51 -1.32
C GLN A 111 12.50 -2.13 -2.37
N LEU A 112 11.52 -2.88 -1.95
CA LEU A 112 10.60 -3.47 -2.95
C LEU A 112 10.11 -2.33 -3.82
N ALA A 113 9.87 -1.20 -3.23
CA ALA A 113 9.42 -0.02 -4.02
C ALA A 113 10.46 0.28 -5.09
N LEU A 114 11.70 -0.08 -4.85
CA LEU A 114 12.77 0.19 -5.84
C LEU A 114 12.57 -0.69 -7.07
N ARG A 115 12.51 -1.98 -6.88
CA ARG A 115 12.26 -2.85 -8.06
C ARG A 115 11.01 -2.30 -8.72
N VAL A 116 10.02 -1.96 -7.95
CA VAL A 116 8.82 -1.35 -8.56
C VAL A 116 9.33 -0.24 -9.47
N GLY A 117 10.41 0.38 -9.09
CA GLY A 117 10.99 1.44 -9.95
C GLY A 117 11.10 0.88 -11.36
N ILE A 118 11.67 -0.29 -11.50
CA ILE A 118 11.78 -0.86 -12.86
C ILE A 118 10.39 -0.81 -13.49
N ALA A 119 9.36 -0.95 -12.69
CA ALA A 119 7.99 -0.88 -13.26
C ALA A 119 7.72 0.55 -13.71
N VAL A 120 8.32 1.53 -13.08
CA VAL A 120 8.08 2.91 -13.56
C VAL A 120 8.34 2.88 -15.05
N ALA A 121 9.31 2.12 -15.44
CA ALA A 121 9.58 1.97 -16.89
C ALA A 121 8.68 0.83 -17.39
N LYS A 122 8.24 0.00 -16.48
CA LYS A 122 7.34 -1.15 -16.86
C LYS A 122 6.15 -1.22 -15.89
N SER A 123 5.45 -0.12 -15.69
CA SER A 123 4.31 -0.12 -14.73
C SER A 123 3.53 -1.43 -14.84
N ASP A 124 3.77 -2.18 -15.86
CA ASP A 124 3.06 -3.48 -16.01
C ASP A 124 3.92 -4.44 -16.83
N GLY A 125 5.14 -4.67 -16.42
CA GLY A 125 6.03 -5.59 -17.19
C GLY A 125 7.10 -6.19 -16.26
N ASN A 126 7.64 -5.41 -15.37
CA ASN A 126 8.69 -5.95 -14.46
C ASN A 126 8.16 -6.00 -13.02
N PHE A 127 8.99 -6.43 -12.10
CA PHE A 127 8.58 -6.54 -10.67
C PHE A 127 8.02 -7.93 -10.41
N ASP A 128 7.80 -8.26 -9.17
CA ASP A 128 7.26 -9.60 -8.84
C ASP A 128 8.34 -10.66 -9.03
N ASP A 129 9.44 -10.30 -9.67
CA ASP A 129 10.54 -11.27 -9.87
C ASP A 129 11.59 -11.06 -8.79
N ASP A 130 11.75 -9.85 -8.34
CA ASP A 130 12.73 -9.58 -7.27
C ASP A 130 12.07 -9.90 -5.92
N GLU A 131 10.76 -9.85 -5.88
CA GLU A 131 10.04 -10.16 -4.61
C GLU A 131 10.54 -11.48 -4.05
N LYS A 132 10.99 -12.37 -4.89
CA LYS A 132 11.51 -13.66 -4.36
C LYS A 132 12.79 -13.39 -3.57
N SER A 133 13.73 -12.71 -4.16
CA SER A 133 14.99 -12.40 -3.42
C SER A 133 14.72 -11.21 -2.48
N ALA A 134 13.91 -10.28 -2.92
CA ALA A 134 13.59 -9.12 -2.06
C ALA A 134 12.87 -9.63 -0.82
N VAL A 135 11.83 -10.42 -1.02
CA VAL A 135 11.12 -10.96 0.17
C VAL A 135 12.16 -11.64 1.07
N ARG A 136 13.18 -12.21 0.48
CA ARG A 136 14.24 -12.85 1.31
C ARG A 136 14.69 -11.86 2.39
N GLU A 137 15.07 -10.69 1.97
CA GLU A 137 15.54 -9.67 2.95
C GLU A 137 14.33 -9.04 3.67
N ILE A 138 13.19 -8.99 3.03
CA ILE A 138 12.01 -8.36 3.70
C ILE A 138 11.53 -9.26 4.85
N ALA A 139 11.24 -10.50 4.57
CA ALA A 139 10.76 -11.42 5.64
C ALA A 139 11.81 -11.48 6.76
N ARG A 140 13.05 -11.64 6.42
CA ARG A 140 14.12 -11.70 7.46
C ARG A 140 14.27 -10.33 8.11
N SER A 141 14.30 -9.29 7.33
CA SER A 141 14.45 -7.92 7.90
C SER A 141 13.31 -7.65 8.87
N LEU A 142 12.10 -7.96 8.49
CA LEU A 142 10.94 -7.73 9.39
C LEU A 142 10.75 -8.95 10.28
N GLY A 143 10.31 -10.06 9.71
CA GLY A 143 10.12 -11.28 10.55
C GLY A 143 9.10 -12.23 9.91
N PHE A 144 9.13 -12.39 8.61
CA PHE A 144 8.16 -13.33 7.96
C PHE A 144 8.90 -14.55 7.43
N ASP A 145 8.46 -15.06 6.31
CA ASP A 145 9.14 -16.25 5.71
C ASP A 145 10.28 -15.79 4.81
N PRO A 146 11.50 -16.08 5.17
CA PRO A 146 12.70 -15.67 4.39
C PRO A 146 12.55 -15.95 2.89
N ALA A 147 11.97 -15.05 2.16
CA ALA A 147 11.81 -15.25 0.69
C ALA A 147 10.93 -16.46 0.40
N GLU A 148 9.83 -16.24 -0.25
CA GLU A 148 8.92 -17.37 -0.60
C GLU A 148 7.56 -16.83 -1.03
N PHE A 149 7.51 -15.64 -1.60
CA PHE A 149 6.20 -15.10 -2.05
C PHE A 149 6.26 -14.83 -3.54
N GLY A 150 7.16 -13.99 -3.97
CA GLY A 150 7.27 -13.69 -5.41
C GLY A 150 5.86 -13.59 -6.01
N LEU A 151 5.19 -12.50 -5.78
CA LEU A 151 3.80 -12.33 -6.32
C LEU A 151 3.60 -13.22 -7.56
N LEU A 152 4.59 -13.32 -8.39
CA LEU A 152 4.45 -14.17 -9.61
C LEU A 152 3.82 -15.52 -9.23
N GLU A 153 3.74 -15.80 -7.95
CA GLU A 153 3.14 -17.09 -7.52
C GLU A 153 2.35 -16.87 -6.22
N MET A 1 -18.60 7.53 1.26
CA MET A 1 -18.01 7.13 -0.05
C MET A 1 -17.46 8.35 -0.77
N SER A 2 -16.17 8.52 -0.77
CA SER A 2 -15.57 9.70 -1.45
C SER A 2 -14.92 9.25 -2.76
N PHE A 3 -14.13 10.10 -3.36
CA PHE A 3 -13.46 9.73 -4.64
C PHE A 3 -12.20 10.59 -4.84
N PHE A 4 -11.77 10.76 -6.05
CA PHE A 4 -10.56 11.59 -6.30
C PHE A 4 -10.66 12.88 -5.48
N ASP A 5 -9.61 13.24 -4.79
CA ASP A 5 -9.64 14.49 -3.98
C ASP A 5 -8.26 15.15 -4.00
N LYS A 6 -7.57 15.07 -5.11
CA LYS A 6 -6.21 15.70 -5.20
C LYS A 6 -5.59 15.77 -3.80
N VAL A 7 -5.75 14.72 -3.03
CA VAL A 7 -5.19 14.72 -1.66
C VAL A 7 -3.67 14.63 -1.71
N LYS A 8 -3.14 13.79 -2.56
CA LYS A 8 -1.66 13.66 -2.62
C LYS A 8 -1.16 13.25 -1.23
N GLY A 9 -2.06 13.17 -0.28
CA GLY A 9 -1.67 12.79 1.10
C GLY A 9 -2.25 13.80 2.10
N ALA A 10 -3.48 13.60 2.50
CA ALA A 10 -4.11 14.55 3.46
C ALA A 10 -5.63 14.50 3.28
N LEU A 11 -6.15 13.34 3.00
CA LEU A 11 -7.62 13.21 2.81
C LEU A 11 -8.35 13.60 4.09
N THR A 12 -9.65 13.40 4.12
CA THR A 12 -10.43 13.76 5.34
C THR A 12 -9.68 13.29 6.60
N SER A 13 -10.14 13.70 7.75
CA SER A 13 -9.49 13.29 9.02
C SER A 13 -9.56 11.76 9.18
N GLY A 14 -9.97 11.08 8.15
CA GLY A 14 -10.09 9.59 8.24
C GLY A 14 -8.84 9.00 8.90
N ARG A 15 -7.72 9.63 8.74
CA ARG A 15 -6.46 9.09 9.34
C ARG A 15 -6.62 8.91 10.85
N GLU A 16 -6.85 9.97 11.57
CA GLU A 16 -6.98 9.86 13.05
C GLU A 16 -8.39 9.43 13.44
N GLU A 17 -9.38 10.16 13.01
CA GLU A 17 -10.78 9.83 13.39
C GLU A 17 -11.10 8.36 13.08
N LEU A 18 -10.84 7.90 11.89
CA LEU A 18 -11.18 6.49 11.56
C LEU A 18 -10.17 5.50 12.16
N THR A 19 -8.89 5.79 12.11
CA THR A 19 -7.93 4.81 12.69
C THR A 19 -8.15 4.73 14.20
N ARG A 20 -8.13 5.83 14.87
CA ARG A 20 -8.36 5.80 16.34
C ARG A 20 -9.68 5.09 16.61
N GLN A 21 -10.65 5.28 15.75
CA GLN A 21 -11.96 4.62 15.93
C GLN A 21 -11.78 3.11 15.85
N VAL A 22 -10.72 2.66 15.24
CA VAL A 22 -10.49 1.20 15.11
C VAL A 22 -10.79 0.48 16.43
N GLY A 23 -10.56 1.14 17.53
CA GLY A 23 -10.82 0.50 18.85
C GLY A 23 -12.29 0.04 18.93
N ARG A 24 -13.05 0.24 17.89
CA ARG A 24 -14.49 -0.18 17.93
C ARG A 24 -14.97 -0.54 16.53
N TYR A 25 -14.08 -0.63 15.58
CA TYR A 25 -14.49 -0.96 14.19
C TYR A 25 -13.64 -2.13 13.69
N LYS A 26 -12.38 -2.14 14.01
CA LYS A 26 -11.50 -3.25 13.54
C LYS A 26 -11.49 -3.25 12.02
N ASN A 27 -12.21 -2.36 11.41
CA ASN A 27 -12.25 -2.31 9.92
C ASN A 27 -11.17 -1.35 9.40
N LYS A 28 -10.62 -1.63 8.25
CA LYS A 28 -9.57 -0.75 7.68
C LYS A 28 -9.91 -0.49 6.21
N LYS A 29 -10.34 -1.51 5.53
CA LYS A 29 -10.71 -1.39 4.09
C LYS A 29 -11.99 -0.57 3.97
N PHE A 30 -12.57 -0.22 5.07
CA PHE A 30 -13.84 0.55 5.05
C PHE A 30 -13.64 1.98 4.49
N MET A 31 -13.06 2.84 5.29
CA MET A 31 -12.78 4.23 4.83
C MET A 31 -11.51 4.25 4.01
N GLN A 32 -10.48 3.61 4.50
CA GLN A 32 -9.19 3.59 3.79
C GLN A 32 -9.28 2.68 2.57
N GLY A 33 -10.11 1.67 2.61
CA GLY A 33 -10.23 0.77 1.42
C GLY A 33 -10.93 1.53 0.30
N THR A 34 -12.06 2.13 0.59
CA THR A 34 -12.77 2.91 -0.46
C THR A 34 -11.82 4.02 -0.94
N VAL A 35 -10.85 4.35 -0.12
CA VAL A 35 -9.88 5.41 -0.50
C VAL A 35 -8.89 4.84 -1.53
N ALA A 36 -8.18 3.81 -1.19
CA ALA A 36 -7.21 3.22 -2.15
C ALA A 36 -7.86 3.07 -3.53
N VAL A 37 -9.02 2.47 -3.58
CA VAL A 37 -9.69 2.30 -4.91
C VAL A 37 -9.81 3.67 -5.58
N CYS A 38 -10.15 4.69 -4.83
CA CYS A 38 -10.25 6.03 -5.45
C CYS A 38 -8.95 6.30 -6.19
N ALA A 39 -7.88 5.71 -5.73
CA ALA A 39 -6.58 5.91 -6.42
C ALA A 39 -6.51 5.03 -7.68
N ARG A 40 -6.77 3.76 -7.53
CA ARG A 40 -6.70 2.82 -8.69
C ARG A 40 -7.27 3.47 -9.95
N ILE A 41 -8.32 4.24 -9.83
CA ILE A 41 -8.91 4.86 -11.05
C ILE A 41 -8.29 6.25 -11.31
N ALA A 42 -7.79 6.91 -10.29
CA ALA A 42 -7.20 8.27 -10.51
C ALA A 42 -5.70 8.15 -10.82
N VAL A 43 -5.17 6.96 -10.81
CA VAL A 43 -3.71 6.77 -11.10
C VAL A 43 -3.20 7.85 -12.06
N ALA A 44 -3.93 8.15 -13.10
CA ALA A 44 -3.46 9.18 -14.06
C ALA A 44 -2.40 8.56 -14.98
N SER A 45 -1.48 7.82 -14.42
CA SER A 45 -0.42 7.18 -15.26
C SER A 45 -1.08 6.56 -16.49
N ASP A 46 -2.33 6.22 -16.39
CA ASP A 46 -3.07 5.62 -17.54
C ASP A 46 -2.92 4.09 -17.53
N GLY A 47 -2.06 3.55 -16.69
CA GLY A 47 -1.90 2.07 -16.66
C GLY A 47 -3.03 1.44 -15.86
N VAL A 48 -3.39 2.05 -14.76
CA VAL A 48 -4.50 1.52 -13.92
C VAL A 48 -4.18 0.08 -13.48
N SER A 49 -4.78 -0.35 -12.40
CA SER A 49 -4.54 -1.73 -11.90
C SER A 49 -5.87 -2.45 -11.72
N SER A 50 -6.12 -2.98 -10.55
CA SER A 50 -7.40 -3.70 -10.31
C SER A 50 -7.20 -4.69 -9.17
N GLU A 51 -6.58 -5.81 -9.44
CA GLU A 51 -6.35 -6.83 -8.37
C GLU A 51 -5.29 -6.32 -7.40
N GLU A 52 -4.39 -5.49 -7.86
CA GLU A 52 -3.32 -4.97 -6.95
C GLU A 52 -3.93 -3.99 -5.95
N LYS A 53 -4.64 -3.01 -6.41
CA LYS A 53 -5.25 -2.04 -5.45
C LYS A 53 -6.13 -2.85 -4.51
N GLN A 54 -6.90 -3.74 -5.05
CA GLN A 54 -7.79 -4.58 -4.21
C GLN A 54 -6.93 -5.23 -3.12
N LYS A 55 -5.70 -5.53 -3.43
CA LYS A 55 -4.80 -6.13 -2.40
C LYS A 55 -4.55 -5.07 -1.34
N MET A 56 -4.29 -3.86 -1.75
CA MET A 56 -4.06 -2.76 -0.78
C MET A 56 -5.23 -2.73 0.21
N ILE A 57 -6.42 -3.03 -0.25
CA ILE A 57 -7.59 -3.02 0.68
C ILE A 57 -7.42 -4.14 1.70
N GLY A 58 -6.92 -5.28 1.27
CA GLY A 58 -6.70 -6.40 2.23
C GLY A 58 -5.62 -5.97 3.23
N PHE A 59 -4.55 -5.44 2.73
CA PHE A 59 -3.46 -4.98 3.64
C PHE A 59 -4.10 -4.03 4.64
N LEU A 60 -5.05 -3.25 4.21
CA LEU A 60 -5.74 -2.32 5.13
C LEU A 60 -6.34 -3.15 6.26
N ARG A 61 -6.96 -4.25 5.94
CA ARG A 61 -7.55 -5.11 7.00
C ARG A 61 -6.49 -5.29 8.08
N SER A 62 -5.25 -5.36 7.70
CA SER A 62 -4.18 -5.53 8.73
C SER A 62 -3.30 -4.26 8.77
N SER A 63 -3.64 -3.25 8.00
CA SER A 63 -2.81 -2.01 7.98
C SER A 63 -2.28 -1.69 9.38
N GLU A 64 -1.45 -0.68 9.48
CA GLU A 64 -0.88 -0.31 10.80
C GLU A 64 -2.01 0.16 11.72
N GLU A 65 -3.18 0.39 11.20
CA GLU A 65 -4.31 0.83 12.06
C GLU A 65 -4.31 -0.04 13.31
N LEU A 66 -3.58 -1.12 13.27
CA LEU A 66 -3.48 -2.03 14.45
C LEU A 66 -3.21 -1.20 15.69
N LYS A 67 -2.69 -0.02 15.49
CA LYS A 67 -2.38 0.88 16.64
C LYS A 67 -3.64 1.65 17.05
N VAL A 68 -4.30 2.28 16.10
CA VAL A 68 -5.53 3.06 16.43
C VAL A 68 -5.12 4.47 16.84
N PHE A 69 -4.25 5.11 16.09
CA PHE A 69 -3.83 6.49 16.48
C PHE A 69 -2.94 7.15 15.42
N ASP A 70 -1.78 6.62 15.15
CA ASP A 70 -0.86 7.27 14.17
C ASP A 70 -1.62 7.67 12.90
N THR A 71 -2.21 8.84 12.94
CA THR A 71 -2.96 9.33 11.75
C THR A 71 -1.98 9.54 10.60
N ALA A 72 -0.79 9.94 10.90
CA ALA A 72 0.22 10.16 9.82
C ALA A 72 0.49 8.85 9.09
N GLU A 73 0.39 7.74 9.80
CA GLU A 73 0.64 6.43 9.15
C GLU A 73 -0.51 6.10 8.20
N VAL A 74 -1.71 6.47 8.55
CA VAL A 74 -2.88 6.17 7.67
C VAL A 74 -2.73 6.99 6.38
N ILE A 75 -2.76 8.29 6.48
CA ILE A 75 -2.59 9.12 5.26
C ILE A 75 -1.32 8.66 4.57
N GLU A 76 -0.43 8.04 5.28
CA GLU A 76 0.82 7.55 4.66
C GLU A 76 0.47 6.55 3.55
N PHE A 77 -0.44 5.64 3.80
CA PHE A 77 -0.79 4.66 2.75
C PHE A 77 -1.49 5.40 1.61
N PHE A 78 -2.61 6.03 1.86
CA PHE A 78 -3.29 6.74 0.73
C PHE A 78 -2.35 7.79 0.16
N ASN A 79 -1.67 8.53 0.98
CA ASN A 79 -0.72 9.56 0.47
C ASN A 79 0.21 8.92 -0.55
N LYS A 80 0.75 7.79 -0.23
CA LYS A 80 1.66 7.12 -1.19
C LYS A 80 0.85 6.61 -2.37
N LEU A 81 -0.38 6.22 -2.14
CA LEU A 81 -1.21 5.71 -3.27
C LEU A 81 -1.59 6.87 -4.21
N VAL A 82 -2.19 7.91 -3.71
CA VAL A 82 -2.57 9.04 -4.61
C VAL A 82 -1.33 9.62 -5.31
N THR A 83 -0.27 9.86 -4.59
CA THR A 83 0.94 10.45 -5.24
C THR A 83 1.74 9.38 -6.01
N SER A 84 2.01 8.26 -5.40
CA SER A 84 2.81 7.20 -6.08
C SER A 84 2.00 6.44 -7.13
N PHE A 85 0.70 6.41 -7.01
CA PHE A 85 -0.11 5.63 -8.00
C PHE A 85 -0.07 6.27 -9.40
N ASP A 86 0.71 7.30 -9.60
CA ASP A 86 0.75 7.91 -10.96
C ASP A 86 1.84 7.23 -11.78
N PHE A 87 2.35 6.14 -11.29
CA PHE A 87 3.40 5.38 -12.04
C PHE A 87 3.04 3.89 -11.95
N ASP A 88 3.33 3.28 -10.85
CA ASP A 88 3.00 1.83 -10.70
C ASP A 88 1.62 1.69 -10.04
N LEU A 89 0.58 1.73 -10.83
CA LEU A 89 -0.77 1.60 -10.25
C LEU A 89 -0.89 0.26 -9.53
N GLU A 90 -0.55 -0.80 -10.20
CA GLU A 90 -0.66 -2.15 -9.55
C GLU A 90 0.53 -2.39 -8.61
N ILE A 91 1.72 -2.14 -9.07
CA ILE A 91 2.93 -2.40 -8.22
C ILE A 91 3.09 -1.31 -7.16
N GLY A 92 2.65 -0.12 -7.42
CA GLY A 92 2.82 0.98 -6.42
C GLY A 92 2.13 0.62 -5.11
N LYS A 93 0.87 0.27 -5.15
CA LYS A 93 0.14 -0.05 -3.91
C LYS A 93 0.51 -1.46 -3.41
N GLY A 94 1.09 -2.27 -4.25
CA GLY A 94 1.45 -3.65 -3.84
C GLY A 94 2.58 -3.66 -2.79
N GLU A 95 3.64 -2.92 -3.01
CA GLU A 95 4.77 -2.92 -2.01
C GLU A 95 4.49 -1.89 -0.93
N THR A 96 4.01 -0.74 -1.29
CA THR A 96 3.75 0.31 -0.27
C THR A 96 2.93 -0.29 0.88
N MET A 97 1.90 -1.02 0.56
CA MET A 97 1.09 -1.65 1.65
C MET A 97 2.00 -2.45 2.56
N LYS A 98 3.16 -2.81 2.06
CA LYS A 98 4.11 -3.61 2.89
C LYS A 98 4.83 -2.72 3.90
N TYR A 99 5.27 -1.55 3.52
CA TYR A 99 6.00 -0.71 4.51
C TYR A 99 5.07 -0.26 5.63
N ILE A 100 3.80 -0.12 5.38
CA ILE A 100 2.88 0.28 6.49
C ILE A 100 2.73 -0.93 7.43
N LEU A 101 2.35 -2.05 6.89
CA LEU A 101 2.20 -3.29 7.72
C LEU A 101 3.55 -3.63 8.33
N ALA A 102 4.54 -3.80 7.50
CA ALA A 102 5.89 -4.15 8.01
C ALA A 102 6.36 -3.01 8.92
N LEU A 103 6.94 -1.98 8.36
CA LEU A 103 7.43 -0.86 9.19
C LEU A 103 8.43 -1.39 10.21
N LYS A 104 8.32 -2.65 10.56
CA LYS A 104 9.28 -3.24 11.54
C LYS A 104 10.59 -2.46 11.45
N ASP A 105 11.02 -2.18 10.25
CA ASP A 105 12.28 -1.41 10.07
C ASP A 105 11.97 -0.16 9.23
N GLN A 106 12.01 -0.29 7.93
CA GLN A 106 11.69 0.87 7.05
C GLN A 106 12.28 0.65 5.65
N PRO A 107 13.58 0.60 5.56
CA PRO A 107 14.29 0.39 4.26
C PRO A 107 14.01 -0.97 3.62
N GLU A 108 13.49 -1.92 4.37
CA GLU A 108 13.21 -3.25 3.76
C GLU A 108 11.99 -3.15 2.85
N ALA A 109 10.90 -2.67 3.38
CA ALA A 109 9.68 -2.55 2.55
C ALA A 109 9.99 -1.60 1.39
N ALA A 110 10.76 -0.59 1.65
CA ALA A 110 11.12 0.38 0.57
C ALA A 110 12.02 -0.34 -0.44
N GLN A 111 12.84 -1.24 0.01
CA GLN A 111 13.72 -1.97 -0.94
C GLN A 111 12.85 -2.53 -2.06
N LEU A 112 11.78 -3.20 -1.70
CA LEU A 112 10.88 -3.71 -2.76
C LEU A 112 10.47 -2.52 -3.62
N ALA A 113 10.12 -1.44 -2.99
CA ALA A 113 9.73 -0.23 -3.78
C ALA A 113 10.83 0.04 -4.81
N LEU A 114 12.04 -0.38 -4.52
CA LEU A 114 13.16 -0.15 -5.48
C LEU A 114 12.93 -0.99 -6.73
N ARG A 115 12.76 -2.29 -6.57
CA ARG A 115 12.49 -3.10 -7.78
C ARG A 115 11.29 -2.46 -8.46
N VAL A 116 10.30 -2.09 -7.71
CA VAL A 116 9.16 -1.40 -8.34
C VAL A 116 9.75 -0.30 -9.21
N GLY A 117 10.86 0.25 -8.78
CA GLY A 117 11.52 1.29 -9.60
C GLY A 117 11.66 0.76 -11.02
N ILE A 118 12.15 -0.44 -11.17
CA ILE A 118 12.27 -0.99 -12.55
C ILE A 118 10.91 -0.87 -13.22
N ALA A 119 9.85 -0.95 -12.45
CA ALA A 119 8.51 -0.81 -13.06
C ALA A 119 8.31 0.64 -13.47
N VAL A 120 8.93 1.58 -12.79
CA VAL A 120 8.76 2.99 -13.24
C VAL A 120 9.06 2.98 -14.72
N ALA A 121 10.02 2.20 -15.11
CA ALA A 121 10.31 2.07 -16.55
C ALA A 121 9.40 0.96 -17.09
N LYS A 122 8.89 0.15 -16.19
CA LYS A 122 7.99 -0.99 -16.58
C LYS A 122 6.75 -1.00 -15.67
N SER A 123 6.08 0.12 -15.52
CA SER A 123 4.89 0.17 -14.63
C SER A 123 4.07 -1.12 -14.77
N ASP A 124 4.33 -1.87 -15.79
CA ASP A 124 3.57 -3.13 -15.99
C ASP A 124 4.43 -4.11 -16.80
N GLY A 125 5.64 -4.35 -16.37
CA GLY A 125 6.52 -5.28 -17.13
C GLY A 125 7.51 -5.97 -16.18
N ASN A 126 7.96 -5.30 -15.16
CA ASN A 126 8.95 -5.93 -14.23
C ASN A 126 8.38 -6.01 -12.80
N PHE A 127 9.17 -6.46 -11.87
CA PHE A 127 8.70 -6.60 -10.46
C PHE A 127 8.04 -7.96 -10.27
N ASP A 128 7.68 -8.30 -9.06
CA ASP A 128 7.05 -9.61 -8.81
C ASP A 128 8.07 -10.73 -9.05
N ASP A 129 9.26 -10.39 -9.43
CA ASP A 129 10.29 -11.43 -9.66
C ASP A 129 11.28 -11.45 -8.50
N ASP A 130 11.71 -10.30 -8.07
CA ASP A 130 12.67 -10.24 -6.93
C ASP A 130 11.89 -10.38 -5.63
N GLU A 131 10.60 -10.11 -5.66
CA GLU A 131 9.80 -10.23 -4.42
C GLU A 131 10.06 -11.58 -3.77
N LYS A 132 10.42 -12.56 -4.53
CA LYS A 132 10.70 -13.89 -3.94
C LYS A 132 12.00 -13.80 -3.15
N SER A 133 13.07 -13.37 -3.77
CA SER A 133 14.36 -13.25 -3.05
C SER A 133 14.23 -12.08 -2.05
N ALA A 134 13.40 -11.13 -2.37
CA ALA A 134 13.21 -9.95 -1.48
C ALA A 134 12.41 -10.38 -0.25
N VAL A 135 11.30 -11.05 -0.43
CA VAL A 135 10.52 -11.47 0.75
C VAL A 135 11.45 -12.21 1.72
N ARG A 136 12.22 -13.12 1.21
CA ARG A 136 13.15 -13.87 2.10
C ARG A 136 13.88 -12.85 2.99
N GLU A 137 14.40 -11.82 2.39
CA GLU A 137 15.11 -10.79 3.20
C GLU A 137 14.10 -9.95 3.98
N ILE A 138 12.91 -9.79 3.47
CA ILE A 138 11.89 -8.96 4.18
C ILE A 138 11.29 -9.74 5.37
N ALA A 139 10.74 -10.89 5.12
CA ALA A 139 10.15 -11.69 6.22
C ALA A 139 11.19 -11.85 7.34
N ARG A 140 12.44 -11.98 6.98
CA ARG A 140 13.49 -12.15 8.01
C ARG A 140 13.78 -10.79 8.66
N SER A 141 14.01 -9.78 7.86
CA SER A 141 14.30 -8.43 8.43
C SER A 141 13.16 -8.04 9.39
N LEU A 142 11.95 -8.31 9.01
CA LEU A 142 10.80 -7.97 9.88
C LEU A 142 10.49 -9.16 10.79
N GLY A 143 10.00 -10.23 10.24
CA GLY A 143 9.71 -11.43 11.09
C GLY A 143 8.54 -12.25 10.51
N PHE A 144 8.48 -12.42 9.22
CA PHE A 144 7.36 -13.22 8.64
C PHE A 144 7.89 -14.57 8.12
N ASP A 145 7.41 -15.00 6.98
CA ASP A 145 7.88 -16.30 6.41
C ASP A 145 9.04 -16.04 5.46
N PRO A 146 10.22 -16.47 5.81
CA PRO A 146 11.44 -16.28 4.97
C PRO A 146 11.23 -16.69 3.50
N ALA A 147 10.58 -15.86 2.72
CA ALA A 147 10.38 -16.20 1.28
C ALA A 147 9.13 -17.05 1.09
N GLU A 148 8.23 -16.60 0.25
CA GLU A 148 6.99 -17.40 -0.01
C GLU A 148 5.87 -16.52 -0.59
N PHE A 149 6.21 -15.46 -1.28
CA PHE A 149 5.13 -14.59 -1.84
C PHE A 149 5.32 -14.42 -3.35
N GLY A 150 6.37 -13.78 -3.75
CA GLY A 150 6.59 -13.58 -5.22
C GLY A 150 5.24 -13.36 -5.91
N LEU A 151 4.60 -12.26 -5.65
CA LEU A 151 3.28 -11.99 -6.28
C LEU A 151 3.36 -12.21 -7.79
N LEU A 152 3.39 -13.43 -8.22
CA LEU A 152 3.47 -13.71 -9.69
C LEU A 152 2.31 -14.63 -10.09
N GLU A 153 1.09 -14.21 -9.85
CA GLU A 153 -0.07 -15.05 -10.22
C GLU A 153 0.23 -16.51 -9.90
N MET A 1 -20.56 10.25 -3.65
CA MET A 1 -20.43 11.67 -3.20
C MET A 1 -18.99 11.95 -2.78
N SER A 2 -18.25 10.92 -2.45
CA SER A 2 -16.83 11.14 -2.03
C SER A 2 -15.92 10.26 -2.89
N PHE A 3 -15.63 10.68 -4.09
CA PHE A 3 -14.75 9.87 -4.97
C PHE A 3 -13.32 10.43 -4.90
N PHE A 4 -12.55 10.24 -5.94
CA PHE A 4 -11.15 10.75 -5.92
C PHE A 4 -11.13 12.15 -5.28
N ASP A 5 -10.15 12.41 -4.46
CA ASP A 5 -10.08 13.75 -3.80
C ASP A 5 -8.69 14.35 -4.02
N LYS A 6 -8.02 13.95 -5.06
CA LYS A 6 -6.65 14.50 -5.33
C LYS A 6 -5.92 14.70 -4.00
N VAL A 7 -6.31 13.98 -3.00
CA VAL A 7 -5.66 14.12 -1.66
C VAL A 7 -4.14 14.10 -1.81
N LYS A 8 -3.62 13.31 -2.71
CA LYS A 8 -2.15 13.25 -2.85
C LYS A 8 -1.55 12.98 -1.46
N GLY A 9 -2.42 12.76 -0.51
CA GLY A 9 -1.94 12.49 0.87
C GLY A 9 -2.48 13.56 1.81
N ALA A 10 -3.73 13.48 2.16
CA ALA A 10 -4.31 14.50 3.07
C ALA A 10 -5.84 14.41 3.04
N LEU A 11 -6.36 13.24 2.87
CA LEU A 11 -7.83 13.07 2.82
C LEU A 11 -8.46 13.66 4.09
N THR A 12 -9.73 13.42 4.30
CA THR A 12 -10.38 13.96 5.52
C THR A 12 -9.59 13.54 6.76
N SER A 13 -10.02 13.96 7.93
CA SER A 13 -9.31 13.59 9.18
C SER A 13 -9.34 12.06 9.36
N GLY A 14 -9.77 11.35 8.36
CA GLY A 14 -9.84 9.86 8.48
C GLY A 14 -8.55 9.31 9.07
N ARG A 15 -7.44 9.95 8.83
CA ARG A 15 -6.16 9.43 9.38
C ARG A 15 -6.20 9.39 10.92
N GLU A 16 -6.40 10.51 11.56
CA GLU A 16 -6.42 10.52 13.06
C GLU A 16 -7.80 10.11 13.58
N GLU A 17 -8.84 10.48 12.90
CA GLU A 17 -10.21 10.15 13.40
C GLU A 17 -10.54 8.67 13.15
N LEU A 18 -10.35 8.18 11.96
CA LEU A 18 -10.70 6.76 11.69
C LEU A 18 -9.66 5.78 12.25
N THR A 19 -8.40 6.16 12.34
CA THR A 19 -7.41 5.18 12.88
C THR A 19 -7.56 5.11 14.40
N ARG A 20 -7.47 6.23 15.07
CA ARG A 20 -7.62 6.21 16.55
C ARG A 20 -8.91 5.49 16.92
N GLN A 21 -9.93 5.64 16.12
CA GLN A 21 -11.21 4.95 16.41
C GLN A 21 -11.08 3.48 16.02
N VAL A 22 -10.12 3.16 15.20
CA VAL A 22 -9.94 1.74 14.78
C VAL A 22 -10.01 0.84 16.01
N GLY A 23 -9.58 1.33 17.14
CA GLY A 23 -9.63 0.50 18.38
C GLY A 23 -11.10 0.21 18.70
N ARG A 24 -11.99 0.99 18.16
CA ARG A 24 -13.44 0.78 18.43
C ARG A 24 -14.07 0.04 17.25
N TYR A 25 -13.72 0.42 16.05
CA TYR A 25 -14.30 -0.26 14.85
C TYR A 25 -13.37 -1.38 14.41
N LYS A 26 -12.11 -1.28 14.72
CA LYS A 26 -11.15 -2.35 14.31
C LYS A 26 -11.20 -2.52 12.79
N ASN A 27 -11.98 -1.71 12.12
CA ASN A 27 -12.07 -1.82 10.63
C ASN A 27 -11.01 -0.92 9.99
N LYS A 28 -10.53 -1.30 8.84
CA LYS A 28 -9.50 -0.48 8.14
C LYS A 28 -9.91 -0.32 6.68
N LYS A 29 -10.36 -1.38 6.09
CA LYS A 29 -10.79 -1.34 4.66
C LYS A 29 -12.09 -0.52 4.54
N PHE A 30 -12.63 -0.13 5.65
CA PHE A 30 -13.92 0.62 5.62
C PHE A 30 -13.75 2.02 4.98
N MET A 31 -13.17 2.93 5.71
CA MET A 31 -12.92 4.29 5.18
C MET A 31 -11.66 4.28 4.32
N GLN A 32 -10.62 3.69 4.82
CA GLN A 32 -9.34 3.64 4.07
C GLN A 32 -9.47 2.65 2.89
N GLY A 33 -10.27 1.63 3.03
CA GLY A 33 -10.42 0.67 1.90
C GLY A 33 -11.16 1.37 0.76
N THR A 34 -12.28 1.98 1.04
CA THR A 34 -13.01 2.69 -0.02
C THR A 34 -12.07 3.76 -0.60
N VAL A 35 -11.08 4.13 0.16
CA VAL A 35 -10.11 5.15 -0.32
C VAL A 35 -9.15 4.50 -1.33
N ALA A 36 -8.46 3.46 -0.94
CA ALA A 36 -7.53 2.80 -1.90
C ALA A 36 -8.26 2.64 -3.21
N VAL A 37 -9.43 2.08 -3.18
CA VAL A 37 -10.22 1.90 -4.41
C VAL A 37 -10.38 3.27 -5.08
N CYS A 38 -10.57 4.30 -4.30
CA CYS A 38 -10.71 5.65 -4.90
C CYS A 38 -9.47 5.87 -5.76
N ALA A 39 -8.36 5.34 -5.32
CA ALA A 39 -7.11 5.50 -6.10
C ALA A 39 -7.07 4.51 -7.27
N ARG A 40 -7.36 3.26 -7.01
CA ARG A 40 -7.29 2.23 -8.09
C ARG A 40 -7.86 2.78 -9.40
N ILE A 41 -8.97 3.46 -9.37
CA ILE A 41 -9.53 4.00 -10.64
C ILE A 41 -9.02 5.42 -10.92
N ALA A 42 -8.55 6.11 -9.93
CA ALA A 42 -8.07 7.50 -10.16
C ALA A 42 -6.59 7.47 -10.56
N VAL A 43 -6.00 6.31 -10.62
CA VAL A 43 -4.55 6.21 -10.99
C VAL A 43 -4.16 7.35 -11.94
N ALA A 44 -5.07 7.80 -12.76
CA ALA A 44 -4.74 8.91 -13.70
C ALA A 44 -3.60 8.47 -14.62
N SER A 45 -2.82 7.51 -14.20
CA SER A 45 -1.70 7.04 -15.05
C SER A 45 -2.25 6.47 -16.36
N ASP A 46 -1.68 5.40 -16.82
CA ASP A 46 -2.15 4.78 -18.07
C ASP A 46 -2.16 3.25 -17.91
N GLY A 47 -2.85 2.76 -16.92
CA GLY A 47 -2.88 1.28 -16.72
C GLY A 47 -4.07 0.90 -15.83
N VAL A 48 -4.14 1.43 -14.65
CA VAL A 48 -5.26 1.10 -13.74
C VAL A 48 -5.09 -0.33 -13.22
N SER A 49 -5.73 -0.65 -12.14
CA SER A 49 -5.61 -2.03 -11.57
C SER A 49 -6.98 -2.57 -11.19
N SER A 50 -7.07 -3.18 -10.04
CA SER A 50 -8.37 -3.75 -9.58
C SER A 50 -8.07 -4.89 -8.62
N GLU A 51 -7.47 -5.94 -9.11
CA GLU A 51 -7.14 -7.08 -8.23
C GLU A 51 -5.97 -6.69 -7.31
N GLU A 52 -5.07 -5.87 -7.78
CA GLU A 52 -3.91 -5.47 -6.92
C GLU A 52 -4.39 -4.53 -5.80
N LYS A 53 -5.09 -3.49 -6.14
CA LYS A 53 -5.58 -2.57 -5.07
C LYS A 53 -6.41 -3.40 -4.09
N GLN A 54 -7.13 -4.36 -4.61
CA GLN A 54 -7.96 -5.23 -3.72
C GLN A 54 -7.07 -5.78 -2.61
N LYS A 55 -5.88 -6.22 -2.94
CA LYS A 55 -4.98 -6.75 -1.88
C LYS A 55 -4.65 -5.63 -0.92
N MET A 56 -4.41 -4.46 -1.42
CA MET A 56 -4.10 -3.30 -0.54
C MET A 56 -5.18 -3.18 0.54
N ILE A 57 -6.43 -3.23 0.18
CA ILE A 57 -7.50 -3.11 1.21
C ILE A 57 -7.26 -4.19 2.27
N GLY A 58 -6.99 -5.40 1.87
CA GLY A 58 -6.73 -6.47 2.89
C GLY A 58 -5.62 -5.96 3.83
N PHE A 59 -4.60 -5.40 3.26
CA PHE A 59 -3.49 -4.86 4.09
C PHE A 59 -4.10 -3.87 5.08
N LEU A 60 -5.04 -3.09 4.64
CA LEU A 60 -5.70 -2.12 5.57
C LEU A 60 -6.22 -2.90 6.76
N ARG A 61 -6.82 -4.05 6.53
CA ARG A 61 -7.34 -4.86 7.64
C ARG A 61 -6.24 -5.01 8.70
N SER A 62 -5.02 -5.18 8.28
CA SER A 62 -3.91 -5.33 9.26
C SER A 62 -2.98 -4.11 9.18
N SER A 63 -3.31 -3.14 8.36
CA SER A 63 -2.43 -1.94 8.21
C SER A 63 -1.85 -1.50 9.56
N GLU A 64 -1.06 -0.46 9.55
CA GLU A 64 -0.45 0.03 10.81
C GLU A 64 -1.54 0.51 11.77
N GLU A 65 -2.73 0.73 11.26
CA GLU A 65 -3.83 1.18 12.16
C GLU A 65 -3.79 0.34 13.44
N LEU A 66 -3.07 -0.74 13.41
CA LEU A 66 -2.97 -1.60 14.63
C LEU A 66 -2.64 -0.72 15.83
N LYS A 67 -1.99 0.38 15.58
CA LYS A 67 -1.62 1.30 16.69
C LYS A 67 -2.85 2.10 17.13
N VAL A 68 -3.55 2.69 16.20
CA VAL A 68 -4.77 3.50 16.56
C VAL A 68 -4.34 4.92 16.93
N PHE A 69 -3.51 5.54 16.13
CA PHE A 69 -3.07 6.93 16.48
C PHE A 69 -2.22 7.57 15.36
N ASP A 70 -1.08 7.02 15.05
CA ASP A 70 -0.22 7.65 14.00
C ASP A 70 -1.03 8.02 12.77
N THR A 71 -1.62 9.18 12.78
CA THR A 71 -2.42 9.64 11.61
C THR A 71 -1.48 9.83 10.42
N ALA A 72 -0.28 10.25 10.66
CA ALA A 72 0.69 10.46 9.55
C ALA A 72 0.91 9.12 8.84
N GLU A 73 0.77 8.04 9.55
CA GLU A 73 0.97 6.70 8.92
C GLU A 73 -0.25 6.35 8.05
N VAL A 74 -1.41 6.76 8.48
CA VAL A 74 -2.63 6.45 7.67
C VAL A 74 -2.54 7.21 6.34
N ILE A 75 -2.51 8.51 6.39
CA ILE A 75 -2.40 9.30 5.14
C ILE A 75 -1.20 8.77 4.37
N GLU A 76 -0.27 8.16 5.05
CA GLU A 76 0.92 7.61 4.35
C GLU A 76 0.47 6.57 3.34
N PHE A 77 -0.45 5.71 3.69
CA PHE A 77 -0.90 4.70 2.71
C PHE A 77 -1.71 5.38 1.60
N PHE A 78 -2.80 6.04 1.92
CA PHE A 78 -3.58 6.70 0.83
C PHE A 78 -2.66 7.69 0.09
N ASN A 79 -1.88 8.43 0.81
CA ASN A 79 -0.96 9.42 0.15
C ASN A 79 -0.15 8.72 -0.92
N LYS A 80 0.53 7.66 -0.58
CA LYS A 80 1.34 6.95 -1.58
C LYS A 80 0.43 6.36 -2.66
N LEU A 81 -0.73 5.90 -2.30
CA LEU A 81 -1.65 5.33 -3.32
C LEU A 81 -2.15 6.43 -4.26
N VAL A 82 -2.75 7.46 -3.74
CA VAL A 82 -3.27 8.53 -4.63
C VAL A 82 -2.12 9.22 -5.39
N THR A 83 -1.04 9.54 -4.74
CA THR A 83 0.08 10.22 -5.47
C THR A 83 0.92 9.21 -6.27
N SER A 84 1.26 8.09 -5.69
CA SER A 84 2.11 7.10 -6.43
C SER A 84 1.29 6.32 -7.48
N PHE A 85 0.08 5.96 -7.16
CA PHE A 85 -0.73 5.17 -8.12
C PHE A 85 -0.76 5.80 -9.51
N ASP A 86 -0.01 6.84 -9.75
CA ASP A 86 -0.04 7.44 -11.11
C ASP A 86 1.02 6.76 -11.99
N PHE A 87 1.63 5.73 -11.48
CA PHE A 87 2.65 4.99 -12.28
C PHE A 87 2.32 3.50 -12.19
N ASP A 88 2.65 2.86 -11.11
CA ASP A 88 2.34 1.42 -10.96
C ASP A 88 0.99 1.27 -10.27
N LEU A 89 -0.06 1.25 -11.02
CA LEU A 89 -1.41 1.12 -10.41
C LEU A 89 -1.49 -0.21 -9.65
N GLU A 90 -1.15 -1.29 -10.29
CA GLU A 90 -1.21 -2.61 -9.60
C GLU A 90 0.01 -2.81 -8.69
N ILE A 91 1.19 -2.55 -9.18
CA ILE A 91 2.42 -2.75 -8.35
C ILE A 91 2.61 -1.63 -7.33
N GLY A 92 2.18 -0.44 -7.63
CA GLY A 92 2.37 0.69 -6.66
C GLY A 92 1.73 0.35 -5.32
N LYS A 93 0.49 -0.02 -5.30
CA LYS A 93 -0.19 -0.34 -4.02
C LYS A 93 0.22 -1.73 -3.51
N GLY A 94 0.78 -2.55 -4.35
CA GLY A 94 1.17 -3.92 -3.91
C GLY A 94 2.32 -3.86 -2.88
N GLU A 95 3.39 -3.16 -3.16
CA GLU A 95 4.52 -3.10 -2.19
C GLU A 95 4.27 -2.01 -1.15
N THR A 96 3.82 -0.87 -1.56
CA THR A 96 3.58 0.23 -0.59
C THR A 96 2.79 -0.29 0.61
N MET A 97 1.71 -0.98 0.36
CA MET A 97 0.90 -1.53 1.48
C MET A 97 1.81 -2.32 2.41
N LYS A 98 2.93 -2.75 1.91
CA LYS A 98 3.88 -3.54 2.75
C LYS A 98 4.66 -2.64 3.70
N TYR A 99 5.19 -1.54 3.24
CA TYR A 99 5.99 -0.69 4.17
C TYR A 99 5.10 -0.17 5.31
N ILE A 100 3.82 -0.02 5.10
CA ILE A 100 2.96 0.44 6.24
C ILE A 100 2.83 -0.72 7.22
N LEU A 101 2.36 -1.85 6.75
CA LEU A 101 2.23 -3.05 7.65
C LEU A 101 3.59 -3.42 8.20
N ALA A 102 4.52 -3.68 7.33
CA ALA A 102 5.88 -4.06 7.79
C ALA A 102 6.42 -2.92 8.66
N LEU A 103 6.98 -1.92 8.05
CA LEU A 103 7.53 -0.78 8.83
C LEU A 103 8.56 -1.32 9.82
N LYS A 104 8.49 -2.58 10.13
CA LYS A 104 9.48 -3.17 11.08
C LYS A 104 10.78 -2.37 10.99
N ASP A 105 11.17 -2.03 9.79
CA ASP A 105 12.39 -1.22 9.60
C ASP A 105 12.03 -0.01 8.73
N GLN A 106 11.96 -0.19 7.44
CA GLN A 106 11.60 0.94 6.53
C GLN A 106 12.20 0.72 5.14
N PRO A 107 13.50 0.55 5.06
CA PRO A 107 14.20 0.34 3.76
C PRO A 107 13.88 -1.03 3.12
N GLU A 108 13.43 -1.98 3.89
CA GLU A 108 13.14 -3.32 3.29
C GLU A 108 11.89 -3.22 2.41
N ALA A 109 10.81 -2.75 2.96
CA ALA A 109 9.57 -2.61 2.16
C ALA A 109 9.84 -1.66 1.00
N ALA A 110 10.61 -0.64 1.25
CA ALA A 110 10.93 0.34 0.17
C ALA A 110 11.84 -0.34 -0.86
N GLN A 111 12.70 -1.21 -0.43
CA GLN A 111 13.59 -1.91 -1.40
C GLN A 111 12.71 -2.49 -2.50
N LEU A 112 11.69 -3.22 -2.13
CA LEU A 112 10.78 -3.77 -3.16
C LEU A 112 10.28 -2.60 -3.99
N ALA A 113 9.89 -1.54 -3.36
CA ALA A 113 9.41 -0.34 -4.12
C ALA A 113 10.44 -0.03 -5.21
N LEU A 114 11.67 -0.38 -4.98
CA LEU A 114 12.73 -0.10 -5.99
C LEU A 114 12.48 -0.99 -7.20
N ARG A 115 12.40 -2.27 -7.01
CA ARG A 115 12.13 -3.14 -8.18
C ARG A 115 10.87 -2.58 -8.84
N VAL A 116 9.88 -2.26 -8.06
CA VAL A 116 8.67 -1.65 -8.66
C VAL A 116 9.19 -0.55 -9.57
N GLY A 117 10.29 0.06 -9.21
CA GLY A 117 10.86 1.12 -10.08
C GLY A 117 10.98 0.55 -11.49
N ILE A 118 11.52 -0.64 -11.61
CA ILE A 118 11.62 -1.22 -12.98
C ILE A 118 10.23 -1.16 -13.61
N ALA A 119 9.19 -1.27 -12.81
CA ALA A 119 7.83 -1.19 -13.37
C ALA A 119 7.58 0.25 -13.81
N VAL A 120 8.20 1.22 -13.19
CA VAL A 120 7.97 2.60 -13.67
C VAL A 120 8.20 2.58 -15.16
N ALA A 121 9.19 1.83 -15.57
CA ALA A 121 9.43 1.67 -17.03
C ALA A 121 8.53 0.52 -17.49
N LYS A 122 8.08 -0.28 -16.55
CA LYS A 122 7.21 -1.46 -16.88
C LYS A 122 6.01 -1.49 -15.92
N SER A 123 5.30 -0.39 -15.78
CA SER A 123 4.14 -0.36 -14.83
C SER A 123 3.38 -1.68 -14.88
N ASP A 124 3.62 -2.47 -15.87
CA ASP A 124 2.92 -3.78 -15.96
C ASP A 124 3.76 -4.74 -16.81
N GLY A 125 4.98 -5.00 -16.41
CA GLY A 125 5.85 -5.90 -17.19
C GLY A 125 6.91 -6.53 -16.28
N ASN A 126 7.40 -5.79 -15.32
CA ASN A 126 8.44 -6.36 -14.41
C ASN A 126 7.93 -6.38 -12.96
N PHE A 127 8.77 -6.80 -12.05
CA PHE A 127 8.37 -6.87 -10.62
C PHE A 127 7.76 -8.24 -10.31
N ASP A 128 7.69 -8.58 -9.06
CA ASP A 128 7.11 -9.89 -8.66
C ASP A 128 8.14 -11.00 -8.92
N ASP A 129 9.29 -10.65 -9.41
CA ASP A 129 10.34 -11.69 -9.67
C ASP A 129 11.41 -11.59 -8.60
N ASP A 130 11.77 -10.38 -8.22
CA ASP A 130 12.80 -10.23 -7.17
C ASP A 130 12.13 -10.50 -5.82
N GLU A 131 10.83 -10.41 -5.77
CA GLU A 131 10.12 -10.66 -4.49
C GLU A 131 10.59 -11.99 -3.90
N LYS A 132 11.01 -12.90 -4.73
CA LYS A 132 11.48 -14.20 -4.20
C LYS A 132 12.77 -13.95 -3.39
N SER A 133 13.73 -13.30 -3.98
CA SER A 133 14.99 -13.02 -3.24
C SER A 133 14.75 -11.80 -2.33
N ALA A 134 13.97 -10.86 -2.79
CA ALA A 134 13.68 -9.66 -1.95
C ALA A 134 12.91 -10.13 -0.71
N VAL A 135 11.85 -10.86 -0.91
CA VAL A 135 11.09 -11.35 0.26
C VAL A 135 12.08 -12.05 1.20
N ARG A 136 13.08 -12.68 0.64
CA ARG A 136 14.09 -13.36 1.51
C ARG A 136 14.59 -12.36 2.55
N GLU A 137 15.04 -11.22 2.11
CA GLU A 137 15.56 -10.19 3.05
C GLU A 137 14.39 -9.49 3.76
N ILE A 138 13.25 -9.41 3.13
CA ILE A 138 12.09 -8.72 3.77
C ILE A 138 11.59 -9.57 4.94
N ALA A 139 11.26 -10.81 4.68
CA ALA A 139 10.75 -11.70 5.76
C ALA A 139 11.78 -11.75 6.91
N ARG A 140 13.03 -11.84 6.59
CA ARG A 140 14.07 -11.90 7.65
C ARG A 140 14.25 -10.51 8.28
N SER A 141 14.46 -9.51 7.47
CA SER A 141 14.65 -8.14 8.02
C SER A 141 13.46 -7.78 8.91
N LEU A 142 12.27 -8.04 8.45
CA LEU A 142 11.07 -7.72 9.27
C LEU A 142 10.76 -8.92 10.18
N GLY A 143 10.42 -10.04 9.61
CA GLY A 143 10.13 -11.23 10.47
C GLY A 143 9.03 -12.10 9.84
N PHE A 144 9.04 -12.28 8.54
CA PHE A 144 7.99 -13.14 7.91
C PHE A 144 8.63 -14.43 7.38
N ASP A 145 8.04 -15.02 6.39
CA ASP A 145 8.61 -16.28 5.82
C ASP A 145 9.84 -15.95 4.97
N PRO A 146 11.00 -16.39 5.38
CA PRO A 146 12.27 -16.13 4.65
C PRO A 146 12.15 -16.41 3.14
N ALA A 147 11.65 -15.48 2.39
CA ALA A 147 11.53 -15.68 0.92
C ALA A 147 10.58 -16.84 0.61
N GLU A 148 9.48 -16.56 -0.01
CA GLU A 148 8.52 -17.64 -0.36
C GLU A 148 7.26 -17.06 -0.99
N PHE A 149 7.35 -15.90 -1.61
CA PHE A 149 6.13 -15.30 -2.23
C PHE A 149 6.38 -15.12 -3.73
N GLY A 150 7.07 -14.09 -4.10
CA GLY A 150 7.34 -13.85 -5.55
C GLY A 150 6.02 -13.53 -6.26
N LEU A 151 5.01 -13.19 -5.51
CA LEU A 151 3.68 -12.86 -6.12
C LEU A 151 3.50 -13.63 -7.42
N LEU A 152 3.78 -13.02 -8.55
CA LEU A 152 3.62 -13.73 -9.86
C LEU A 152 2.49 -14.76 -9.75
N GLU A 153 1.34 -14.34 -9.31
CA GLU A 153 0.20 -15.30 -9.19
C GLU A 153 -0.35 -15.62 -10.58
N MET A 1 -17.30 15.04 -8.50
CA MET A 1 -18.65 14.54 -8.09
C MET A 1 -18.49 13.39 -7.09
N SER A 2 -18.07 13.68 -5.90
CA SER A 2 -17.89 12.61 -4.88
C SER A 2 -17.03 11.50 -5.46
N PHE A 3 -15.73 11.60 -5.31
CA PHE A 3 -14.84 10.54 -5.85
C PHE A 3 -13.38 10.87 -5.50
N PHE A 4 -12.47 10.68 -6.41
CA PHE A 4 -11.05 10.98 -6.13
C PHE A 4 -10.95 12.26 -5.29
N ASP A 5 -9.94 12.37 -4.46
CA ASP A 5 -9.80 13.60 -3.63
C ASP A 5 -8.52 14.34 -4.01
N LYS A 6 -7.81 13.86 -5.01
CA LYS A 6 -6.55 14.53 -5.43
C LYS A 6 -5.80 14.95 -4.17
N VAL A 7 -6.11 14.30 -3.09
CA VAL A 7 -5.46 14.63 -1.80
C VAL A 7 -3.94 14.62 -1.93
N LYS A 8 -3.40 13.73 -2.70
CA LYS A 8 -1.91 13.67 -2.81
C LYS A 8 -1.34 13.37 -1.42
N GLY A 9 -2.20 13.41 -0.42
CA GLY A 9 -1.73 13.12 0.97
C GLY A 9 -2.31 14.16 1.93
N ALA A 10 -3.46 13.89 2.50
CA ALA A 10 -4.08 14.85 3.45
C ALA A 10 -5.60 14.74 3.35
N LEU A 11 -6.10 13.53 3.32
CA LEU A 11 -7.58 13.35 3.21
C LEU A 11 -8.26 13.68 4.53
N THR A 12 -9.54 13.48 4.60
CA THR A 12 -10.29 13.78 5.85
C THR A 12 -9.52 13.26 7.06
N SER A 13 -9.89 13.69 8.24
CA SER A 13 -9.20 13.22 9.47
C SER A 13 -9.30 11.69 9.58
N GLY A 14 -9.74 11.04 8.54
CA GLY A 14 -9.87 9.56 8.59
C GLY A 14 -8.62 8.93 9.20
N ARG A 15 -7.48 9.53 9.04
CA ARG A 15 -6.24 8.94 9.62
C ARG A 15 -6.30 8.94 11.15
N GLU A 16 -6.48 10.09 11.75
CA GLU A 16 -6.52 10.14 13.24
C GLU A 16 -7.91 9.76 13.77
N GLU A 17 -8.94 10.25 13.13
CA GLU A 17 -10.31 9.95 13.62
C GLU A 17 -10.69 8.49 13.39
N LEU A 18 -10.50 7.97 12.21
CA LEU A 18 -10.89 6.56 11.95
C LEU A 18 -9.89 5.55 12.53
N THR A 19 -8.62 5.82 12.45
CA THR A 19 -7.65 4.82 13.00
C THR A 19 -7.84 4.72 14.50
N ARG A 20 -7.74 5.82 15.20
CA ARG A 20 -7.94 5.78 16.67
C ARG A 20 -9.27 5.10 16.97
N GLN A 21 -10.26 5.35 16.15
CA GLN A 21 -11.59 4.72 16.36
C GLN A 21 -11.45 3.20 16.27
N VAL A 22 -10.43 2.73 15.62
CA VAL A 22 -10.24 1.26 15.47
C VAL A 22 -10.50 0.56 16.81
N GLY A 23 -10.22 1.20 17.91
CA GLY A 23 -10.46 0.56 19.22
C GLY A 23 -11.92 0.11 19.34
N ARG A 24 -12.72 0.34 18.34
CA ARG A 24 -14.16 -0.08 18.43
C ARG A 24 -14.70 -0.43 17.04
N TYR A 25 -13.84 -0.50 16.06
CA TYR A 25 -14.30 -0.83 14.68
C TYR A 25 -13.49 -2.01 14.15
N LYS A 26 -12.25 -2.09 14.50
CA LYS A 26 -11.40 -3.21 14.00
C LYS A 26 -11.44 -3.22 12.48
N ASN A 27 -12.13 -2.29 11.88
CA ASN A 27 -12.21 -2.24 10.40
C ASN A 27 -11.13 -1.30 9.86
N LYS A 28 -10.60 -1.60 8.71
CA LYS A 28 -9.56 -0.73 8.10
C LYS A 28 -9.92 -0.48 6.64
N LYS A 29 -10.37 -1.52 5.98
CA LYS A 29 -10.76 -1.40 4.55
C LYS A 29 -12.04 -0.58 4.44
N PHE A 30 -12.59 -0.19 5.56
CA PHE A 30 -13.87 0.58 5.54
C PHE A 30 -13.67 1.99 4.97
N MET A 31 -13.07 2.86 5.74
CA MET A 31 -12.80 4.25 5.27
C MET A 31 -11.54 4.25 4.40
N GLN A 32 -10.52 3.59 4.88
CA GLN A 32 -9.24 3.56 4.13
C GLN A 32 -9.37 2.65 2.90
N GLY A 33 -10.21 1.65 2.96
CA GLY A 33 -10.38 0.77 1.77
C GLY A 33 -11.09 1.54 0.67
N THR A 34 -12.21 2.16 1.00
CA THR A 34 -12.93 2.95 -0.04
C THR A 34 -12.00 4.07 -0.51
N VAL A 35 -11.02 4.39 0.29
CA VAL A 35 -10.06 5.45 -0.09
C VAL A 35 -9.11 4.92 -1.19
N ALA A 36 -8.38 3.88 -0.90
CA ALA A 36 -7.44 3.31 -1.92
C ALA A 36 -8.15 3.21 -3.27
N VAL A 37 -9.31 2.62 -3.31
CA VAL A 37 -10.03 2.51 -4.61
C VAL A 37 -10.15 3.89 -5.23
N CYS A 38 -10.41 4.90 -4.44
CA CYS A 38 -10.49 6.26 -5.03
C CYS A 38 -9.21 6.51 -5.81
N ALA A 39 -8.14 5.92 -5.36
CA ALA A 39 -6.85 6.09 -6.07
C ALA A 39 -6.80 5.16 -7.30
N ARG A 40 -7.13 3.91 -7.10
CA ARG A 40 -7.06 2.92 -8.23
C ARG A 40 -7.56 3.54 -9.54
N ILE A 41 -8.64 4.27 -9.50
CA ILE A 41 -9.14 4.87 -10.78
C ILE A 41 -8.55 6.27 -10.99
N ALA A 42 -8.09 6.90 -9.95
CA ALA A 42 -7.53 8.28 -10.12
C ALA A 42 -6.04 8.19 -10.45
N VAL A 43 -5.51 7.00 -10.52
CA VAL A 43 -4.05 6.84 -10.84
C VAL A 43 -3.58 7.97 -11.75
N ALA A 44 -4.42 8.46 -12.60
CA ALA A 44 -4.01 9.56 -13.52
C ALA A 44 -2.89 9.06 -14.43
N SER A 45 -2.15 8.08 -13.99
CA SER A 45 -1.05 7.54 -14.84
C SER A 45 -1.62 6.99 -16.13
N ASP A 46 -1.05 5.94 -16.63
CA ASP A 46 -1.55 5.34 -17.90
C ASP A 46 -1.58 3.81 -17.75
N GLY A 47 -2.25 3.32 -16.74
CA GLY A 47 -2.30 1.84 -16.55
C GLY A 47 -3.52 1.47 -15.70
N VAL A 48 -3.70 2.11 -14.59
CA VAL A 48 -4.86 1.78 -13.71
C VAL A 48 -4.74 0.34 -13.22
N SER A 49 -5.35 0.03 -12.11
CA SER A 49 -5.26 -1.35 -11.56
C SER A 49 -6.65 -1.87 -11.24
N SER A 50 -6.81 -2.52 -10.12
CA SER A 50 -8.14 -3.06 -9.73
C SER A 50 -7.91 -4.22 -8.76
N GLU A 51 -7.35 -5.30 -9.23
CA GLU A 51 -7.11 -6.46 -8.34
C GLU A 51 -5.96 -6.14 -7.37
N GLU A 52 -4.99 -5.36 -7.79
CA GLU A 52 -3.86 -5.02 -6.89
C GLU A 52 -4.34 -4.06 -5.80
N LYS A 53 -4.99 -2.99 -6.18
CA LYS A 53 -5.47 -2.03 -5.15
C LYS A 53 -6.42 -2.78 -4.21
N GLN A 54 -7.24 -3.63 -4.75
CA GLN A 54 -8.17 -4.42 -3.89
C GLN A 54 -7.33 -5.18 -2.86
N LYS A 55 -6.25 -5.78 -3.28
CA LYS A 55 -5.37 -6.52 -2.33
C LYS A 55 -4.95 -5.54 -1.22
N MET A 56 -4.55 -4.36 -1.59
CA MET A 56 -4.14 -3.37 -0.57
C MET A 56 -5.25 -3.23 0.47
N ILE A 57 -6.49 -3.20 0.04
CA ILE A 57 -7.60 -3.08 1.02
C ILE A 57 -7.45 -4.19 2.06
N GLY A 58 -7.06 -5.37 1.63
CA GLY A 58 -6.87 -6.48 2.61
C GLY A 58 -5.77 -6.06 3.59
N PHE A 59 -4.70 -5.49 3.08
CA PHE A 59 -3.61 -5.03 3.97
C PHE A 59 -4.22 -4.07 4.99
N LEU A 60 -5.16 -3.28 4.56
CA LEU A 60 -5.82 -2.34 5.49
C LEU A 60 -6.35 -3.15 6.68
N ARG A 61 -7.00 -4.24 6.40
CA ARG A 61 -7.53 -5.08 7.51
C ARG A 61 -6.40 -5.30 8.51
N SER A 62 -5.20 -5.42 8.02
CA SER A 62 -4.04 -5.61 8.94
C SER A 62 -3.11 -4.38 8.91
N SER A 63 -3.51 -3.33 8.24
CA SER A 63 -2.63 -2.11 8.16
C SER A 63 -2.07 -1.78 9.53
N GLU A 64 -1.28 -0.74 9.60
CA GLU A 64 -0.68 -0.34 10.91
C GLU A 64 -1.80 0.09 11.87
N GLU A 65 -2.97 0.39 11.35
CA GLU A 65 -4.08 0.81 12.23
C GLU A 65 -4.12 -0.08 13.47
N LEU A 66 -3.41 -1.17 13.44
CA LEU A 66 -3.39 -2.09 14.62
C LEU A 66 -3.14 -1.27 15.88
N LYS A 67 -2.40 -0.21 15.75
CA LYS A 67 -2.09 0.64 16.93
C LYS A 67 -3.31 1.47 17.32
N VAL A 68 -3.95 2.11 16.36
CA VAL A 68 -5.16 2.93 16.68
C VAL A 68 -4.69 4.34 17.07
N PHE A 69 -3.83 4.96 16.28
CA PHE A 69 -3.36 6.33 16.66
C PHE A 69 -2.48 6.95 15.56
N ASP A 70 -1.35 6.35 15.25
CA ASP A 70 -0.44 6.97 14.23
C ASP A 70 -1.23 7.40 13.00
N THR A 71 -1.76 8.59 13.04
CA THR A 71 -2.53 9.11 11.87
C THR A 71 -1.58 9.30 10.70
N ALA A 72 -0.36 9.67 10.98
CA ALA A 72 0.63 9.87 9.88
C ALA A 72 0.86 8.54 9.17
N GLU A 73 0.64 7.45 9.84
CA GLU A 73 0.84 6.11 9.21
C GLU A 73 -0.34 5.83 8.27
N VAL A 74 -1.53 6.15 8.68
CA VAL A 74 -2.71 5.90 7.81
C VAL A 74 -2.59 6.75 6.54
N ILE A 75 -2.56 8.04 6.69
CA ILE A 75 -2.40 8.90 5.49
C ILE A 75 -1.19 8.41 4.72
N GLU A 76 -0.29 7.76 5.39
CA GLU A 76 0.92 7.24 4.68
C GLU A 76 0.48 6.29 3.58
N PHE A 77 -0.48 5.44 3.84
CA PHE A 77 -0.92 4.51 2.78
C PHE A 77 -1.67 5.29 1.70
N PHE A 78 -2.75 5.96 2.04
CA PHE A 78 -3.48 6.71 0.98
C PHE A 78 -2.57 7.77 0.36
N ASN A 79 -1.89 8.54 1.15
CA ASN A 79 -0.99 9.59 0.59
C ASN A 79 -0.10 8.96 -0.47
N LYS A 80 0.61 7.93 -0.12
CA LYS A 80 1.49 7.27 -1.11
C LYS A 80 0.64 6.79 -2.28
N LEU A 81 -0.56 6.34 -2.01
CA LEU A 81 -1.44 5.85 -3.12
C LEU A 81 -1.76 7.01 -4.08
N VAL A 82 -2.29 8.09 -3.60
CA VAL A 82 -2.63 9.21 -4.53
C VAL A 82 -1.38 9.72 -5.25
N THR A 83 -0.31 9.96 -4.56
CA THR A 83 0.92 10.47 -5.26
C THR A 83 1.67 9.33 -5.96
N SER A 84 1.85 8.22 -5.30
CA SER A 84 2.62 7.10 -5.93
C SER A 84 1.78 6.34 -6.95
N PHE A 85 0.48 6.39 -6.86
CA PHE A 85 -0.35 5.61 -7.83
C PHE A 85 -0.32 6.24 -9.23
N ASP A 86 0.46 7.24 -9.46
CA ASP A 86 0.49 7.84 -10.82
C ASP A 86 1.54 7.11 -11.68
N PHE A 87 2.07 6.04 -11.17
CA PHE A 87 3.08 5.26 -11.95
C PHE A 87 2.67 3.79 -11.91
N ASP A 88 2.97 3.11 -10.84
CA ASP A 88 2.59 1.68 -10.74
C ASP A 88 1.24 1.56 -10.06
N LEU A 89 0.19 1.63 -10.82
CA LEU A 89 -1.16 1.53 -10.23
C LEU A 89 -1.30 0.19 -9.50
N GLU A 90 -0.96 -0.88 -10.18
CA GLU A 90 -1.07 -2.22 -9.54
C GLU A 90 0.13 -2.48 -8.61
N ILE A 91 1.32 -2.21 -9.08
CA ILE A 91 2.54 -2.47 -8.24
C ILE A 91 2.73 -1.37 -7.18
N GLY A 92 2.28 -0.18 -7.44
CA GLY A 92 2.47 0.92 -6.45
C GLY A 92 1.80 0.57 -5.12
N LYS A 93 0.55 0.23 -5.14
CA LYS A 93 -0.15 -0.10 -3.87
C LYS A 93 0.23 -1.51 -3.40
N GLY A 94 0.77 -2.32 -4.28
CA GLY A 94 1.13 -3.71 -3.87
C GLY A 94 2.26 -3.71 -2.82
N GLU A 95 3.35 -3.02 -3.06
CA GLU A 95 4.47 -3.02 -2.06
C GLU A 95 4.25 -1.95 -0.99
N THR A 96 3.81 -0.79 -1.38
CA THR A 96 3.61 0.29 -0.39
C THR A 96 2.80 -0.25 0.79
N MET A 97 1.73 -0.94 0.52
CA MET A 97 0.90 -1.49 1.63
C MET A 97 1.78 -2.31 2.56
N LYS A 98 2.87 -2.82 2.05
CA LYS A 98 3.77 -3.65 2.90
C LYS A 98 4.56 -2.78 3.87
N TYR A 99 5.10 -1.68 3.44
CA TYR A 99 5.90 -0.85 4.40
C TYR A 99 5.01 -0.33 5.52
N ILE A 100 3.73 -0.13 5.28
CA ILE A 100 2.87 0.35 6.40
C ILE A 100 2.74 -0.77 7.43
N LEU A 101 2.33 -1.93 7.01
CA LEU A 101 2.20 -3.06 7.98
C LEU A 101 3.59 -3.49 8.43
N ALA A 102 4.44 -3.83 7.51
CA ALA A 102 5.82 -4.24 7.89
C ALA A 102 6.41 -3.15 8.78
N LEU A 103 6.98 -2.14 8.18
CA LEU A 103 7.58 -1.03 8.98
C LEU A 103 8.60 -1.61 9.96
N LYS A 104 8.52 -2.89 10.26
CA LYS A 104 9.50 -3.50 11.20
C LYS A 104 10.81 -2.72 11.11
N ASP A 105 11.23 -2.42 9.92
CA ASP A 105 12.48 -1.64 9.74
C ASP A 105 12.17 -0.40 8.90
N GLN A 106 12.12 -0.54 7.61
CA GLN A 106 11.81 0.63 6.73
C GLN A 106 12.34 0.38 5.31
N PRO A 107 13.63 0.29 5.16
CA PRO A 107 14.28 0.06 3.84
C PRO A 107 13.92 -1.30 3.22
N GLU A 108 13.44 -2.23 4.00
CA GLU A 108 13.10 -3.56 3.43
C GLU A 108 11.85 -3.43 2.57
N ALA A 109 10.79 -2.90 3.12
CA ALA A 109 9.55 -2.73 2.33
C ALA A 109 9.84 -1.81 1.16
N ALA A 110 10.62 -0.78 1.39
CA ALA A 110 10.97 0.15 0.30
C ALA A 110 11.80 -0.58 -0.75
N GLN A 111 12.64 -1.50 -0.33
CA GLN A 111 13.45 -2.25 -1.32
C GLN A 111 12.50 -2.80 -2.38
N LEU A 112 11.46 -3.47 -1.98
CA LEU A 112 10.49 -3.98 -2.98
C LEU A 112 10.09 -2.80 -3.85
N ALA A 113 9.89 -1.67 -3.24
CA ALA A 113 9.52 -0.46 -4.02
C ALA A 113 10.60 -0.21 -5.07
N LEU A 114 11.80 -0.64 -4.81
CA LEU A 114 12.91 -0.41 -5.80
C LEU A 114 12.66 -1.27 -7.05
N ARG A 115 12.53 -2.55 -6.89
CA ARG A 115 12.24 -3.38 -8.08
C ARG A 115 11.02 -2.75 -8.74
N VAL A 116 10.03 -2.41 -7.97
CA VAL A 116 8.87 -1.73 -8.56
C VAL A 116 9.43 -0.60 -9.42
N GLY A 117 10.54 -0.05 -9.00
CA GLY A 117 11.17 1.03 -9.82
C GLY A 117 11.27 0.52 -11.26
N ILE A 118 11.77 -0.68 -11.44
CA ILE A 118 11.86 -1.20 -12.83
C ILE A 118 10.48 -1.06 -13.45
N ALA A 119 9.44 -1.17 -12.66
CA ALA A 119 8.08 -1.02 -13.23
C ALA A 119 7.87 0.45 -13.60
N VAL A 120 8.52 1.37 -12.93
CA VAL A 120 8.34 2.78 -13.34
C VAL A 120 8.59 2.82 -14.82
N ALA A 121 9.55 2.08 -15.27
CA ALA A 121 9.80 2.00 -16.73
C ALA A 121 8.90 0.90 -17.27
N LYS A 122 8.41 0.06 -16.38
CA LYS A 122 7.51 -1.08 -16.77
C LYS A 122 6.29 -1.13 -15.84
N SER A 123 5.62 -0.02 -15.65
CA SER A 123 4.44 0.00 -14.73
C SER A 123 3.63 -1.28 -14.86
N ASP A 124 3.88 -2.03 -15.88
CA ASP A 124 3.14 -3.31 -16.07
C ASP A 124 3.96 -4.25 -16.93
N GLY A 125 5.19 -4.50 -16.56
CA GLY A 125 6.04 -5.42 -17.37
C GLY A 125 7.06 -6.12 -16.47
N ASN A 126 7.52 -5.47 -15.43
CA ASN A 126 8.52 -6.12 -14.53
C ASN A 126 7.97 -6.23 -13.10
N PHE A 127 8.77 -6.68 -12.18
CA PHE A 127 8.30 -6.84 -10.77
C PHE A 127 7.64 -8.21 -10.62
N ASP A 128 7.36 -8.62 -9.43
CA ASP A 128 6.72 -9.94 -9.21
C ASP A 128 7.79 -11.04 -9.25
N ASP A 129 8.98 -10.71 -9.65
CA ASP A 129 10.06 -11.74 -9.70
C ASP A 129 11.11 -11.45 -8.62
N ASP A 130 11.30 -10.21 -8.28
CA ASP A 130 12.30 -9.88 -7.22
C ASP A 130 11.71 -10.23 -5.86
N GLU A 131 10.41 -10.20 -5.74
CA GLU A 131 9.76 -10.53 -4.45
C GLU A 131 10.29 -11.87 -3.93
N LYS A 132 10.72 -12.75 -4.80
CA LYS A 132 11.24 -14.05 -4.32
C LYS A 132 12.52 -13.81 -3.54
N SER A 133 13.46 -13.12 -4.13
CA SER A 133 14.74 -12.83 -3.40
C SER A 133 14.49 -11.67 -2.44
N ALA A 134 13.66 -10.75 -2.82
CA ALA A 134 13.36 -9.60 -1.92
C ALA A 134 12.59 -10.10 -0.70
N VAL A 135 11.50 -10.79 -0.92
CA VAL A 135 10.73 -11.32 0.24
C VAL A 135 11.67 -12.16 1.11
N ARG A 136 12.63 -12.81 0.50
CA ARG A 136 13.59 -13.63 1.30
C ARG A 136 14.21 -12.75 2.37
N GLU A 137 14.76 -11.62 1.99
CA GLU A 137 15.39 -10.71 2.98
C GLU A 137 14.30 -9.97 3.77
N ILE A 138 13.16 -9.76 3.18
CA ILE A 138 12.07 -9.04 3.91
C ILE A 138 11.55 -9.92 5.05
N ALA A 139 11.15 -11.13 4.76
CA ALA A 139 10.64 -12.02 5.82
C ALA A 139 11.69 -12.16 6.93
N ARG A 140 12.94 -12.27 6.55
CA ARG A 140 14.01 -12.41 7.58
C ARG A 140 14.26 -11.06 8.26
N SER A 141 14.24 -9.99 7.52
CA SER A 141 14.49 -8.65 8.14
C SER A 141 13.32 -8.27 9.05
N LEU A 142 12.11 -8.43 8.57
CA LEU A 142 10.94 -8.07 9.41
C LEU A 142 10.61 -9.25 10.33
N GLY A 143 10.27 -10.39 9.78
CA GLY A 143 9.97 -11.56 10.66
C GLY A 143 8.90 -12.46 10.03
N PHE A 144 8.92 -12.64 8.74
CA PHE A 144 7.91 -13.53 8.11
C PHE A 144 8.58 -14.79 7.55
N ASP A 145 7.91 -15.51 6.70
CA ASP A 145 8.51 -16.74 6.11
C ASP A 145 9.74 -16.36 5.29
N PRO A 146 10.92 -16.71 5.75
CA PRO A 146 12.19 -16.39 5.04
C PRO A 146 12.16 -16.79 3.56
N ALA A 147 11.55 -15.99 2.72
CA ALA A 147 11.52 -16.31 1.27
C ALA A 147 10.44 -17.33 0.95
N GLU A 148 9.51 -16.98 0.12
CA GLU A 148 8.45 -17.97 -0.25
C GLU A 148 7.23 -17.25 -0.86
N PHE A 149 7.41 -16.12 -1.49
CA PHE A 149 6.24 -15.41 -2.07
C PHE A 149 6.42 -15.25 -3.58
N GLY A 150 6.87 -14.11 -4.03
CA GLY A 150 7.05 -13.91 -5.49
C GLY A 150 5.68 -13.62 -6.11
N LEU A 151 4.89 -12.80 -5.49
CA LEU A 151 3.54 -12.48 -6.03
C LEU A 151 3.54 -12.57 -7.55
N LEU A 152 3.28 -13.73 -8.08
CA LEU A 152 3.27 -13.90 -9.56
C LEU A 152 2.02 -14.68 -9.98
N GLU A 153 0.87 -14.26 -9.53
CA GLU A 153 -0.38 -14.98 -9.90
C GLU A 153 -1.31 -14.02 -10.62
N MET A 1 -13.88 14.30 -6.45
CA MET A 1 -15.21 14.98 -6.53
C MET A 1 -16.32 13.96 -6.29
N SER A 2 -16.81 13.34 -7.33
CA SER A 2 -17.90 12.34 -7.16
C SER A 2 -17.29 10.95 -7.02
N PHE A 3 -16.00 10.84 -7.15
CA PHE A 3 -15.35 9.50 -7.03
C PHE A 3 -14.17 9.60 -6.06
N PHE A 4 -13.05 10.10 -6.51
CA PHE A 4 -11.87 10.23 -5.62
C PHE A 4 -11.95 11.55 -4.84
N ASP A 5 -10.88 11.97 -4.24
CA ASP A 5 -10.91 13.25 -3.47
C ASP A 5 -9.59 14.00 -3.67
N LYS A 6 -8.99 13.88 -4.82
CA LYS A 6 -7.70 14.58 -5.08
C LYS A 6 -6.98 14.81 -3.75
N VAL A 7 -7.00 13.83 -2.89
CA VAL A 7 -6.33 13.98 -1.57
C VAL A 7 -4.83 14.07 -1.76
N LYS A 8 -4.28 13.39 -2.73
CA LYS A 8 -2.81 13.45 -2.96
C LYS A 8 -2.10 13.33 -1.61
N GLY A 9 -2.84 12.99 -0.58
CA GLY A 9 -2.22 12.87 0.77
C GLY A 9 -2.87 13.87 1.71
N ALA A 10 -4.08 13.63 2.13
CA ALA A 10 -4.74 14.60 3.05
C ALA A 10 -6.25 14.34 3.05
N LEU A 11 -6.63 13.10 2.94
CA LEU A 11 -8.08 12.76 2.93
C LEU A 11 -8.76 13.39 4.16
N THR A 12 -9.94 12.94 4.47
CA THR A 12 -10.64 13.50 5.66
C THR A 12 -9.87 13.13 6.93
N SER A 13 -10.23 13.69 8.05
CA SER A 13 -9.51 13.37 9.31
C SER A 13 -9.53 11.86 9.55
N GLY A 14 -9.96 11.09 8.59
CA GLY A 14 -10.02 9.62 8.76
C GLY A 14 -8.73 9.09 9.38
N ARG A 15 -7.60 9.53 8.90
CA ARG A 15 -6.31 9.02 9.47
C ARG A 15 -6.35 9.02 11.00
N GLU A 16 -6.54 10.16 11.60
CA GLU A 16 -6.56 10.23 13.10
C GLU A 16 -7.90 9.77 13.66
N GLU A 17 -8.98 10.12 13.02
CA GLU A 17 -10.32 9.73 13.54
C GLU A 17 -10.62 8.27 13.22
N LEU A 18 -10.51 7.87 11.98
CA LEU A 18 -10.84 6.46 11.62
C LEU A 18 -9.84 5.48 12.27
N THR A 19 -8.57 5.78 12.26
CA THR A 19 -7.61 4.81 12.86
C THR A 19 -7.86 4.73 14.37
N ARG A 20 -7.84 5.85 15.04
CA ARG A 20 -8.08 5.83 16.51
C ARG A 20 -9.41 5.13 16.80
N GLN A 21 -10.40 5.36 15.98
CA GLN A 21 -11.71 4.72 16.20
C GLN A 21 -11.57 3.20 16.04
N VAL A 22 -10.50 2.77 15.40
CA VAL A 22 -10.31 1.31 15.20
C VAL A 22 -10.62 0.58 16.52
N GLY A 23 -10.35 1.21 17.63
CA GLY A 23 -10.64 0.55 18.94
C GLY A 23 -12.16 0.38 19.06
N ARG A 24 -12.87 0.69 18.01
CA ARG A 24 -14.36 0.54 18.05
C ARG A 24 -14.83 -0.21 16.81
N TYR A 25 -14.31 0.13 15.66
CA TYR A 25 -14.75 -0.58 14.42
C TYR A 25 -13.79 -1.73 14.12
N LYS A 26 -12.55 -1.61 14.52
CA LYS A 26 -11.58 -2.70 14.25
C LYS A 26 -11.50 -2.95 12.74
N ASN A 27 -12.18 -2.14 11.97
CA ASN A 27 -12.15 -2.32 10.49
C ASN A 27 -11.12 -1.38 9.88
N LYS A 28 -10.68 -1.66 8.68
CA LYS A 28 -9.67 -0.80 8.03
C LYS A 28 -10.05 -0.62 6.55
N LYS A 29 -10.40 -1.69 5.90
CA LYS A 29 -10.78 -1.63 4.47
C LYS A 29 -12.11 -0.90 4.32
N PHE A 30 -12.73 -0.57 5.41
CA PHE A 30 -14.06 0.11 5.36
C PHE A 30 -13.94 1.52 4.75
N MET A 31 -13.43 2.44 5.52
CA MET A 31 -13.24 3.83 5.04
C MET A 31 -11.95 3.92 4.21
N GLN A 32 -10.90 3.37 4.75
CA GLN A 32 -9.59 3.42 4.04
C GLN A 32 -9.61 2.48 2.83
N GLY A 33 -10.36 1.40 2.89
CA GLY A 33 -10.39 0.47 1.73
C GLY A 33 -11.14 1.16 0.59
N THR A 34 -12.31 1.67 0.86
CA THR A 34 -13.07 2.38 -0.21
C THR A 34 -12.17 3.50 -0.75
N VAL A 35 -11.23 3.92 0.05
CA VAL A 35 -10.30 5.00 -0.40
C VAL A 35 -9.32 4.43 -1.42
N ALA A 36 -8.66 3.36 -1.10
CA ALA A 36 -7.69 2.77 -2.07
C ALA A 36 -8.36 2.73 -3.45
N VAL A 37 -9.56 2.22 -3.51
CA VAL A 37 -10.28 2.17 -4.81
C VAL A 37 -10.33 3.56 -5.42
N CYS A 38 -10.56 4.57 -4.62
CA CYS A 38 -10.60 5.93 -5.20
C CYS A 38 -9.29 6.13 -5.96
N ALA A 39 -8.23 5.57 -5.47
CA ALA A 39 -6.93 5.72 -6.16
C ALA A 39 -6.83 4.74 -7.35
N ARG A 40 -7.11 3.49 -7.13
CA ARG A 40 -6.98 2.48 -8.23
C ARG A 40 -7.49 3.05 -9.55
N ILE A 41 -8.60 3.73 -9.56
CA ILE A 41 -9.10 4.30 -10.85
C ILE A 41 -8.58 5.71 -11.09
N ALA A 42 -8.15 6.40 -10.06
CA ALA A 42 -7.66 7.79 -10.26
C ALA A 42 -6.16 7.77 -10.59
N VAL A 43 -5.57 6.60 -10.63
CA VAL A 43 -4.11 6.51 -10.95
C VAL A 43 -3.68 7.65 -11.88
N ALA A 44 -4.57 8.12 -12.71
CA ALA A 44 -4.20 9.24 -13.63
C ALA A 44 -3.00 8.84 -14.48
N SER A 45 -2.30 7.80 -14.09
CA SER A 45 -1.12 7.36 -14.87
C SER A 45 -1.58 6.77 -16.19
N ASP A 46 -0.89 5.76 -16.65
CA ASP A 46 -1.28 5.12 -17.94
C ASP A 46 -1.29 3.60 -17.76
N GLY A 47 -2.08 3.10 -16.85
CA GLY A 47 -2.13 1.63 -16.63
C GLY A 47 -3.36 1.25 -15.81
N VAL A 48 -3.49 1.81 -14.64
CA VAL A 48 -4.66 1.48 -13.78
C VAL A 48 -4.51 0.06 -13.24
N SER A 49 -5.16 -0.24 -12.15
CA SER A 49 -5.04 -1.60 -11.57
C SER A 49 -6.44 -2.16 -11.28
N SER A 50 -6.61 -2.81 -10.16
CA SER A 50 -7.93 -3.39 -9.81
C SER A 50 -7.70 -4.55 -8.85
N GLU A 51 -7.09 -5.60 -9.33
CA GLU A 51 -6.82 -6.78 -8.45
C GLU A 51 -5.71 -6.41 -7.47
N GLU A 52 -4.79 -5.57 -7.87
CA GLU A 52 -3.67 -5.19 -6.94
C GLU A 52 -4.21 -4.29 -5.83
N LYS A 53 -4.91 -3.24 -6.16
CA LYS A 53 -5.46 -2.36 -5.09
C LYS A 53 -6.35 -3.22 -4.20
N GLN A 54 -7.06 -4.15 -4.78
CA GLN A 54 -7.94 -5.04 -3.97
C GLN A 54 -7.10 -5.69 -2.87
N LYS A 55 -5.97 -6.23 -3.22
CA LYS A 55 -5.10 -6.86 -2.19
C LYS A 55 -4.71 -5.81 -1.15
N MET A 56 -4.34 -4.65 -1.61
CA MET A 56 -3.96 -3.57 -0.66
C MET A 56 -5.08 -3.37 0.37
N ILE A 57 -6.32 -3.39 -0.06
CA ILE A 57 -7.43 -3.22 0.92
C ILE A 57 -7.30 -4.30 1.99
N GLY A 58 -7.00 -5.51 1.60
CA GLY A 58 -6.83 -6.59 2.62
C GLY A 58 -5.76 -6.13 3.62
N PHE A 59 -4.70 -5.55 3.12
CA PHE A 59 -3.64 -5.06 4.03
C PHE A 59 -4.27 -4.11 5.03
N LEU A 60 -5.18 -3.28 4.58
CA LEU A 60 -5.85 -2.34 5.51
C LEU A 60 -6.39 -3.16 6.69
N ARG A 61 -7.04 -4.26 6.40
CA ARG A 61 -7.57 -5.11 7.49
C ARG A 61 -6.47 -5.35 8.52
N SER A 62 -5.25 -5.48 8.06
CA SER A 62 -4.12 -5.70 9.01
C SER A 62 -3.18 -4.48 8.99
N SER A 63 -3.57 -3.44 8.29
CA SER A 63 -2.70 -2.22 8.22
C SER A 63 -2.14 -1.87 9.60
N GLU A 64 -1.34 -0.84 9.67
CA GLU A 64 -0.77 -0.43 10.98
C GLU A 64 -1.89 0.04 11.89
N GLU A 65 -3.06 0.29 11.36
CA GLU A 65 -4.19 0.75 12.22
C GLU A 65 -4.19 -0.08 13.50
N LEU A 66 -3.48 -1.18 13.49
CA LEU A 66 -3.42 -2.03 14.72
C LEU A 66 -3.11 -1.14 15.92
N LYS A 67 -2.49 -0.02 15.66
CA LYS A 67 -2.14 0.92 16.77
C LYS A 67 -3.37 1.72 17.17
N VAL A 68 -4.08 2.28 16.23
CA VAL A 68 -5.29 3.09 16.58
C VAL A 68 -4.85 4.50 16.96
N PHE A 69 -3.97 5.12 16.19
CA PHE A 69 -3.51 6.48 16.57
C PHE A 69 -2.63 7.13 15.47
N ASP A 70 -1.49 6.57 15.17
CA ASP A 70 -0.59 7.22 14.16
C ASP A 70 -1.37 7.63 12.91
N THR A 71 -1.90 8.82 12.92
CA THR A 71 -2.65 9.32 11.74
C THR A 71 -1.68 9.53 10.57
N ALA A 72 -0.46 9.88 10.86
CA ALA A 72 0.53 10.10 9.77
C ALA A 72 0.75 8.79 9.02
N GLU A 73 0.64 7.68 9.70
CA GLU A 73 0.86 6.37 9.03
C GLU A 73 -0.35 6.05 8.14
N VAL A 74 -1.54 6.42 8.58
CA VAL A 74 -2.74 6.14 7.77
C VAL A 74 -2.69 6.95 6.46
N ILE A 75 -2.66 8.25 6.56
CA ILE A 75 -2.57 9.07 5.33
C ILE A 75 -1.39 8.55 4.51
N GLU A 76 -0.46 7.93 5.16
CA GLU A 76 0.73 7.39 4.43
C GLU A 76 0.25 6.37 3.40
N PHE A 77 -0.68 5.52 3.76
CA PHE A 77 -1.16 4.51 2.78
C PHE A 77 -1.98 5.22 1.70
N PHE A 78 -3.06 5.88 2.05
CA PHE A 78 -3.86 6.56 0.99
C PHE A 78 -2.97 7.58 0.27
N ASN A 79 -2.27 8.40 1.00
CA ASN A 79 -1.39 9.41 0.35
C ASN A 79 -0.50 8.72 -0.67
N LYS A 80 0.22 7.72 -0.25
CA LYS A 80 1.12 7.01 -1.20
C LYS A 80 0.26 6.41 -2.33
N LEU A 81 -0.93 6.01 -2.03
CA LEU A 81 -1.80 5.42 -3.08
C LEU A 81 -2.25 6.50 -4.07
N VAL A 82 -2.73 7.62 -3.59
CA VAL A 82 -3.19 8.68 -4.53
C VAL A 82 -2.00 9.39 -5.20
N THR A 83 -0.97 9.70 -4.48
CA THR A 83 0.18 10.41 -5.12
C THR A 83 1.08 9.42 -5.88
N SER A 84 1.38 8.29 -5.32
CA SER A 84 2.29 7.31 -6.01
C SER A 84 1.56 6.56 -7.12
N PHE A 85 0.34 6.17 -6.89
CA PHE A 85 -0.40 5.39 -7.92
C PHE A 85 -0.37 6.05 -9.29
N ASP A 86 0.38 7.11 -9.47
CA ASP A 86 0.39 7.75 -10.82
C ASP A 86 1.48 7.09 -11.67
N PHE A 87 2.05 6.01 -11.18
CA PHE A 87 3.09 5.29 -11.96
C PHE A 87 2.77 3.80 -11.89
N ASP A 88 3.08 3.17 -10.79
CA ASP A 88 2.77 1.72 -10.65
C ASP A 88 1.40 1.56 -10.02
N LEU A 89 0.38 1.55 -10.81
CA LEU A 89 -0.99 1.41 -10.28
C LEU A 89 -1.10 0.08 -9.52
N GLU A 90 -0.77 -0.99 -10.15
CA GLU A 90 -0.86 -2.32 -9.47
C GLU A 90 0.34 -2.53 -8.53
N ILE A 91 1.53 -2.32 -8.99
CA ILE A 91 2.73 -2.55 -8.13
C ILE A 91 2.88 -1.45 -7.07
N GLY A 92 2.47 -0.25 -7.36
CA GLY A 92 2.62 0.85 -6.36
C GLY A 92 1.92 0.50 -5.05
N LYS A 93 0.68 0.14 -5.10
CA LYS A 93 -0.05 -0.20 -3.84
C LYS A 93 0.35 -1.59 -3.33
N GLY A 94 0.96 -2.40 -4.16
CA GLY A 94 1.34 -3.77 -3.72
C GLY A 94 2.45 -3.73 -2.65
N GLU A 95 3.54 -3.05 -2.91
CA GLU A 95 4.65 -3.00 -1.90
C GLU A 95 4.37 -1.94 -0.84
N THR A 96 3.85 -0.82 -1.24
CA THR A 96 3.57 0.27 -0.26
C THR A 96 2.74 -0.27 0.90
N MET A 97 1.68 -0.96 0.62
CA MET A 97 0.83 -1.50 1.71
C MET A 97 1.71 -2.31 2.67
N LYS A 98 2.82 -2.77 2.19
CA LYS A 98 3.73 -3.58 3.05
C LYS A 98 4.50 -2.68 4.04
N TYR A 99 5.02 -1.57 3.60
CA TYR A 99 5.80 -0.72 4.56
C TYR A 99 4.88 -0.22 5.68
N ILE A 100 3.61 -0.06 5.42
CA ILE A 100 2.72 0.40 6.53
C ILE A 100 2.59 -0.73 7.55
N LEU A 101 2.18 -1.90 7.13
CA LEU A 101 2.06 -3.03 8.08
C LEU A 101 3.44 -3.46 8.54
N ALA A 102 4.30 -3.79 7.62
CA ALA A 102 5.67 -4.20 8.02
C ALA A 102 6.24 -3.15 8.97
N LEU A 103 6.78 -2.10 8.43
CA LEU A 103 7.36 -1.03 9.29
C LEU A 103 8.37 -1.65 10.26
N LYS A 104 8.33 -2.95 10.45
CA LYS A 104 9.31 -3.59 11.37
C LYS A 104 10.64 -2.85 11.26
N ASP A 105 11.09 -2.59 10.05
CA ASP A 105 12.36 -1.86 9.86
C ASP A 105 12.04 -0.51 9.19
N GLN A 106 11.94 -0.49 7.89
CA GLN A 106 11.62 0.77 7.17
C GLN A 106 12.14 0.67 5.73
N PRO A 107 13.44 0.64 5.56
CA PRO A 107 14.06 0.52 4.21
C PRO A 107 13.77 -0.84 3.57
N GLU A 108 13.34 -1.78 4.37
CA GLU A 108 13.04 -3.14 3.84
C GLU A 108 11.82 -3.07 2.91
N ALA A 109 10.73 -2.56 3.41
CA ALA A 109 9.51 -2.45 2.56
C ALA A 109 9.81 -1.47 1.43
N ALA A 110 10.59 -0.46 1.72
CA ALA A 110 10.95 0.52 0.66
C ALA A 110 11.86 -0.17 -0.36
N GLN A 111 12.70 -1.07 0.09
CA GLN A 111 13.58 -1.78 -0.88
C GLN A 111 12.71 -2.34 -1.99
N LEU A 112 11.67 -3.06 -1.65
CA LEU A 112 10.78 -3.59 -2.71
C LEU A 112 10.33 -2.40 -3.55
N ALA A 113 9.98 -1.32 -2.92
CA ALA A 113 9.56 -0.12 -3.68
C ALA A 113 10.63 0.20 -4.72
N LEU A 114 11.85 -0.18 -4.45
CA LEU A 114 12.96 0.09 -5.42
C LEU A 114 12.76 -0.77 -6.67
N ARG A 115 12.67 -2.06 -6.51
CA ARG A 115 12.45 -2.90 -7.71
C ARG A 115 11.22 -2.32 -8.38
N VAL A 116 10.21 -2.00 -7.64
CA VAL A 116 9.03 -1.37 -8.25
C VAL A 116 9.56 -0.25 -9.14
N GLY A 117 10.66 0.35 -8.72
CA GLY A 117 11.26 1.43 -9.55
C GLY A 117 11.40 0.88 -10.97
N ILE A 118 11.94 -0.30 -11.11
CA ILE A 118 12.07 -0.84 -12.49
C ILE A 118 10.70 -0.77 -13.14
N ALA A 119 9.65 -0.91 -12.37
CA ALA A 119 8.30 -0.81 -12.96
C ALA A 119 8.07 0.62 -13.40
N VAL A 120 8.67 1.58 -12.75
CA VAL A 120 8.47 2.98 -13.21
C VAL A 120 8.77 2.96 -14.70
N ALA A 121 9.74 2.20 -15.08
CA ALA A 121 10.04 2.05 -16.53
C ALA A 121 9.14 0.93 -17.06
N LYS A 122 8.66 0.09 -16.18
CA LYS A 122 7.77 -1.04 -16.58
C LYS A 122 6.54 -1.10 -15.64
N SER A 123 5.86 0.00 -15.45
CA SER A 123 4.68 0.01 -14.53
C SER A 123 3.90 -1.30 -14.68
N ASP A 124 4.16 -2.04 -15.71
CA ASP A 124 3.43 -3.31 -15.90
C ASP A 124 4.31 -4.28 -16.71
N GLY A 125 5.51 -4.53 -16.26
CA GLY A 125 6.40 -5.45 -17.01
C GLY A 125 7.44 -6.08 -16.07
N ASN A 126 7.96 -5.33 -15.13
CA ASN A 126 8.97 -5.90 -14.21
C ASN A 126 8.43 -5.95 -12.78
N PHE A 127 9.23 -6.41 -11.85
CA PHE A 127 8.80 -6.52 -10.43
C PHE A 127 8.23 -7.92 -10.17
N ASP A 128 8.05 -8.25 -8.92
CA ASP A 128 7.50 -9.60 -8.59
C ASP A 128 8.60 -10.65 -8.77
N ASP A 129 9.67 -10.31 -9.43
CA ASP A 129 10.77 -11.28 -9.63
C ASP A 129 11.79 -11.10 -8.51
N ASP A 130 12.04 -9.88 -8.12
CA ASP A 130 13.01 -9.64 -7.02
C ASP A 130 12.31 -9.96 -5.70
N GLU A 131 11.00 -9.93 -5.69
CA GLU A 131 10.25 -10.24 -4.45
C GLU A 131 10.73 -11.57 -3.87
N LYS A 132 11.21 -12.46 -4.71
CA LYS A 132 11.68 -13.77 -4.17
C LYS A 132 12.96 -13.54 -3.36
N SER A 133 13.91 -12.86 -3.92
CA SER A 133 15.17 -12.58 -3.16
C SER A 133 14.90 -11.43 -2.18
N ALA A 134 14.10 -10.49 -2.59
CA ALA A 134 13.77 -9.35 -1.69
C ALA A 134 13.04 -9.91 -0.48
N VAL A 135 12.07 -10.75 -0.72
CA VAL A 135 11.33 -11.36 0.41
C VAL A 135 12.35 -12.04 1.32
N ARG A 136 13.40 -12.58 0.76
CA ARG A 136 14.43 -13.24 1.61
C ARG A 136 14.86 -12.26 2.70
N GLU A 137 15.25 -11.08 2.31
CA GLU A 137 15.68 -10.07 3.31
C GLU A 137 14.46 -9.48 4.03
N ILE A 138 13.33 -9.44 3.39
CA ILE A 138 12.12 -8.87 4.06
C ILE A 138 11.63 -9.84 5.13
N ALA A 139 11.33 -11.05 4.76
CA ALA A 139 10.85 -12.04 5.77
C ALA A 139 11.82 -12.07 6.95
N ARG A 140 13.09 -12.01 6.67
CA ARG A 140 14.08 -12.04 7.78
C ARG A 140 14.14 -10.67 8.47
N SER A 141 14.11 -9.61 7.72
CA SER A 141 14.17 -8.25 8.34
C SER A 141 12.96 -8.06 9.28
N LEU A 142 11.78 -8.40 8.81
CA LEU A 142 10.58 -8.24 9.68
C LEU A 142 10.37 -9.52 10.48
N GLY A 143 10.01 -10.60 9.83
CA GLY A 143 9.82 -11.88 10.59
C GLY A 143 8.91 -12.84 9.83
N PHE A 144 9.01 -12.91 8.51
CA PHE A 144 8.12 -13.87 7.77
C PHE A 144 8.95 -15.08 7.30
N ASP A 145 8.76 -15.49 6.08
CA ASP A 145 9.51 -16.67 5.56
C ASP A 145 10.55 -16.21 4.51
N PRO A 146 11.80 -16.51 4.74
CA PRO A 146 12.90 -16.13 3.80
C PRO A 146 12.58 -16.45 2.34
N ALA A 147 12.28 -15.46 1.55
CA ALA A 147 11.98 -15.69 0.11
C ALA A 147 10.99 -16.83 -0.04
N GLU A 148 9.77 -16.53 -0.36
CA GLU A 148 8.77 -17.60 -0.54
C GLU A 148 7.44 -16.99 -1.01
N PHE A 149 7.46 -15.81 -1.58
CA PHE A 149 6.17 -15.21 -2.05
C PHE A 149 6.31 -14.89 -3.53
N GLY A 150 7.25 -14.07 -3.89
CA GLY A 150 7.43 -13.72 -5.32
C GLY A 150 6.07 -13.64 -6.01
N LEU A 151 5.35 -12.57 -5.78
CA LEU A 151 4.00 -12.42 -6.40
C LEU A 151 4.08 -12.64 -7.93
N LEU A 152 4.38 -13.83 -8.36
CA LEU A 152 4.46 -14.10 -9.82
C LEU A 152 3.58 -15.29 -10.17
N GLU A 153 2.31 -15.19 -9.89
CA GLU A 153 1.39 -16.32 -10.20
C GLU A 153 0.75 -16.10 -11.58
N MET A 1 -20.65 14.27 -8.91
CA MET A 1 -19.87 13.02 -8.68
C MET A 1 -18.52 13.38 -8.05
N SER A 2 -18.04 12.57 -7.15
CA SER A 2 -16.74 12.86 -6.50
C SER A 2 -16.03 11.55 -6.15
N PHE A 3 -15.27 11.02 -7.07
CA PHE A 3 -14.56 9.74 -6.79
C PHE A 3 -13.32 10.02 -5.94
N PHE A 4 -12.30 10.58 -6.53
CA PHE A 4 -11.06 10.88 -5.75
C PHE A 4 -11.33 12.01 -4.76
N ASP A 5 -10.32 12.53 -4.15
CA ASP A 5 -10.52 13.64 -3.17
C ASP A 5 -9.37 14.64 -3.29
N LYS A 6 -8.82 14.79 -4.46
CA LYS A 6 -7.69 15.75 -4.63
C LYS A 6 -6.87 15.80 -3.35
N VAL A 7 -6.40 14.67 -2.91
CA VAL A 7 -5.61 14.64 -1.65
C VAL A 7 -4.11 14.57 -1.97
N LYS A 8 -3.73 13.71 -2.87
CA LYS A 8 -2.28 13.60 -3.20
C LYS A 8 -1.49 13.45 -1.90
N GLY A 9 -2.20 13.33 -0.81
CA GLY A 9 -1.52 13.17 0.51
C GLY A 9 -2.16 14.11 1.53
N ALA A 10 -3.34 13.77 1.99
CA ALA A 10 -4.05 14.64 2.98
C ALA A 10 -5.55 14.46 2.81
N LEU A 11 -6.18 13.71 3.67
CA LEU A 11 -7.64 13.49 3.53
C LEU A 11 -8.33 13.71 4.88
N THR A 12 -9.60 13.40 4.95
CA THR A 12 -10.32 13.60 6.24
C THR A 12 -9.50 13.03 7.40
N SER A 13 -9.85 13.39 8.61
CA SER A 13 -9.11 12.88 9.80
C SER A 13 -9.10 11.35 9.79
N GLY A 14 -9.49 10.75 8.70
CA GLY A 14 -9.54 9.26 8.64
C GLY A 14 -8.25 8.65 9.22
N ARG A 15 -7.16 9.35 9.14
CA ARG A 15 -5.88 8.78 9.68
C ARG A 15 -5.94 8.66 11.20
N GLU A 16 -6.06 9.76 11.90
CA GLU A 16 -6.09 9.69 13.39
C GLU A 16 -7.49 9.35 13.90
N GLU A 17 -8.50 9.83 13.23
CA GLU A 17 -9.89 9.57 13.69
C GLU A 17 -10.29 8.11 13.43
N LEU A 18 -10.13 7.62 12.24
CA LEU A 18 -10.55 6.22 11.95
C LEU A 18 -9.53 5.21 12.51
N THR A 19 -8.26 5.46 12.39
CA THR A 19 -7.27 4.48 12.92
C THR A 19 -7.46 4.34 14.42
N ARG A 20 -7.42 5.42 15.13
CA ARG A 20 -7.61 5.37 16.61
C ARG A 20 -8.95 4.70 16.94
N GLN A 21 -9.92 4.81 16.08
CA GLN A 21 -11.24 4.19 16.36
C GLN A 21 -11.21 2.68 16.09
N VAL A 22 -10.26 2.21 15.31
CA VAL A 22 -10.22 0.75 15.04
C VAL A 22 -10.40 -0.02 16.34
N GLY A 23 -9.93 0.52 17.43
CA GLY A 23 -10.09 -0.18 18.74
C GLY A 23 -11.58 -0.47 18.95
N ARG A 24 -12.41 0.19 18.21
CA ARG A 24 -13.88 -0.03 18.34
C ARG A 24 -14.40 -0.70 17.07
N TYR A 25 -13.97 -0.25 15.92
CA TYR A 25 -14.44 -0.88 14.65
C TYR A 25 -13.44 -1.95 14.21
N LYS A 26 -12.19 -1.78 14.56
CA LYS A 26 -11.17 -2.79 14.16
C LYS A 26 -11.17 -2.91 12.63
N ASN A 27 -12.02 -2.18 11.97
CA ASN A 27 -12.07 -2.25 10.48
C ASN A 27 -11.02 -1.31 9.88
N LYS A 28 -10.51 -1.64 8.74
CA LYS A 28 -9.48 -0.77 8.10
C LYS A 28 -9.85 -0.57 6.62
N LYS A 29 -10.25 -1.64 5.99
CA LYS A 29 -10.65 -1.57 4.55
C LYS A 29 -11.96 -0.79 4.41
N PHE A 30 -12.55 -0.45 5.51
CA PHE A 30 -13.86 0.27 5.46
C PHE A 30 -13.71 1.69 4.88
N MET A 31 -13.17 2.58 5.65
CA MET A 31 -12.95 3.98 5.18
C MET A 31 -11.68 4.03 4.34
N GLN A 32 -10.63 3.46 4.83
CA GLN A 32 -9.34 3.49 4.10
C GLN A 32 -9.40 2.52 2.90
N GLY A 33 -10.16 1.47 2.98
CA GLY A 33 -10.24 0.54 1.82
C GLY A 33 -10.97 1.27 0.69
N THR A 34 -12.11 1.84 0.99
CA THR A 34 -12.86 2.60 -0.05
C THR A 34 -11.96 3.73 -0.55
N VAL A 35 -10.99 4.09 0.24
CA VAL A 35 -10.06 5.18 -0.17
C VAL A 35 -9.10 4.65 -1.24
N ALA A 36 -8.37 3.61 -0.95
CA ALA A 36 -7.42 3.04 -1.95
C ALA A 36 -8.11 2.94 -3.30
N VAL A 37 -9.26 2.31 -3.35
CA VAL A 37 -9.98 2.19 -4.65
C VAL A 37 -10.15 3.57 -5.27
N CYS A 38 -10.43 4.57 -4.47
CA CYS A 38 -10.58 5.94 -5.05
C CYS A 38 -9.31 6.21 -5.86
N ALA A 39 -8.21 5.65 -5.44
CA ALA A 39 -6.95 5.84 -6.17
C ALA A 39 -6.92 4.93 -7.41
N ARG A 40 -7.21 3.68 -7.22
CA ARG A 40 -7.16 2.70 -8.35
C ARG A 40 -7.72 3.31 -9.64
N ILE A 41 -8.80 4.04 -9.57
CA ILE A 41 -9.36 4.63 -10.83
C ILE A 41 -8.78 6.04 -11.06
N ALA A 42 -8.31 6.69 -10.04
CA ALA A 42 -7.76 8.07 -10.24
C ALA A 42 -6.28 7.98 -10.59
N VAL A 43 -5.74 6.79 -10.62
CA VAL A 43 -4.28 6.63 -10.95
C VAL A 43 -3.82 7.71 -11.93
N ALA A 44 -4.60 8.02 -12.92
CA ALA A 44 -4.17 9.06 -13.90
C ALA A 44 -3.13 8.45 -14.85
N SER A 45 -2.22 7.69 -14.32
CA SER A 45 -1.17 7.06 -15.19
C SER A 45 -1.85 6.43 -16.40
N ASP A 46 -3.13 6.17 -16.30
CA ASP A 46 -3.88 5.57 -17.44
C ASP A 46 -3.70 4.05 -17.47
N GLY A 47 -2.91 3.50 -16.58
CA GLY A 47 -2.71 2.02 -16.56
C GLY A 47 -3.78 1.37 -15.69
N VAL A 48 -4.05 1.94 -14.54
CA VAL A 48 -5.09 1.36 -13.64
C VAL A 48 -4.71 -0.06 -13.23
N SER A 49 -5.24 -0.52 -12.13
CA SER A 49 -4.92 -1.90 -11.67
C SER A 49 -6.22 -2.69 -11.47
N SER A 50 -6.48 -3.13 -10.26
CA SER A 50 -7.72 -3.91 -10.01
C SER A 50 -7.52 -4.78 -8.77
N GLU A 51 -6.98 -5.95 -8.94
CA GLU A 51 -6.76 -6.86 -7.78
C GLU A 51 -5.62 -6.31 -6.90
N GLU A 52 -4.63 -5.70 -7.49
CA GLU A 52 -3.51 -5.17 -6.68
C GLU A 52 -4.03 -4.15 -5.66
N LYS A 53 -4.80 -3.18 -6.11
CA LYS A 53 -5.33 -2.18 -5.15
C LYS A 53 -6.28 -2.92 -4.20
N GLN A 54 -7.11 -3.78 -4.73
CA GLN A 54 -8.05 -4.53 -3.86
C GLN A 54 -7.22 -5.31 -2.83
N LYS A 55 -6.15 -5.91 -3.26
CA LYS A 55 -5.28 -6.65 -2.31
C LYS A 55 -4.84 -5.69 -1.21
N MET A 56 -4.39 -4.52 -1.57
CA MET A 56 -3.96 -3.55 -0.54
C MET A 56 -5.09 -3.36 0.48
N ILE A 57 -6.32 -3.39 0.04
CA ILE A 57 -7.45 -3.23 1.00
C ILE A 57 -7.28 -4.30 2.09
N GLY A 58 -6.96 -5.50 1.69
CA GLY A 58 -6.76 -6.56 2.72
C GLY A 58 -5.67 -6.11 3.68
N PHE A 59 -4.62 -5.54 3.16
CA PHE A 59 -3.52 -5.05 4.02
C PHE A 59 -4.13 -4.09 5.04
N LEU A 60 -5.04 -3.26 4.61
CA LEU A 60 -5.69 -2.32 5.56
C LEU A 60 -6.18 -3.13 6.75
N ARG A 61 -6.83 -4.23 6.49
CA ARG A 61 -7.32 -5.08 7.61
C ARG A 61 -6.17 -5.31 8.59
N SER A 62 -4.97 -5.41 8.08
CA SER A 62 -3.81 -5.62 8.99
C SER A 62 -2.88 -4.39 8.94
N SER A 63 -3.30 -3.35 8.27
CA SER A 63 -2.45 -2.11 8.19
C SER A 63 -1.89 -1.75 9.56
N GLU A 64 -0.93 -0.87 9.59
CA GLU A 64 -0.33 -0.47 10.90
C GLU A 64 -1.46 -0.06 11.86
N GLU A 65 -2.65 0.10 11.35
CA GLU A 65 -3.78 0.47 12.25
C GLU A 65 -3.70 -0.36 13.53
N LEU A 66 -2.87 -1.37 13.52
CA LEU A 66 -2.71 -2.23 14.72
C LEU A 66 -2.48 -1.37 15.95
N LYS A 67 -1.88 -0.21 15.78
CA LYS A 67 -1.59 0.66 16.96
C LYS A 67 -2.81 1.53 17.29
N VAL A 68 -3.66 1.81 16.34
CA VAL A 68 -4.85 2.66 16.66
C VAL A 68 -4.36 4.08 17.00
N PHE A 69 -3.48 4.65 16.21
CA PHE A 69 -2.98 6.03 16.52
C PHE A 69 -2.08 6.58 15.41
N ASP A 70 -1.03 5.88 15.05
CA ASP A 70 -0.10 6.42 14.02
C ASP A 70 -0.88 6.95 12.81
N THR A 71 -1.27 8.20 12.88
CA THR A 71 -2.02 8.81 11.74
C THR A 71 -1.07 9.01 10.55
N ALA A 72 0.19 9.21 10.82
CA ALA A 72 1.15 9.40 9.70
C ALA A 72 1.26 8.11 8.90
N GLU A 73 1.06 7.00 9.55
CA GLU A 73 1.14 5.69 8.84
C GLU A 73 -0.14 5.50 8.01
N VAL A 74 -1.24 6.03 8.46
CA VAL A 74 -2.51 5.87 7.70
C VAL A 74 -2.47 6.76 6.46
N ILE A 75 -2.44 8.05 6.62
CA ILE A 75 -2.37 8.94 5.43
C ILE A 75 -1.20 8.48 4.57
N GLU A 76 -0.26 7.83 5.18
CA GLU A 76 0.91 7.35 4.41
C GLU A 76 0.45 6.35 3.35
N PHE A 77 -0.45 5.47 3.70
CA PHE A 77 -0.91 4.49 2.68
C PHE A 77 -1.69 5.24 1.59
N PHE A 78 -2.76 5.92 1.93
CA PHE A 78 -3.49 6.64 0.86
C PHE A 78 -2.58 7.71 0.23
N ASN A 79 -1.94 8.50 1.04
CA ASN A 79 -1.05 9.56 0.48
C ASN A 79 -0.09 8.93 -0.53
N LYS A 80 0.44 7.79 -0.23
CA LYS A 80 1.37 7.13 -1.18
C LYS A 80 0.56 6.58 -2.34
N LEU A 81 -0.65 6.16 -2.10
CA LEU A 81 -1.48 5.62 -3.21
C LEU A 81 -1.88 6.76 -4.16
N VAL A 82 -2.49 7.79 -3.65
CA VAL A 82 -2.91 8.92 -4.53
C VAL A 82 -1.70 9.51 -5.27
N THR A 83 -0.63 9.78 -4.59
CA THR A 83 0.55 10.38 -5.28
C THR A 83 1.34 9.31 -6.06
N SER A 84 1.63 8.19 -5.45
CA SER A 84 2.43 7.13 -6.14
C SER A 84 1.58 6.35 -7.15
N PHE A 85 0.28 6.32 -7.01
CA PHE A 85 -0.55 5.52 -7.96
C PHE A 85 -0.57 6.16 -9.35
N ASP A 86 0.19 7.20 -9.58
CA ASP A 86 0.18 7.81 -10.95
C ASP A 86 1.24 7.14 -11.80
N PHE A 87 1.80 6.06 -11.31
CA PHE A 87 2.83 5.32 -12.08
C PHE A 87 2.49 3.84 -11.99
N ASP A 88 2.80 3.20 -10.90
CA ASP A 88 2.50 1.76 -10.74
C ASP A 88 1.14 1.60 -10.05
N LEU A 89 0.09 1.60 -10.79
CA LEU A 89 -1.26 1.46 -10.17
C LEU A 89 -1.33 0.12 -9.44
N GLU A 90 -0.98 -0.95 -10.11
CA GLU A 90 -1.04 -2.28 -9.45
C GLU A 90 0.19 -2.49 -8.55
N ILE A 91 1.36 -2.23 -9.05
CA ILE A 91 2.59 -2.45 -8.24
C ILE A 91 2.78 -1.35 -7.19
N GLY A 92 2.29 -0.17 -7.45
CA GLY A 92 2.48 0.94 -6.47
C GLY A 92 1.84 0.58 -5.12
N LYS A 93 0.59 0.21 -5.13
CA LYS A 93 -0.10 -0.14 -3.84
C LYS A 93 0.32 -1.54 -3.38
N GLY A 94 0.89 -2.33 -4.24
CA GLY A 94 1.29 -3.71 -3.84
C GLY A 94 2.43 -3.68 -2.81
N GLU A 95 3.50 -2.98 -3.08
CA GLU A 95 4.64 -2.95 -2.11
C GLU A 95 4.39 -1.88 -1.04
N THR A 96 3.93 -0.73 -1.42
CA THR A 96 3.70 0.34 -0.42
C THR A 96 2.89 -0.22 0.76
N MET A 97 1.80 -0.89 0.49
CA MET A 97 0.98 -1.45 1.58
C MET A 97 1.87 -2.30 2.50
N LYS A 98 2.97 -2.75 1.99
CA LYS A 98 3.89 -3.61 2.80
C LYS A 98 4.68 -2.75 3.79
N TYR A 99 5.18 -1.62 3.39
CA TYR A 99 5.97 -0.80 4.35
C TYR A 99 5.07 -0.28 5.48
N ILE A 100 3.80 -0.09 5.24
CA ILE A 100 2.93 0.39 6.36
C ILE A 100 2.78 -0.74 7.37
N LEU A 101 2.34 -1.89 6.92
CA LEU A 101 2.20 -3.05 7.86
C LEU A 101 3.58 -3.44 8.37
N ALA A 102 4.48 -3.72 7.47
CA ALA A 102 5.85 -4.10 7.90
C ALA A 102 6.40 -2.99 8.79
N LEU A 103 7.02 -1.99 8.20
CA LEU A 103 7.58 -0.88 9.00
C LEU A 103 8.56 -1.45 10.03
N LYS A 104 8.45 -2.70 10.37
CA LYS A 104 9.39 -3.31 11.35
C LYS A 104 10.75 -2.63 11.18
N ASP A 105 11.08 -2.27 9.97
CA ASP A 105 12.38 -1.58 9.71
C ASP A 105 12.08 -0.30 8.92
N GLN A 106 12.05 -0.39 7.62
CA GLN A 106 11.75 0.82 6.78
C GLN A 106 12.32 0.63 5.37
N PRO A 107 13.62 0.58 5.25
CA PRO A 107 14.31 0.41 3.93
C PRO A 107 14.02 -0.94 3.27
N GLU A 108 13.56 -1.92 4.00
CA GLU A 108 13.28 -3.24 3.36
C GLU A 108 12.02 -3.16 2.51
N ALA A 109 10.92 -2.72 3.09
CA ALA A 109 9.68 -2.60 2.28
C ALA A 109 9.93 -1.62 1.15
N ALA A 110 10.73 -0.62 1.41
CA ALA A 110 11.06 0.39 0.36
C ALA A 110 12.00 -0.24 -0.67
N GLN A 111 12.77 -1.21 -0.27
CA GLN A 111 13.69 -1.85 -1.25
C GLN A 111 12.84 -2.41 -2.38
N LEU A 112 11.75 -3.01 -2.04
CA LEU A 112 10.84 -3.54 -3.08
C LEU A 112 10.32 -2.35 -3.88
N ALA A 113 9.98 -1.29 -3.20
CA ALA A 113 9.51 -0.08 -3.93
C ALA A 113 10.54 0.26 -5.01
N LEU A 114 11.76 -0.12 -4.79
CA LEU A 114 12.83 0.17 -5.80
C LEU A 114 12.61 -0.71 -7.04
N ARG A 115 12.53 -1.99 -6.87
CA ARG A 115 12.29 -2.83 -8.06
C ARG A 115 11.03 -2.27 -8.71
N VAL A 116 10.02 -1.98 -7.93
CA VAL A 116 8.82 -1.37 -8.53
C VAL A 116 9.33 -0.22 -9.40
N GLY A 117 10.41 0.39 -9.01
CA GLY A 117 10.99 1.47 -9.84
C GLY A 117 11.12 0.95 -11.27
N ILE A 118 11.67 -0.23 -11.43
CA ILE A 118 11.79 -0.76 -12.82
C ILE A 118 10.40 -0.70 -13.44
N ALA A 119 9.37 -0.84 -12.65
CA ALA A 119 8.01 -0.76 -13.22
C ALA A 119 7.75 0.69 -13.64
N VAL A 120 8.37 1.65 -12.99
CA VAL A 120 8.14 3.04 -13.44
C VAL A 120 8.39 3.03 -14.92
N ALA A 121 9.35 2.27 -15.34
CA ALA A 121 9.60 2.13 -16.80
C ALA A 121 8.67 1.02 -17.32
N LYS A 122 8.21 0.18 -16.42
CA LYS A 122 7.31 -0.94 -16.79
C LYS A 122 6.12 -1.01 -15.81
N SER A 123 5.45 0.09 -15.61
CA SER A 123 4.31 0.11 -14.63
C SER A 123 3.52 -1.19 -14.72
N ASP A 124 3.73 -1.95 -15.75
CA ASP A 124 3.02 -3.24 -15.87
C ASP A 124 3.85 -4.19 -16.74
N GLY A 125 5.05 -4.48 -16.32
CA GLY A 125 5.91 -5.39 -17.12
C GLY A 125 6.98 -6.02 -16.23
N ASN A 126 7.60 -5.25 -15.37
CA ASN A 126 8.65 -5.82 -14.48
C ASN A 126 8.13 -5.93 -13.05
N PHE A 127 8.96 -6.35 -12.13
CA PHE A 127 8.51 -6.53 -10.71
C PHE A 127 7.86 -7.89 -10.54
N ASP A 128 7.61 -8.30 -9.33
CA ASP A 128 6.98 -9.63 -9.11
C ASP A 128 8.03 -10.72 -9.30
N ASP A 129 9.27 -10.35 -9.49
CA ASP A 129 10.33 -11.38 -9.69
C ASP A 129 11.34 -11.27 -8.56
N ASP A 130 11.63 -10.07 -8.11
CA ASP A 130 12.60 -9.90 -7.00
C ASP A 130 11.84 -10.05 -5.68
N GLU A 131 10.55 -9.90 -5.73
CA GLU A 131 9.73 -10.03 -4.49
C GLU A 131 10.10 -11.33 -3.79
N LYS A 132 10.54 -12.31 -4.52
CA LYS A 132 10.93 -13.59 -3.88
C LYS A 132 12.24 -13.39 -3.11
N SER A 133 13.26 -12.93 -3.77
CA SER A 133 14.55 -12.69 -3.07
C SER A 133 14.34 -11.52 -2.10
N ALA A 134 13.50 -10.59 -2.48
CA ALA A 134 13.22 -9.44 -1.59
C ALA A 134 12.52 -9.96 -0.35
N VAL A 135 11.55 -10.83 -0.52
CA VAL A 135 10.86 -11.37 0.66
C VAL A 135 11.90 -12.04 1.57
N ARG A 136 12.91 -12.63 0.99
CA ARG A 136 13.96 -13.28 1.83
C ARG A 136 14.48 -12.25 2.84
N GLU A 137 14.90 -11.11 2.35
CA GLU A 137 15.42 -10.05 3.28
C GLU A 137 14.26 -9.35 3.99
N ILE A 138 13.11 -9.31 3.38
CA ILE A 138 11.95 -8.63 4.02
C ILE A 138 11.45 -9.47 5.20
N ALA A 139 11.12 -10.72 4.95
CA ALA A 139 10.62 -11.59 6.05
C ALA A 139 11.65 -11.62 7.17
N ARG A 140 12.90 -11.82 6.83
CA ARG A 140 13.95 -11.85 7.88
C ARG A 140 14.12 -10.46 8.49
N SER A 141 14.30 -9.46 7.66
CA SER A 141 14.46 -8.08 8.19
C SER A 141 13.32 -7.78 9.16
N LEU A 142 12.12 -8.11 8.78
CA LEU A 142 10.96 -7.85 9.69
C LEU A 142 10.75 -9.07 10.58
N GLY A 143 10.34 -10.18 10.01
CA GLY A 143 10.14 -11.40 10.83
C GLY A 143 9.05 -12.30 10.23
N PHE A 144 8.99 -12.41 8.93
CA PHE A 144 7.95 -13.30 8.31
C PHE A 144 8.59 -14.59 7.82
N ASP A 145 8.26 -15.02 6.63
CA ASP A 145 8.84 -16.27 6.08
C ASP A 145 9.93 -15.94 5.04
N PRO A 146 11.15 -16.30 5.31
CA PRO A 146 12.29 -16.03 4.39
C PRO A 146 11.99 -16.43 2.94
N ALA A 147 11.61 -15.48 2.13
CA ALA A 147 11.31 -15.78 0.69
C ALA A 147 10.24 -16.85 0.58
N GLU A 148 9.12 -16.50 0.02
CA GLU A 148 8.03 -17.49 -0.16
C GLU A 148 6.80 -16.80 -0.73
N PHE A 149 6.97 -15.72 -1.45
CA PHE A 149 5.79 -15.00 -2.02
C PHE A 149 6.00 -14.73 -3.51
N GLY A 150 6.65 -13.65 -3.85
CA GLY A 150 6.88 -13.33 -5.28
C GLY A 150 5.54 -13.02 -5.96
N LEU A 151 4.71 -12.24 -5.32
CA LEU A 151 3.38 -11.89 -5.92
C LEU A 151 3.06 -12.84 -7.10
N LEU A 152 3.50 -12.50 -8.28
CA LEU A 152 3.24 -13.37 -9.47
C LEU A 152 2.03 -14.26 -9.21
N GLU A 153 0.94 -13.68 -8.80
CA GLU A 153 -0.29 -14.50 -8.54
C GLU A 153 -1.13 -14.58 -9.81
N MET A 1 -20.61 11.07 -3.69
CA MET A 1 -20.62 12.30 -4.52
C MET A 1 -19.58 12.19 -5.63
N SER A 2 -18.34 12.48 -5.34
CA SER A 2 -17.27 12.38 -6.38
C SER A 2 -16.50 11.07 -6.19
N PHE A 3 -15.59 10.79 -7.09
CA PHE A 3 -14.81 9.52 -6.97
C PHE A 3 -13.52 9.80 -6.19
N PHE A 4 -12.55 10.41 -6.82
CA PHE A 4 -11.28 10.70 -6.11
C PHE A 4 -11.39 12.04 -5.37
N ASP A 5 -10.34 12.45 -4.71
CA ASP A 5 -10.39 13.74 -3.97
C ASP A 5 -9.04 14.44 -4.06
N LYS A 6 -8.37 14.31 -5.18
CA LYS A 6 -7.03 14.96 -5.34
C LYS A 6 -6.40 15.17 -3.96
N VAL A 7 -6.51 14.20 -3.10
CA VAL A 7 -5.95 14.32 -1.74
C VAL A 7 -4.42 14.37 -1.80
N LYS A 8 -3.84 13.55 -2.64
CA LYS A 8 -2.35 13.54 -2.72
C LYS A 8 -1.79 13.21 -1.33
N GLY A 9 -2.64 13.19 -0.33
CA GLY A 9 -2.18 12.88 1.04
C GLY A 9 -2.83 13.83 2.04
N ALA A 10 -4.03 13.54 2.46
CA ALA A 10 -4.72 14.43 3.44
C ALA A 10 -6.24 14.28 3.28
N LEU A 11 -6.69 13.09 2.99
CA LEU A 11 -8.15 12.88 2.83
C LEU A 11 -8.88 13.26 4.11
N THR A 12 -10.16 13.00 4.18
CA THR A 12 -10.94 13.36 5.40
C THR A 12 -10.17 12.90 6.65
N SER A 13 -10.54 13.40 7.79
CA SER A 13 -9.84 12.99 9.05
C SER A 13 -9.90 11.47 9.20
N GLY A 14 -10.34 10.78 8.18
CA GLY A 14 -10.43 9.30 8.27
C GLY A 14 -9.15 8.71 8.88
N ARG A 15 -8.04 9.34 8.68
CA ARG A 15 -6.77 8.80 9.24
C ARG A 15 -6.81 8.81 10.77
N GLU A 16 -7.01 9.96 11.38
CA GLU A 16 -7.04 10.02 12.86
C GLU A 16 -8.41 9.63 13.40
N GLU A 17 -9.46 10.09 12.78
CA GLU A 17 -10.83 9.77 13.28
C GLU A 17 -11.16 8.28 13.08
N LEU A 18 -10.95 7.75 11.91
CA LEU A 18 -11.31 6.31 11.70
C LEU A 18 -10.26 5.37 12.30
N THR A 19 -9.02 5.74 12.36
CA THR A 19 -8.02 4.79 12.94
C THR A 19 -8.16 4.79 14.47
N ARG A 20 -8.07 5.94 15.08
CA ARG A 20 -8.22 6.01 16.56
C ARG A 20 -9.51 5.32 16.99
N GLN A 21 -10.55 5.45 16.21
CA GLN A 21 -11.84 4.80 16.58
C GLN A 21 -11.77 3.32 16.23
N VAL A 22 -10.87 2.96 15.35
CA VAL A 22 -10.75 1.52 14.95
C VAL A 22 -10.78 0.63 16.19
N GLY A 23 -10.29 1.11 17.30
CA GLY A 23 -10.29 0.29 18.54
C GLY A 23 -11.70 -0.26 18.78
N ARG A 24 -12.65 0.13 17.96
CA ARG A 24 -14.04 -0.38 18.16
C ARG A 24 -14.65 -0.77 16.81
N TYR A 25 -13.88 -0.68 15.75
CA TYR A 25 -14.40 -1.04 14.40
C TYR A 25 -13.54 -2.16 13.83
N LYS A 26 -12.27 -2.16 14.14
CA LYS A 26 -11.38 -3.23 13.61
C LYS A 26 -11.44 -3.24 12.09
N ASN A 27 -12.28 -2.43 11.51
CA ASN A 27 -12.37 -2.41 10.02
C ASN A 27 -11.33 -1.43 9.47
N LYS A 28 -10.78 -1.74 8.34
CA LYS A 28 -9.75 -0.84 7.73
C LYS A 28 -10.11 -0.60 6.27
N LYS A 29 -10.54 -1.64 5.61
CA LYS A 29 -10.94 -1.53 4.18
C LYS A 29 -12.24 -0.73 4.07
N PHE A 30 -12.77 -0.32 5.18
CA PHE A 30 -14.05 0.44 5.15
C PHE A 30 -13.87 1.85 4.57
N MET A 31 -13.29 2.74 5.33
CA MET A 31 -13.02 4.11 4.84
C MET A 31 -11.77 4.10 3.99
N GLN A 32 -10.75 3.46 4.50
CA GLN A 32 -9.46 3.40 3.79
C GLN A 32 -9.56 2.45 2.59
N GLY A 33 -10.41 1.47 2.65
CA GLY A 33 -10.54 0.56 1.48
C GLY A 33 -11.28 1.34 0.39
N THR A 34 -12.16 2.23 0.78
CA THR A 34 -12.91 3.02 -0.22
C THR A 34 -11.99 4.08 -0.84
N VAL A 35 -11.04 4.58 -0.08
CA VAL A 35 -10.12 5.62 -0.66
C VAL A 35 -9.11 4.92 -1.59
N ALA A 36 -8.53 3.84 -1.14
CA ALA A 36 -7.54 3.12 -1.99
C ALA A 36 -8.16 2.88 -3.36
N VAL A 37 -9.30 2.26 -3.41
CA VAL A 37 -9.95 2.00 -4.73
C VAL A 37 -10.12 3.33 -5.47
N CYS A 38 -10.49 4.37 -4.77
CA CYS A 38 -10.63 5.68 -5.45
C CYS A 38 -9.32 5.97 -6.18
N ALA A 39 -8.24 5.45 -5.67
CA ALA A 39 -6.94 5.69 -6.33
C ALA A 39 -6.80 4.76 -7.55
N ARG A 40 -7.04 3.49 -7.36
CA ARG A 40 -6.90 2.51 -8.49
C ARG A 40 -7.46 3.11 -9.78
N ILE A 41 -8.56 3.80 -9.72
CA ILE A 41 -9.13 4.37 -10.98
C ILE A 41 -8.60 5.78 -11.24
N ALA A 42 -8.13 6.47 -10.23
CA ALA A 42 -7.61 7.86 -10.44
C ALA A 42 -6.12 7.83 -10.78
N VAL A 43 -5.53 6.67 -10.79
CA VAL A 43 -4.07 6.58 -11.10
C VAL A 43 -3.65 7.70 -12.05
N ALA A 44 -4.52 8.12 -12.92
CA ALA A 44 -4.15 9.21 -13.87
C ALA A 44 -3.00 8.74 -14.76
N SER A 45 -2.21 7.83 -14.29
CA SER A 45 -1.08 7.32 -15.11
C SER A 45 -1.61 6.74 -16.42
N ASP A 46 -1.03 5.66 -16.85
CA ASP A 46 -1.50 5.03 -18.11
C ASP A 46 -1.47 3.50 -17.94
N GLY A 47 -2.11 3.01 -16.92
CA GLY A 47 -2.12 1.54 -16.69
C GLY A 47 -3.32 1.14 -15.85
N VAL A 48 -3.54 1.81 -14.75
CA VAL A 48 -4.69 1.46 -13.88
C VAL A 48 -4.54 0.02 -13.39
N SER A 49 -5.21 -0.31 -12.31
CA SER A 49 -5.09 -1.69 -11.78
C SER A 49 -6.48 -2.25 -11.45
N SER A 50 -6.62 -2.87 -10.31
CA SER A 50 -7.93 -3.44 -9.91
C SER A 50 -7.67 -4.61 -8.97
N GLU A 51 -7.01 -5.63 -9.46
CA GLU A 51 -6.70 -6.80 -8.60
C GLU A 51 -5.62 -6.43 -7.58
N GLU A 52 -4.68 -5.61 -7.96
CA GLU A 52 -3.60 -5.22 -7.01
C GLU A 52 -4.17 -4.28 -5.94
N LYS A 53 -4.85 -3.23 -6.33
CA LYS A 53 -5.43 -2.32 -5.30
C LYS A 53 -6.26 -3.15 -4.35
N GLN A 54 -7.02 -4.06 -4.89
CA GLN A 54 -7.87 -4.94 -4.05
C GLN A 54 -6.99 -5.58 -2.98
N LYS A 55 -5.78 -5.95 -3.35
CA LYS A 55 -4.86 -6.57 -2.36
C LYS A 55 -4.55 -5.53 -1.28
N MET A 56 -4.26 -4.32 -1.68
CA MET A 56 -3.95 -3.26 -0.68
C MET A 56 -5.08 -3.20 0.34
N ILE A 57 -6.31 -3.19 -0.10
CA ILE A 57 -7.43 -3.14 0.88
C ILE A 57 -7.23 -4.25 1.91
N GLY A 58 -6.91 -5.43 1.47
CA GLY A 58 -6.67 -6.55 2.43
C GLY A 58 -5.61 -6.07 3.44
N PHE A 59 -4.56 -5.47 2.95
CA PHE A 59 -3.51 -4.95 3.86
C PHE A 59 -4.18 -4.01 4.84
N LEU A 60 -5.14 -3.24 4.39
CA LEU A 60 -5.85 -2.32 5.31
C LEU A 60 -6.40 -3.15 6.46
N ARG A 61 -6.99 -4.27 6.18
CA ARG A 61 -7.52 -5.13 7.27
C ARG A 61 -6.41 -5.28 8.31
N SER A 62 -5.19 -5.36 7.87
CA SER A 62 -4.06 -5.52 8.83
C SER A 62 -3.18 -4.26 8.80
N SER A 63 -3.58 -3.22 8.11
CA SER A 63 -2.76 -1.98 8.03
C SER A 63 -2.19 -1.61 9.41
N GLU A 64 -1.45 -0.55 9.48
CA GLU A 64 -0.87 -0.13 10.78
C GLU A 64 -2.00 0.28 11.74
N GLU A 65 -3.16 0.53 11.22
CA GLU A 65 -4.30 0.93 12.10
C GLU A 65 -4.32 0.04 13.34
N LEU A 66 -3.57 -1.02 13.32
CA LEU A 66 -3.55 -1.93 14.51
C LEU A 66 -3.32 -1.11 15.78
N LYS A 67 -2.63 -0.01 15.66
CA LYS A 67 -2.36 0.84 16.86
C LYS A 67 -3.61 1.63 17.24
N VAL A 68 -4.24 2.30 16.29
CA VAL A 68 -5.46 3.10 16.61
C VAL A 68 -5.03 4.51 16.99
N PHE A 69 -4.18 5.13 16.20
CA PHE A 69 -3.73 6.52 16.55
C PHE A 69 -2.86 7.15 15.46
N ASP A 70 -1.72 6.57 15.17
CA ASP A 70 -0.82 7.17 14.14
C ASP A 70 -1.61 7.54 12.89
N THR A 71 -2.24 8.69 12.90
CA THR A 71 -3.01 9.14 11.73
C THR A 71 -2.04 9.37 10.56
N ALA A 72 -0.87 9.85 10.86
CA ALA A 72 0.13 10.11 9.79
C ALA A 72 0.42 8.79 9.07
N GLU A 73 0.24 7.68 9.74
CA GLU A 73 0.50 6.37 9.10
C GLU A 73 -0.66 6.02 8.17
N VAL A 74 -1.87 6.30 8.57
CA VAL A 74 -3.04 5.99 7.71
C VAL A 74 -2.94 6.80 6.42
N ILE A 75 -2.94 8.11 6.52
CA ILE A 75 -2.81 8.94 5.29
C ILE A 75 -1.56 8.49 4.55
N GLU A 76 -0.62 7.91 5.25
CA GLU A 76 0.64 7.46 4.60
C GLU A 76 0.29 6.47 3.48
N PHE A 77 -0.59 5.54 3.74
CA PHE A 77 -0.93 4.56 2.67
C PHE A 77 -1.77 5.25 1.59
N PHE A 78 -2.92 5.79 1.92
CA PHE A 78 -3.73 6.44 0.85
C PHE A 78 -2.89 7.55 0.21
N ASN A 79 -2.20 8.33 0.99
CA ASN A 79 -1.37 9.42 0.41
C ASN A 79 -0.45 8.84 -0.66
N LYS A 80 0.32 7.85 -0.33
CA LYS A 80 1.22 7.25 -1.33
C LYS A 80 0.37 6.68 -2.47
N LEU A 81 -0.81 6.23 -2.17
CA LEU A 81 -1.68 5.67 -3.24
C LEU A 81 -2.13 6.77 -4.21
N VAL A 82 -2.47 7.94 -3.74
CA VAL A 82 -2.91 9.00 -4.68
C VAL A 82 -1.72 9.58 -5.46
N THR A 83 -0.65 9.94 -4.79
CA THR A 83 0.51 10.53 -5.52
C THR A 83 1.35 9.44 -6.20
N SER A 84 1.61 8.35 -5.52
CA SER A 84 2.46 7.27 -6.11
C SER A 84 1.70 6.44 -7.14
N PHE A 85 0.39 6.42 -7.08
CA PHE A 85 -0.37 5.56 -8.03
C PHE A 85 -0.35 6.15 -9.45
N ASP A 86 0.39 7.21 -9.70
CA ASP A 86 0.40 7.76 -11.08
C ASP A 86 1.49 7.07 -11.90
N PHE A 87 2.05 6.01 -11.37
CA PHE A 87 3.10 5.26 -12.11
C PHE A 87 2.75 3.77 -12.05
N ASP A 88 3.07 3.14 -10.95
CA ASP A 88 2.74 1.70 -10.82
C ASP A 88 1.38 1.54 -10.17
N LEU A 89 0.35 1.50 -10.94
CA LEU A 89 -1.02 1.37 -10.38
C LEU A 89 -1.11 0.02 -9.65
N GLU A 90 -0.73 -1.04 -10.30
CA GLU A 90 -0.80 -2.36 -9.63
C GLU A 90 0.39 -2.55 -8.67
N ILE A 91 1.57 -2.19 -9.11
CA ILE A 91 2.78 -2.39 -8.24
C ILE A 91 2.91 -1.27 -7.19
N GLY A 92 2.52 -0.06 -7.50
CA GLY A 92 2.66 1.03 -6.51
C GLY A 92 1.98 0.65 -5.19
N LYS A 93 0.75 0.28 -5.25
CA LYS A 93 0.00 -0.09 -4.00
C LYS A 93 0.42 -1.49 -3.51
N GLY A 94 0.99 -2.29 -4.37
CA GLY A 94 1.38 -3.67 -3.96
C GLY A 94 2.45 -3.65 -2.86
N GLU A 95 3.54 -2.93 -3.05
CA GLU A 95 4.61 -2.92 -2.01
C GLU A 95 4.33 -1.84 -0.96
N THR A 96 3.86 -0.71 -1.37
CA THR A 96 3.59 0.37 -0.38
C THR A 96 2.79 -0.19 0.80
N MET A 97 1.75 -0.93 0.52
CA MET A 97 0.94 -1.51 1.64
C MET A 97 1.86 -2.28 2.59
N LYS A 98 2.99 -2.70 2.11
CA LYS A 98 3.93 -3.48 2.97
C LYS A 98 4.67 -2.57 3.94
N TYR A 99 5.15 -1.44 3.49
CA TYR A 99 5.90 -0.57 4.44
C TYR A 99 4.98 -0.06 5.54
N ILE A 100 3.71 0.09 5.29
CA ILE A 100 2.80 0.55 6.39
C ILE A 100 2.67 -0.57 7.42
N LEU A 101 2.30 -1.74 6.99
CA LEU A 101 2.17 -2.87 7.96
C LEU A 101 3.56 -3.29 8.41
N ALA A 102 4.42 -3.64 7.49
CA ALA A 102 5.79 -4.04 7.88
C ALA A 102 6.37 -2.98 8.81
N LEU A 103 6.89 -1.93 8.25
CA LEU A 103 7.48 -0.83 9.07
C LEU A 103 8.48 -1.42 10.08
N LYS A 104 8.42 -2.70 10.34
CA LYS A 104 9.37 -3.32 11.31
C LYS A 104 10.67 -2.52 11.28
N ASP A 105 11.14 -2.20 10.09
CA ASP A 105 12.38 -1.41 9.96
C ASP A 105 12.07 -0.15 9.16
N GLN A 106 12.02 -0.25 7.86
CA GLN A 106 11.69 0.93 7.01
C GLN A 106 12.24 0.71 5.59
N PRO A 107 13.53 0.65 5.45
CA PRO A 107 14.20 0.45 4.13
C PRO A 107 13.85 -0.88 3.47
N GLU A 108 13.46 -1.87 4.24
CA GLU A 108 13.13 -3.19 3.62
C GLU A 108 11.90 -3.05 2.74
N ALA A 109 10.82 -2.55 3.29
CA ALA A 109 9.59 -2.37 2.48
C ALA A 109 9.89 -1.42 1.32
N ALA A 110 10.62 -0.37 1.60
CA ALA A 110 10.96 0.60 0.52
C ALA A 110 11.89 -0.07 -0.49
N GLN A 111 12.75 -0.96 -0.03
CA GLN A 111 13.66 -1.64 -0.99
C GLN A 111 12.82 -2.21 -2.12
N LEU A 112 11.81 -2.98 -1.79
CA LEU A 112 10.95 -3.53 -2.86
C LEU A 112 10.47 -2.36 -3.70
N ALA A 113 10.05 -1.30 -3.06
CA ALA A 113 9.60 -0.12 -3.83
C ALA A 113 10.68 0.20 -4.87
N LEU A 114 11.89 -0.17 -4.59
CA LEU A 114 13.00 0.10 -5.55
C LEU A 114 12.80 -0.78 -6.79
N ARG A 115 12.69 -2.08 -6.61
CA ARG A 115 12.45 -2.94 -7.79
C ARG A 115 11.23 -2.34 -8.49
N VAL A 116 10.22 -2.03 -7.75
CA VAL A 116 9.05 -1.38 -8.38
C VAL A 116 9.60 -0.26 -9.25
N GLY A 117 10.69 0.33 -8.84
CA GLY A 117 11.31 1.40 -9.65
C GLY A 117 11.45 0.86 -11.08
N ILE A 118 12.00 -0.31 -11.22
CA ILE A 118 12.14 -0.86 -12.60
C ILE A 118 10.78 -0.79 -13.26
N ALA A 119 9.73 -0.92 -12.49
CA ALA A 119 8.38 -0.83 -13.09
C ALA A 119 8.13 0.61 -13.52
N VAL A 120 8.72 1.57 -12.85
CA VAL A 120 8.50 2.96 -13.30
C VAL A 120 8.79 2.96 -14.79
N ALA A 121 9.81 2.26 -15.18
CA ALA A 121 10.11 2.14 -16.62
C ALA A 121 9.25 0.98 -17.16
N LYS A 122 8.77 0.15 -16.26
CA LYS A 122 7.94 -1.02 -16.64
C LYS A 122 6.68 -1.09 -15.74
N SER A 123 5.96 -0.01 -15.61
CA SER A 123 4.76 0.00 -14.72
C SER A 123 4.00 -1.32 -14.84
N ASP A 124 4.31 -2.09 -15.85
CA ASP A 124 3.61 -3.39 -16.01
C ASP A 124 4.51 -4.34 -16.82
N GLY A 125 5.72 -4.54 -16.39
CA GLY A 125 6.63 -5.44 -17.14
C GLY A 125 7.65 -6.08 -16.19
N ASN A 126 8.05 -5.38 -15.16
CA ASN A 126 9.05 -5.97 -14.22
C ASN A 126 8.46 -6.04 -12.80
N PHE A 127 9.26 -6.43 -11.84
CA PHE A 127 8.77 -6.56 -10.43
C PHE A 127 8.12 -7.93 -10.26
N ASP A 128 7.84 -8.33 -9.05
CA ASP A 128 7.21 -9.64 -8.82
C ASP A 128 8.23 -10.74 -9.10
N ASP A 129 9.45 -10.38 -9.41
CA ASP A 129 10.49 -11.42 -9.70
C ASP A 129 11.61 -11.28 -8.67
N ASP A 130 11.96 -10.08 -8.31
CA ASP A 130 13.03 -9.90 -7.29
C ASP A 130 12.40 -10.08 -5.91
N GLU A 131 11.11 -9.93 -5.83
CA GLU A 131 10.40 -10.09 -4.54
C GLU A 131 10.82 -11.41 -3.90
N LYS A 132 11.17 -12.39 -4.68
CA LYS A 132 11.59 -13.69 -4.09
C LYS A 132 12.87 -13.48 -3.27
N SER A 133 13.89 -12.93 -3.88
CA SER A 133 15.14 -12.68 -3.13
C SER A 133 14.95 -11.45 -2.23
N ALA A 134 14.24 -10.48 -2.73
CA ALA A 134 13.99 -9.26 -1.91
C ALA A 134 13.24 -9.70 -0.66
N VAL A 135 12.31 -10.61 -0.82
CA VAL A 135 11.57 -11.10 0.35
C VAL A 135 12.57 -11.74 1.31
N ARG A 136 13.60 -12.35 0.78
CA ARG A 136 14.63 -12.96 1.68
C ARG A 136 15.05 -11.91 2.70
N GLU A 137 15.37 -10.73 2.23
CA GLU A 137 15.80 -9.64 3.16
C GLU A 137 14.59 -9.07 3.89
N ILE A 138 13.44 -9.09 3.29
CA ILE A 138 12.23 -8.52 3.96
C ILE A 138 11.78 -9.47 5.08
N ALA A 139 11.53 -10.71 4.76
CA ALA A 139 11.09 -11.67 5.81
C ALA A 139 12.10 -11.67 6.96
N ARG A 140 13.36 -11.62 6.65
CA ARG A 140 14.40 -11.62 7.72
C ARG A 140 14.46 -10.24 8.38
N SER A 141 14.60 -9.20 7.60
CA SER A 141 14.67 -7.83 8.19
C SER A 141 13.45 -7.60 9.09
N LEU A 142 12.28 -7.96 8.62
CA LEU A 142 11.06 -7.77 9.45
C LEU A 142 10.85 -9.01 10.32
N GLY A 143 10.56 -10.14 9.73
CA GLY A 143 10.38 -11.37 10.57
C GLY A 143 9.39 -12.33 9.91
N PHE A 144 9.44 -12.51 8.61
CA PHE A 144 8.48 -13.45 7.96
C PHE A 144 9.24 -14.69 7.46
N ASP A 145 8.97 -15.10 6.24
CA ASP A 145 9.66 -16.31 5.69
C ASP A 145 10.68 -15.89 4.62
N PRO A 146 11.93 -16.19 4.84
CA PRO A 146 13.03 -15.85 3.87
C PRO A 146 12.69 -16.22 2.42
N ALA A 147 12.51 -15.24 1.58
CA ALA A 147 12.20 -15.52 0.14
C ALA A 147 11.21 -16.67 0.04
N GLU A 148 9.96 -16.36 -0.13
CA GLU A 148 8.94 -17.44 -0.26
C GLU A 148 7.61 -16.84 -0.72
N PHE A 149 7.63 -15.66 -1.29
CA PHE A 149 6.35 -15.05 -1.76
C PHE A 149 6.45 -14.74 -3.25
N GLY A 150 7.15 -13.69 -3.59
CA GLY A 150 7.29 -13.33 -5.02
C GLY A 150 5.91 -13.03 -5.62
N LEU A 151 5.09 -12.29 -4.90
CA LEU A 151 3.73 -11.97 -5.41
C LEU A 151 3.37 -12.86 -6.61
N LEU A 152 3.68 -12.42 -7.80
CA LEU A 152 3.37 -13.24 -9.01
C LEU A 152 2.13 -14.10 -8.75
N GLU A 153 1.02 -13.48 -8.42
CA GLU A 153 -0.21 -14.26 -8.15
C GLU A 153 -0.94 -14.52 -9.46
N MET A 1 -19.88 11.37 -7.25
CA MET A 1 -19.75 11.16 -5.79
C MET A 1 -18.39 11.67 -5.31
N SER A 2 -17.89 11.14 -4.23
CA SER A 2 -16.57 11.60 -3.71
C SER A 2 -15.49 11.31 -4.74
N PHE A 3 -15.33 10.07 -5.12
CA PHE A 3 -14.29 9.72 -6.13
C PHE A 3 -13.02 10.52 -5.84
N PHE A 4 -12.32 10.94 -6.86
CA PHE A 4 -11.07 11.72 -6.65
C PHE A 4 -11.30 12.75 -5.54
N ASP A 5 -10.25 13.18 -4.90
CA ASP A 5 -10.40 14.19 -3.81
C ASP A 5 -9.14 15.06 -3.74
N LYS A 6 -8.48 15.26 -4.85
CA LYS A 6 -7.24 16.10 -4.83
C LYS A 6 -6.45 15.78 -3.56
N VAL A 7 -6.70 14.64 -2.99
CA VAL A 7 -5.98 14.26 -1.74
C VAL A 7 -4.46 14.31 -1.95
N LYS A 8 -3.94 13.49 -2.82
CA LYS A 8 -2.48 13.47 -3.06
C LYS A 8 -1.76 13.22 -1.73
N GLY A 9 -2.47 13.31 -0.63
CA GLY A 9 -1.84 13.08 0.69
C GLY A 9 -2.41 14.05 1.72
N ALA A 10 -3.59 13.77 2.24
CA ALA A 10 -4.19 14.69 3.26
C ALA A 10 -5.71 14.57 3.19
N LEU A 11 -6.22 13.41 2.93
CA LEU A 11 -7.69 13.23 2.85
C LEU A 11 -8.33 13.66 4.17
N THR A 12 -9.61 13.47 4.30
CA THR A 12 -10.31 13.86 5.56
C THR A 12 -9.51 13.37 6.77
N SER A 13 -9.88 13.81 7.94
CA SER A 13 -9.17 13.37 9.18
C SER A 13 -9.25 11.85 9.33
N GLY A 14 -9.71 11.17 8.32
CA GLY A 14 -9.83 9.69 8.40
C GLY A 14 -8.57 9.09 9.02
N ARG A 15 -7.44 9.70 8.81
CA ARG A 15 -6.19 9.13 9.38
C ARG A 15 -6.25 9.11 10.91
N GLU A 16 -6.43 10.23 11.54
CA GLU A 16 -6.47 10.26 13.03
C GLU A 16 -7.86 9.90 13.56
N GLU A 17 -8.89 10.35 12.90
CA GLU A 17 -10.27 10.06 13.39
C GLU A 17 -10.65 8.59 13.16
N LEU A 18 -10.46 8.09 11.97
CA LEU A 18 -10.86 6.67 11.70
C LEU A 18 -9.84 5.68 12.29
N THR A 19 -8.57 5.96 12.22
CA THR A 19 -7.59 4.98 12.77
C THR A 19 -7.80 4.87 14.28
N ARG A 20 -7.76 5.97 14.97
CA ARG A 20 -7.97 5.93 16.44
C ARG A 20 -9.27 5.21 16.77
N GLN A 21 -10.29 5.42 15.97
CA GLN A 21 -11.58 4.75 16.23
C GLN A 21 -11.41 3.25 16.04
N VAL A 22 -10.37 2.84 15.37
CA VAL A 22 -10.15 1.38 15.13
C VAL A 22 -10.40 0.63 16.44
N GLY A 23 -10.11 1.24 17.56
CA GLY A 23 -10.35 0.55 18.85
C GLY A 23 -11.84 0.33 19.02
N ARG A 24 -12.61 0.62 18.01
CA ARG A 24 -14.08 0.43 18.10
C ARG A 24 -14.59 -0.30 16.85
N TYR A 25 -14.12 0.08 15.69
CA TYR A 25 -14.58 -0.61 14.45
C TYR A 25 -13.61 -1.73 14.08
N LYS A 26 -12.38 -1.62 14.50
CA LYS A 26 -11.39 -2.68 14.17
C LYS A 26 -11.34 -2.86 12.64
N ASN A 27 -12.06 -2.04 11.92
CA ASN A 27 -12.06 -2.16 10.44
C ASN A 27 -11.05 -1.17 9.85
N LYS A 28 -10.50 -1.50 8.72
CA LYS A 28 -9.50 -0.59 8.07
C LYS A 28 -9.89 -0.38 6.61
N LYS A 29 -10.34 -1.42 5.98
CA LYS A 29 -10.74 -1.34 4.54
C LYS A 29 -12.02 -0.50 4.42
N PHE A 30 -12.58 -0.11 5.53
CA PHE A 30 -13.84 0.69 5.48
C PHE A 30 -13.62 2.10 4.90
N MET A 31 -13.03 2.97 5.67
CA MET A 31 -12.74 4.34 5.20
C MET A 31 -11.48 4.33 4.34
N GLN A 32 -10.45 3.69 4.82
CA GLN A 32 -9.18 3.66 4.07
C GLN A 32 -9.34 2.74 2.85
N GLY A 33 -10.18 1.76 2.93
CA GLY A 33 -10.37 0.88 1.75
C GLY A 33 -11.12 1.68 0.68
N THR A 34 -11.96 2.59 1.11
CA THR A 34 -12.71 3.43 0.14
C THR A 34 -11.76 4.41 -0.55
N VAL A 35 -10.77 4.91 0.16
CA VAL A 35 -9.83 5.87 -0.48
C VAL A 35 -8.86 5.09 -1.38
N ALA A 36 -8.31 4.02 -0.89
CA ALA A 36 -7.37 3.22 -1.73
C ALA A 36 -8.00 3.02 -3.11
N VAL A 37 -9.18 2.48 -3.15
CA VAL A 37 -9.85 2.27 -4.47
C VAL A 37 -9.99 3.60 -5.19
N CYS A 38 -10.33 4.65 -4.47
CA CYS A 38 -10.45 5.97 -5.14
C CYS A 38 -9.17 6.22 -5.92
N ALA A 39 -8.08 5.67 -5.46
CA ALA A 39 -6.80 5.85 -6.17
C ALA A 39 -6.73 4.90 -7.38
N ARG A 40 -7.01 3.65 -7.16
CA ARG A 40 -6.92 2.64 -8.26
C ARG A 40 -7.47 3.22 -9.57
N ILE A 41 -8.56 3.92 -9.54
CA ILE A 41 -9.12 4.47 -10.81
C ILE A 41 -8.58 5.89 -11.08
N ALA A 42 -8.11 6.57 -10.06
CA ALA A 42 -7.60 7.95 -10.27
C ALA A 42 -6.11 7.91 -10.64
N VAL A 43 -5.54 6.73 -10.68
CA VAL A 43 -4.09 6.60 -11.02
C VAL A 43 -3.65 7.72 -11.98
N ALA A 44 -4.54 8.18 -12.81
CA ALA A 44 -4.16 9.26 -13.77
C ALA A 44 -3.00 8.79 -14.64
N SER A 45 -2.29 7.78 -14.21
CA SER A 45 -1.15 7.28 -15.03
C SER A 45 -1.67 6.68 -16.32
N ASP A 46 -1.03 5.65 -16.79
CA ASP A 46 -1.47 5.00 -18.05
C ASP A 46 -1.52 3.48 -17.85
N GLY A 47 -2.28 3.02 -16.89
CA GLY A 47 -2.36 1.56 -16.64
C GLY A 47 -3.58 1.23 -15.79
N VAL A 48 -3.68 1.83 -14.63
CA VAL A 48 -4.84 1.56 -13.74
C VAL A 48 -4.73 0.14 -13.17
N SER A 49 -5.19 -0.04 -11.96
CA SER A 49 -5.11 -1.39 -11.33
C SER A 49 -6.52 -1.94 -11.11
N SER A 50 -6.73 -2.60 -10.00
CA SER A 50 -8.07 -3.18 -9.72
C SER A 50 -7.89 -4.38 -8.79
N GLU A 51 -7.28 -5.43 -9.29
CA GLU A 51 -7.05 -6.62 -8.43
C GLU A 51 -5.95 -6.31 -7.42
N GLU A 52 -4.98 -5.52 -7.80
CA GLU A 52 -3.88 -5.19 -6.83
C GLU A 52 -4.41 -4.26 -5.74
N LYS A 53 -5.04 -3.17 -6.11
CA LYS A 53 -5.58 -2.25 -5.06
C LYS A 53 -6.45 -3.07 -4.12
N GLN A 54 -7.25 -3.94 -4.68
CA GLN A 54 -8.15 -4.78 -3.85
C GLN A 54 -7.32 -5.49 -2.77
N LYS A 55 -6.18 -6.01 -3.12
CA LYS A 55 -5.34 -6.68 -2.09
C LYS A 55 -4.89 -5.65 -1.06
N MET A 56 -4.49 -4.48 -1.51
CA MET A 56 -4.06 -3.44 -0.54
C MET A 56 -5.16 -3.24 0.50
N ILE A 57 -6.40 -3.15 0.07
CA ILE A 57 -7.50 -2.99 1.07
C ILE A 57 -7.34 -4.08 2.12
N GLY A 58 -6.99 -5.27 1.69
CA GLY A 58 -6.78 -6.36 2.68
C GLY A 58 -5.68 -5.92 3.64
N PHE A 59 -4.63 -5.37 3.10
CA PHE A 59 -3.52 -4.88 3.97
C PHE A 59 -4.13 -3.91 4.98
N LEU A 60 -5.05 -3.11 4.55
CA LEU A 60 -5.72 -2.15 5.47
C LEU A 60 -6.24 -2.95 6.66
N ARG A 61 -6.91 -4.04 6.41
CA ARG A 61 -7.43 -4.87 7.53
C ARG A 61 -6.30 -5.07 8.53
N SER A 62 -5.10 -5.21 8.05
CA SER A 62 -3.95 -5.41 8.98
C SER A 62 -3.00 -4.20 8.91
N SER A 63 -3.38 -3.15 8.21
CA SER A 63 -2.50 -1.96 8.10
C SER A 63 -1.93 -1.59 9.47
N GLU A 64 -1.13 -0.56 9.52
CA GLU A 64 -0.55 -0.14 10.84
C GLU A 64 -1.67 0.31 11.76
N GLU A 65 -2.82 0.60 11.22
CA GLU A 65 -3.96 1.05 12.06
C GLU A 65 -4.02 0.17 13.31
N LEU A 66 -3.34 -0.94 13.31
CA LEU A 66 -3.35 -1.83 14.50
C LEU A 66 -3.09 -0.98 15.75
N LYS A 67 -2.33 0.06 15.60
CA LYS A 67 -2.01 0.94 16.75
C LYS A 67 -3.26 1.74 17.15
N VAL A 68 -3.91 2.36 16.20
CA VAL A 68 -5.13 3.16 16.52
C VAL A 68 -4.72 4.58 16.91
N PHE A 69 -3.85 5.21 16.15
CA PHE A 69 -3.41 6.59 16.51
C PHE A 69 -2.52 7.23 15.44
N ASP A 70 -1.37 6.66 15.16
CA ASP A 70 -0.45 7.30 14.17
C ASP A 70 -1.22 7.69 12.91
N THR A 71 -1.76 8.88 12.90
CA THR A 71 -2.51 9.37 11.71
C THR A 71 -1.52 9.56 10.56
N ALA A 72 -0.31 9.96 10.87
CA ALA A 72 0.69 10.17 9.80
C ALA A 72 0.92 8.85 9.05
N GLU A 73 0.77 7.75 9.73
CA GLU A 73 0.97 6.43 9.07
C GLU A 73 -0.23 6.12 8.16
N VAL A 74 -1.41 6.48 8.58
CA VAL A 74 -2.61 6.22 7.76
C VAL A 74 -2.52 7.01 6.45
N ILE A 75 -2.53 8.31 6.53
CA ILE A 75 -2.42 9.12 5.29
C ILE A 75 -1.19 8.63 4.52
N GLU A 76 -0.26 8.03 5.21
CA GLU A 76 0.96 7.53 4.53
C GLU A 76 0.55 6.52 3.45
N PHE A 77 -0.35 5.62 3.76
CA PHE A 77 -0.75 4.63 2.73
C PHE A 77 -1.60 5.31 1.66
N PHE A 78 -2.72 5.91 2.01
CA PHE A 78 -3.52 6.57 0.95
C PHE A 78 -2.67 7.63 0.25
N ASN A 79 -2.00 8.45 1.00
CA ASN A 79 -1.14 9.51 0.38
C ASN A 79 -0.23 8.87 -0.65
N LYS A 80 0.52 7.89 -0.25
CA LYS A 80 1.44 7.22 -1.22
C LYS A 80 0.61 6.62 -2.35
N LEU A 81 -0.60 6.22 -2.06
CA LEU A 81 -1.45 5.62 -3.13
C LEU A 81 -1.85 6.71 -4.15
N VAL A 82 -2.44 7.78 -3.69
CA VAL A 82 -2.86 8.84 -4.65
C VAL A 82 -1.66 9.47 -5.38
N THR A 83 -0.61 9.77 -4.70
CA THR A 83 0.55 10.41 -5.40
C THR A 83 1.40 9.37 -6.13
N SER A 84 1.70 8.26 -5.50
CA SER A 84 2.55 7.22 -6.15
C SER A 84 1.76 6.40 -7.18
N PHE A 85 0.46 6.34 -7.06
CA PHE A 85 -0.32 5.50 -8.03
C PHE A 85 -0.30 6.11 -9.43
N ASP A 86 0.44 7.15 -9.67
CA ASP A 86 0.46 7.72 -11.04
C ASP A 86 1.51 7.01 -11.87
N PHE A 87 2.06 5.94 -11.35
CA PHE A 87 3.08 5.17 -12.12
C PHE A 87 2.71 3.68 -12.05
N ASP A 88 3.02 3.04 -10.96
CA ASP A 88 2.67 1.60 -10.83
C ASP A 88 1.32 1.47 -10.13
N LEU A 89 0.26 1.56 -10.89
CA LEU A 89 -1.08 1.45 -10.28
C LEU A 89 -1.19 0.15 -9.50
N GLU A 90 -0.90 -0.96 -10.14
CA GLU A 90 -0.98 -2.27 -9.44
C GLU A 90 0.25 -2.51 -8.55
N ILE A 91 1.43 -2.32 -9.08
CA ILE A 91 2.67 -2.58 -8.29
C ILE A 91 2.95 -1.47 -7.29
N GLY A 92 2.55 -0.26 -7.57
CA GLY A 92 2.84 0.86 -6.64
C GLY A 92 2.16 0.64 -5.29
N LYS A 93 0.88 0.39 -5.30
CA LYS A 93 0.15 0.18 -4.01
C LYS A 93 0.43 -1.22 -3.47
N GLY A 94 0.95 -2.09 -4.29
CA GLY A 94 1.23 -3.48 -3.82
C GLY A 94 2.39 -3.50 -2.81
N GLU A 95 3.48 -2.83 -3.09
CA GLU A 95 4.62 -2.84 -2.13
C GLU A 95 4.41 -1.80 -1.02
N THR A 96 3.96 -0.62 -1.39
CA THR A 96 3.76 0.43 -0.36
C THR A 96 2.95 -0.14 0.80
N MET A 97 1.85 -0.79 0.51
CA MET A 97 1.01 -1.37 1.60
C MET A 97 1.88 -2.23 2.52
N LYS A 98 2.97 -2.71 2.01
CA LYS A 98 3.87 -3.57 2.83
C LYS A 98 4.66 -2.74 3.83
N TYR A 99 5.20 -1.61 3.43
CA TYR A 99 6.00 -0.82 4.41
C TYR A 99 5.10 -0.28 5.52
N ILE A 100 3.84 -0.05 5.25
CA ILE A 100 2.96 0.45 6.36
C ILE A 100 2.79 -0.66 7.38
N LEU A 101 2.41 -1.83 6.95
CA LEU A 101 2.23 -2.95 7.91
C LEU A 101 3.62 -3.41 8.38
N ALA A 102 4.46 -3.77 7.47
CA ALA A 102 5.83 -4.20 7.87
C ALA A 102 6.43 -3.14 8.78
N LEU A 103 7.03 -2.13 8.21
CA LEU A 103 7.62 -1.04 9.03
C LEU A 103 8.64 -1.65 10.02
N LYS A 104 8.50 -2.91 10.35
CA LYS A 104 9.48 -3.55 11.28
C LYS A 104 10.82 -2.84 11.13
N ASP A 105 11.17 -2.52 9.92
CA ASP A 105 12.46 -1.79 9.67
C ASP A 105 12.14 -0.50 8.91
N GLN A 106 12.13 -0.56 7.61
CA GLN A 106 11.82 0.65 6.79
C GLN A 106 12.37 0.48 5.37
N PRO A 107 13.67 0.41 5.25
CA PRO A 107 14.35 0.25 3.92
C PRO A 107 14.06 -1.10 3.27
N GLU A 108 13.59 -2.06 4.01
CA GLU A 108 13.31 -3.39 3.39
C GLU A 108 12.05 -3.30 2.53
N ALA A 109 10.98 -2.80 3.09
CA ALA A 109 9.72 -2.67 2.29
C ALA A 109 9.99 -1.71 1.14
N ALA A 110 10.76 -0.69 1.39
CA ALA A 110 11.09 0.29 0.32
C ALA A 110 11.96 -0.39 -0.73
N GLN A 111 12.82 -1.28 -0.32
CA GLN A 111 13.69 -1.99 -1.30
C GLN A 111 12.79 -2.56 -2.39
N LEU A 112 11.78 -3.30 -2.01
CA LEU A 112 10.86 -3.84 -3.03
C LEU A 112 10.38 -2.66 -3.88
N ALA A 113 10.02 -1.58 -3.24
CA ALA A 113 9.59 -0.38 -4.01
C ALA A 113 10.64 -0.11 -5.09
N LEU A 114 11.87 -0.49 -4.85
CA LEU A 114 12.95 -0.26 -5.85
C LEU A 114 12.69 -1.13 -7.08
N ARG A 115 12.57 -2.43 -6.90
CA ARG A 115 12.29 -3.27 -8.08
C ARG A 115 11.04 -2.66 -8.73
N VAL A 116 10.05 -2.35 -7.96
CA VAL A 116 8.87 -1.70 -8.57
C VAL A 116 9.41 -0.58 -9.45
N GLY A 117 10.52 -0.01 -9.06
CA GLY A 117 11.12 1.05 -9.90
C GLY A 117 11.23 0.51 -11.33
N ILE A 118 11.75 -0.69 -11.48
CA ILE A 118 11.84 -1.23 -12.85
C ILE A 118 10.46 -1.14 -13.48
N ALA A 119 9.42 -1.24 -12.69
CA ALA A 119 8.06 -1.12 -13.26
C ALA A 119 7.86 0.32 -13.70
N VAL A 120 8.50 1.28 -13.08
CA VAL A 120 8.33 2.67 -13.54
C VAL A 120 8.58 2.63 -15.03
N ALA A 121 9.54 1.86 -15.42
CA ALA A 121 9.79 1.71 -16.88
C ALA A 121 8.89 0.56 -17.36
N LYS A 122 8.39 -0.21 -16.42
CA LYS A 122 7.50 -1.36 -16.75
C LYS A 122 6.27 -1.37 -15.82
N SER A 123 5.59 -0.25 -15.70
CA SER A 123 4.42 -0.19 -14.77
C SER A 123 3.63 -1.49 -14.85
N ASP A 124 3.88 -2.29 -15.84
CA ASP A 124 3.16 -3.58 -15.96
C ASP A 124 3.98 -4.54 -16.80
N GLY A 125 5.21 -4.76 -16.43
CA GLY A 125 6.07 -5.70 -17.21
C GLY A 125 7.11 -6.35 -16.30
N ASN A 126 7.56 -5.67 -15.28
CA ASN A 126 8.58 -6.27 -14.38
C ASN A 126 8.04 -6.34 -12.93
N PHE A 127 8.86 -6.76 -12.01
CA PHE A 127 8.42 -6.88 -10.59
C PHE A 127 7.73 -8.23 -10.39
N ASP A 128 7.49 -8.63 -9.17
CA ASP A 128 6.83 -9.92 -8.91
C ASP A 128 7.83 -11.06 -9.15
N ASP A 129 9.07 -10.74 -9.42
CA ASP A 129 10.07 -11.80 -9.66
C ASP A 129 11.16 -11.70 -8.59
N ASP A 130 11.62 -10.52 -8.29
CA ASP A 130 12.66 -10.38 -7.24
C ASP A 130 11.98 -10.55 -5.88
N GLU A 131 10.70 -10.36 -5.84
CA GLU A 131 9.96 -10.50 -4.56
C GLU A 131 10.33 -11.84 -3.92
N LYS A 132 10.67 -12.81 -4.70
CA LYS A 132 11.04 -14.13 -4.11
C LYS A 132 12.34 -13.96 -3.31
N SER A 133 13.36 -13.42 -3.93
CA SER A 133 14.64 -13.21 -3.20
C SER A 133 14.49 -11.98 -2.31
N ALA A 134 13.79 -10.97 -2.79
CA ALA A 134 13.58 -9.76 -1.98
C ALA A 134 12.82 -10.17 -0.72
N VAL A 135 11.84 -11.01 -0.88
CA VAL A 135 11.08 -11.48 0.30
C VAL A 135 12.07 -12.14 1.24
N ARG A 136 13.09 -12.77 0.71
CA ARG A 136 14.11 -13.41 1.60
C ARG A 136 14.58 -12.36 2.61
N GLU A 137 14.99 -11.23 2.13
CA GLU A 137 15.47 -10.16 3.06
C GLU A 137 14.28 -9.48 3.75
N ILE A 138 13.14 -9.43 3.11
CA ILE A 138 11.96 -8.78 3.75
C ILE A 138 11.47 -9.64 4.91
N ALA A 139 11.17 -10.88 4.66
CA ALA A 139 10.69 -11.78 5.75
C ALA A 139 11.70 -11.79 6.89
N ARG A 140 12.95 -12.00 6.57
CA ARG A 140 13.98 -12.02 7.64
C ARG A 140 14.11 -10.62 8.24
N SER A 141 14.30 -9.62 7.43
CA SER A 141 14.43 -8.23 7.96
C SER A 141 13.27 -7.96 8.92
N LEU A 142 12.07 -8.30 8.54
CA LEU A 142 10.91 -8.07 9.42
C LEU A 142 10.70 -9.30 10.30
N GLY A 143 10.29 -10.40 9.72
CA GLY A 143 10.09 -11.63 10.54
C GLY A 143 9.03 -12.55 9.90
N PHE A 144 9.03 -12.68 8.60
CA PHE A 144 8.02 -13.57 7.95
C PHE A 144 8.69 -14.86 7.46
N ASP A 145 8.47 -15.23 6.23
CA ASP A 145 9.08 -16.47 5.69
C ASP A 145 10.12 -16.12 4.62
N PRO A 146 11.36 -16.49 4.84
CA PRO A 146 12.47 -16.19 3.88
C PRO A 146 12.10 -16.58 2.43
N ALA A 147 11.90 -15.60 1.59
CA ALA A 147 11.56 -15.89 0.16
C ALA A 147 10.54 -17.00 0.08
N GLU A 148 9.29 -16.65 -0.08
CA GLU A 148 8.24 -17.70 -0.19
C GLU A 148 6.94 -17.08 -0.69
N PHE A 149 7.00 -15.91 -1.29
CA PHE A 149 5.75 -15.28 -1.80
C PHE A 149 5.89 -15.00 -3.30
N GLY A 150 6.58 -13.95 -3.65
CA GLY A 150 6.75 -13.63 -5.08
C GLY A 150 5.40 -13.25 -5.70
N LEU A 151 4.61 -12.47 -5.00
CA LEU A 151 3.27 -12.06 -5.54
C LEU A 151 2.88 -12.95 -6.73
N LEU A 152 3.23 -12.52 -7.92
CA LEU A 152 2.89 -13.33 -9.13
C LEU A 152 1.59 -14.11 -8.89
N GLU A 153 0.52 -13.42 -8.60
CA GLU A 153 -0.77 -14.12 -8.36
C GLU A 153 -1.93 -13.14 -8.59
N MET A 1 -19.26 13.76 -9.24
CA MET A 1 -18.29 13.91 -10.37
C MET A 1 -16.93 14.32 -9.82
N SER A 2 -16.36 13.53 -8.96
CA SER A 2 -15.03 13.88 -8.39
C SER A 2 -14.29 12.60 -7.99
N PHE A 3 -14.81 11.87 -7.04
CA PHE A 3 -14.13 10.61 -6.63
C PHE A 3 -12.87 10.96 -5.82
N PHE A 4 -11.82 11.32 -6.50
CA PHE A 4 -10.56 11.67 -5.77
C PHE A 4 -10.84 12.77 -4.76
N ASP A 5 -9.82 13.40 -4.26
CA ASP A 5 -10.04 14.49 -3.26
C ASP A 5 -8.75 15.30 -3.09
N LYS A 6 -8.05 15.57 -4.17
CA LYS A 6 -6.79 16.35 -4.06
C LYS A 6 -6.06 15.95 -2.77
N VAL A 7 -6.34 14.77 -2.29
CA VAL A 7 -5.70 14.29 -1.03
C VAL A 7 -4.18 14.32 -1.17
N LYS A 8 -3.63 13.58 -2.09
CA LYS A 8 -2.16 13.55 -2.24
C LYS A 8 -1.54 13.20 -0.90
N GLY A 9 -2.38 12.91 0.07
CA GLY A 9 -1.89 12.55 1.43
C GLY A 9 -2.44 13.55 2.45
N ALA A 10 -3.69 13.41 2.81
CA ALA A 10 -4.27 14.35 3.80
C ALA A 10 -5.80 14.30 3.72
N LEU A 11 -6.35 13.16 3.43
CA LEU A 11 -7.82 13.04 3.33
C LEU A 11 -8.46 13.44 4.67
N THR A 12 -9.75 13.29 4.79
CA THR A 12 -10.44 13.65 6.06
C THR A 12 -9.60 13.17 7.25
N SER A 13 -9.93 13.66 8.42
CA SER A 13 -9.18 13.24 9.65
C SER A 13 -9.24 11.72 9.81
N GLY A 14 -9.72 11.02 8.82
CA GLY A 14 -9.83 9.54 8.91
C GLY A 14 -8.56 8.92 9.49
N ARG A 15 -7.42 9.51 9.26
CA ARG A 15 -6.15 8.91 9.78
C ARG A 15 -6.19 8.82 11.31
N GLU A 16 -6.31 9.92 11.99
CA GLU A 16 -6.33 9.87 13.48
C GLU A 16 -7.73 9.54 13.99
N GLU A 17 -8.74 9.91 13.27
CA GLU A 17 -10.13 9.64 13.74
C GLU A 17 -10.53 8.18 13.48
N LEU A 18 -10.37 7.72 12.27
CA LEU A 18 -10.78 6.32 11.97
C LEU A 18 -9.74 5.31 12.48
N THR A 19 -8.49 5.69 12.58
CA THR A 19 -7.49 4.70 13.08
C THR A 19 -7.62 4.60 14.59
N ARG A 20 -7.55 5.70 15.29
CA ARG A 20 -7.69 5.65 16.77
C ARG A 20 -8.98 4.91 17.13
N GLN A 21 -10.00 5.08 16.33
CA GLN A 21 -11.29 4.38 16.60
C GLN A 21 -11.18 2.93 16.15
N VAL A 22 -10.24 2.63 15.30
CA VAL A 22 -10.08 1.23 14.82
C VAL A 22 -10.12 0.28 16.03
N GLY A 23 -9.66 0.72 17.17
CA GLY A 23 -9.70 -0.17 18.36
C GLY A 23 -11.16 -0.44 18.73
N ARG A 24 -12.05 0.36 18.23
CA ARG A 24 -13.49 0.15 18.53
C ARG A 24 -14.17 -0.52 17.33
N TYR A 25 -13.82 -0.12 16.14
CA TYR A 25 -14.44 -0.74 14.94
C TYR A 25 -13.54 -1.88 14.42
N LYS A 26 -12.27 -1.79 14.67
CA LYS A 26 -11.35 -2.86 14.19
C LYS A 26 -11.37 -2.92 12.67
N ASN A 27 -12.28 -2.21 12.05
CA ASN A 27 -12.34 -2.23 10.57
C ASN A 27 -11.23 -1.35 9.99
N LYS A 28 -10.72 -1.70 8.85
CA LYS A 28 -9.62 -0.90 8.23
C LYS A 28 -9.96 -0.62 6.76
N LYS A 29 -10.41 -1.63 6.06
CA LYS A 29 -10.76 -1.47 4.63
C LYS A 29 -12.04 -0.63 4.51
N PHE A 30 -12.63 -0.31 5.62
CA PHE A 30 -13.90 0.46 5.61
C PHE A 30 -13.69 1.89 5.07
N MET A 31 -13.10 2.74 5.87
CA MET A 31 -12.83 4.13 5.46
C MET A 31 -11.55 4.16 4.62
N GLN A 32 -10.52 3.52 5.09
CA GLN A 32 -9.23 3.53 4.36
C GLN A 32 -9.34 2.64 3.12
N GLY A 33 -10.16 1.62 3.16
CA GLY A 33 -10.29 0.75 1.96
C GLY A 33 -11.01 1.52 0.87
N THR A 34 -12.14 2.10 1.18
CA THR A 34 -12.87 2.91 0.17
C THR A 34 -11.94 4.03 -0.31
N VAL A 35 -10.98 4.36 0.49
CA VAL A 35 -10.01 5.43 0.12
C VAL A 35 -9.07 4.91 -0.97
N ALA A 36 -8.41 3.81 -0.70
CA ALA A 36 -7.47 3.24 -1.71
C ALA A 36 -8.16 3.18 -3.07
N VAL A 37 -9.34 2.63 -3.14
CA VAL A 37 -10.05 2.56 -4.45
C VAL A 37 -10.14 3.96 -5.04
N CYS A 38 -10.37 4.96 -4.22
CA CYS A 38 -10.43 6.33 -4.78
C CYS A 38 -9.17 6.56 -5.61
N ALA A 39 -8.09 5.95 -5.19
CA ALA A 39 -6.82 6.10 -5.93
C ALA A 39 -6.80 5.16 -7.15
N ARG A 40 -7.10 3.91 -6.95
CA ARG A 40 -7.06 2.93 -8.07
C ARG A 40 -7.59 3.55 -9.37
N ILE A 41 -8.68 4.27 -9.31
CA ILE A 41 -9.21 4.88 -10.57
C ILE A 41 -8.64 6.29 -10.79
N ALA A 42 -8.17 6.93 -9.76
CA ALA A 42 -7.63 8.31 -9.93
C ALA A 42 -6.14 8.24 -10.30
N VAL A 43 -5.59 7.06 -10.37
CA VAL A 43 -4.14 6.92 -10.71
C VAL A 43 -3.70 8.07 -11.62
N ALA A 44 -4.57 8.57 -12.44
CA ALA A 44 -4.18 9.69 -13.35
C ALA A 44 -3.02 9.26 -14.23
N SER A 45 -2.33 8.22 -13.84
CA SER A 45 -1.18 7.74 -14.65
C SER A 45 -1.68 7.16 -15.96
N ASP A 46 -1.05 6.12 -16.41
CA ASP A 46 -1.48 5.49 -17.70
C ASP A 46 -1.48 3.96 -17.52
N GLY A 47 -2.31 3.46 -16.66
CA GLY A 47 -2.36 1.98 -16.46
C GLY A 47 -3.60 1.58 -15.66
N VAL A 48 -3.77 2.15 -14.50
CA VAL A 48 -4.96 1.80 -13.68
C VAL A 48 -4.87 0.34 -13.23
N SER A 49 -5.40 0.01 -12.09
CA SER A 49 -5.33 -1.40 -11.61
C SER A 49 -6.73 -1.88 -11.24
N SER A 50 -6.86 -2.52 -10.11
CA SER A 50 -8.19 -3.03 -9.68
C SER A 50 -7.96 -4.20 -8.73
N GLU A 51 -7.39 -5.27 -9.21
CA GLU A 51 -7.12 -6.44 -8.34
C GLU A 51 -5.98 -6.10 -7.37
N GLU A 52 -5.03 -5.32 -7.81
CA GLU A 52 -3.89 -4.96 -6.92
C GLU A 52 -4.38 -4.01 -5.83
N LYS A 53 -5.03 -2.94 -6.18
CA LYS A 53 -5.52 -2.00 -5.13
C LYS A 53 -6.39 -2.82 -4.17
N GLN A 54 -7.16 -3.72 -4.71
CA GLN A 54 -8.02 -4.57 -3.84
C GLN A 54 -7.16 -5.21 -2.75
N LYS A 55 -5.96 -5.62 -3.09
CA LYS A 55 -5.07 -6.22 -2.06
C LYS A 55 -4.77 -5.14 -1.02
N MET A 56 -4.50 -3.93 -1.48
CA MET A 56 -4.22 -2.83 -0.53
C MET A 56 -5.36 -2.76 0.49
N ILE A 57 -6.55 -3.13 0.10
CA ILE A 57 -7.68 -3.10 1.08
C ILE A 57 -7.48 -4.21 2.10
N GLY A 58 -7.00 -5.34 1.68
CA GLY A 58 -6.75 -6.46 2.64
C GLY A 58 -5.65 -6.02 3.61
N PHE A 59 -4.60 -5.45 3.08
CA PHE A 59 -3.49 -4.98 3.96
C PHE A 59 -4.09 -4.04 5.00
N LEU A 60 -5.06 -3.27 4.60
CA LEU A 60 -5.73 -2.35 5.56
C LEU A 60 -6.25 -3.19 6.71
N ARG A 61 -6.85 -4.30 6.42
CA ARG A 61 -7.37 -5.16 7.51
C ARG A 61 -6.25 -5.35 8.54
N SER A 62 -5.04 -5.47 8.07
CA SER A 62 -3.90 -5.65 9.01
C SER A 62 -2.97 -4.41 8.96
N SER A 63 -3.37 -3.37 8.28
CA SER A 63 -2.51 -2.15 8.17
C SER A 63 -1.86 -1.82 9.52
N GLU A 64 -1.08 -0.77 9.57
CA GLU A 64 -0.43 -0.38 10.85
C GLU A 64 -1.50 0.13 11.82
N GLU A 65 -2.66 0.45 11.31
CA GLU A 65 -3.75 0.93 12.21
C GLU A 65 -3.80 0.01 13.43
N LEU A 66 -3.10 -1.08 13.39
CA LEU A 66 -3.09 -2.03 14.54
C LEU A 66 -2.83 -1.23 15.81
N LYS A 67 -2.04 -0.20 15.71
CA LYS A 67 -1.74 0.65 16.90
C LYS A 67 -2.99 1.41 17.32
N VAL A 68 -3.63 2.10 16.41
CA VAL A 68 -4.86 2.88 16.76
C VAL A 68 -4.45 4.29 17.16
N PHE A 69 -3.60 4.94 16.39
CA PHE A 69 -3.17 6.33 16.76
C PHE A 69 -2.33 6.98 15.66
N ASP A 70 -1.17 6.44 15.36
CA ASP A 70 -0.28 7.08 14.34
C ASP A 70 -1.07 7.44 13.07
N THR A 71 -1.61 8.63 13.03
CA THR A 71 -2.36 9.06 11.82
C THR A 71 -1.39 9.14 10.65
N ALA A 72 -0.14 9.46 10.92
CA ALA A 72 0.86 9.55 9.83
C ALA A 72 0.94 8.19 9.13
N GLU A 73 0.88 7.13 9.88
CA GLU A 73 0.94 5.77 9.26
C GLU A 73 -0.30 5.58 8.38
N VAL A 74 -1.41 6.15 8.79
CA VAL A 74 -2.65 6.01 7.98
C VAL A 74 -2.52 6.88 6.72
N ILE A 75 -2.48 8.16 6.88
CA ILE A 75 -2.34 9.04 5.69
C ILE A 75 -1.15 8.55 4.87
N GLU A 76 -0.23 7.87 5.52
CA GLU A 76 0.96 7.35 4.81
C GLU A 76 0.51 6.35 3.75
N PHE A 77 -0.41 5.48 4.07
CA PHE A 77 -0.86 4.50 3.04
C PHE A 77 -1.62 5.24 1.94
N PHE A 78 -2.71 5.89 2.26
CA PHE A 78 -3.44 6.61 1.19
C PHE A 78 -2.53 7.64 0.53
N ASN A 79 -1.79 8.40 1.30
CA ASN A 79 -0.89 9.41 0.69
C ASN A 79 -0.04 8.76 -0.38
N LYS A 80 0.63 7.70 -0.04
CA LYS A 80 1.48 7.01 -1.05
C LYS A 80 0.58 6.49 -2.18
N LEU A 81 -0.60 6.06 -1.86
CA LEU A 81 -1.50 5.54 -2.93
C LEU A 81 -1.94 6.69 -3.85
N VAL A 82 -2.52 7.72 -3.31
CA VAL A 82 -2.99 8.84 -4.17
C VAL A 82 -1.80 9.54 -4.86
N THR A 83 -0.74 9.80 -4.16
CA THR A 83 0.41 10.48 -4.83
C THR A 83 1.26 9.50 -5.65
N SER A 84 1.55 8.34 -5.12
CA SER A 84 2.41 7.37 -5.88
C SER A 84 1.60 6.67 -6.98
N PHE A 85 0.38 6.33 -6.72
CA PHE A 85 -0.43 5.60 -7.74
C PHE A 85 -0.40 6.30 -9.10
N ASP A 86 0.37 7.34 -9.26
CA ASP A 86 0.38 8.01 -10.59
C ASP A 86 1.44 7.34 -11.48
N PHE A 87 1.96 6.23 -11.05
CA PHE A 87 2.97 5.50 -11.86
C PHE A 87 2.62 4.01 -11.81
N ASP A 88 2.93 3.37 -10.72
CA ASP A 88 2.61 1.92 -10.60
C ASP A 88 1.24 1.78 -9.94
N LEU A 89 0.20 1.81 -10.71
CA LEU A 89 -1.16 1.68 -10.13
C LEU A 89 -1.28 0.35 -9.41
N GLU A 90 -0.99 -0.73 -10.09
CA GLU A 90 -1.10 -2.06 -9.45
C GLU A 90 0.11 -2.35 -8.55
N ILE A 91 1.29 -2.13 -9.05
CA ILE A 91 2.51 -2.44 -8.24
C ILE A 91 2.72 -1.38 -7.14
N GLY A 92 2.31 -0.17 -7.37
CA GLY A 92 2.53 0.90 -6.35
C GLY A 92 1.86 0.53 -5.02
N LYS A 93 0.60 0.22 -5.05
CA LYS A 93 -0.12 -0.13 -3.79
C LYS A 93 0.25 -1.55 -3.33
N GLY A 94 0.78 -2.36 -4.20
CA GLY A 94 1.12 -3.76 -3.83
C GLY A 94 2.26 -3.81 -2.79
N GLU A 95 3.37 -3.16 -3.05
CA GLU A 95 4.51 -3.21 -2.08
C GLU A 95 4.31 -2.15 -0.98
N THR A 96 3.87 -0.99 -1.35
CA THR A 96 3.68 0.08 -0.34
C THR A 96 2.88 -0.47 0.86
N MET A 97 1.79 -1.15 0.60
CA MET A 97 0.99 -1.71 1.73
C MET A 97 1.91 -2.54 2.62
N LYS A 98 3.00 -2.99 2.10
CA LYS A 98 3.94 -3.83 2.89
C LYS A 98 4.73 -2.96 3.88
N TYR A 99 5.22 -1.83 3.45
CA TYR A 99 6.02 -1.00 4.40
C TYR A 99 5.13 -0.47 5.53
N ILE A 100 3.87 -0.20 5.29
CA ILE A 100 3.00 0.28 6.42
C ILE A 100 2.86 -0.84 7.44
N LEU A 101 2.43 -1.99 7.01
CA LEU A 101 2.27 -3.13 7.96
C LEU A 101 3.66 -3.58 8.41
N ALA A 102 4.50 -3.93 7.46
CA ALA A 102 5.86 -4.37 7.83
C ALA A 102 6.49 -3.34 8.76
N LEU A 103 7.11 -2.34 8.20
CA LEU A 103 7.73 -1.28 9.05
C LEU A 103 8.75 -1.94 10.00
N LYS A 104 8.57 -3.20 10.29
CA LYS A 104 9.54 -3.89 11.20
C LYS A 104 10.90 -3.19 11.10
N ASP A 105 11.28 -2.85 9.90
CA ASP A 105 12.58 -2.15 9.70
C ASP A 105 12.30 -0.87 8.90
N GLN A 106 12.15 -0.99 7.60
CA GLN A 106 11.86 0.21 6.77
C GLN A 106 12.40 0.00 5.35
N PRO A 107 13.68 -0.29 5.21
CA PRO A 107 14.31 -0.50 3.88
C PRO A 107 13.88 -1.81 3.20
N GLU A 108 13.40 -2.77 3.95
CA GLU A 108 12.99 -4.05 3.31
C GLU A 108 11.73 -3.82 2.47
N ALA A 109 10.70 -3.31 3.06
CA ALA A 109 9.47 -3.04 2.29
C ALA A 109 9.79 -2.07 1.17
N ALA A 110 10.64 -1.11 1.46
CA ALA A 110 11.03 -0.11 0.44
C ALA A 110 11.95 -0.77 -0.59
N GLN A 111 12.67 -1.79 -0.21
CA GLN A 111 13.57 -2.45 -1.19
C GLN A 111 12.71 -2.91 -2.35
N LEU A 112 11.59 -3.50 -2.07
CA LEU A 112 10.69 -3.93 -3.15
C LEU A 112 10.22 -2.67 -3.89
N ALA A 113 9.88 -1.65 -3.15
CA ALA A 113 9.45 -0.38 -3.81
C ALA A 113 10.50 -0.03 -4.87
N LEU A 114 11.72 -0.46 -4.66
CA LEU A 114 12.80 -0.17 -5.64
C LEU A 114 12.54 -0.98 -6.92
N ARG A 115 12.42 -2.27 -6.80
CA ARG A 115 12.13 -3.06 -8.01
C ARG A 115 10.91 -2.41 -8.65
N VAL A 116 9.93 -2.07 -7.86
CA VAL A 116 8.77 -1.38 -8.45
C VAL A 116 9.33 -0.25 -9.31
N GLY A 117 10.45 0.29 -8.90
CA GLY A 117 11.08 1.37 -9.71
C GLY A 117 11.18 0.87 -11.14
N ILE A 118 11.70 -0.32 -11.32
CA ILE A 118 11.79 -0.83 -12.72
C ILE A 118 10.42 -0.71 -13.35
N ALA A 119 9.37 -0.84 -12.57
CA ALA A 119 8.02 -0.71 -13.14
C ALA A 119 7.81 0.76 -13.53
N VAL A 120 8.45 1.68 -12.86
CA VAL A 120 8.27 3.09 -13.28
C VAL A 120 8.52 3.12 -14.76
N ALA A 121 9.50 2.37 -15.19
CA ALA A 121 9.75 2.28 -16.65
C ALA A 121 8.84 1.17 -17.19
N LYS A 122 8.37 0.33 -16.30
CA LYS A 122 7.48 -0.81 -16.69
C LYS A 122 6.26 -0.87 -15.76
N SER A 123 5.58 0.23 -15.56
CA SER A 123 4.41 0.23 -14.62
C SER A 123 3.61 -1.06 -14.77
N ASP A 124 3.86 -1.80 -15.80
CA ASP A 124 3.13 -3.08 -15.99
C ASP A 124 3.96 -4.01 -16.87
N GLY A 125 5.19 -4.27 -16.47
CA GLY A 125 6.05 -5.17 -17.29
C GLY A 125 7.09 -5.85 -16.40
N ASN A 126 7.58 -5.18 -15.39
CA ASN A 126 8.60 -5.81 -14.50
C ASN A 126 8.05 -5.94 -13.07
N PHE A 127 8.88 -6.37 -12.15
CA PHE A 127 8.42 -6.55 -10.74
C PHE A 127 7.87 -7.96 -10.56
N ASP A 128 7.43 -8.29 -9.37
CA ASP A 128 6.87 -9.63 -9.14
C ASP A 128 7.95 -10.68 -9.40
N ASP A 129 9.10 -10.27 -9.87
CA ASP A 129 10.18 -11.26 -10.14
C ASP A 129 11.08 -11.33 -8.91
N ASP A 130 11.39 -10.20 -8.33
CA ASP A 130 12.25 -10.18 -7.11
C ASP A 130 11.37 -10.40 -5.88
N GLU A 131 10.08 -10.18 -6.02
CA GLU A 131 9.18 -10.36 -4.85
C GLU A 131 9.44 -11.72 -4.20
N LYS A 132 9.80 -12.70 -4.97
CA LYS A 132 10.08 -14.04 -4.38
C LYS A 132 11.38 -13.97 -3.59
N SER A 133 12.44 -13.56 -4.22
CA SER A 133 13.73 -13.46 -3.49
C SER A 133 13.63 -12.30 -2.50
N ALA A 134 12.90 -11.29 -2.86
CA ALA A 134 12.73 -10.13 -1.94
C ALA A 134 11.99 -10.61 -0.71
N VAL A 135 10.92 -11.33 -0.88
CA VAL A 135 10.18 -11.83 0.30
C VAL A 135 11.17 -12.62 1.16
N ARG A 136 12.12 -13.29 0.55
CA ARG A 136 13.12 -14.05 1.36
C ARG A 136 13.73 -13.10 2.40
N GLU A 137 14.23 -11.97 1.94
CA GLU A 137 14.85 -11.00 2.87
C GLU A 137 13.76 -10.25 3.66
N ILE A 138 12.60 -10.09 3.08
CA ILE A 138 11.52 -9.35 3.80
C ILE A 138 10.97 -10.23 4.93
N ALA A 139 10.55 -11.42 4.63
CA ALA A 139 10.01 -12.33 5.68
C ALA A 139 11.04 -12.51 6.79
N ARG A 140 12.29 -12.65 6.42
CA ARG A 140 13.35 -12.83 7.45
C ARG A 140 13.67 -11.49 8.11
N SER A 141 13.89 -10.47 7.33
CA SER A 141 14.20 -9.14 7.91
C SER A 141 13.08 -8.72 8.85
N LEU A 142 11.85 -8.87 8.42
CA LEU A 142 10.70 -8.51 9.28
C LEU A 142 10.33 -9.70 10.16
N GLY A 143 9.88 -10.78 9.57
CA GLY A 143 9.53 -11.98 10.40
C GLY A 143 8.37 -12.76 9.78
N PHE A 144 8.34 -12.91 8.48
CA PHE A 144 7.21 -13.68 7.86
C PHE A 144 7.72 -15.01 7.32
N ASP A 145 7.31 -15.38 6.14
CA ASP A 145 7.76 -16.69 5.55
C ASP A 145 8.88 -16.43 4.52
N PRO A 146 10.06 -16.95 4.77
CA PRO A 146 11.22 -16.77 3.84
C PRO A 146 10.87 -17.08 2.38
N ALA A 147 10.59 -16.07 1.59
CA ALA A 147 10.26 -16.29 0.16
C ALA A 147 9.11 -17.26 0.01
N GLU A 148 8.03 -16.79 -0.51
CA GLU A 148 6.86 -17.69 -0.70
C GLU A 148 5.65 -16.87 -1.18
N PHE A 149 5.88 -15.76 -1.85
CA PHE A 149 4.73 -14.94 -2.32
C PHE A 149 4.87 -14.66 -3.80
N GLY A 150 5.93 -14.01 -4.20
CA GLY A 150 6.10 -13.72 -5.64
C GLY A 150 4.73 -13.44 -6.26
N LEU A 151 4.20 -12.26 -6.02
CA LEU A 151 2.86 -11.89 -6.56
C LEU A 151 2.45 -12.86 -7.69
N LEU A 152 3.33 -13.12 -8.62
CA LEU A 152 2.98 -14.04 -9.73
C LEU A 152 2.56 -15.40 -9.15
N GLU A 153 3.41 -16.03 -8.39
CA GLU A 153 3.05 -17.35 -7.80
C GLU A 153 1.70 -17.25 -7.10
N MET A 1 -19.82 11.20 -9.67
CA MET A 1 -18.98 10.28 -8.86
C MET A 1 -18.51 11.00 -7.58
N SER A 2 -17.70 10.36 -6.80
CA SER A 2 -17.20 11.01 -5.56
C SER A 2 -15.69 10.78 -5.42
N PHE A 3 -15.04 10.44 -6.50
CA PHE A 3 -13.57 10.20 -6.44
C PHE A 3 -12.83 11.55 -6.40
N PHE A 4 -11.62 11.59 -6.89
CA PHE A 4 -10.85 12.86 -6.88
C PHE A 4 -11.01 13.56 -5.54
N ASP A 5 -10.99 12.81 -4.47
CA ASP A 5 -11.15 13.45 -3.12
C ASP A 5 -10.07 14.52 -2.91
N LYS A 6 -9.41 14.92 -3.96
CA LYS A 6 -8.36 15.97 -3.80
C LYS A 6 -7.57 15.67 -2.52
N VAL A 7 -6.89 14.57 -2.49
CA VAL A 7 -6.11 14.20 -1.27
C VAL A 7 -4.62 14.32 -1.53
N LYS A 8 -4.09 13.49 -2.41
CA LYS A 8 -2.62 13.53 -2.67
C LYS A 8 -1.89 13.30 -1.37
N GLY A 9 -2.63 13.08 -0.31
CA GLY A 9 -1.99 12.83 1.01
C GLY A 9 -2.60 13.75 2.06
N ALA A 10 -3.80 13.46 2.50
CA ALA A 10 -4.44 14.32 3.53
C ALA A 10 -5.96 14.16 3.47
N LEU A 11 -6.43 12.98 3.19
CA LEU A 11 -7.90 12.76 3.10
C LEU A 11 -8.57 13.23 4.41
N THR A 12 -9.80 12.88 4.60
CA THR A 12 -10.50 13.30 5.85
C THR A 12 -9.66 12.89 7.07
N SER A 13 -9.96 13.43 8.22
CA SER A 13 -9.19 13.07 9.45
C SER A 13 -9.24 11.55 9.66
N GLY A 14 -9.74 10.82 8.71
CA GLY A 14 -9.84 9.34 8.86
C GLY A 14 -8.54 8.77 9.42
N ARG A 15 -7.42 9.37 9.13
CA ARG A 15 -6.13 8.83 9.64
C ARG A 15 -6.14 8.77 11.17
N GLU A 16 -6.26 9.90 11.82
CA GLU A 16 -6.24 9.89 13.31
C GLU A 16 -7.63 9.56 13.87
N GLU A 17 -8.66 9.91 13.16
CA GLU A 17 -10.03 9.63 13.69
C GLU A 17 -10.42 8.16 13.46
N LEU A 18 -10.23 7.65 12.28
CA LEU A 18 -10.63 6.24 12.03
C LEU A 18 -9.62 5.25 12.60
N THR A 19 -8.37 5.60 12.71
CA THR A 19 -7.39 4.62 13.27
C THR A 19 -7.49 4.62 14.80
N ARG A 20 -7.35 5.76 15.42
CA ARG A 20 -7.47 5.82 16.91
C ARG A 20 -8.77 5.17 17.37
N GLN A 21 -9.84 5.43 16.67
CA GLN A 21 -11.14 4.82 17.07
C GLN A 21 -11.14 3.35 16.70
N VAL A 22 -10.28 2.94 15.80
CA VAL A 22 -10.23 1.52 15.38
C VAL A 22 -10.27 0.61 16.62
N GLY A 23 -9.75 1.06 17.72
CA GLY A 23 -9.79 0.22 18.95
C GLY A 23 -11.23 -0.21 19.22
N ARG A 24 -12.16 0.28 18.43
CA ARG A 24 -13.59 -0.09 18.65
C ARG A 24 -14.21 -0.52 17.31
N TYR A 25 -13.45 -0.46 16.25
CA TYR A 25 -13.99 -0.86 14.92
C TYR A 25 -13.17 -2.03 14.39
N LYS A 26 -11.89 -2.03 14.64
CA LYS A 26 -11.03 -3.15 14.14
C LYS A 26 -11.12 -3.20 12.61
N ASN A 27 -11.96 -2.39 12.03
CA ASN A 27 -12.08 -2.40 10.54
C ASN A 27 -11.04 -1.46 9.94
N LYS A 28 -10.55 -1.78 8.78
CA LYS A 28 -9.52 -0.91 8.13
C LYS A 28 -9.93 -0.69 6.67
N LYS A 29 -10.36 -1.73 6.02
CA LYS A 29 -10.78 -1.62 4.60
C LYS A 29 -12.11 -0.85 4.53
N PHE A 30 -12.64 -0.48 5.65
CA PHE A 30 -13.94 0.25 5.66
C PHE A 30 -13.78 1.67 5.08
N MET A 31 -13.20 2.56 5.84
CA MET A 31 -12.97 3.94 5.35
C MET A 31 -11.73 3.96 4.46
N GLN A 32 -10.68 3.35 4.94
CA GLN A 32 -9.41 3.33 4.17
C GLN A 32 -9.54 2.40 2.96
N GLY A 33 -10.35 1.38 3.05
CA GLY A 33 -10.49 0.46 1.88
C GLY A 33 -11.28 1.21 0.80
N THR A 34 -12.26 1.97 1.20
CA THR A 34 -13.06 2.73 0.20
C THR A 34 -12.21 3.86 -0.37
N VAL A 35 -11.29 4.38 0.41
CA VAL A 35 -10.44 5.48 -0.10
C VAL A 35 -9.37 4.88 -1.02
N ALA A 36 -8.69 3.85 -0.60
CA ALA A 36 -7.67 3.22 -1.47
C ALA A 36 -8.25 3.04 -2.87
N VAL A 37 -9.38 2.40 -2.97
CA VAL A 37 -10.00 2.20 -4.31
C VAL A 37 -10.18 3.55 -5.01
N CYS A 38 -10.49 4.59 -4.27
CA CYS A 38 -10.65 5.90 -4.92
C CYS A 38 -9.39 6.18 -5.72
N ALA A 39 -8.29 5.66 -5.28
CA ALA A 39 -7.02 5.88 -6.02
C ALA A 39 -6.97 4.96 -7.24
N ARG A 40 -7.23 3.69 -7.06
CA ARG A 40 -7.18 2.73 -8.20
C ARG A 40 -7.77 3.35 -9.47
N ILE A 41 -8.86 4.05 -9.36
CA ILE A 41 -9.47 4.66 -10.58
C ILE A 41 -8.91 6.05 -10.84
N ALA A 42 -8.39 6.71 -9.83
CA ALA A 42 -7.85 8.09 -10.03
C ALA A 42 -6.37 8.04 -10.43
N VAL A 43 -5.78 6.87 -10.49
CA VAL A 43 -4.34 6.76 -10.85
C VAL A 43 -3.94 7.90 -11.80
N ALA A 44 -4.83 8.38 -12.61
CA ALA A 44 -4.49 9.49 -13.54
C ALA A 44 -3.30 9.07 -14.40
N SER A 45 -2.62 8.03 -14.03
CA SER A 45 -1.45 7.58 -14.83
C SER A 45 -1.93 6.97 -16.14
N ASP A 46 -1.27 5.95 -16.58
CA ASP A 46 -1.67 5.29 -17.85
C ASP A 46 -1.68 3.77 -17.66
N GLY A 47 -2.52 3.28 -16.80
CA GLY A 47 -2.57 1.80 -16.57
C GLY A 47 -3.79 1.42 -15.74
N VAL A 48 -3.90 1.97 -14.55
CA VAL A 48 -5.07 1.64 -13.70
C VAL A 48 -4.91 0.21 -13.17
N SER A 49 -5.59 -0.11 -12.10
CA SER A 49 -5.49 -1.49 -11.54
C SER A 49 -6.87 -2.02 -11.19
N SER A 50 -7.00 -2.65 -10.06
CA SER A 50 -8.31 -3.21 -9.63
C SER A 50 -8.03 -4.40 -8.71
N GLU A 51 -7.42 -5.43 -9.23
CA GLU A 51 -7.10 -6.61 -8.38
C GLU A 51 -5.97 -6.26 -7.41
N GLU A 52 -5.04 -5.43 -7.83
CA GLU A 52 -3.92 -5.06 -6.93
C GLU A 52 -4.43 -4.14 -5.82
N LYS A 53 -5.12 -3.08 -6.16
CA LYS A 53 -5.63 -2.18 -5.10
C LYS A 53 -6.46 -3.01 -4.13
N GLN A 54 -7.29 -3.87 -4.66
CA GLN A 54 -8.13 -4.73 -3.80
C GLN A 54 -7.23 -5.44 -2.79
N LYS A 55 -6.08 -5.89 -3.23
CA LYS A 55 -5.15 -6.58 -2.29
C LYS A 55 -4.78 -5.58 -1.19
N MET A 56 -4.43 -4.38 -1.56
CA MET A 56 -4.08 -3.35 -0.54
C MET A 56 -5.20 -3.25 0.50
N ILE A 57 -6.44 -3.24 0.06
CA ILE A 57 -7.55 -3.16 1.06
C ILE A 57 -7.38 -4.27 2.08
N GLY A 58 -6.98 -5.44 1.65
CA GLY A 58 -6.76 -6.55 2.63
C GLY A 58 -5.66 -6.11 3.60
N PHE A 59 -4.63 -5.52 3.08
CA PHE A 59 -3.53 -5.04 3.96
C PHE A 59 -4.14 -4.11 5.01
N LEU A 60 -5.08 -3.30 4.59
CA LEU A 60 -5.75 -2.40 5.56
C LEU A 60 -6.24 -3.25 6.73
N ARG A 61 -6.87 -4.35 6.45
CA ARG A 61 -7.36 -5.24 7.54
C ARG A 61 -6.23 -5.47 8.52
N SER A 62 -5.03 -5.61 8.03
CA SER A 62 -3.87 -5.84 8.95
C SER A 62 -2.93 -4.63 8.93
N SER A 63 -3.30 -3.58 8.24
CA SER A 63 -2.44 -2.37 8.17
C SER A 63 -1.88 -2.02 9.55
N GLU A 64 -1.09 -0.98 9.63
CA GLU A 64 -0.51 -0.58 10.94
C GLU A 64 -1.62 -0.14 11.89
N GLU A 65 -2.80 0.12 11.37
CA GLU A 65 -3.92 0.55 12.25
C GLU A 65 -3.90 -0.29 13.52
N LEU A 66 -3.22 -1.41 13.47
CA LEU A 66 -3.14 -2.29 14.68
C LEU A 66 -2.78 -1.43 15.89
N LYS A 67 -2.11 -0.34 15.65
CA LYS A 67 -1.69 0.56 16.77
C LYS A 67 -2.90 1.37 17.26
N VAL A 68 -3.57 2.06 16.38
CA VAL A 68 -4.74 2.88 16.79
C VAL A 68 -4.26 4.28 17.16
N PHE A 69 -3.43 4.90 16.35
CA PHE A 69 -2.93 6.26 16.71
C PHE A 69 -2.10 6.90 15.59
N ASP A 70 -0.96 6.33 15.26
CA ASP A 70 -0.10 6.96 14.21
C ASP A 70 -0.92 7.36 12.98
N THR A 71 -1.50 8.52 13.01
CA THR A 71 -2.29 9.00 11.85
C THR A 71 -1.36 9.17 10.65
N ALA A 72 -0.14 9.55 10.90
CA ALA A 72 0.82 9.73 9.77
C ALA A 72 1.00 8.40 9.06
N GLU A 73 0.81 7.32 9.76
CA GLU A 73 0.96 5.99 9.12
C GLU A 73 -0.27 5.70 8.26
N VAL A 74 -1.42 6.16 8.69
CA VAL A 74 -2.65 5.92 7.89
C VAL A 74 -2.58 6.73 6.60
N ILE A 75 -2.58 8.03 6.69
CA ILE A 75 -2.49 8.86 5.45
C ILE A 75 -1.28 8.38 4.67
N GLU A 76 -0.33 7.79 5.34
CA GLU A 76 0.88 7.31 4.62
C GLU A 76 0.46 6.29 3.56
N PHE A 77 -0.43 5.39 3.88
CA PHE A 77 -0.85 4.39 2.86
C PHE A 77 -1.69 5.09 1.80
N PHE A 78 -2.81 5.67 2.15
CA PHE A 78 -3.64 6.34 1.11
C PHE A 78 -2.81 7.42 0.41
N ASN A 79 -2.11 8.23 1.16
CA ASN A 79 -1.28 9.30 0.51
C ASN A 79 -0.42 8.67 -0.58
N LYS A 80 0.33 7.66 -0.24
CA LYS A 80 1.17 7.01 -1.26
C LYS A 80 0.28 6.45 -2.36
N LEU A 81 -0.90 6.01 -2.02
CA LEU A 81 -1.82 5.45 -3.04
C LEU A 81 -2.32 6.57 -3.98
N VAL A 82 -2.77 7.68 -3.43
CA VAL A 82 -3.28 8.75 -4.32
C VAL A 82 -2.12 9.46 -5.04
N THR A 83 -1.06 9.78 -4.37
CA THR A 83 0.08 10.49 -5.05
C THR A 83 0.95 9.52 -5.86
N SER A 84 1.28 8.38 -5.31
CA SER A 84 2.16 7.41 -6.04
C SER A 84 1.40 6.67 -7.14
N PHE A 85 0.19 6.29 -6.89
CA PHE A 85 -0.59 5.52 -7.90
C PHE A 85 -0.58 6.21 -9.28
N ASP A 86 0.15 7.27 -9.45
CA ASP A 86 0.14 7.91 -10.79
C ASP A 86 1.21 7.26 -11.68
N PHE A 87 1.76 6.17 -11.24
CA PHE A 87 2.77 5.44 -12.05
C PHE A 87 2.44 3.95 -11.98
N ASP A 88 2.77 3.31 -10.90
CA ASP A 88 2.48 1.86 -10.77
C ASP A 88 1.11 1.70 -10.10
N LEU A 89 0.07 1.72 -10.87
CA LEU A 89 -1.29 1.58 -10.28
C LEU A 89 -1.39 0.24 -9.55
N GLU A 90 -1.05 -0.83 -10.21
CA GLU A 90 -1.14 -2.17 -9.55
C GLU A 90 0.06 -2.41 -8.63
N ILE A 91 1.25 -2.20 -9.11
CA ILE A 91 2.47 -2.45 -8.28
C ILE A 91 2.65 -1.37 -7.20
N GLY A 92 2.28 -0.16 -7.49
CA GLY A 92 2.47 0.93 -6.48
C GLY A 92 1.81 0.56 -5.15
N LYS A 93 0.56 0.22 -5.16
CA LYS A 93 -0.14 -0.14 -3.89
C LYS A 93 0.28 -1.53 -3.42
N GLY A 94 0.83 -2.34 -4.29
CA GLY A 94 1.22 -3.72 -3.89
C GLY A 94 2.34 -3.71 -2.83
N GLU A 95 3.41 -2.98 -3.05
CA GLU A 95 4.52 -2.96 -2.04
C GLU A 95 4.26 -1.93 -0.96
N THR A 96 3.74 -0.79 -1.33
CA THR A 96 3.49 0.27 -0.31
C THR A 96 2.73 -0.33 0.87
N MET A 97 1.70 -1.06 0.60
CA MET A 97 0.91 -1.67 1.73
C MET A 97 1.86 -2.45 2.64
N LYS A 98 3.00 -2.84 2.13
CA LYS A 98 3.97 -3.62 2.93
C LYS A 98 4.73 -2.71 3.90
N TYR A 99 5.17 -1.56 3.46
CA TYR A 99 5.94 -0.69 4.39
C TYR A 99 5.03 -0.20 5.53
N ILE A 100 3.75 -0.05 5.31
CA ILE A 100 2.88 0.42 6.42
C ILE A 100 2.77 -0.71 7.46
N LEU A 101 2.34 -1.87 7.03
CA LEU A 101 2.23 -3.01 7.99
C LEU A 101 3.63 -3.40 8.43
N ALA A 102 4.49 -3.72 7.50
CA ALA A 102 5.87 -4.11 7.87
C ALA A 102 6.44 -3.05 8.80
N LEU A 103 6.99 -2.00 8.25
CA LEU A 103 7.57 -0.92 9.10
C LEU A 103 8.62 -1.50 10.03
N LYS A 104 8.54 -2.77 10.34
CA LYS A 104 9.55 -3.40 11.24
C LYS A 104 10.86 -2.63 11.08
N ASP A 105 11.20 -2.30 9.86
CA ASP A 105 12.46 -1.53 9.62
C ASP A 105 12.08 -0.23 8.90
N GLN A 106 12.03 -0.26 7.59
CA GLN A 106 11.64 0.96 6.82
C GLN A 106 12.19 0.86 5.39
N PRO A 107 13.49 0.87 5.24
CA PRO A 107 14.14 0.77 3.90
C PRO A 107 13.92 -0.58 3.23
N GLU A 108 13.50 -1.57 3.98
CA GLU A 108 13.29 -2.91 3.36
C GLU A 108 12.01 -2.89 2.53
N ALA A 109 10.92 -2.46 3.09
CA ALA A 109 9.66 -2.40 2.30
C ALA A 109 9.87 -1.42 1.15
N ALA A 110 10.58 -0.36 1.40
CA ALA A 110 10.85 0.64 0.34
C ALA A 110 11.76 0.01 -0.72
N GLN A 111 12.67 -0.84 -0.32
CA GLN A 111 13.56 -1.48 -1.31
C GLN A 111 12.69 -2.10 -2.40
N LEU A 112 11.73 -2.89 -2.02
CA LEU A 112 10.84 -3.47 -3.05
C LEU A 112 10.31 -2.32 -3.89
N ALA A 113 9.89 -1.27 -3.25
CA ALA A 113 9.40 -0.09 -4.01
C ALA A 113 10.44 0.26 -5.08
N LEU A 114 11.68 -0.07 -4.83
CA LEU A 114 12.75 0.23 -5.83
C LEU A 114 12.52 -0.64 -7.07
N ARG A 115 12.45 -1.94 -6.90
CA ARG A 115 12.19 -2.78 -8.08
C ARG A 115 10.94 -2.22 -8.74
N VAL A 116 9.94 -1.90 -7.95
CA VAL A 116 8.74 -1.28 -8.55
C VAL A 116 9.26 -0.15 -9.45
N GLY A 117 10.35 0.45 -9.07
CA GLY A 117 10.92 1.53 -9.91
C GLY A 117 11.04 0.97 -11.33
N ILE A 118 11.59 -0.20 -11.48
CA ILE A 118 11.68 -0.75 -12.86
C ILE A 118 10.30 -0.69 -13.48
N ALA A 119 9.27 -0.82 -12.68
CA ALA A 119 7.90 -0.73 -13.24
C ALA A 119 7.65 0.71 -13.68
N VAL A 120 8.28 1.67 -13.06
CA VAL A 120 8.07 3.06 -13.52
C VAL A 120 8.30 3.03 -15.01
N ALA A 121 9.28 2.29 -15.42
CA ALA A 121 9.52 2.13 -16.87
C ALA A 121 8.63 0.98 -17.34
N LYS A 122 8.17 0.18 -16.41
CA LYS A 122 7.30 -0.99 -16.73
C LYS A 122 6.09 -1.02 -15.79
N SER A 123 5.38 0.07 -15.64
CA SER A 123 4.21 0.10 -14.71
C SER A 123 3.46 -1.22 -14.77
N ASP A 124 3.71 -2.01 -15.76
CA ASP A 124 3.02 -3.32 -15.88
C ASP A 124 3.85 -4.25 -16.74
N GLY A 125 5.08 -4.48 -16.36
CA GLY A 125 5.95 -5.38 -17.17
C GLY A 125 7.04 -6.00 -16.28
N ASN A 126 7.49 -5.30 -15.28
CA ASN A 126 8.56 -5.87 -14.40
C ASN A 126 8.05 -5.96 -12.95
N PHE A 127 8.91 -6.35 -12.05
CA PHE A 127 8.51 -6.51 -10.61
C PHE A 127 7.98 -7.92 -10.38
N ASP A 128 7.68 -8.26 -9.16
CA ASP A 128 7.16 -9.61 -8.86
C ASP A 128 8.22 -10.65 -9.20
N ASP A 129 9.36 -10.22 -9.67
CA ASP A 129 10.44 -11.20 -10.01
C ASP A 129 11.48 -11.18 -8.89
N ASP A 130 11.86 -10.02 -8.45
CA ASP A 130 12.87 -9.93 -7.37
C ASP A 130 12.16 -10.15 -6.03
N GLU A 131 10.86 -9.98 -6.00
CA GLU A 131 10.12 -10.18 -4.73
C GLU A 131 10.53 -11.51 -4.11
N LYS A 132 10.92 -12.46 -4.90
CA LYS A 132 11.34 -13.77 -4.33
C LYS A 132 12.64 -13.58 -3.56
N SER A 133 13.64 -13.02 -4.18
CA SER A 133 14.92 -12.78 -3.47
C SER A 133 14.75 -11.55 -2.59
N ALA A 134 14.04 -10.56 -3.06
CA ALA A 134 13.81 -9.35 -2.25
C ALA A 134 13.07 -9.77 -1.00
N VAL A 135 12.08 -10.60 -1.14
CA VAL A 135 11.35 -11.08 0.06
C VAL A 135 12.37 -11.72 1.00
N ARG A 136 13.38 -12.36 0.46
CA ARG A 136 14.40 -12.97 1.33
C ARG A 136 14.86 -11.92 2.33
N GLU A 137 15.19 -10.76 1.85
CA GLU A 137 15.65 -9.66 2.77
C GLU A 137 14.45 -9.05 3.49
N ILE A 138 13.29 -9.04 2.90
CA ILE A 138 12.11 -8.45 3.56
C ILE A 138 11.64 -9.35 4.70
N ALA A 139 11.36 -10.59 4.43
CA ALA A 139 10.91 -11.52 5.50
C ALA A 139 11.93 -11.51 6.63
N ARG A 140 13.19 -11.63 6.30
CA ARG A 140 14.24 -11.64 7.35
C ARG A 140 14.33 -10.24 7.98
N SER A 141 14.47 -9.23 7.16
CA SER A 141 14.56 -7.84 7.71
C SER A 141 13.40 -7.62 8.70
N LEU A 142 12.22 -8.04 8.34
CA LEU A 142 11.07 -7.87 9.26
C LEU A 142 10.91 -9.12 10.12
N GLY A 143 10.53 -10.23 9.53
CA GLY A 143 10.38 -11.47 10.34
C GLY A 143 9.35 -12.41 9.69
N PHE A 144 9.34 -12.53 8.39
CA PHE A 144 8.35 -13.45 7.74
C PHE A 144 9.06 -14.70 7.23
N ASP A 145 8.82 -15.07 5.99
CA ASP A 145 9.48 -16.28 5.43
C ASP A 145 10.49 -15.87 4.35
N PRO A 146 11.74 -16.18 4.55
CA PRO A 146 12.82 -15.84 3.58
C PRO A 146 12.46 -16.21 2.12
N ALA A 147 12.26 -15.22 1.29
CA ALA A 147 11.92 -15.49 -0.14
C ALA A 147 10.89 -16.60 -0.23
N GLU A 148 9.66 -16.26 -0.45
CA GLU A 148 8.62 -17.31 -0.57
C GLU A 148 7.28 -16.69 -0.99
N PHE A 149 7.29 -15.50 -1.55
CA PHE A 149 6.00 -14.88 -1.97
C PHE A 149 6.04 -14.58 -3.46
N GLY A 150 7.07 -13.93 -3.93
CA GLY A 150 7.16 -13.61 -5.38
C GLY A 150 5.75 -13.42 -5.95
N LEU A 151 5.15 -12.29 -5.72
CA LEU A 151 3.77 -12.05 -6.24
C LEU A 151 3.72 -12.32 -7.74
N LEU A 152 3.83 -13.55 -8.14
CA LEU A 152 3.77 -13.89 -9.59
C LEU A 152 2.66 -14.90 -9.85
N GLU A 153 1.46 -14.57 -9.48
CA GLU A 153 0.32 -15.51 -9.70
C GLU A 153 -0.02 -15.56 -11.19
#